data_6X5I
#
_entry.id   6X5I
#
_entity_poly.entity_id   1
_entity_poly.type   'polypeptide(D)'
_entity_poly.pdbx_seq_one_letter_code
;(UQ4)(DPN)(DPN)(DTY)(M3L)
;
_entity_poly.pdbx_strand_id   B,D,E,F,G,H,I,J,K,L,M,N,O,P,Q,R,S,T,U,V,W,X,Y,Z,a,b,c,d,e,f,g,h,i,j,k,l,m,n,o,p,q,r,s,t,u,v,w,x,y,z,0,AA,BA,CA,DA,EA,FA,GA,HA,IA,JA,KA,LA,MA,NA,OA,PA,QA,RA,SA
#
loop_
_chem_comp.id
_chem_comp.type
_chem_comp.name
_chem_comp.formula
UQ4 non-polymer N-(7-nitro-2,1,3-benzoxadiazol-4-yl)-beta-alanine 'C9 H8 N4 O5'
#
# COMPACT_ATOMS: atom_id res chain seq x y z
C02 UQ4 A 1 -10.12 -23.33 3.40
C50 UQ4 A 1 -9.76 -21.89 3.49
C51 UQ4 A 1 -8.73 -21.63 4.58
C53 UQ4 A 1 -6.46 -22.77 4.02
C54 UQ4 A 1 -5.62 -21.68 4.24
C55 UQ4 A 1 -4.37 -21.62 3.61
C56 UQ4 A 1 -3.96 -22.68 2.80
C60 UQ4 A 1 -4.78 -23.78 2.60
C64 UQ4 A 1 -6.05 -23.82 3.23
N52 UQ4 A 1 -7.81 -22.80 4.69
N57 UQ4 A 1 -2.63 -22.65 2.17
N61 UQ4 A 1 -4.67 -24.92 1.90
N63 UQ4 A 1 -6.62 -24.98 2.84
O01 UQ4 A 1 -9.32 -24.13 3.77
O58 UQ4 A 1 -2.05 -23.85 1.74
O59 UQ4 A 1 -2.07 -21.62 2.04
O62 UQ4 A 1 -5.76 -25.61 2.07
H501 UQ4 A 1 -10.57 -21.42 3.73
H502 UQ4 A 1 -9.43 -21.61 2.64
H512 UQ4 A 1 -9.18 -21.51 5.41
H511 UQ4 A 1 -8.23 -20.82 4.36
H541 UQ4 A 1 -5.92 -20.98 4.76
H551 UQ4 A 1 -3.81 -20.91 3.73
H521 UQ4 A 1 -8.05 -23.49 5.13
N DPN A 2 -11.41 -23.77 2.89
CA DPN A 2 -12.50 -22.94 2.36
C DPN A 2 -12.56 -23.24 0.86
O DPN A 2 -13.01 -22.47 0.11
CB DPN A 2 -13.78 -23.35 3.02
CG DPN A 2 -14.19 -22.37 4.12
CD1 DPN A 2 -13.42 -22.26 5.27
CD2 DPN A 2 -15.33 -21.60 3.98
CE1 DPN A 2 -13.78 -21.35 6.27
CE2 DPN A 2 -15.70 -20.71 4.97
CZ DPN A 2 -14.93 -20.59 6.12
H DPN A 2 -11.54 -24.62 2.85
HA DPN A 2 -12.35 -22.00 2.50
HB2 DPN A 2 -13.65 -24.23 3.41
HB3 DPN A 2 -14.48 -23.39 2.35
HD1 DPN A 2 -12.65 -22.78 5.36
HD2 DPN A 2 -15.84 -21.69 3.21
HE1 DPN A 2 -13.28 -21.27 7.04
HE2 DPN A 2 -16.47 -20.20 4.88
HZ DPN A 2 -15.19 -19.99 6.79
N DPN A 3 -12.00 -24.54 0.40
CA DPN A 3 -11.90 -24.92 -0.99
C DPN A 3 -13.29 -25.00 -1.68
O DPN A 3 -13.69 -26.04 -2.06
CB DPN A 3 -10.99 -23.91 -1.68
CG DPN A 3 -9.54 -23.76 -1.06
CD1 DPN A 3 -8.44 -24.14 -1.81
CD2 DPN A 3 -9.33 -23.23 0.22
CE1 DPN A 3 -7.16 -24.02 -1.28
CE2 DPN A 3 -8.07 -23.12 0.74
CZ DPN A 3 -6.98 -23.50 0.00
H DPN A 3 -11.64 -25.08 0.95
HA DPN A 3 -11.49 -25.78 -1.02
HB2 DPN A 3 -10.89 -24.18 -2.60
HB3 DPN A 3 -11.41 -23.05 -1.67
HD1 DPN A 3 -8.56 -24.48 -2.66
HD2 DPN A 3 -10.05 -22.98 0.75
HE1 DPN A 3 -6.42 -24.27 -1.78
HE2 DPN A 3 -7.95 -22.77 1.61
HZ DPN A 3 -6.12 -23.41 0.35
N DTY A 4 -14.08 -23.77 -1.94
CA DTY A 4 -15.37 -23.83 -2.61
C DTY A 4 -15.34 -24.33 -4.06
O DTY A 4 -16.28 -24.11 -4.74
CB DTY A 4 -16.29 -24.81 -1.86
CG DTY A 4 -17.73 -24.27 -1.74
CD1 DTY A 4 -18.56 -24.31 -2.84
CD2 DTY A 4 -18.16 -23.74 -0.55
CE1 DTY A 4 -19.85 -23.82 -2.74
CE2 DTY A 4 -19.46 -23.25 -0.43
CZ DTY A 4 -20.30 -23.29 -1.53
OH DTY A 4 -21.63 -22.79 -1.40
H DTY A 4 -13.79 -23.02 -1.68
HA DTY A 4 -15.79 -22.95 -2.59
HB2 DTY A 4 -16.28 -25.64 -2.35
HB3 DTY A 4 -15.94 -24.94 -0.97
HD1 DTY A 4 -18.25 -24.67 -3.65
HD2 DTY A 4 -17.59 -23.71 0.18
HE1 DTY A 4 -20.42 -23.85 -3.47
HE2 DTY A 4 -19.76 -22.89 0.37
HH DTY A 4 -21.90 -22.94 -0.61
N M3L A 5 -14.16 -25.03 -4.66
CA M3L A 5 -14.17 -25.49 -6.04
CB M3L A 5 -12.93 -25.07 -6.85
CG M3L A 5 -13.27 -24.67 -8.30
CD M3L A 5 -13.89 -25.87 -9.16
CE M3L A 5 -15.25 -25.44 -9.80
NZ M3L A 5 -16.17 -26.58 -10.35
C M3L A 5 -14.05 -26.98 -5.93
O M3L A 5 -13.10 -27.42 -5.23
OXT M3L A 5 -14.86 -27.76 -6.54
CM1 M3L A 5 -16.69 -27.40 -9.25
CM2 M3L A 5 -15.43 -27.38 -11.34
CM3 M3L A 5 -17.28 -25.98 -11.06
H M3L A 5 -13.49 -25.18 -4.18
HA M3L A 5 -14.98 -25.23 -6.50
HB2 M3L A 5 -12.44 -24.37 -6.40
HB3 M3L A 5 -12.34 -25.84 -6.91
HG2 M3L A 5 -13.89 -23.92 -8.28
HG3 M3L A 5 -12.45 -24.37 -8.72
HD2 M3L A 5 -14.02 -26.65 -8.62
HD3 M3L A 5 -13.27 -26.10 -9.87
HE2 M3L A 5 -15.02 -24.87 -10.54
HE3 M3L A 5 -15.74 -24.94 -9.14
HM11 M3L A 5 -17.13 -26.83 -8.61
HM12 M3L A 5 -15.97 -27.88 -8.82
HM13 M3L A 5 -17.33 -28.04 -9.59
HM21 M3L A 5 -15.02 -26.80 -11.99
HM22 M3L A 5 -14.75 -27.90 -10.88
HM23 M3L A 5 -16.05 -27.98 -11.79
HM31 M3L A 5 -16.95 -25.51 -11.83
HM32 M3L A 5 -17.75 -25.37 -10.48
HM33 M3L A 5 -17.89 -26.67 -11.35
C02 UQ4 B 1 -7.27 -20.79 13.33
C50 UQ4 B 1 -6.75 -19.48 12.87
C51 UQ4 B 1 -5.26 -19.51 12.55
C53 UQ4 B 1 -4.45 -21.11 10.66
C54 UQ4 B 1 -3.58 -20.25 10.04
C55 UQ4 B 1 -3.20 -20.46 8.70
C56 UQ4 B 1 -3.68 -21.58 8.02
C60 UQ4 B 1 -4.54 -22.46 8.65
C64 UQ4 B 1 -4.92 -22.23 9.99
N52 UQ4 B 1 -4.86 -20.87 12.09
N57 UQ4 B 1 -3.26 -21.81 6.63
N61 UQ4 B 1 -5.16 -23.60 8.28
N63 UQ4 B 1 -5.76 -23.24 10.33
O01 UQ4 B 1 -6.62 -21.76 13.11
O58 UQ4 B 1 -3.52 -23.06 6.04
O59 UQ4 B 1 -2.69 -20.98 6.03
O62 UQ4 B 1 -5.86 -24.04 9.30
H501 UQ4 B 1 -6.89 -18.87 13.60
H502 UQ4 B 1 -7.24 -19.22 12.08
H512 UQ4 B 1 -4.76 -19.31 13.36
H511 UQ4 B 1 -5.05 -18.85 11.89
H541 UQ4 B 1 -3.28 -19.50 10.49
H551 UQ4 B 1 -2.63 -19.88 8.27
H521 UQ4 B 1 -4.85 -21.53 12.64
N DPN B 2 -8.53 -20.89 14.05
CA DPN B 2 -9.46 -19.81 14.37
C DPN B 2 -10.70 -20.04 13.50
O DPN B 2 -11.42 -19.17 13.24
CB DPN B 2 -9.83 -19.92 15.82
CG DPN B 2 -9.07 -18.90 16.69
CD1 DPN B 2 -7.70 -18.97 16.82
CD2 DPN B 2 -9.78 -17.92 17.35
CE1 DPN B 2 -7.03 -18.03 17.61
CE2 DPN B 2 -9.12 -16.98 18.14
CZ DPN B 2 -7.74 -17.05 18.27
H DPN B 2 -8.78 -21.68 14.28
HA DPN B 2 -9.09 -18.95 14.19
HB2 DPN B 2 -9.59 -20.82 16.13
HB3 DPN B 2 -10.77 -19.78 15.91
HD1 DPN B 2 -7.23 -19.64 16.37
HD2 DPN B 2 -10.70 -17.88 17.26
HE1 DPN B 2 -6.10 -18.07 17.70
HE2 DPN B 2 -9.60 -16.33 18.58
HZ DPN B 2 -7.30 -16.42 18.80
N DPN B 3 -10.92 -21.43 12.97
CA DPN B 3 -11.98 -21.78 12.07
C DPN B 3 -13.39 -21.56 12.66
O DPN B 3 -14.06 -22.51 12.91
CB DPN B 3 -11.78 -20.97 10.79
CG DPN B 3 -10.38 -21.18 10.09
CD1 DPN B 3 -10.35 -21.78 8.84
CD2 DPN B 3 -9.17 -20.75 10.65
CE1 DPN B 3 -9.13 -21.96 8.18
CE2 DPN B 3 -7.96 -20.95 10.01
CZ DPN B 3 -7.95 -21.55 8.77
H DPN B 3 -10.36 -22.04 13.15
HA DPN B 3 -11.87 -22.71 11.85
HB2 DPN B 3 -12.47 -21.23 10.16
HB3 DPN B 3 -11.89 -20.04 10.98
HD1 DPN B 3 -11.14 -22.04 8.43
HD2 DPN B 3 -9.16 -20.35 11.49
HE1 DPN B 3 -9.11 -22.36 7.34
HE2 DPN B 3 -7.17 -20.67 10.41
HZ DPN B 3 -7.12 -21.67 8.33
N DTY B 4 -13.94 -20.20 12.87
CA DTY B 4 -15.27 -19.97 13.41
C DTY B 4 -16.41 -20.45 12.51
O DTY B 4 -17.49 -20.04 12.74
CB DTY B 4 -15.44 -20.74 14.72
CG DTY B 4 -16.18 -19.89 15.78
CD1 DTY B 4 -15.46 -19.32 16.81
CD2 DTY B 4 -17.54 -19.71 15.69
CE1 DTY B 4 -16.10 -18.55 17.77
CE2 DTY B 4 -18.20 -18.95 16.65
CZ DTY B 4 -17.47 -18.37 17.68
OH DTY B 4 -18.13 -17.59 18.67
H DTY B 4 -13.44 -19.53 12.68
HA DTY B 4 -15.39 -19.03 13.59
HB2 DTY B 4 -15.94 -21.55 14.53
HB3 DTY B 4 -14.56 -20.97 15.06
HD1 DTY B 4 -14.54 -19.44 16.85
HD2 DTY B 4 -18.01 -20.11 14.99
HE1 DTY B 4 -15.63 -18.16 18.46
HE2 DTY B 4 -19.11 -18.83 16.59
HH DTY B 4 -17.73 -17.69 19.42
N M3L B 5 -16.22 -21.36 11.35
CA M3L B 5 -17.34 -21.79 10.52
CB M3L B 5 -17.09 -21.63 9.01
CG M3L B 5 -18.35 -21.14 8.25
CD M3L B 5 -19.59 -22.15 8.34
CE M3L B 5 -20.86 -21.41 8.89
NZ M3L B 5 -22.01 -22.32 9.45
C M3L B 5 -17.39 -23.28 10.72
O M3L B 5 -16.32 -23.92 10.52
OXT M3L B 5 -18.48 -23.86 11.03
CM1 M3L B 5 -22.46 -23.26 8.41
CM2 M3L B 5 -23.15 -21.48 9.76
CM3 M3L B 5 -21.59 -23.02 10.68
H M3L B 5 -15.44 -21.66 11.19
HA M3L B 5 -18.16 -21.37 10.78
HB2 M3L B 5 -16.35 -21.05 8.85
HB3 M3L B 5 -16.88 -22.51 8.64
HG2 M3L B 5 -18.59 -20.27 8.62
HG3 M3L B 5 -18.11 -21.01 7.32
HD2 M3L B 5 -19.37 -22.89 8.90
HD3 M3L B 5 -19.78 -22.48 7.46
HE2 M3L B 5 -21.22 -20.92 8.15
HE3 M3L B 5 -20.59 -20.81 9.59
HM11 M3L B 5 -22.63 -22.77 7.59
HM12 M3L B 5 -21.76 -23.92 8.26
HM13 M3L B 5 -23.27 -23.70 8.71
HM21 M3L B 5 -23.49 -21.09 8.94
HM22 M3L B 5 -22.88 -20.78 10.37
HM23 M3L B 5 -23.85 -22.01 10.16
HM31 M3L B 5 -21.28 -22.36 11.31
HM32 M3L B 5 -20.88 -23.65 10.47
HM33 M3L B 5 -22.34 -23.51 11.05
C02 UQ4 C 1 2.49 -18.97 17.11
C50 UQ4 C 1 2.68 -17.77 16.24
C51 UQ4 C 1 3.52 -18.08 15.02
C53 UQ4 C 1 2.34 -19.77 13.43
C54 UQ4 C 1 2.51 -19.09 12.25
C55 UQ4 C 1 1.64 -19.33 11.17
C56 UQ4 C 1 0.63 -20.29 11.30
C60 UQ4 C 1 0.48 -20.99 12.47
C64 UQ4 C 1 1.35 -20.73 13.56
N52 UQ4 C 1 3.28 -19.49 14.59
N57 UQ4 C 1 -0.25 -20.55 10.16
N61 UQ4 C 1 -0.37 -21.94 12.90
N63 UQ4 C 1 0.95 -21.55 14.56
O01 UQ4 C 1 2.57 -20.03 16.60
O58 UQ4 C 1 -0.95 -21.77 10.12
O59 UQ4 C 1 -0.36 -19.77 9.29
O62 UQ4 C 1 -0.06 -22.26 14.13
H501 UQ4 C 1 3.15 -17.13 16.78
H502 UQ4 C 1 1.81 -17.45 15.97
H512 UQ4 C 1 4.44 -17.98 15.27
H511 UQ4 C 1 3.31 -17.46 14.32
H541 UQ4 C 1 3.17 -18.45 12.18
H551 UQ4 C 1 1.74 -18.87 10.37
H521 UQ4 C 1 3.66 -20.14 15.00
N DPN C 2 2.22 -18.84 18.54
CA DPN C 2 2.06 -17.62 19.33
C DPN C 2 0.59 -17.57 19.73
O DPN C 2 0.05 -16.57 19.98
CB DPN C 2 2.92 -17.71 20.54
CG DPN C 2 4.21 -16.89 20.38
CD1 DPN C 2 5.15 -17.26 19.44
CD2 DPN C 2 4.42 -15.78 21.18
CE1 DPN C 2 6.32 -16.51 19.28
CE2 DPN C 2 5.58 -15.03 21.03
CZ DPN C 2 6.54 -15.39 20.09
H DPN C 2 2.11 -19.58 18.97
HA DPN C 2 2.28 -16.82 18.82
HB2 DPN C 2 3.16 -18.64 20.68
HB3 DPN C 2 2.43 -17.38 21.30
HD1 DPN C 2 5.00 -18.00 18.90
HD2 DPN C 2 3.78 -15.54 21.80
HE1 DPN C 2 6.95 -16.75 18.65
HE2 DPN C 2 5.72 -14.28 21.56
HZ DPN C 2 7.31 -14.89 19.99
N DPN C 3 -0.15 -18.88 19.77
CA DPN C 3 -1.56 -18.98 20.03
C DPN C 3 -1.96 -18.48 21.44
O DPN C 3 -2.34 -19.26 22.25
CB DPN C 3 -2.31 -18.22 18.94
CG DPN C 3 -2.01 -18.67 17.46
CD1 DPN C 3 -3.03 -19.23 16.70
CD2 DPN C 3 -0.76 -18.52 16.86
CE1 DPN C 3 -2.79 -19.63 15.39
CE2 DPN C 3 -0.51 -18.92 15.57
CZ DPN C 3 -1.53 -19.48 14.82
H DPN C 3 0.24 -19.59 19.54
HA DPN C 3 -1.80 -19.91 19.96
HB2 DPN C 3 -3.26 -18.32 19.11
HB3 DPN C 3 -2.10 -17.28 19.02
HD1 DPN C 3 -3.87 -19.32 17.08
HD2 DPN C 3 -0.05 -18.16 17.35
HE1 DPN C 3 -3.47 -20.00 14.89
HE2 DPN C 3 0.33 -18.83 15.21
HZ DPN C 3 -1.36 -19.75 13.95
N DTY C 4 -1.91 -17.03 21.78
CA DTY C 4 -2.30 -16.54 23.09
C DTY C 4 -3.77 -16.74 23.44
O DTY C 4 -4.21 -16.12 24.34
CB DTY C 4 -1.50 -17.28 24.17
CG DTY C 4 -1.02 -16.33 25.28
CD1 DTY C 4 0.31 -15.93 25.32
CD2 DTY C 4 -1.91 -15.87 26.22
CE1 DTY C 4 0.76 -15.08 26.31
CE2 DTY C 4 -1.47 -15.01 27.21
CZ DTY C 4 -0.13 -14.62 27.26
OH DTY C 4 0.33 -13.73 28.28
H DTY C 4 -1.65 -16.48 21.18
HA DTY C 4 -2.09 -15.60 23.16
HB2 DTY C 4 -2.08 -17.95 24.55
HB3 DTY C 4 -0.73 -17.70 23.76
HD1 DTY C 4 0.90 -16.25 24.68
HD2 DTY C 4 -2.80 -16.13 26.18
HE1 DTY C 4 1.64 -14.81 26.34
HE2 DTY C 4 -2.07 -14.69 27.86
HH DTY C 4 1.12 -13.96 28.50
N M3L C 5 -4.67 -17.63 22.68
CA M3L C 5 -6.08 -17.80 23.03
CB M3L C 5 -7.05 -17.68 21.85
CG M3L C 5 -8.35 -16.91 22.22
CD M3L C 5 -9.20 -17.65 23.37
CE M3L C 5 -9.47 -16.67 24.56
NZ M3L C 5 -9.93 -17.32 25.91
C M3L C 5 -6.19 -19.25 23.44
O M3L C 5 -5.74 -20.10 22.60
OXT M3L C 5 -6.70 -19.59 24.54
CM1 M3L C 5 -11.14 -18.11 25.71
CM2 M3L C 5 -10.28 -16.26 26.84
CM3 M3L C 5 -8.84 -18.11 26.50
H M3L C 5 -4.37 -18.08 22.02
HA M3L C 5 -6.33 -17.22 23.75
HB2 M3L C 5 -6.61 -17.25 21.11
HB3 M3L C 5 -7.32 -18.57 21.57
HG2 M3L C 5 -8.09 -16.03 22.53
HG3 M3L C 5 -8.88 -16.82 21.43
HD2 M3L C 5 -8.74 -18.43 23.68
HD3 M3L C 5 -10.05 -17.92 23.00
HE2 M3L C 5 -10.19 -16.09 24.27
HE3 M3L C 5 -8.67 -16.15 24.72
HM11 M3L C 5 -11.80 -17.58 25.23
HM12 M3L C 5 -10.93 -18.90 25.19
HM13 M3L C 5 -11.50 -18.38 26.56
HM21 M3L C 5 -11.02 -15.76 26.47
HM22 M3L C 5 -9.52 -15.67 26.95
HM23 M3L C 5 -10.54 -16.63 27.69
HM31 M3L C 5 -8.04 -17.55 26.57
HM32 M3L C 5 -8.64 -18.88 25.94
HM33 M3L C 5 -9.10 -18.42 27.38
C02 UQ4 D 1 11.78 -19.45 11.97
C50 UQ4 D 1 11.39 -18.31 11.10
C51 UQ4 D 1 10.84 -18.78 9.76
C53 UQ4 D 1 8.63 -20.16 9.88
C54 UQ4 D 1 7.94 -19.51 8.87
C55 UQ4 D 1 6.53 -19.57 8.83
C56 UQ4 D 1 5.84 -20.30 9.79
C60 UQ4 D 1 6.53 -20.96 10.79
C64 UQ4 D 1 7.94 -20.90 10.83
N52 UQ4 D 1 10.15 -20.08 9.92
N57 UQ4 D 1 4.37 -20.37 9.74
N61 UQ4 D 1 6.17 -21.73 11.84
N63 UQ4 D 1 8.32 -21.63 11.91
O01 UQ4 D 1 11.30 -20.50 11.75
O58 UQ4 D 1 3.70 -21.33 10.50
O59 UQ4 D 1 3.77 -19.65 9.02
O62 UQ4 D 1 7.25 -22.11 12.47
H501 UQ4 D 1 12.20 -17.81 10.95
H502 UQ4 D 1 10.73 -17.79 11.56
H512 UQ4 D 1 11.57 -18.89 9.15
H511 UQ4 D 1 10.24 -18.11 9.40
H541 UQ4 D 1 8.40 -19.01 8.25
H551 UQ4 D 1 6.06 -19.12 8.17
H521 UQ4 D 1 10.60 -20.80 10.03
N DPN D 2 12.73 -19.28 13.07
CA DPN D 2 13.38 -18.04 13.50
C DPN D 2 12.76 -17.69 14.86
O DPN D 2 12.75 -16.59 15.26
CB DPN D 2 14.85 -18.32 13.68
CG DPN D 2 15.67 -17.79 12.50
CD1 DPN D 2 15.52 -18.33 11.24
CD2 DPN D 2 16.56 -16.76 12.70
CE1 DPN D 2 16.27 -17.85 10.17
CE2 DPN D 2 17.32 -16.27 11.64
CZ DPN D 2 17.17 -16.81 10.38
H DPN D 2 12.89 -19.97 13.55
HA DPN D 2 13.26 -17.32 12.89
HB2 DPN D 2 14.97 -19.28 13.75
HB3 DPN D 2 15.14 -17.90 14.49
HD1 DPN D 2 14.91 -19.03 11.11
HD2 DPN D 2 16.66 -16.40 13.55
HE1 DPN D 2 16.18 -18.20 9.32
HE2 DPN D 2 17.92 -15.57 11.79
HZ DPN D 2 17.68 -16.48 9.68
N DPN D 3 12.13 -18.81 15.63
CA DPN D 3 11.43 -18.61 16.87
C DPN D 3 12.34 -18.07 18.00
O DPN D 3 12.58 -18.74 18.94
CB DPN D 3 10.24 -17.70 16.60
CG DPN D 3 9.24 -18.20 15.49
CD1 DPN D 3 7.94 -18.54 15.86
CD2 DPN D 3 9.59 -18.30 14.14
CE1 DPN D 3 7.03 -18.98 14.89
CE2 DPN D 3 8.71 -18.75 13.20
CZ DPN D 3 7.41 -19.08 13.57
H DPN D 3 12.11 -19.59 15.31
HA DPN D 3 11.09 -19.47 17.15
HB2 DPN D 3 9.74 -17.60 17.42
HB3 DPN D 3 10.56 -16.83 16.34
HD1 DPN D 3 7.68 -18.47 16.75
HD2 DPN D 3 10.46 -18.09 13.87
HE1 DPN D 3 6.17 -19.21 15.15
HE2 DPN D 3 8.96 -18.82 12.30
HZ DPN D 3 6.81 -19.38 12.92
N DTY D 4 12.87 -16.67 17.96
CA DTY D 4 13.71 -16.14 19.01
C DTY D 4 13.03 -15.99 20.37
O DTY D 4 13.53 -15.28 21.16
CB DTY D 4 14.90 -17.06 19.25
CG DTY D 4 16.20 -16.26 19.47
CD1 DTY D 4 17.11 -16.16 18.44
CD2 DTY D 4 16.43 -15.66 20.69
CE1 DTY D 4 18.29 -15.43 18.63
CE2 DTY D 4 17.60 -14.93 20.88
CZ DTY D 4 18.53 -14.84 19.84
OH DTY D 4 19.74 -14.10 20.02
H DTY D 4 12.68 -16.19 17.27
HA DTY D 4 14.05 -15.26 18.74
HB2 DTY D 4 14.71 -17.58 20.04
HB3 DTY D 4 15.01 -17.65 18.49
HD1 DTY D 4 16.95 -16.56 17.63
HD2 DTY D 4 15.81 -15.73 21.37
HE1 DTY D 4 18.91 -15.36 17.94
HE2 DTY D 4 17.76 -14.53 21.70
HH DTY D 4 20.34 -14.44 19.54
N M3L D 5 11.76 -16.68 20.72
CA M3L D 5 11.14 -16.53 22.04
CB M3L D 5 9.65 -16.17 21.99
CG M3L D 5 9.25 -15.15 23.08
CD M3L D 5 9.44 -15.72 24.57
CE M3L D 5 10.34 -14.76 25.41
NZ M3L D 5 10.96 -15.33 26.73
C M3L D 5 11.16 -17.92 22.61
O M3L D 5 10.67 -18.82 21.88
OXT M3L D 5 11.63 -18.15 23.75
CM1 M3L D 5 9.91 -15.84 27.61
CM2 M3L D 5 11.62 -14.26 27.46
CM3 M3L D 5 11.98 -16.36 26.42
H M3L D 5 11.39 -17.19 20.16
HA M3L D 5 11.63 -15.91 22.59
HB2 M3L D 5 9.42 -15.83 21.13
HB3 M3L D 5 9.13 -16.97 22.16
HG2 M3L D 5 9.78 -14.36 22.97
HG3 M3L D 5 8.31 -14.93 22.96
HD2 M3L D 5 9.82 -16.60 24.55
HD3 M3L D 5 8.57 -15.78 25.01
HE2 M3L D 5 9.79 -14.03 25.67
HE3 M3L D 5 11.06 -14.43 24.85
HM11 M3L D 5 9.22 -15.16 27.72
HM12 M3L D 5 9.52 -16.64 27.22
HM13 M3L D 5 10.29 -16.06 28.48
HM21 M3L D 5 10.96 -13.60 27.70
HM22 M3L D 5 12.29 -13.86 26.89
HM23 M3L D 5 12.04 -14.61 28.26
HM31 M3L D 5 12.63 -15.98 25.81
HM32 M3L D 5 11.55 -17.12 26.00
HM33 M3L D 5 12.42 -16.65 27.23
C02 UQ4 E 1 13.66 -21.74 1.75
C50 UQ4 E 1 12.92 -20.51 1.30
C51 UQ4 E 1 11.49 -20.83 0.90
C53 UQ4 E 1 9.98 -21.72 2.83
C54 UQ4 E 1 8.87 -20.93 2.61
C55 UQ4 E 1 7.96 -20.67 3.65
C56 UQ4 E 1 8.16 -21.25 4.90
C60 UQ4 E 1 9.25 -22.07 5.12
C64 UQ4 E 1 10.17 -22.31 4.08
N52 UQ4 E 1 10.96 -21.96 1.71
N57 UQ4 E 1 7.18 -21.01 5.98
N61 UQ4 E 1 9.71 -22.76 6.19
N63 UQ4 E 1 11.13 -23.13 4.59
O01 UQ4 E 1 13.02 -22.66 2.13
O58 UQ4 E 1 7.19 -21.87 7.10
O59 UQ4 E 1 6.41 -20.14 5.90
O62 UQ4 E 1 10.81 -23.38 5.84
H501 UQ4 E 1 13.39 -20.19 0.54
H502 UQ4 E 1 12.91 -19.88 2.03
H512 UQ4 E 1 11.49 -21.08 -0.03
H511 UQ4 E 1 10.94 -20.05 1.02
H541 UQ4 E 1 8.76 -20.53 1.78
H551 UQ4 E 1 7.23 -20.13 3.51
H521 UQ4 E 1 11.21 -22.76 1.53
N DPN E 2 15.11 -21.80 1.71
CA DPN E 2 16.05 -20.74 1.31
C DPN E 2 16.74 -20.30 2.60
O DPN E 2 17.21 -19.23 2.69
CB DPN E 2 17.05 -21.32 0.37
CG DPN E 2 16.71 -20.96 -1.09
CD1 DPN E 2 15.54 -21.41 -1.66
CD2 DPN E 2 17.60 -20.19 -1.82
CE1 DPN E 2 15.24 -21.07 -2.98
CE2 DPN E 2 17.30 -19.85 -3.14
CZ DPN E 2 16.12 -20.30 -3.72
H DPN E 2 15.47 -22.52 2.00
HA DPN E 2 15.61 -20.00 0.90
HB2 DPN E 2 17.04 -22.29 0.46
HB3 DPN E 2 17.92 -20.98 0.59
HD1 DPN E 2 14.95 -21.93 -1.15
HD2 DPN E 2 18.38 -19.89 -1.42
HE1 DPN E 2 14.45 -21.37 -3.37
HE2 DPN E 2 17.89 -19.33 -3.63
HZ DPN E 2 15.93 -20.07 -4.60
N DPN E 3 16.77 -21.27 3.74
CA DPN E 3 17.31 -20.95 5.03
C DPN E 3 18.82 -20.63 5.01
O DPN E 3 19.58 -21.38 5.52
CB DPN E 3 16.49 -19.79 5.61
CG DPN E 3 14.94 -20.04 5.74
CD1 DPN E 3 14.37 -20.07 7.00
CD2 DPN E 3 14.12 -20.20 4.62
CE1 DPN E 3 12.99 -20.28 7.12
CE2 DPN E 3 12.77 -20.42 4.75
CZ DPN E 3 12.20 -20.46 6.00
H DPN E 3 16.39 -22.02 3.66
HA DPN E 3 17.17 -21.72 5.60
HB2 DPN E 3 16.84 -19.60 6.50
HB3 DPN E 3 16.64 -19.01 5.07
HD1 DPN E 3 14.90 -19.95 7.75
HD2 DPN E 3 14.49 -20.19 3.76
HE1 DPN E 3 12.60 -20.31 7.96
HE2 DPN E 3 12.24 -20.54 3.98
HZ DPN E 3 11.28 -20.60 6.08
N DTY E 4 19.32 -19.38 4.37
CA DTY E 4 20.74 -19.05 4.34
C DTY E 4 21.38 -18.81 5.72
O DTY E 4 22.40 -18.23 5.74
CB DTY E 4 21.52 -20.22 3.74
CG DTY E 4 22.62 -19.71 2.77
CD1 DTY E 4 22.42 -19.80 1.41
CD2 DTY E 4 23.78 -19.18 3.28
CE1 DTY E 4 23.40 -19.35 0.53
CE2 DTY E 4 24.76 -18.73 2.41
CZ DTY E 4 24.57 -18.82 1.04
OH DTY E 4 25.57 -18.36 0.13
H DTY E 4 18.76 -18.85 4.00
HA DTY E 4 20.88 -18.27 3.79
HB2 DTY E 4 21.93 -20.70 4.47
HB3 DTY E 4 20.92 -20.80 3.25
HD1 DTY E 4 21.64 -20.16 1.08
HD2 DTY E 4 23.90 -19.12 4.20
HE1 DTY E 4 23.28 -19.40 -0.38
HE2 DTY E 4 25.56 -18.37 2.76
HH DTY E 4 25.56 -18.85 -0.55
N M3L E 5 20.73 -19.20 6.99
CA M3L E 5 21.36 -18.96 8.28
CB M3L E 5 20.44 -18.29 9.30
CG M3L E 5 21.16 -17.23 10.17
CD M3L E 5 22.35 -17.85 11.06
CE M3L E 5 23.70 -17.14 10.73
NZ M3L E 5 25.01 -17.85 11.21
C M3L E 5 21.58 -20.34 8.83
O M3L E 5 20.58 -21.09 8.85
OXT M3L E 5 22.71 -20.69 9.27
CM1 M3L E 5 24.95 -18.11 12.66
CM2 M3L E 5 26.13 -16.97 11.00
CM3 M3L E 5 25.23 -19.07 10.43
H M3L E 5 19.99 -19.61 6.97
HA M3L E 5 22.19 -18.47 8.18
HB2 M3L E 5 19.68 -17.90 8.87
HB3 M3L E 5 20.12 -18.96 9.91
HG2 M3L E 5 21.51 -16.53 9.60
HG3 M3L E 5 20.51 -16.84 10.76
HD2 M3L E 5 22.42 -18.80 10.92
HD3 M3L E 5 22.14 -17.70 11.99
HE2 M3L E 5 23.67 -16.28 11.16
HE3 M3L E 5 23.75 -17.01 9.78
HM11 M3L E 5 24.73 -17.29 13.13
HM12 M3L E 5 24.28 -18.78 12.84
HM13 M3L E 5 25.81 -18.42 12.96
HM21 M3L E 5 26.01 -16.17 11.54
HM22 M3L E 5 26.18 -16.72 10.07
HM23 M3L E 5 26.96 -17.40 11.26
HM31 M3L E 5 25.19 -18.85 9.48
HM32 M3L E 5 24.55 -19.72 10.63
HM33 M3L E 5 26.11 -19.44 10.63
C02 UQ4 F 1 6.59 -24.15 -5.83
C50 UQ4 F 1 5.96 -22.80 -5.76
C51 UQ4 F 1 4.70 -22.81 -4.93
C53 UQ4 F 1 5.09 -23.38 -2.42
C54 UQ4 F 1 4.35 -22.36 -1.86
C55 UQ4 F 1 4.62 -21.92 -0.54
C56 UQ4 F 1 5.61 -22.56 0.20
C60 UQ4 F 1 6.34 -23.60 -0.35
C64 UQ4 F 1 6.07 -24.01 -1.68
N52 UQ4 F 1 4.79 -23.82 -3.84
N57 UQ4 F 1 5.87 -22.13 1.58
N61 UQ4 F 1 7.33 -24.39 0.09
N63 UQ4 F 1 6.94 -25.02 -1.95
O01 UQ4 F 1 6.34 -24.93 -4.99
O58 UQ4 F 1 6.59 -22.99 2.43
O59 UQ4 F 1 5.47 -21.09 1.97
O62 UQ4 F 1 7.65 -25.22 -0.86
H501 UQ4 F 1 5.75 -22.57 -6.67
H502 UQ4 F 1 6.61 -22.20 -5.38
H512 UQ4 F 1 3.95 -23.03 -5.50
H511 UQ4 F 1 4.56 -21.93 -4.56
H541 UQ4 F 1 3.70 -21.93 -2.37
H551 UQ4 F 1 4.14 -21.24 -0.17
H521 UQ4 F 1 4.69 -24.65 -4.01
N DPN F 2 7.49 -24.53 -6.93
CA DPN F 2 7.93 -23.69 -8.05
C DPN F 2 9.42 -23.43 -7.80
O DPN F 2 9.95 -22.51 -8.26
CB DPN F 2 7.76 -24.46 -9.33
CG DPN F 2 6.51 -24.00 -10.08
CD1 DPN F 2 5.25 -24.20 -9.53
CD2 DPN F 2 6.64 -23.40 -11.33
CE1 DPN F 2 4.12 -23.78 -10.23
CE2 DPN F 2 5.50 -22.99 -12.03
CZ DPN F 2 4.24 -23.18 -11.48
H DPN F 2 7.81 -25.32 -6.90
HA DPN F 2 7.47 -22.86 -8.11
HB2 DPN F 2 7.68 -25.39 -9.12
HB3 DPN F 2 8.54 -24.32 -9.88
HD1 DPN F 2 5.17 -24.60 -8.70
HD2 DPN F 2 7.49 -23.28 -11.68
HE1 DPN F 2 3.26 -23.90 -9.87
HE2 DPN F 2 5.60 -22.58 -12.86
HZ DPN F 2 3.49 -22.90 -11.95
N DPN F 3 10.15 -24.40 -6.94
CA DPN F 3 11.53 -24.24 -6.54
C DPN F 3 12.49 -24.24 -7.76
O DPN F 3 13.26 -25.13 -7.88
CB DPN F 3 11.63 -22.94 -5.74
CG DPN F 3 10.70 -22.86 -4.47
CD1 DPN F 3 11.27 -22.81 -3.21
CD2 DPN F 3 9.30 -22.80 -4.57
CE1 DPN F 3 10.47 -22.73 -2.07
CE2 DPN F 3 8.52 -22.73 -3.45
CZ DPN F 3 9.09 -22.68 -2.20
H DPN F 3 9.74 -25.06 -6.58
HA DPN F 3 11.75 -24.97 -5.96
HB2 DPN F 3 12.55 -22.86 -5.44
HB3 DPN F 3 11.43 -22.21 -6.31
HD1 DPN F 3 12.20 -22.84 -3.13
HD2 DPN F 3 8.90 -22.85 -5.39
HE1 DPN F 3 10.85 -22.69 -1.23
HE2 DPN F 3 7.58 -22.71 -3.54
HZ DPN F 3 8.55 -22.63 -1.45
N DTY F 4 12.49 -23.13 -8.74
CA DTY F 4 13.38 -23.11 -9.88
C DTY F 4 14.88 -23.02 -9.53
O DTY F 4 15.62 -22.67 -10.38
CB DTY F 4 13.24 -24.41 -10.67
CG DTY F 4 13.28 -24.13 -12.19
CD1 DTY F 4 12.09 -24.11 -12.91
CD2 DTY F 4 14.48 -23.91 -12.82
CE1 DTY F 4 12.12 -23.87 -14.28
CE2 DTY F 4 14.51 -23.66 -14.19
CZ DTY F 4 13.31 -23.64 -14.91
OH DTY F 4 13.32 -23.40 -16.32
H DTY F 4 11.93 -22.49 -8.63
HA DTY F 4 13.16 -22.36 -10.45
HB2 DTY F 4 13.98 -24.98 -10.43
HB3 DTY F 4 12.40 -24.81 -10.44
HD1 DTY F 4 11.29 -24.26 -12.47
HD2 DTY F 4 15.27 -23.92 -12.33
HE1 DTY F 4 11.33 -23.86 -14.77
HE2 DTY F 4 15.32 -23.51 -14.62
HH DTY F 4 12.70 -23.85 -16.68
N M3L F 5 15.43 -23.32 -8.18
CA M3L F 5 16.85 -23.23 -7.89
CB M3L F 5 17.18 -22.41 -6.63
CG M3L F 5 18.45 -21.54 -6.81
CD M3L F 5 19.78 -22.42 -7.03
CE M3L F 5 20.49 -22.00 -8.36
NZ M3L F 5 21.58 -22.97 -8.93
C M3L F 5 17.23 -24.63 -7.50
O M3L F 5 16.51 -25.15 -6.61
OXT M3L F 5 18.20 -25.22 -8.03
CM1 M3L F 5 22.60 -23.25 -7.90
CM2 M3L F 5 22.27 -22.33 -10.02
CM3 M3L F 5 20.94 -24.20 -9.43
H M3L F 5 14.90 -23.57 -7.56
HA M3L F 5 17.35 -22.93 -8.65
HB2 M3L F 5 16.44 -21.85 -6.38
HB3 M3L F 5 17.36 -23.01 -5.91
HG2 M3L F 5 18.35 -20.94 -7.55
HG3 M3L F 5 18.58 -21.02 -6.00
HD2 M3L F 5 19.58 -23.36 -7.05
HD3 M3L F 5 20.39 -22.26 -6.30
HE2 M3L F 5 20.91 -21.16 -8.19
HE3 M3L F 5 19.81 -21.89 -9.03
HM11 M3L F 5 22.93 -22.41 -7.54
HM12 M3L F 5 22.21 -23.77 -7.19
HM13 M3L F 5 23.33 -23.74 -8.30
HM21 M3L F 5 22.72 -21.54 -9.70
HM22 M3L F 5 21.63 -22.09 -10.71
HM23 M3L F 5 22.92 -22.94 -10.41
HM31 M3L F 5 20.25 -23.97 -10.06
HM32 M3L F 5 20.55 -24.70 -8.69
HM33 M3L F 5 21.61 -24.76 -9.87
C02 UQ4 G 1 -4.02 -24.96 -5.15
C50 UQ4 G 1 -4.13 -23.50 -4.84
C51 UQ4 G 1 -4.15 -23.22 -3.34
C53 UQ4 G 1 -2.07 -23.92 -1.93
C54 UQ4 G 1 -1.97 -22.78 -1.15
C55 UQ4 G 1 -0.76 -22.45 -0.52
C56 UQ4 G 1 0.34 -23.29 -0.66
C60 UQ4 G 1 0.24 -24.45 -1.41
C64 UQ4 G 1 -0.97 -24.77 -2.05
N52 UQ4 G 1 -3.37 -24.27 -2.61
N57 UQ4 G 1 1.61 -22.96 0.03
N61 UQ4 G 1 1.11 -25.44 -1.73
N63 UQ4 G 1 -0.77 -25.93 -2.72
O01 UQ4 G 1 -3.66 -25.68 -4.29
O58 UQ4 G 1 2.58 -23.95 0.17
O59 UQ4 G 1 1.78 -21.88 0.47
O62 UQ4 G 1 0.47 -26.30 -2.49
H501 UQ4 G 1 -4.96 -23.22 -5.22
H502 UQ4 G 1 -3.37 -23.07 -5.24
H512 UQ4 G 1 -5.05 -23.25 -3.03
H511 UQ4 G 1 -3.78 -22.35 -3.18
H541 UQ4 G 1 -2.70 -22.22 -1.09
H551 UQ4 G 1 -0.69 -21.68 -0.01
H521 UQ4 G 1 -3.67 -25.07 -2.56
N DPN G 2 -4.37 -25.47 -6.47
CA DPN G 2 -4.80 -24.69 -7.64
C DPN G 2 -3.64 -24.76 -8.63
O DPN G 2 -3.52 -23.95 -9.46
CB DPN G 2 -6.02 -25.34 -8.23
CG DPN G 2 -7.30 -24.63 -7.81
CD1 DPN G 2 -7.64 -24.54 -6.47
CD2 DPN G 2 -8.12 -24.06 -8.77
CE1 DPN G 2 -8.82 -23.88 -6.09
CE2 DPN G 2 -9.29 -23.40 -8.40
CZ DPN G 2 -9.64 -23.32 -7.06
H DPN G 2 -4.27 -26.31 -6.59
HA DPN G 2 -5.00 -23.78 -7.42
HB2 DPN G 2 -6.05 -26.26 -7.91
HB3 DPN G 2 -5.93 -25.33 -9.19
HD1 DPN G 2 -7.09 -24.93 -5.83
HD2 DPN G 2 -7.88 -24.12 -9.66
HE1 DPN G 2 -9.06 -23.82 -5.20
HE2 DPN G 2 -9.84 -23.02 -9.05
HZ DPN G 2 -10.42 -22.88 -6.80
N DPN G 3 -2.66 -25.87 -8.48
CA DPN G 3 -1.48 -26.00 -9.28
C DPN G 3 -1.78 -26.18 -10.80
O DPN G 3 -1.53 -27.21 -11.31
CB DPN G 3 -0.61 -24.77 -9.04
CG DPN G 3 -0.21 -24.52 -7.53
CD1 DPN G 3 1.13 -24.62 -7.18
CD2 DPN G 3 -1.14 -24.18 -6.55
CE1 DPN G 3 1.52 -24.40 -5.86
CE2 DPN G 3 -0.76 -23.97 -5.25
CZ DPN G 3 0.58 -24.07 -4.90
H DPN G 3 -2.74 -26.43 -7.84
HA DPN G 3 -0.99 -26.78 -8.97
HB2 DPN G 3 0.21 -24.88 -9.55
HB3 DPN G 3 -1.07 -24.00 -9.36
HD1 DPN G 3 1.76 -24.83 -7.83
HD2 DPN G 3 -2.04 -24.12 -6.77
HE1 DPN G 3 2.41 -24.47 -5.62
HE2 DPN G 3 -1.40 -23.75 -4.60
HZ DPN G 3 0.83 -23.93 -4.01
N DTY G 4 -2.35 -25.07 -11.60
CA DTY G 4 -2.64 -25.22 -13.02
C DTY G 4 -1.41 -25.49 -13.91
O DTY G 4 -1.54 -25.29 -15.06
CB DTY G 4 -3.55 -26.43 -13.22
CG DTY G 4 -4.64 -26.14 -14.27
CD1 DTY G 4 -5.93 -25.87 -13.84
CD2 DTY G 4 -4.32 -26.15 -15.61
CE1 DTY G 4 -6.93 -25.60 -14.78
CE2 DTY G 4 -5.32 -25.88 -16.54
CZ DTY G 4 -6.62 -25.61 -16.12
OH DTY G 4 -7.65 -25.32 -17.06
H DTY G 4 -2.53 -24.33 -11.21
HA DTY G 4 -3.10 -24.44 -13.34
HB2 DTY G 4 -2.99 -27.17 -13.52
HB3 DTY G 4 -3.97 -26.66 -12.38
HD1 DTY G 4 -6.13 -25.86 -12.94
HD2 DTY G 4 -3.46 -26.32 -15.88
HE1 DTY G 4 -7.79 -25.41 -14.51
HE2 DTY G 4 -5.11 -25.88 -17.45
HH DTY G 4 -8.37 -25.65 -16.79
N M3L G 5 -0.09 -25.90 -13.38
CA M3L G 5 1.05 -26.13 -14.26
CB M3L G 5 2.33 -25.41 -13.82
CG M3L G 5 3.14 -24.84 -15.01
CD M3L G 5 3.66 -25.96 -16.02
CE M3L G 5 3.14 -25.67 -17.46
NZ M3L G 5 3.20 -26.84 -18.49
C M3L G 5 1.36 -27.59 -14.06
O M3L G 5 1.52 -27.96 -12.87
OXT M3L G 5 1.50 -28.38 -15.04
CM1 M3L G 5 4.57 -27.38 -18.59
CM2 M3L G 5 2.87 -26.34 -19.82
CM3 M3L G 5 2.22 -27.89 -18.14
H M3L G 5 0.01 -26.03 -12.55
HA M3L G 5 0.84 -25.94 -15.18
HB2 M3L G 5 2.14 -24.74 -13.16
HB3 M3L G 5 2.92 -26.07 -13.40
HG2 M3L G 5 2.62 -24.19 -15.47
HG3 M3L G 5 3.91 -24.38 -14.64
HD2 M3L G 5 3.37 -26.84 -15.74
HD3 M3L G 5 4.63 -25.96 -16.03
HE2 M3L G 5 3.70 -24.97 -17.81
HE3 M3L G 5 2.23 -25.36 -17.40
HM11 M3L G 5 5.19 -26.65 -18.73
HM12 M3L G 5 4.78 -27.83 -17.76
HM13 M3L G 5 4.61 -28.00 -19.33
HM21 M3L G 5 3.55 -25.71 -20.09
HM22 M3L G 5 2.01 -25.90 -19.78
HM23 M3L G 5 2.84 -27.08 -20.45
HM31 M3L G 5 1.35 -27.48 -18.03
HM32 M3L G 5 2.49 -28.31 -17.31
HM33 M3L G 5 2.18 -28.56 -18.83
C02 UQ4 H 1 -10.56 -18.47 2.74
C50 UQ4 H 1 -10.19 -17.02 2.81
C51 UQ4 H 1 -9.11 -16.77 3.85
C53 UQ4 H 1 -6.88 -17.93 3.22
C54 UQ4 H 1 -6.03 -16.85 3.40
C55 UQ4 H 1 -4.79 -16.81 2.72
C56 UQ4 H 1 -4.42 -17.87 1.91
C60 UQ4 H 1 -5.25 -18.96 1.74
C64 UQ4 H 1 -6.50 -18.99 2.42
N52 UQ4 H 1 -8.20 -17.95 3.94
N57 UQ4 H 1 -3.11 -17.85 1.22
N61 UQ4 H 1 -5.19 -20.10 1.04
N63 UQ4 H 1 -7.10 -20.15 2.06
O01 UQ4 H 1 -9.76 -19.27 3.08
O58 UQ4 H 1 -2.57 -19.05 0.78
O59 UQ4 H 1 -2.55 -16.82 1.08
O62 UQ4 H 1 -6.28 -20.78 1.25
H501 UQ4 H 1 -11.00 -16.58 3.10
H502 UQ4 H 1 -9.90 -16.75 1.93
H512 UQ4 H 1 -9.54 -16.65 4.70
H511 UQ4 H 1 -8.62 -15.97 3.63
H541 UQ4 H 1 -6.30 -16.15 3.93
H551 UQ4 H 1 -4.22 -16.09 2.83
H521 UQ4 H 1 -8.44 -18.64 4.39
N DPN H 2 -11.88 -18.89 2.27
CA DPN H 2 -12.98 -18.06 1.78
C DPN H 2 -13.10 -18.36 0.29
O DPN H 2 -13.57 -17.59 -0.45
CB DPN H 2 -14.24 -18.45 2.49
CG DPN H 2 -14.59 -17.47 3.61
CD1 DPN H 2 -13.78 -17.35 4.71
CD2 DPN H 2 -15.73 -16.70 3.50
CE1 DPN H 2 -14.10 -16.45 5.73
CE2 DPN H 2 -16.06 -15.78 4.50
CZ DPN H 2 -15.25 -15.67 5.62
H DPN H 2 -12.02 -19.74 2.24
HA DPN H 2 -12.81 -17.12 1.91
HB2 DPN H 2 -14.09 -19.33 2.88
HB3 DPN H 2 -14.96 -18.50 1.84
HD1 DPN H 2 -13.01 -17.87 4.77
HD2 DPN H 2 -16.27 -16.77 2.74
HE1 DPN H 2 -13.56 -16.36 6.48
HE2 DPN H 2 -16.83 -15.27 4.42
HZ DPN H 2 -15.47 -15.07 6.29
N DPN H 3 -12.56 -19.68 -0.19
CA DPN H 3 -12.52 -20.05 -1.58
C DPN H 3 -13.92 -20.13 -2.23
O DPN H 3 -14.34 -21.17 -2.58
CB DPN H 3 -11.61 -19.06 -2.31
CG DPN H 3 -10.15 -18.91 -1.74
CD1 DPN H 3 -9.08 -19.31 -2.53
CD2 DPN H 3 -9.89 -18.38 -0.48
CE1 DPN H 3 -7.77 -19.19 -2.04
CE2 DPN H 3 -8.61 -18.28 0.00
CZ DPN H 3 -7.54 -18.67 -0.78
H DPN H 3 -12.19 -20.22 0.35
HA DPN H 3 -12.10 -20.92 -1.63
HB2 DPN H 3 -11.55 -19.33 -3.24
HB3 DPN H 3 -12.03 -18.20 -2.29
HD1 DPN H 3 -9.24 -19.65 -3.38
HD2 DPN H 3 -10.58 -18.12 0.07
HE1 DPN H 3 -7.05 -19.45 -2.58
HE2 DPN H 3 -8.45 -17.93 0.85
HZ DPN H 3 -6.67 -18.59 -0.46
N DTY H 4 -14.72 -18.89 -2.46
CA DTY H 4 -16.04 -18.94 -3.07
C DTY H 4 -16.05 -19.45 -4.53
O DTY H 4 -17.02 -19.22 -5.17
CB DTY H 4 -16.93 -19.92 -2.29
CG DTY H 4 -18.36 -19.35 -2.13
CD1 DTY H 4 -18.74 -18.82 -0.92
CD2 DTY H 4 -19.23 -19.40 -3.20
CE1 DTY H 4 -20.04 -18.32 -0.76
CE2 DTY H 4 -20.52 -18.90 -3.05
CZ DTY H 4 -20.91 -18.36 -1.82
OH DTY H 4 -22.23 -17.85 -1.65
H DTY H 4 -14.41 -18.14 -2.21
HA DTY H 4 -16.44 -18.07 -3.05
HB2 DTY H 4 -16.95 -20.75 -2.78
HB3 DTY H 4 -16.55 -20.05 -1.42
HD1 DTY H 4 -18.14 -18.80 -0.21
HD2 DTY H 4 -18.96 -19.76 -4.01
HE1 DTY H 4 -20.30 -17.96 0.05
HE2 DTY H 4 -21.11 -18.92 -3.76
HH DTY H 4 -22.49 -18.01 -0.86
N M3L H 5 -14.91 -20.16 -5.17
CA M3L H 5 -14.97 -20.63 -6.55
CB M3L H 5 -13.76 -20.23 -7.39
CG M3L H 5 -14.15 -19.82 -8.84
CD M3L H 5 -14.80 -21.02 -9.67
CE M3L H 5 -16.18 -20.58 -10.26
NZ M3L H 5 -17.12 -21.71 -10.78
C M3L H 5 -14.86 -22.12 -6.44
O M3L H 5 -13.88 -22.56 -5.77
OXT M3L H 5 -15.69 -22.88 -7.01
CM1 M3L H 5 -16.44 -22.53 -11.79
CM2 M3L H 5 -18.27 -21.12 -11.45
CM3 M3L H 5 -17.62 -22.53 -9.65
H M3L H 5 -14.21 -20.32 -4.71
HA M3L H 5 -15.79 -20.36 -6.97
HB2 M3L H 5 -13.28 -19.51 -6.96
HB3 M3L H 5 -13.16 -20.99 -7.46
HG2 M3L H 5 -14.77 -19.09 -8.78
HG3 M3L H 5 -13.35 -19.51 -9.30
HD2 M3L H 5 -14.93 -21.78 -9.11
HD3 M3L H 5 -14.21 -21.26 -10.40
HE2 M3L H 5 -15.98 -20.02 -11.01
HE3 M3L H 5 -16.67 -20.07 -9.60
HM11 M3L H 5 -16.19 -21.97 -12.52
HM12 M3L H 5 -15.64 -22.93 -11.42
HM13 M3L H 5 -17.03 -23.23 -12.09
HM21 M3L H 5 -17.95 -20.58 -12.18
HM22 M3L H 5 -18.74 -20.55 -10.83
HM23 M3L H 5 -18.86 -21.81 -11.78
HM31 M3L H 5 -18.06 -21.94 -9.03
HM32 M3L H 5 -16.89 -22.98 -9.21
HM33 M3L H 5 -18.26 -23.19 -9.98
C02 UQ4 I 1 -7.33 -15.91 12.54
C50 UQ4 I 1 -6.81 -14.60 12.06
C51 UQ4 I 1 -5.33 -14.65 11.69
C53 UQ4 I 1 -4.61 -16.26 9.77
C54 UQ4 I 1 -3.76 -15.41 9.11
C55 UQ4 I 1 -3.43 -15.63 7.76
C56 UQ4 I 1 -3.94 -16.74 7.11
C60 UQ4 I 1 -4.79 -17.61 7.77
C64 UQ4 I 1 -5.12 -17.38 9.13
N52 UQ4 I 1 -4.97 -16.02 11.22
N57 UQ4 I 1 -3.58 -17.00 5.70
N61 UQ4 I 1 -5.44 -18.75 7.43
N63 UQ4 I 1 -5.95 -18.38 9.50
O01 UQ4 I 1 -6.69 -16.88 12.30
O58 UQ4 I 1 -3.87 -18.24 5.13
O59 UQ4 I 1 -3.02 -16.17 5.08
O62 UQ4 I 1 -6.10 -19.18 8.47
H501 UQ4 I 1 -6.93 -14.03 12.81
H502 UQ4 I 1 -7.34 -14.36 11.29
H512 UQ4 I 1 -4.81 -14.45 12.48
H511 UQ4 I 1 -5.14 -13.99 11.01
H541 UQ4 I 1 -3.43 -14.66 9.56
H551 UQ4 I 1 -2.87 -15.06 7.32
H521 UQ4 I 1 -4.95 -16.66 11.78
N DPN I 2 -8.57 -16.00 13.31
CA DPN I 2 -9.48 -14.91 13.67
C DPN I 2 -10.73 -15.13 12.84
O DPN I 2 -11.47 -14.25 12.59
CB DPN I 2 -9.79 -15.01 15.12
CG DPN I 2 -9.00 -13.99 15.96
CD1 DPN I 2 -7.62 -14.07 16.03
CD2 DPN I 2 -9.68 -13.00 16.64
CE1 DPN I 2 -6.91 -13.13 16.79
CE2 DPN I 2 -8.97 -12.07 17.40
CZ DPN I 2 -7.59 -12.14 17.48
H DPN I 2 -8.82 -16.79 13.55
HA DPN I 2 -9.10 -14.05 13.46
HB2 DPN I 2 -9.53 -15.89 15.41
HB3 DPN I 2 -10.74 -14.88 15.25
HD1 DPN I 2 -7.17 -14.74 15.57
HD2 DPN I 2 -10.60 -12.95 16.58
HE1 DPN I 2 -5.99 -13.17 16.86
HE2 DPN I 2 -9.44 -11.40 17.85
HZ DPN I 2 -7.12 -11.51 17.99
N DPN I 3 -11.00 -16.51 12.33
CA DPN I 3 -12.09 -16.86 11.46
C DPN I 3 -13.48 -16.64 12.10
O DPN I 3 -14.15 -17.57 12.37
CB DPN I 3 -11.93 -16.06 10.16
CG DPN I 3 -10.56 -16.28 9.41
CD1 DPN I 3 -10.58 -16.88 8.17
CD2 DPN I 3 -9.32 -15.86 9.94
CE1 DPN I 3 -9.38 -17.09 7.47
CE2 DPN I 3 -8.15 -16.07 9.26
CZ DPN I 3 -8.17 -16.68 8.01
H DPN I 3 -10.43 -17.13 12.47
HA DPN I 3 -12.00 -17.79 11.23
HB2 DPN I 3 -12.64 -16.32 9.57
HB3 DPN I 3 -12.03 -15.13 10.36
HD1 DPN I 3 -11.38 -17.14 7.80
HD2 DPN I 3 -9.29 -15.46 10.77
HE1 DPN I 3 -9.40 -17.49 6.64
HE2 DPN I 3 -7.34 -15.80 9.63
HZ DPN I 3 -7.38 -16.81 7.55
N DTY I 4 -14.01 -15.26 12.32
CA DTY I 4 -15.32 -15.02 12.92
C DTY I 4 -16.50 -15.49 12.05
O DTY I 4 -17.57 -15.07 12.32
CB DTY I 4 -15.44 -15.78 14.24
CG DTY I 4 -16.13 -14.93 15.31
CD1 DTY I 4 -15.37 -14.35 16.32
CD2 DTY I 4 -17.50 -14.73 15.27
CE1 DTY I 4 -15.98 -13.58 17.29
CE2 DTY I 4 -18.11 -13.96 16.25
CZ DTY I 4 -17.34 -13.39 17.25
OH DTY I 4 -17.95 -12.59 18.26
H DTY I 4 -13.52 -14.59 12.11
HA DTY I 4 -15.42 -14.09 13.09
HB2 DTY I 4 -15.96 -16.58 14.07
HB3 DTY I 4 -14.56 -16.02 14.54
HD1 DTY I 4 -14.45 -14.49 16.33
HD2 DTY I 4 -18.01 -15.12 14.60
HE1 DTY I 4 -15.48 -13.18 17.97
HE2 DTY I 4 -19.03 -13.83 16.22
HH DTY I 4 -17.55 -12.71 19.00
N M3L I 5 -16.35 -16.41 10.89
CA M3L I 5 -17.50 -16.83 10.10
CB M3L I 5 -17.31 -16.68 8.58
CG M3L I 5 -18.59 -16.18 7.88
CD M3L I 5 -19.83 -17.18 8.01
CE M3L I 5 -21.08 -16.44 8.60
NZ M3L I 5 -22.22 -17.33 9.20
C M3L I 5 -17.56 -18.32 10.31
O M3L I 5 -16.51 -18.96 10.08
OXT M3L I 5 -18.64 -18.89 10.66
CM1 M3L I 5 -22.71 -18.26 8.18
CM2 M3L I 5 -23.34 -16.48 9.56
CM3 M3L I 5 -21.76 -18.03 10.42
H M3L I 5 -15.58 -16.72 10.70
HA M3L I 5 -18.32 -16.41 10.39
HB2 M3L I 5 -16.56 -16.11 8.41
HB3 M3L I 5 -17.12 -17.56 8.22
HG2 M3L I 5 -18.82 -15.32 8.25
HG3 M3L I 5 -18.39 -16.05 6.93
HD2 M3L I 5 -19.60 -17.91 8.58
HD3 M3L I 5 -20.06 -17.53 7.13
HE2 M3L I 5 -21.46 -15.95 7.87
HE3 M3L I 5 -20.78 -15.82 9.28
HM11 M3L I 5 -23.02 -17.77 7.42
HM12 M3L I 5 -22.00 -18.86 7.91
HM13 M3L I 5 -23.44 -18.78 8.56
HM21 M3L I 5 -23.68 -16.06 8.75
HM22 M3L I 5 -23.04 -15.80 10.18
HM23 M3L I 5 -24.04 -17.00 9.95
HM31 M3L I 5 -21.41 -17.36 11.04
HM32 M3L I 5 -21.06 -18.66 10.20
HM33 M3L I 5 -22.50 -18.49 10.83
C02 UQ4 J 1 2.57 -14.15 15.96
C50 UQ4 J 1 2.74 -12.95 15.08
C51 UQ4 J 1 3.53 -13.28 13.83
C53 UQ4 J 1 2.29 -14.97 12.29
C54 UQ4 J 1 2.41 -14.29 11.10
C55 UQ4 J 1 1.50 -14.54 10.05
C56 UQ4 J 1 0.50 -15.47 10.22
C60 UQ4 J 1 0.38 -16.16 11.41
C64 UQ4 J 1 1.29 -15.92 12.45
N52 UQ4 J 1 3.26 -14.69 13.42
N57 UQ4 J 1 -0.44 -15.74 9.12
N61 UQ4 J 1 -0.47 -17.12 11.87
N63 UQ4 J 1 0.92 -16.72 13.48
O01 UQ4 J 1 2.62 -15.23 15.46
O58 UQ4 J 1 -1.14 -16.96 9.11
O59 UQ4 J 1 -0.56 -14.96 8.24
O62 UQ4 J 1 -0.11 -17.42 13.08
H501 UQ4 J 1 3.24 -12.34 15.62
H502 UQ4 J 1 1.86 -12.66 14.85
H512 UQ4 J 1 4.47 -13.20 14.02
H511 UQ4 J 1 3.30 -12.66 13.12
H541 UQ4 J 1 3.08 -13.67 11.01
H551 UQ4 J 1 1.59 -14.08 9.25
H521 UQ4 J 1 3.66 -15.34 13.81
N DPN J 2 2.35 -14.02 17.40
CA DPN J 2 2.23 -12.78 18.18
C DPN J 2 0.78 -12.73 18.64
O DPN J 2 0.27 -11.71 18.90
CB DPN J 2 3.14 -12.88 19.37
CG DPN J 2 4.43 -12.08 19.15
CD1 DPN J 2 5.33 -12.45 18.17
CD2 DPN J 2 4.68 -10.96 19.93
CE1 DPN J 2 6.50 -11.72 17.98
CE2 DPN J 2 5.84 -10.22 19.74
CZ DPN J 2 6.75 -10.60 18.76
H DPN J 2 2.26 -14.75 17.83
HA DPN J 2 2.45 -12.01 17.67
HB2 DPN J 2 3.39 -13.81 19.45
HB3 DPN J 2 2.69 -12.58 20.16
HD1 DPN J 2 5.15 -13.20 17.65
HD2 DPN J 2 4.06 -10.71 20.58
HE1 DPN J 2 7.12 -11.96 17.32
HE2 DPN J 2 6.01 -9.48 20.27
HZ DPN J 2 7.53 -10.10 18.65
N DPN J 3 0.03 -14.02 18.70
CA DPN J 3 -1.37 -14.12 19.03
C DPN J 3 -1.70 -13.61 20.45
O DPN J 3 -2.06 -14.38 21.26
CB DPN J 3 -2.15 -13.35 17.95
CG DPN J 3 -1.90 -13.82 16.47
CD1 DPN J 3 -2.96 -14.36 15.76
CD2 DPN J 3 -0.67 -13.67 15.83
CE1 DPN J 3 -2.77 -14.78 14.43
CE2 DPN J 3 -0.49 -14.09 14.53
CZ DPN J 3 -1.53 -14.64 13.83
H DPN J 3 0.41 -14.74 18.47
HA DPN J 3 -1.61 -15.04 18.97
HB2 DPN J 3 -3.09 -13.44 18.15
HB3 DPN J 3 -1.92 -12.43 18.03
HD1 DPN J 3 -3.79 -14.45 16.16
HD2 DPN J 3 0.05 -13.32 16.29
HE1 DPN J 3 -3.48 -15.14 13.95
HE2 DPN J 3 0.35 -13.99 14.13
HZ DPN J 3 -1.40 -14.90 12.94
N DTY J 4 -1.64 -12.16 20.77
CA DTY J 4 -1.97 -11.66 22.10
C DTY J 4 -3.43 -11.84 22.51
O DTY J 4 -3.83 -11.21 23.41
CB DTY J 4 -1.14 -12.40 23.15
CG DTY J 4 -0.61 -11.44 24.24
CD1 DTY J 4 0.72 -11.06 24.22
CD2 DTY J 4 -1.47 -10.97 25.21
CE1 DTY J 4 1.21 -10.21 25.20
CE2 DTY J 4 -0.98 -10.12 26.18
CZ DTY J 4 0.36 -9.74 26.17
OH DTY J 4 0.87 -8.86 27.17
H DTY J 4 -1.39 -11.61 20.17
HA DTY J 4 -1.75 -10.72 22.14
HB2 DTY J 4 -1.70 -13.07 23.55
HB3 DTY J 4 -0.38 -12.81 22.70
HD1 DTY J 4 1.28 -11.39 23.56
HD2 DTY J 4 -2.36 -11.22 25.21
HE1 DTY J 4 2.10 -9.95 25.20
HE2 DTY J 4 -1.55 -9.79 26.84
HH DTY J 4 1.64 -9.12 27.40
N M3L J 5 -4.38 -12.74 21.78
CA M3L J 5 -5.77 -12.89 22.19
CB M3L J 5 -6.78 -12.76 21.04
CG M3L J 5 -8.05 -11.98 21.45
CD M3L J 5 -8.87 -12.71 22.63
CE M3L J 5 -9.08 -11.73 23.82
NZ M3L J 5 -9.50 -12.36 25.19
C M3L J 5 -5.86 -14.33 22.60
O M3L J 5 -5.46 -15.18 21.76
OXT M3L J 5 -6.35 -14.67 23.71
CM1 M3L J 5 -10.73 -13.14 25.04
CM2 M3L J 5 -9.81 -11.30 26.13
CM3 M3L J 5 -8.39 -13.16 25.75
H M3L J 5 -4.09 -13.18 21.11
HA M3L J 5 -5.98 -12.32 22.93
HB2 M3L J 5 -6.36 -12.36 20.26
HB3 M3L J 5 -7.06 -13.65 20.79
HG2 M3L J 5 -7.79 -11.10 21.73
HG3 M3L J 5 -8.61 -11.90 20.67
HD2 M3L J 5 -8.40 -13.48 22.94
HD3 M3L J 5 -9.73 -12.98 22.28
HE2 M3L J 5 -9.81 -11.16 23.55
HE3 M3L J 5 -8.29 -11.22 23.95
HM11 M3L J 5 -11.42 -12.58 24.66
HM12 M3L J 5 -10.58 -13.89 24.46
HM13 M3L J 5 -11.02 -13.46 25.90
HM21 M3L J 5 -10.59 -10.82 25.81
HM22 M3L J 5 -9.06 -10.68 26.19
HM23 M3L J 5 -10.00 -11.66 27.00
HM31 M3L J 5 -7.60 -12.61 25.79
HM32 M3L J 5 -8.23 -13.94 25.19
HM33 M3L J 5 -8.63 -13.46 26.64
C02 UQ4 K 1 11.67 -14.73 10.49
C50 UQ4 K 1 11.26 -13.59 9.62
C51 UQ4 K 1 10.65 -14.06 8.31
C53 UQ4 K 1 8.43 -15.42 8.51
C54 UQ4 K 1 7.71 -14.78 7.53
C55 UQ4 K 1 6.31 -14.82 7.55
C56 UQ4 K 1 5.65 -15.53 8.53
C60 UQ4 K 1 6.37 -16.20 9.50
C64 UQ4 K 1 7.78 -16.16 9.49
N52 UQ4 K 1 9.95 -15.36 8.50
N57 UQ4 K 1 4.17 -15.60 8.52
N61 UQ4 K 1 6.03 -16.97 10.57
N63 UQ4 K 1 8.20 -16.88 10.56
O01 UQ4 K 1 11.17 -15.79 10.29
O58 UQ4 K 1 3.53 -16.55 9.32
O59 UQ4 K 1 3.56 -14.87 7.83
O62 UQ4 K 1 7.13 -17.36 11.16
H501 UQ4 K 1 12.08 -13.14 9.45
H502 UQ4 K 1 10.61 -13.08 10.12
H512 UQ4 K 1 11.36 -14.19 7.67
H511 UQ4 K 1 10.05 -13.40 7.97
H541 UQ4 K 1 8.16 -14.29 6.88
H551 UQ4 K 1 5.82 -14.38 6.89
H521 UQ4 K 1 10.41 -16.08 8.61
N DPN K 2 12.65 -14.56 11.55
CA DPN K 2 13.33 -13.32 11.96
C DPN K 2 12.76 -12.97 13.33
O DPN K 2 12.79 -11.87 13.72
CB DPN K 2 14.80 -13.62 12.08
CG DPN K 2 15.59 -13.10 10.87
CD1 DPN K 2 15.38 -13.66 9.62
CD2 DPN K 2 16.50 -12.09 11.03
CE1 DPN K 2 16.10 -13.17 8.52
CE2 DPN K 2 17.21 -11.60 9.94
CZ DPN K 2 17.02 -12.14 8.69
H DPN K 2 12.83 -15.25 12.02
HA DPN K 2 13.19 -12.61 11.34
HB2 DPN K 2 14.89 -14.58 12.10
HB3 DPN K 2 15.15 -13.23 12.90
HD1 DPN K 2 14.76 -14.34 9.51
HD2 DPN K 2 16.62 -11.72 11.88
HE1 DPN K 2 15.97 -13.53 7.67
HE2 DPN K 2 17.82 -10.91 10.07
HZ DPN K 2 17.50 -11.82 7.96
N DPN K 3 12.15 -14.08 14.13
CA DPN K 3 11.50 -13.87 15.40
C DPN K 3 12.45 -13.32 16.48
O DPN K 3 12.72 -14.01 17.41
CB DPN K 3 10.31 -12.95 15.16
CG DPN K 3 9.26 -13.45 14.09
CD1 DPN K 3 7.98 -13.77 14.51
CD2 DPN K 3 9.56 -13.55 12.73
CE1 DPN K 3 7.04 -14.21 13.57
CE2 DPN K 3 8.64 -14.00 11.81
CZ DPN K 3 7.37 -14.32 12.24
H DPN K 3 12.12 -14.86 13.81
HA DPN K 3 11.16 -14.73 15.68
HB2 DPN K 3 9.85 -12.82 16.00
HB3 DPN K 3 10.63 -12.10 14.89
HD1 DPN K 3 7.76 -13.69 15.40
HD2 DPN K 3 10.42 -13.35 12.43
HE1 DPN K 3 6.18 -14.43 13.86
HE2 DPN K 3 8.87 -14.07 10.91
HZ DPN K 3 6.74 -14.61 11.62
N DTY K 4 12.99 -11.93 16.42
CA DTY K 4 13.88 -11.40 17.44
C DTY K 4 13.25 -11.26 18.82
O DTY K 4 13.78 -10.53 19.59
CB DTY K 4 15.06 -12.34 17.63
CG DTY K 4 16.38 -11.54 17.80
CD1 DTY K 4 17.26 -11.46 16.74
CD2 DTY K 4 16.67 -10.94 19.01
CE1 DTY K 4 18.45 -10.74 16.88
CE2 DTY K 4 17.85 -10.23 19.16
CZ DTY K 4 18.74 -10.14 18.09
OH DTY K 4 19.95 -9.42 18.22
H DTY K 4 12.79 -11.45 15.74
HA DTY K 4 14.21 -10.55 17.14
HB2 DTY K 4 14.91 -12.87 18.42
HB3 DTY K 4 15.15 -12.91 16.86
HD1 DTY K 4 17.05 -11.86 15.94
HD2 DTY K 4 16.07 -11.00 19.72
HE1 DTY K 4 19.04 -10.68 16.17
HE2 DTY K 4 18.04 -9.82 19.96
HH DTY K 4 20.53 -9.73 17.67
N M3L K 5 11.99 -11.92 19.23
CA M3L K 5 11.41 -11.76 20.56
CB M3L K 5 9.92 -11.39 20.56
CG M3L K 5 9.58 -10.37 21.67
CD M3L K 5 9.82 -10.93 23.15
CE M3L K 5 10.76 -9.98 23.95
NZ M3L K 5 11.42 -10.55 25.25
C M3L K 5 11.45 -13.15 21.13
O M3L K 5 10.91 -14.05 20.42
OXT M3L K 5 11.96 -13.38 22.27
CM1 M3L K 5 10.39 -11.05 26.17
CM2 M3L K 5 12.12 -9.48 25.95
CM3 M3L K 5 12.41 -11.58 24.90
H M3L K 5 11.60 -12.43 18.68
HA M3L K 5 11.94 -11.17 21.11
HB2 M3L K 5 9.65 -11.09 19.69
HB3 M3L K 5 9.43 -12.19 20.77
HG2 M3L K 5 10.10 -9.57 21.52
HG3 M3L K 5 8.65 -10.13 21.56
HD2 M3L K 5 10.21 -11.81 23.12
HD3 M3L K 5 8.97 -11.00 23.61
HE2 M3L K 5 10.21 -9.25 24.23
HE3 M3L K 5 11.45 -9.67 23.36
HM11 M3L K 5 9.77 -10.33 26.36
HM12 M3L K 5 9.93 -11.79 25.78
HM13 M3L K 5 10.81 -11.33 27.00
HM21 M3L K 5 11.46 -8.86 26.28
HM22 M3L K 5 12.71 -9.04 25.34
HM23 M3L K 5 12.62 -9.84 26.70
HM31 M3L K 5 13.06 -11.20 24.29
HM32 M3L K 5 11.99 -12.35 24.49
HM33 M3L K 5 12.88 -11.88 25.70
C02 UQ4 L 1 13.15 -17.07 0.21
C50 UQ4 L 1 12.40 -15.85 -0.20
C51 UQ4 L 1 10.96 -16.15 -0.57
C53 UQ4 L 1 9.52 -17.03 1.43
C54 UQ4 L 1 8.41 -16.21 1.25
C55 UQ4 L 1 7.53 -15.95 2.32
C56 UQ4 L 1 7.78 -16.53 3.56
C60 UQ4 L 1 8.87 -17.35 3.74
C64 UQ4 L 1 9.75 -17.62 2.67
N52 UQ4 L 1 10.46 -17.29 0.27
N57 UQ4 L 1 6.85 -16.29 4.68
N61 UQ4 L 1 9.36 -18.05 4.80
N63 UQ4 L 1 10.72 -18.43 3.15
O01 UQ4 L 1 12.52 -17.99 0.61
O58 UQ4 L 1 6.88 -17.13 5.80
O59 UQ4 L 1 6.07 -15.40 4.61
O62 UQ4 L 1 10.44 -18.68 4.41
H501 UQ4 L 1 12.87 -15.57 -1.00
H502 UQ4 L 1 12.45 -15.22 0.51
H512 UQ4 L 1 10.93 -16.42 -1.49
H511 UQ4 L 1 10.41 -15.38 -0.44
H541 UQ4 L 1 8.27 -15.83 0.42
H551 UQ4 L 1 6.80 -15.41 2.20
H521 UQ4 L 1 10.70 -18.08 0.09
N DPN L 2 14.60 -17.15 0.13
CA DPN L 2 15.53 -16.11 -0.32
C DPN L 2 16.27 -15.66 0.94
O DPN L 2 16.76 -14.60 1.02
CB DPN L 2 16.50 -16.70 -1.30
CG DPN L 2 16.11 -16.34 -2.73
CD1 DPN L 2 14.91 -16.77 -3.26
CD2 DPN L 2 16.97 -15.57 -3.51
CE1 DPN L 2 14.57 -16.44 -4.58
CE2 DPN L 2 16.63 -15.23 -4.81
CZ DPN L 2 15.42 -15.67 -5.34
H DPN L 2 14.96 -17.87 0.40
HA DPN L 2 15.08 -15.35 -0.71
HB2 DPN L 2 16.45 -17.66 -1.20
HB3 DPN L 2 17.39 -16.38 -1.11
HD1 DPN L 2 14.34 -17.29 -2.74
HD2 DPN L 2 17.77 -15.28 -3.14
HE1 DPN L 2 13.76 -16.73 -4.94
HE2 DPN L 2 17.20 -14.72 -5.32
HZ DPN L 2 15.20 -15.45 -6.22
N DPN L 3 16.34 -16.62 2.09
CA DPN L 3 16.92 -16.31 3.36
C DPN L 3 18.44 -16.01 3.28
O DPN L 3 19.21 -16.74 3.76
CB DPN L 3 16.15 -15.14 3.96
CG DPN L 3 14.60 -15.37 4.15
CD1 DPN L 3 14.06 -15.40 5.43
CD2 DPN L 3 13.74 -15.53 3.06
CE1 DPN L 3 12.70 -15.60 5.60
CE2 DPN L 3 12.39 -15.74 3.24
CZ DPN L 3 11.86 -15.77 4.51
H DPN L 3 15.94 -17.38 2.03
HA DPN L 3 16.80 -17.07 3.93
HB2 DPN L 3 16.54 -14.94 4.83
HB3 DPN L 3 16.28 -14.37 3.41
HD1 DPN L 3 14.62 -15.27 6.15
HD2 DPN L 3 14.07 -15.52 2.20
HE1 DPN L 3 12.34 -15.61 6.45
HE2 DPN L 3 11.83 -15.85 2.49
HZ DPN L 3 10.95 -15.90 4.62
N DTY L 4 18.93 -14.76 2.62
CA DTY L 4 20.34 -14.44 2.53
C DTY L 4 21.04 -14.19 3.88
O DTY L 4 22.07 -13.63 3.88
CB DTY L 4 21.10 -15.61 1.91
CG DTY L 4 22.17 -15.12 0.90
CD1 DTY L 4 21.91 -15.21 -0.45
CD2 DTY L 4 23.35 -14.60 1.38
CE1 DTY L 4 22.86 -14.77 -1.36
CE2 DTY L 4 24.30 -14.16 0.46
CZ DTY L 4 24.05 -14.25 -0.91
OH DTY L 4 25.02 -13.79 -1.85
H DTY L 4 18.37 -14.22 2.27
HA DTY L 4 20.47 -13.67 1.97
HB2 DTY L 4 21.53 -16.12 2.61
HB3 DTY L 4 20.46 -16.17 1.43
HD1 DTY L 4 21.11 -15.56 -0.75
HD2 DTY L 4 23.51 -14.54 2.29
HE1 DTY L 4 22.70 -14.82 -2.27
HE2 DTY L 4 25.10 -13.80 0.77
HH DTY L 4 24.93 -14.25 -2.57
N M3L L 5 20.44 -14.58 5.19
CA M3L L 5 21.11 -14.33 6.45
CB M3L L 5 20.23 -13.66 7.51
CG M3L L 5 20.99 -12.60 8.34
CD M3L L 5 22.21 -13.22 9.18
CE M3L L 5 23.55 -12.53 8.80
NZ M3L L 5 24.87 -13.24 9.24
C M3L L 5 21.34 -15.71 7.01
O M3L L 5 20.33 -16.46 7.06
OXT M3L L 5 22.49 -16.07 7.40
CM1 M3L L 5 24.87 -13.50 10.69
CM2 M3L L 5 26.00 -12.37 8.99
CM3 M3L L 5 25.06 -14.47 8.45
H M3L L 5 19.69 -14.98 5.19
HA M3L L 5 21.95 -13.88 6.32
HB2 M3L L 5 19.45 -13.28 7.10
HB3 M3L L 5 19.94 -14.33 8.12
HG2 M3L L 5 21.33 -11.92 7.73
HG3 M3L L 5 20.37 -12.18 8.93
HD2 M3L L 5 22.28 -14.16 9.02
HD3 M3L L 5 22.04 -13.09 10.13
HE2 M3L L 5 23.54 -11.68 9.24
HE3 M3L L 5 23.57 -12.41 7.85
HM11 M3L L 5 24.76 -12.66 11.16
HM12 M3L L 5 24.15 -14.09 10.92
HM13 M3L L 5 25.72 -13.90 10.95
HM21 M3L L 5 25.94 -11.61 9.58
HM22 M3L L 5 25.98 -12.08 8.07
HM23 M3L L 5 26.83 -12.84 9.17
HM31 M3L L 5 25.02 -14.24 7.51
HM32 M3L L 5 24.36 -15.10 8.66
HM33 M3L L 5 25.92 -14.87 8.66
C02 UQ4 M 1 5.80 -19.47 -7.10
C50 UQ4 M 1 5.18 -18.11 -7.01
C51 UQ4 M 1 3.94 -18.09 -6.14
C53 UQ4 M 1 4.43 -18.66 -3.64
C54 UQ4 M 1 3.72 -17.63 -3.05
C55 UQ4 M 1 4.03 -17.19 -1.74
C56 UQ4 M 1 5.05 -17.84 -1.04
C60 UQ4 M 1 5.75 -18.88 -1.61
C64 UQ4 M 1 5.42 -19.31 -2.93
N52 UQ4 M 1 4.08 -19.11 -5.04
N57 UQ4 M 1 5.37 -17.41 0.33
N61 UQ4 M 1 6.75 -19.68 -1.21
N63 UQ4 M 1 6.27 -20.32 -3.22
O01 UQ4 M 1 5.57 -20.24 -6.23
O58 UQ4 M 1 6.10 -18.26 1.16
O59 UQ4 M 1 4.99 -16.36 0.73
O62 UQ4 M 1 7.03 -20.52 -2.17
H501 UQ4 M 1 4.94 -17.91 -7.92
H502 UQ4 M 1 5.85 -17.50 -6.67
H512 UQ4 M 1 3.19 -18.34 -6.68
H511 UQ4 M 1 3.79 -17.21 -5.77
H541 UQ4 M 1 3.05 -17.20 -3.53
H551 UQ4 M 1 3.58 -16.51 -1.35
H521 UQ4 M 1 3.96 -19.93 -5.21
N DPN M 2 6.64 -19.85 -8.23
CA DPN M 2 7.07 -19.02 -9.36
C DPN M 2 8.56 -18.78 -9.17
O DPN M 2 9.09 -17.85 -9.65
CB DPN M 2 6.83 -19.79 -10.63
CG DPN M 2 5.56 -19.33 -11.34
CD1 DPN M 2 4.32 -19.51 -10.75
CD2 DPN M 2 5.65 -18.74 -12.59
CE1 DPN M 2 3.16 -19.09 -11.41
CE2 DPN M 2 4.49 -18.31 -13.25
CZ DPN M 2 3.25 -18.49 -12.66
H DPN M 2 6.97 -20.64 -8.21
HA DPN M 2 6.60 -18.19 -9.40
HB2 DPN M 2 6.74 -20.73 -10.40
HB3 DPN M 2 7.59 -19.66 -11.22
HD1 DPN M 2 4.27 -19.90 -9.91
HD2 DPN M 2 6.48 -18.62 -12.97
HE1 DPN M 2 2.33 -19.20 -11.02
HE2 DPN M 2 4.56 -17.92 -14.08
HZ DPN M 2 2.49 -18.21 -13.10
N DPN M 3 9.32 -19.75 -8.33
CA DPN M 3 10.70 -19.59 -7.98
C DPN M 3 11.62 -19.62 -9.24
O DPN M 3 12.38 -20.51 -9.38
CB DPN M 3 10.84 -18.30 -7.19
CG DPN M 3 9.96 -18.20 -5.88
CD1 DPN M 3 10.58 -18.15 -4.64
CD2 DPN M 3 8.57 -18.12 -5.93
CE1 DPN M 3 9.82 -18.06 -3.49
CE2 DPN M 3 7.81 -18.05 -4.79
CZ DPN M 3 8.43 -18.00 -3.56
H DPN M 3 8.91 -20.40 -7.95
HA DPN M 3 10.94 -20.32 -7.42
HB2 DPN M 3 11.77 -18.20 -6.94
HB3 DPN M 3 10.64 -17.56 -7.77
HD1 DPN M 3 11.51 -18.17 -4.60
HD2 DPN M 3 8.12 -18.17 -6.75
HE1 DPN M 3 10.23 -18.02 -2.65
HE2 DPN M 3 6.88 -18.02 -4.84
HZ DPN M 3 7.92 -17.94 -2.78
N DTY M 4 11.59 -18.49 -10.22
CA DTY M 4 12.45 -18.49 -11.39
C DTY M 4 13.96 -18.42 -11.10
O DTY M 4 14.66 -18.07 -11.97
CB DTY M 4 12.26 -19.78 -12.17
CG DTY M 4 12.24 -19.52 -13.69
CD1 DTY M 4 11.04 -19.50 -14.37
CD2 DTY M 4 13.43 -19.31 -14.37
CE1 DTY M 4 11.01 -19.26 -15.73
CE2 DTY M 4 13.40 -19.08 -15.73
CZ DTY M 4 12.20 -19.05 -16.41
OH DTY M 4 12.15 -18.81 -17.82
H DTY M 4 11.03 -17.85 -10.11
HA DTY M 4 12.21 -17.75 -11.96
HB2 DTY M 4 13.00 -20.38 -11.96
HB3 DTY M 4 11.42 -20.20 -11.92
HD1 DTY M 4 10.25 -19.64 -13.90
HD2 DTY M 4 14.23 -19.32 -13.91
HE1 DTY M 4 10.20 -19.23 -16.20
HE2 DTY M 4 14.20 -18.93 -16.18
HH DTY M 4 11.50 -19.24 -18.16
N M3L M 5 14.55 -18.71 -9.76
CA M3L M 5 15.97 -18.63 -9.52
CB M3L M 5 16.37 -17.81 -8.29
CG M3L M 5 17.64 -16.96 -8.51
CD M3L M 5 18.95 -17.85 -8.78
CE M3L M 5 19.60 -17.45 -10.13
NZ M3L M 5 20.67 -18.42 -10.73
C M3L M 5 16.36 -20.04 -9.14
O M3L M 5 15.67 -20.55 -8.22
OXT M3L M 5 17.31 -20.64 -9.71
CM1 M3L M 5 21.73 -18.70 -9.75
CM2 M3L M 5 21.32 -17.80 -11.86
CM3 M3L M 5 20.01 -19.65 -11.21
H M3L M 5 14.04 -18.96 -9.13
HA M3L M 5 16.46 -18.36 -10.32
HB2 M3L M 5 15.62 -17.25 -8.02
HB3 M3L M 5 16.56 -18.41 -7.57
HG2 M3L M 5 17.48 -16.39 -9.27
HG3 M3L M 5 17.79 -16.41 -7.74
HD2 M3L M 5 18.72 -18.78 -8.81
HD3 M3L M 5 19.59 -17.71 -8.06
HE2 M3L M 5 20.05 -16.61 -9.97
HE3 M3L M 5 18.91 -17.31 -10.80
HM11 M3L M 5 22.15 -17.87 -9.50
HM12 M3L M 5 21.37 -19.11 -8.96
HM13 M3L M 5 22.39 -19.29 -10.13
HM21 M3L M 5 21.79 -17.01 -11.55
HM22 M3L M 5 20.66 -17.53 -12.51
HM23 M3L M 5 21.97 -18.40 -12.27
HM31 M3L M 5 19.31 -19.40 -11.83
HM32 M3L M 5 19.62 -20.13 -10.46
HM33 M3L M 5 20.66 -20.22 -11.65
C02 UQ4 N 1 -4.78 -20.18 -6.02
C50 UQ4 N 1 -4.87 -18.72 -5.71
C51 UQ4 N 1 -4.83 -18.43 -4.22
C53 UQ4 N 1 -2.71 -19.14 -2.88
C54 UQ4 N 1 -2.58 -18.01 -2.12
C55 UQ4 N 1 -1.34 -17.68 -1.53
C56 UQ4 N 1 -0.25 -18.53 -1.70
C60 UQ4 N 1 -0.38 -19.68 -2.44
C64 UQ4 N 1 -1.63 -20.00 -3.04
N52 UQ4 N 1 -4.04 -19.49 -3.50
N57 UQ4 N 1 1.04 -18.21 -1.06
N61 UQ4 N 1 0.45 -20.68 -2.79
N63 UQ4 N 1 -1.45 -21.17 -3.71
O01 UQ4 N 1 -4.40 -20.90 -5.17
O58 UQ4 N 1 2.01 -19.20 -0.96
O59 UQ4 N 1 1.24 -17.13 -0.63
O62 UQ4 N 1 -0.22 -21.55 -3.52
H501 UQ4 N 1 -5.74 -18.47 -6.06
H502 UQ4 N 1 -4.15 -18.28 -6.16
H512 UQ4 N 1 -5.73 -18.47 -3.88
H511 UQ4 N 1 -4.49 -17.56 -4.05
H541 UQ4 N 1 -3.31 -17.44 -2.02
H551 UQ4 N 1 -1.24 -16.92 -1.02
H521 UQ4 N 1 -4.35 -20.28 -3.45
N DPN N 2 -5.19 -20.69 -7.33
CA DPN N 2 -5.66 -19.91 -8.48
C DPN N 2 -4.54 -19.99 -9.51
O DPN N 2 -4.44 -19.19 -10.36
CB DPN N 2 -6.90 -20.56 -9.03
CG DPN N 2 -8.16 -19.82 -8.56
CD1 DPN N 2 -8.45 -19.73 -7.21
CD2 DPN N 2 -9.01 -19.26 -9.50
CE1 DPN N 2 -9.60 -19.06 -6.79
CE2 DPN N 2 -10.16 -18.59 -9.09
CZ DPN N 2 -10.46 -18.49 -7.74
H DPN N 2 -5.11 -21.54 -7.46
HA DPN N 2 -5.84 -19.00 -8.26
HB2 DPN N 2 -6.94 -21.47 -8.70
HB3 DPN N 2 -6.85 -20.55 -9.99
HD1 DPN N 2 -7.88 -20.11 -6.59
HD2 DPN N 2 -8.80 -19.32 -10.39
HE1 DPN N 2 -9.82 -19.00 -5.89
HE2 DPN N 2 -10.73 -18.21 -9.71
HZ DPN N 2 -11.23 -18.05 -7.46
N DPN N 3 -3.55 -21.12 -9.40
CA DPN N 3 -2.41 -21.26 -10.25
C DPN N 3 -2.76 -21.45 -11.73
O DPN N 3 -2.54 -22.47 -12.26
CB DPN N 3 -1.51 -20.03 -10.04
CG DPN N 3 -1.06 -19.78 -8.54
CD1 DPN N 3 0.29 -19.88 -8.24
CD2 DPN N 3 -1.95 -19.43 -7.52
CE1 DPN N 3 0.72 -19.67 -6.94
CE2 DPN N 3 -1.53 -19.22 -6.24
CZ DPN N 3 -0.18 -19.33 -5.95
H DPN N 3 -3.62 -21.67 -8.76
HA DPN N 3 -1.92 -22.03 -9.95
HB2 DPN N 3 -0.73 -20.15 -10.58
HB3 DPN N 3 -1.98 -19.26 -10.36
HD1 DPN N 3 0.89 -20.11 -8.91
HD2 DPN N 3 -2.86 -19.35 -7.71
HE1 DPN N 3 1.62 -19.74 -6.73
HE2 DPN N 3 -2.13 -18.99 -5.57
HZ DPN N 3 0.11 -19.18 -5.07
N DTY N 4 -3.35 -20.33 -12.53
CA DTY N 4 -3.70 -20.49 -13.94
C DTY N 4 -2.51 -20.76 -14.87
O DTY N 4 -2.67 -20.57 -16.02
CB DTY N 4 -4.62 -21.69 -14.10
CG DTY N 4 -5.75 -21.39 -15.10
CD1 DTY N 4 -7.02 -21.11 -14.64
CD2 DTY N 4 -5.48 -21.40 -16.47
CE1 DTY N 4 -8.04 -20.83 -15.54
CE2 DTY N 4 -6.50 -21.13 -17.36
CZ DTY N 4 -7.79 -20.85 -16.89
OH DTY N 4 -8.85 -20.57 -17.80
H DTY N 4 -3.51 -19.59 -12.14
HA DTY N 4 -4.15 -19.70 -14.25
HB2 DTY N 4 -4.09 -22.44 -14.43
HB3 DTY N 4 -5.01 -21.91 -13.24
HD1 DTY N 4 -7.18 -21.09 -13.73
HD2 DTY N 4 -4.62 -21.59 -16.76
HE1 DTY N 4 -8.90 -20.64 -15.23
HE2 DTY N 4 -6.33 -21.14 -18.28
HH DTY N 4 -9.58 -20.83 -17.46
N M3L N 5 -1.16 -21.18 -14.39
CA M3L N 5 -0.06 -21.43 -15.30
CB M3L N 5 1.24 -20.72 -14.92
CG M3L N 5 2.01 -20.15 -16.13
CD M3L N 5 2.48 -21.29 -17.16
CE M3L N 5 1.92 -21.00 -18.59
NZ M3L N 5 1.92 -22.18 -19.62
C M3L N 5 0.25 -22.89 -15.12
O M3L N 5 0.44 -23.26 -13.92
OXT M3L N 5 0.34 -23.67 -16.09
CM1 M3L N 5 3.28 -22.72 -19.76
CM2 M3L N 5 1.55 -21.68 -20.92
CM3 M3L N 5 0.96 -23.22 -19.22
H M3L N 5 -1.04 -21.31 -13.56
HA M3L N 5 -0.31 -21.25 -16.22
HB2 M3L N 5 1.05 -20.02 -14.28
HB3 M3L N 5 1.82 -21.37 -14.49
HG2 M3L N 5 1.43 -19.54 -16.58
HG3 M3L N 5 2.78 -19.67 -15.82
HD2 M3L N 5 2.18 -22.15 -16.87
HD3 M3L N 5 3.44 -21.30 -17.21
HE2 M3L N 5 2.48 -20.32 -18.95
HE3 M3L N 5 1.01 -20.68 -18.51
HM11 M3L N 5 3.86 -22.03 -20.09
HM12 M3L N 5 3.62 -23.03 -18.91
HM13 M3L N 5 3.28 -23.46 -20.38
HM21 M3L N 5 2.19 -20.99 -21.19
HM22 M3L N 5 0.67 -21.29 -20.88
HM23 M3L N 5 1.57 -22.40 -21.58
HM31 M3L N 5 0.08 -22.79 -19.12
HM32 M3L N 5 1.21 -23.60 -18.38
HM33 M3L N 5 0.90 -23.90 -19.89
C02 UQ4 O 1 -11.08 -13.65 2.11
C50 UQ4 O 1 -10.69 -12.21 2.16
C51 UQ4 O 1 -9.56 -11.97 3.16
C53 UQ4 O 1 -7.37 -13.15 2.44
C54 UQ4 O 1 -6.50 -12.08 2.58
C55 UQ4 O 1 -5.30 -12.06 1.85
C56 UQ4 O 1 -4.98 -13.13 1.03
C60 UQ4 O 1 -5.82 -14.20 0.90
C64 UQ4 O 1 -7.05 -14.22 1.62
N52 UQ4 O 1 -8.66 -13.16 3.21
N57 UQ4 O 1 -3.69 -13.12 0.29
N61 UQ4 O 1 -5.80 -15.35 0.20
N63 UQ4 O 1 -7.66 -15.37 1.29
O01 UQ4 O 1 -10.27 -14.46 2.43
O58 UQ4 O 1 -3.18 -14.33 -0.17
O59 UQ4 O 1 -3.12 -12.11 0.12
O62 UQ4 O 1 -6.89 -16.02 0.46
H501 UQ4 O 1 -11.47 -11.74 2.46
H502 UQ4 O 1 -10.41 -11.94 1.29
H512 UQ4 O 1 -9.95 -11.83 4.03
H511 UQ4 O 1 -9.07 -11.17 2.90
H541 UQ4 O 1 -6.74 -11.37 3.13
H551 UQ4 O 1 -4.71 -11.34 1.93
H521 UQ4 O 1 -8.89 -13.84 3.68
N DPN O 2 -12.42 -14.07 1.70
CA DPN O 2 -13.53 -13.22 1.25
C DPN O 2 -13.70 -13.52 -0.23
O DPN O 2 -14.20 -12.75 -0.96
CB DPN O 2 -14.76 -13.60 2.01
CG DPN O 2 -15.06 -12.61 3.14
CD1 DPN O 2 -14.19 -12.50 4.21
CD2 DPN O 2 -16.20 -11.82 3.08
CE1 DPN O 2 -14.47 -11.59 5.24
CE2 DPN O 2 -16.47 -10.91 4.09
CZ DPN O 2 -15.61 -10.79 5.17
H DPN O 2 -12.56 -14.91 1.69
HA DPN O 2 -13.35 -12.28 1.37
HB2 DPN O 2 -14.58 -14.46 2.41
HB3 DPN O 2 -15.51 -13.66 1.40
HD1 DPN O 2 -13.44 -13.03 4.25
HD2 DPN O 2 -16.76 -11.89 2.35
HE1 DPN O 2 -13.89 -11.51 5.97
HE2 DPN O 2 -17.23 -10.38 4.05
HZ DPN O 2 -15.80 -10.19 5.86
N DPN O 3 -13.21 -14.85 -0.73
CA DPN O 3 -13.23 -15.22 -2.11
C DPN O 3 -14.66 -15.28 -2.70
O DPN O 3 -15.11 -16.32 -3.04
CB DPN O 3 -12.34 -14.24 -2.89
CG DPN O 3 -10.86 -14.12 -2.38
CD1 DPN O 3 -9.83 -14.52 -3.21
CD2 DPN O 3 -10.53 -13.59 -1.13
CE1 DPN O 3 -8.50 -14.41 -2.78
CE2 DPN O 3 -9.24 -13.50 -0.70
CZ DPN O 3 -8.21 -13.90 -1.52
H DPN O 3 -12.82 -15.39 -0.19
HA DPN O 3 -12.83 -16.09 -2.18
HB2 DPN O 3 -12.33 -14.52 -3.81
HB3 DPN O 3 -12.75 -13.37 -2.85
HD1 DPN O 3 -10.03 -14.86 -4.05
HD2 DPN O 3 -11.21 -13.31 -0.54
HE1 DPN O 3 -7.81 -14.69 -3.33
HE2 DPN O 3 -9.04 -13.15 0.14
HZ DPN O 3 -7.33 -13.82 -1.23
N DTY O 4 -15.46 -14.04 -2.91
CA DTY O 4 -16.80 -14.08 -3.47
C DTY O 4 -16.88 -14.59 -4.91
O DTY O 4 -17.86 -14.35 -5.52
CB DTY O 4 -17.66 -15.04 -2.65
CG DTY O 4 -19.08 -14.46 -2.43
CD1 DTY O 4 -19.42 -13.92 -1.20
CD2 DTY O 4 -20.00 -14.49 -3.46
CE1 DTY O 4 -20.69 -13.40 -0.99
CE2 DTY O 4 -21.27 -13.98 -3.25
CZ DTY O 4 -21.61 -13.44 -2.02
OH DTY O 4 -22.91 -12.91 -1.79
H DTY O 4 -15.12 -13.29 -2.67
HA DTY O 4 -17.19 -13.19 -3.42
HB2 DTY O 4 -17.71 -15.87 -3.13
HB3 DTY O 4 -17.24 -15.18 -1.79
HD1 DTY O 4 -18.78 -13.90 -0.52
HD2 DTY O 4 -19.76 -14.87 -4.28
HE1 DTY O 4 -20.91 -13.04 -0.16
HE2 DTY O 4 -21.90 -14.01 -3.94
HH DTY O 4 -23.14 -13.05 -0.98
N M3L O 5 -15.77 -15.31 -5.60
CA M3L O 5 -15.90 -15.77 -6.98
CB M3L O 5 -14.70 -15.39 -7.88
CG M3L O 5 -15.15 -14.99 -9.30
CD M3L O 5 -15.86 -16.18 -10.10
CE M3L O 5 -17.25 -15.73 -10.64
NZ M3L O 5 -18.24 -16.85 -11.10
C M3L O 5 -15.80 -17.27 -6.86
O M3L O 5 -14.80 -17.72 -6.24
OXT M3L O 5 -16.66 -18.03 -7.40
CM1 M3L O 5 -17.60 -17.68 -12.14
CM2 M3L O 5 -19.40 -16.24 -11.73
CM3 M3L O 5 -18.69 -17.66 -9.96
H M3L O 5 -15.06 -15.48 -5.17
HA M3L O 5 -16.73 -15.50 -7.37
HB2 M3L O 5 -14.18 -14.69 -7.47
HB3 M3L O 5 -14.14 -16.17 -7.98
HG2 M3L O 5 -15.77 -14.24 -9.23
HG3 M3L O 5 -14.38 -14.70 -9.79
HD2 M3L O 5 -15.96 -16.95 -9.55
HD3 M3L O 5 -15.31 -16.43 -10.86
HE2 M3L O 5 -17.07 -15.17 -11.39
HE3 M3L O 5 -17.69 -15.21 -9.94
HM11 M3L O 5 -17.28 -17.11 -12.86
HM12 M3L O 5 -16.85 -18.14 -11.76
HM13 M3L O 5 -18.25 -18.31 -12.49
HM21 M3L O 5 -19.12 -15.79 -12.54
HM22 M3L O 5 -19.79 -15.61 -11.12
HM23 M3L O 5 -20.04 -16.92 -11.96
HM31 M3L O 5 -19.07 -17.07 -9.29
HM32 M3L O 5 -17.94 -18.14 -9.58
HM33 M3L O 5 -19.36 -18.30 -10.25
C02 UQ4 P 1 -7.42 -11.12 11.77
C50 UQ4 P 1 -6.91 -9.82 11.26
C51 UQ4 P 1 -5.44 -9.88 10.83
C53 UQ4 P 1 -4.82 -11.51 8.89
C54 UQ4 P 1 -3.99 -10.65 8.20
C55 UQ4 P 1 -3.71 -10.89 6.84
C56 UQ4 P 1 -4.27 -11.99 6.20
C60 UQ4 P 1 -5.09 -12.86 6.90
C64 UQ4 P 1 -5.37 -12.62 8.27
N52 UQ4 P 1 -5.11 -11.25 10.36
N57 UQ4 P 1 -3.96 -12.26 4.78
N61 UQ4 P 1 -5.77 -13.99 6.59
N63 UQ4 P 1 -6.20 -13.60 8.68
O01 UQ4 P 1 -6.79 -12.10 11.51
O58 UQ4 P 1 -4.29 -13.50 4.23
O59 UQ4 P 1 -3.42 -11.43 4.14
O62 UQ4 P 1 -6.39 -14.40 7.66
H501 UQ4 P 1 -6.99 -9.20 12.00
H502 UQ4 P 1 -7.46 -9.56 10.51
H512 UQ4 P 1 -4.88 -9.68 11.59
H511 UQ4 P 1 -5.28 -9.22 10.15
H541 UQ4 P 1 -3.63 -9.91 8.63
H551 UQ4 P 1 -3.16 -10.32 6.37
H521 UQ4 P 1 -5.07 -11.89 10.91
N DPN P 2 -8.62 -11.19 12.59
CA DPN P 2 -9.50 -10.08 12.98
C DPN P 2 -10.80 -10.29 12.20
O DPN P 2 -11.53 -9.41 11.99
CB DPN P 2 -9.75 -10.18 14.45
CG DPN P 2 -8.92 -9.17 15.24
CD1 DPN P 2 -7.54 -9.27 15.27
CD2 DPN P 2 -9.56 -8.17 15.96
CE1 DPN P 2 -6.79 -8.33 16.00
CE2 DPN P 2 -8.81 -7.24 16.69
CZ DPN P 2 -7.44 -7.32 16.71
H DPN P 2 -8.86 -11.97 12.84
HA DPN P 2 -9.12 -9.22 12.76
HB2 DPN P 2 -9.49 -11.07 14.71
HB3 DPN P 2 -10.69 -10.04 14.62
HD1 DPN P 2 -7.12 -9.94 14.80
HD2 DPN P 2 -10.49 -8.11 15.93
HE1 DPN P 2 -5.87 -8.39 16.02
HE2 DPN P 2 -9.24 -6.57 17.15
HZ DPN P 2 -6.94 -6.71 17.20
N DPN P 3 -11.09 -11.68 11.70
CA DPN P 3 -12.23 -12.01 10.88
C DPN P 3 -13.59 -11.78 11.58
O DPN P 3 -14.25 -12.70 11.89
CB DPN P 3 -12.10 -11.22 9.59
CG DPN P 3 -10.77 -11.45 8.78
CD1 DPN P 3 -10.85 -12.06 7.54
CD2 DPN P 3 -9.52 -11.05 9.25
CE1 DPN P 3 -9.69 -12.27 6.79
CE2 DPN P 3 -8.37 -11.28 8.52
CZ DPN P 3 -8.46 -11.88 7.28
H DPN P 3 -10.53 -12.31 11.83
HA DPN P 3 -12.16 -12.94 10.66
HB2 DPN P 3 -12.85 -11.46 9.02
HB3 DPN P 3 -12.18 -10.28 9.78
HD1 DPN P 3 -11.68 -12.31 7.20
HD2 DPN P 3 -9.44 -10.65 10.08
HE1 DPN P 3 -9.75 -12.69 5.95
HE2 DPN P 3 -7.54 -11.01 8.85
HZ DPN P 3 -7.68 -12.02 6.79
N DTY P 4 -14.09 -10.39 11.82
CA DTY P 4 -15.38 -10.14 12.46
C DTY P 4 -16.59 -10.60 11.66
O DTY P 4 -17.64 -10.15 11.96
CB DTY P 4 -15.44 -10.90 13.79
CG DTY P 4 -16.08 -10.02 14.90
CD1 DTY P 4 -15.28 -9.45 15.87
CD2 DTY P 4 -17.45 -9.82 14.92
CE1 DTY P 4 -15.84 -8.67 16.87
CE2 DTY P 4 -18.02 -9.04 15.91
CZ DTY P 4 -17.19 -8.47 16.89
OH DTY P 4 -17.76 -7.67 17.92
H DTY P 4 -13.60 -9.73 11.59
HA DTY P 4 -15.46 -9.19 12.65
HB2 DTY P 4 -15.98 -11.69 13.65
HB3 DTY P 4 -14.56 -11.14 14.07
HD1 DTY P 4 -14.36 -9.60 15.85
HD2 DTY P 4 -17.99 -10.21 14.26
HE1 DTY P 4 -15.30 -8.29 17.52
HE2 DTY P 4 -18.93 -8.90 15.93
HH DTY P 4 -17.36 -7.83 18.65
N M3L P 5 -16.50 -11.51 10.49
CA M3L P 5 -17.69 -11.92 9.76
CB M3L P 5 -17.56 -11.79 8.23
CG M3L P 5 -18.86 -11.26 7.57
CD M3L P 5 -20.11 -12.25 7.76
CE M3L P 5 -21.31 -11.50 8.40
NZ M3L P 5 -22.44 -12.37 9.05
C M3L P 5 -17.77 -13.42 9.97
O M3L P 5 -16.72 -14.06 9.70
OXT M3L P 5 -18.82 -13.97 10.37
CM1 M3L P 5 -22.98 -13.30 8.06
CM2 M3L P 5 -23.54 -11.51 9.44
CM3 M3L P 5 -21.94 -13.07 10.24
H M3L P 5 -15.74 -11.83 10.27
HA M3L P 5 -18.49 -11.48 10.07
HB2 M3L P 5 -16.82 -11.21 8.02
HB3 M3L P 5 -17.39 -12.66 7.85
HG2 M3L P 5 -19.06 -10.40 7.96
HG3 M3L P 5 -18.69 -11.14 6.63
HD2 M3L P 5 -19.86 -12.99 8.31
HD3 M3L P 5 -20.37 -12.59 6.90
HE2 M3L P 5 -21.73 -10.99 7.69
HE3 M3L P 5 -20.98 -10.89 9.08
HM11 M3L P 5 -23.28 -12.81 7.28
HM12 M3L P 5 -22.30 -13.93 7.80
HM13 M3L P 5 -23.74 -13.78 8.45
HM21 M3L P 5 -23.92 -11.10 8.66
HM22 M3L P 5 -23.21 -10.82 10.04
HM23 M3L P 5 -24.22 -12.03 9.89
HM31 M3L P 5 -21.57 -12.41 10.87
HM32 M3L P 5 -21.25 -13.70 10.00
HM33 M3L P 5 -22.67 -13.54 10.68
C02 UQ4 Q 1 2.64 -9.47 14.77
C50 UQ4 Q 1 2.78 -8.27 13.88
C51 UQ4 Q 1 3.52 -8.61 12.60
C53 UQ4 Q 1 2.20 -10.29 11.12
C54 UQ4 Q 1 2.28 -9.61 9.92
C55 UQ4 Q 1 1.33 -9.84 8.91
C56 UQ4 Q 1 0.31 -10.77 9.13
C60 UQ4 Q 1 0.24 -11.46 10.31
C64 UQ4 Q 1 1.19 -11.22 11.33
N52 UQ4 Q 1 3.22 -10.01 12.20
N57 UQ4 Q 1 -0.67 -11.03 8.06
N61 UQ4 Q 1 -0.60 -12.40 10.81
N63 UQ4 Q 1 0.86 -12.02 12.37
O01 UQ4 Q 1 2.66 -10.53 14.27
O58 UQ4 Q 1 -1.39 -12.23 8.09
O59 UQ4 Q 1 -0.82 -10.25 7.19
O62 UQ4 Q 1 -0.20 -12.71 12.01
H501 UQ4 Q 1 3.31 -7.64 14.38
H502 UQ4 Q 1 1.90 -7.93 13.67
H512 UQ4 Q 1 4.46 -8.53 12.77
H511 UQ4 Q 1 3.27 -7.98 11.91
H541 UQ4 Q 1 2.95 -8.98 9.80
H551 UQ4 Q 1 1.38 -9.39 8.11
H521 UQ4 Q 1 3.63 -10.66 12.57
N DPN Q 2 2.49 -9.33 16.22
CA DPN Q 2 2.41 -8.09 17.00
C DPN Q 2 0.98 -8.02 17.52
O DPN Q 2 0.48 -6.99 17.80
CB DPN Q 2 3.37 -8.19 18.14
CG DPN Q 2 4.65 -7.40 17.88
CD1 DPN Q 2 5.51 -7.80 16.87
CD2 DPN Q 2 4.94 -6.29 18.65
CE1 DPN Q 2 6.67 -7.06 16.63
CE2 DPN Q 2 6.10 -5.56 18.41
CZ DPN Q 2 6.97 -5.96 17.40
H DPN Q 2 2.40 -10.05 16.66
HA DPN Q 2 2.61 -7.30 16.48
HB2 DPN Q 2 3.60 -9.12 18.23
HB3 DPN Q 2 2.94 -7.89 18.96
HD1 DPN Q 2 5.30 -8.54 16.36
HD2 DPN Q 2 4.36 -6.03 19.32
HE1 DPN Q 2 7.26 -7.32 15.96
HE2 DPN Q 2 6.30 -4.81 18.92
HZ DPN Q 2 7.75 -5.46 17.24
N DPN Q 3 0.21 -9.30 17.62
CA DPN Q 3 -1.17 -9.38 18.00
C DPN Q 3 -1.45 -8.86 19.43
O DPN Q 3 -1.77 -9.63 20.26
CB DPN Q 3 -1.99 -8.60 16.96
CG DPN Q 3 -1.81 -9.08 15.47
CD1 DPN Q 3 -2.90 -9.61 14.79
CD2 DPN Q 3 -0.61 -8.95 14.77
CE1 DPN Q 3 -2.77 -10.02 13.47
CE2 DPN Q 3 -0.47 -9.37 13.47
CZ DPN Q 3 -1.55 -9.90 12.81
H DPN Q 3 0.57 -10.03 17.37
HA DPN Q 3 -1.43 -10.29 17.94
HB2 DPN Q 3 -2.91 -8.68 17.20
HB3 DPN Q 3 -1.74 -7.68 17.01
HD1 DPN Q 3 -3.72 -9.69 15.23
HD2 DPN Q 3 0.14 -8.60 15.20
HE1 DPN Q 3 -3.49 -10.39 13.03
HE2 DPN Q 3 0.35 -9.28 13.04
HZ DPN Q 3 -1.46 -10.18 11.93
N DTY Q 4 -1.36 -7.41 19.75
CA DTY Q 4 -1.61 -6.91 21.09
C DTY Q 4 -3.07 -7.08 21.55
O DTY Q 4 -3.42 -6.44 22.47
CB DTY Q 4 -0.75 -7.65 22.09
CG DTY Q 4 -0.17 -6.70 23.16
CD1 DTY Q 4 1.17 -6.34 23.10
CD2 DTY Q 4 -0.98 -6.23 24.17
CE1 DTY Q 4 1.70 -5.49 24.05
CE2 DTY Q 4 -0.44 -5.36 25.13
CZ DTY Q 4 0.90 -5.01 25.05
OH DTY Q 4 1.46 -4.13 26.03
H DTY Q 4 -1.12 -6.87 19.14
HA DTY Q 4 -1.39 -5.96 21.13
HB2 DTY Q 4 -1.31 -8.32 22.53
HB3 DTY Q 4 -0.03 -8.09 21.63
HD1 DTY Q 4 1.70 -6.68 22.42
HD2 DTY Q 4 -1.87 -6.47 24.20
HE1 DTY Q 4 2.60 -5.25 24.01
HE2 DTY Q 4 -0.99 -5.04 25.81
HH DTY Q 4 2.25 -4.38 26.20
N M3L Q 5 -4.05 -7.95 20.86
CA M3L Q 5 -5.41 -8.09 21.33
CB M3L Q 5 -6.48 -7.96 20.23
CG M3L Q 5 -7.73 -7.16 20.69
CD M3L Q 5 -8.50 -7.88 21.91
CE M3L Q 5 -8.66 -6.89 23.11
NZ M3L Q 5 -9.02 -7.52 24.49
C M3L Q 5 -5.52 -9.54 21.75
O M3L Q 5 -5.16 -10.39 20.89
OXT M3L Q 5 -5.96 -9.86 22.88
CM1 M3L Q 5 -10.26 -8.29 24.39
CM2 M3L Q 5 -9.28 -6.44 25.44
CM3 M3L Q 5 -7.90 -8.33 25.00
H M3L Q 5 -3.80 -8.41 20.19
HA M3L Q 5 -5.60 -7.50 22.07
HB2 M3L Q 5 -6.08 -7.53 19.45
HB3 M3L Q 5 -6.78 -8.84 19.97
HG2 M3L Q 5 -7.42 -6.29 20.97
HG3 M3L Q 5 -8.32 -7.06 19.95
HD2 M3L Q 5 -8.03 -8.67 22.19
HD3 M3L Q 5 -9.38 -8.14 21.60
HE2 M3L Q 5 -9.36 -6.27 22.87
HE3 M3L Q 5 -7.82 -6.41 23.21
HM11 M3L Q 5 -10.96 -7.71 24.05
HM12 M3L Q 5 -10.15 -9.01 23.78
HM13 M3L Q 5 -10.51 -8.61 25.27
HM21 M3L Q 5 -10.03 -5.92 25.12
HM22 M3L Q 5 -8.49 -5.89 25.51
HM23 M3L Q 5 -9.50 -6.82 26.30
HM31 M3L Q 5 -7.11 -7.78 25.05
HM32 M3L Q 5 -7.74 -9.08 24.42
HM33 M3L Q 5 -8.12 -8.65 25.89
C02 UQ4 R 1 11.49 -10.15 8.93
C50 UQ4 R 1 11.06 -9.01 8.08
C51 UQ4 R 1 10.40 -9.47 6.79
C53 UQ4 R 1 8.18 -10.82 7.09
C54 UQ4 R 1 7.42 -10.16 6.14
C55 UQ4 R 1 6.01 -10.18 6.22
C56 UQ4 R 1 5.39 -10.89 7.22
C60 UQ4 R 1 6.13 -11.57 8.17
C64 UQ4 R 1 7.56 -11.54 8.10
N52 UQ4 R 1 9.69 -10.77 7.01
N57 UQ4 R 1 3.91 -10.94 7.28
N61 UQ4 R 1 5.84 -12.32 9.25
N63 UQ4 R 1 8.01 -12.27 9.15
O01 UQ4 R 1 10.98 -11.21 8.75
O58 UQ4 R 1 3.29 -11.89 8.10
O59 UQ4 R 1 3.27 -10.21 6.61
O62 UQ4 R 1 6.96 -12.73 9.79
H501 UQ4 R 1 11.88 -8.55 7.87
H502 UQ4 R 1 10.45 -8.48 8.59
H512 UQ4 R 1 11.08 -9.61 6.12
H511 UQ4 R 1 9.78 -8.80 6.48
H541 UQ4 R 1 7.85 -9.67 5.48
H551 UQ4 R 1 5.51 -9.74 5.58
H521 UQ4 R 1 10.14 -11.49 7.08
N DPN R 2 12.53 -9.99 9.96
CA DPN R 2 13.24 -8.77 10.33
C DPN R 2 12.73 -8.41 11.72
O DPN R 2 12.78 -7.31 12.11
CB DPN R 2 14.70 -9.08 10.39
CG DPN R 2 15.44 -8.58 9.14
CD1 DPN R 2 15.18 -9.12 7.91
CD2 DPN R 2 16.37 -7.56 9.27
CE1 DPN R 2 15.86 -8.65 6.77
CE2 DPN R 2 17.05 -7.09 8.15
CZ DPN R 2 16.79 -7.64 6.90
H DPN R 2 12.71 -10.69 10.41
HA DPN R 2 13.08 -8.04 9.71
HB2 DPN R 2 14.77 -10.03 10.41
HB3 DPN R 2 15.08 -8.69 11.19
HD1 DPN R 2 14.56 -9.81 7.83
HD2 DPN R 2 16.53 -7.19 10.11
HE1 DPN R 2 15.69 -9.02 5.93
HE2 DPN R 2 17.68 -6.40 8.24
HZ DPN R 2 17.25 -7.31 6.16
N DPN R 3 12.14 -9.50 12.55
CA DPN R 3 11.54 -9.29 13.83
C DPN R 3 12.54 -8.75 14.89
O DPN R 3 12.84 -9.43 15.80
CB DPN R 3 10.35 -8.35 13.65
CG DPN R 3 9.26 -8.84 12.62
CD1 DPN R 3 7.99 -9.14 13.09
CD2 DPN R 3 9.50 -8.95 11.25
CE1 DPN R 3 7.00 -9.57 12.20
CE2 DPN R 3 8.53 -9.39 10.38
CZ DPN R 3 7.27 -9.69 10.86
H DPN R 3 12.07 -10.29 12.23
HA DPN R 3 11.21 -10.12 14.14
HB2 DPN R 3 9.92 -8.22 14.51
HB3 DPN R 3 10.66 -7.50 13.35
HD1 DPN R 3 7.80 -9.06 14.00
HD2 DPN R 3 10.34 -8.76 10.92
HE1 DPN R 3 6.15 -9.79 12.53
HE2 DPN R 3 8.72 -9.47 9.47
HZ DPN R 3 6.62 -9.98 10.26
N DTY R 4 13.09 -7.37 14.79
CA DTY R 4 14.02 -6.84 15.77
C DTY R 4 13.45 -6.68 17.19
O DTY R 4 14.02 -5.97 17.93
CB DTY R 4 15.21 -7.79 15.92
CG DTY R 4 16.54 -7.01 16.04
CD1 DTY R 4 17.38 -6.93 14.94
CD2 DTY R 4 16.88 -6.41 17.24
CE1 DTY R 4 18.58 -6.23 15.03
CE2 DTY R 4 18.07 -5.71 17.32
CZ DTY R 4 18.92 -5.63 16.22
OH DTY R 4 20.15 -4.92 16.30
H DTY R 4 12.86 -6.88 14.12
HA DTY R 4 14.36 -5.98 15.47
HB2 DTY R 4 15.07 -8.31 16.73
HB3 DTY R 4 15.25 -8.38 15.16
HD1 DTY R 4 17.13 -7.34 14.14
HD2 DTY R 4 16.31 -6.47 17.96
HE1 DTY R 4 19.15 -6.18 14.30
HE2 DTY R 4 18.31 -5.30 18.13
HH DTY R 4 20.71 -5.28 15.77
N M3L R 5 12.20 -7.34 17.64
CA M3L R 5 11.69 -7.16 18.99
CB M3L R 5 10.20 -6.79 19.06
CG M3L R 5 9.91 -5.75 20.18
CD M3L R 5 10.21 -6.31 21.65
CE M3L R 5 11.20 -5.37 22.41
NZ M3L R 5 11.90 -5.94 23.68
C M3L R 5 11.73 -8.56 19.57
O M3L R 5 11.17 -9.44 18.88
OXT M3L R 5 12.29 -8.79 20.67
CM1 M3L R 5 10.92 -6.43 24.64
CM2 M3L R 5 12.63 -4.89 24.34
CM3 M3L R 5 12.88 -6.99 23.29
H M3L R 5 11.79 -7.85 17.11
HA M3L R 5 12.24 -6.55 19.51
HB2 M3L R 5 9.93 -6.44 18.21
HB3 M3L R 5 9.69 -7.56 19.27
HG2 M3L R 5 10.47 -4.98 20.01
HG3 M3L R 5 8.98 -5.49 20.12
HD2 M3L R 5 10.58 -7.20 21.61
HD3 M3L R 5 9.38 -6.35 22.15
HE2 M3L R 5 10.69 -4.60 22.68
HE3 M3L R 5 11.88 -5.10 21.79
HM11 M3L R 5 10.36 -5.68 24.92
HM12 M3L R 5 10.34 -7.09 24.24
HM13 M3L R 5 11.37 -6.79 25.41
HM21 M3L R 5 12.02 -4.18 24.61
HM22 M3L R 5 13.30 -4.52 23.74
HM23 M3L R 5 13.07 -5.24 25.13
HM31 M3L R 5 13.52 -6.60 22.67
HM32 M3L R 5 12.43 -7.72 22.86
HM33 M3L R 5 13.34 -7.30 24.07
C02 UQ4 S 1 12.52 -12.54 -1.39
C50 UQ4 S 1 11.77 -11.30 -1.79
C51 UQ4 S 1 10.31 -11.59 -2.08
C53 UQ4 S 1 8.95 -12.44 -0.02
C54 UQ4 S 1 7.84 -11.62 -0.16
C55 UQ4 S 1 7.01 -11.35 0.94
C56 UQ4 S 1 7.30 -11.92 2.17
C60 UQ4 S 1 8.38 -12.76 2.32
C64 UQ4 S 1 9.22 -13.03 1.20
N52 UQ4 S 1 9.83 -12.72 -1.23
N57 UQ4 S 1 6.42 -11.67 3.33
N61 UQ4 S 1 8.91 -13.46 3.35
N63 UQ4 S 1 10.20 -13.85 1.64
O01 UQ4 S 1 11.90 -13.45 -0.96
O58 UQ4 S 1 6.49 -12.51 4.44
O59 UQ4 S 1 5.65 -10.77 3.29
O62 UQ4 S 1 9.97 -14.09 2.92
H501 UQ4 S 1 12.21 -11.01 -2.59
H502 UQ4 S 1 11.86 -10.67 -1.07
H512 UQ4 S 1 10.23 -11.85 -3.00
H511 UQ4 S 1 9.79 -10.80 -1.92
H541 UQ4 S 1 7.67 -11.23 -0.99
H551 UQ4 S 1 6.28 -10.79 0.85
H521 UQ4 S 1 10.05 -13.52 -1.42
N DPN S 2 13.97 -12.62 -1.54
CA DPN S 2 14.90 -11.60 -2.02
C DPN S 2 15.69 -11.15 -0.79
O DPN S 2 16.18 -10.10 -0.75
CB DPN S 2 15.80 -12.20 -3.04
CG DPN S 2 15.37 -11.84 -4.46
CD1 DPN S 2 14.14 -12.27 -4.93
CD2 DPN S 2 16.20 -11.09 -5.27
CE1 DPN S 2 13.74 -11.92 -6.24
CE2 DPN S 2 15.81 -10.75 -6.56
CZ DPN S 2 14.58 -11.17 -7.05
H DPN S 2 14.33 -13.35 -1.28
HA DPN S 2 14.43 -10.84 -2.39
HB2 DPN S 2 15.76 -13.15 -2.93
HB3 DPN S 2 16.71 -11.89 -2.88
HD1 DPN S 2 13.59 -12.77 -4.39
HD2 DPN S 2 17.03 -10.80 -4.93
HE1 DPN S 2 12.92 -12.21 -6.56
HE2 DPN S 2 16.37 -10.24 -7.10
HZ DPN S 2 14.32 -10.96 -7.91
N DPN S 3 15.78 -12.12 0.35
CA DPN S 3 16.43 -11.80 1.60
C DPN S 3 17.94 -11.52 1.44
O DPN S 3 18.72 -12.27 1.91
CB DPN S 3 15.69 -10.63 2.23
CG DPN S 3 14.15 -10.84 2.47
CD1 DPN S 3 13.67 -10.86 3.77
CD2 DPN S 3 13.24 -10.99 1.42
CE1 DPN S 3 12.30 -11.04 4.01
CE2 DPN S 3 11.90 -11.18 1.66
CZ DPN S 3 11.42 -11.20 2.95
H DPN S 3 15.38 -12.86 0.31
HA DPN S 3 16.32 -12.56 2.17
HB2 DPN S 3 16.11 -10.43 3.08
HB3 DPN S 3 15.81 -9.86 1.67
HD1 DPN S 3 14.25 -10.75 4.49
HD2 DPN S 3 13.54 -10.99 0.54
HE1 DPN S 3 11.99 -11.05 4.88
HE2 DPN S 3 11.31 -11.29 0.94
HZ DPN S 3 10.51 -11.33 3.11
N DTY S 4 18.42 -10.27 0.77
CA DTY S 4 19.84 -9.98 0.62
C DTY S 4 20.59 -9.73 1.94
O DTY S 4 21.62 -9.18 1.89
CB DTY S 4 20.55 -11.16 -0.03
CG DTY S 4 21.58 -10.68 -1.08
CD1 DTY S 4 21.27 -10.78 -2.43
CD2 DTY S 4 22.80 -10.17 -0.66
CE1 DTY S 4 22.19 -10.35 -3.37
CE2 DTY S 4 23.71 -9.74 -1.61
CZ DTY S 4 23.40 -9.84 -2.96
OH DTY S 4 24.33 -9.39 -3.95
H DTY S 4 17.84 -9.74 0.44
HA DTY S 4 19.95 -9.20 0.05
HB2 DTY S 4 21.00 -11.66 0.67
HB3 DTY S 4 19.89 -11.73 -0.46
HD1 DTY S 4 20.45 -11.11 -2.68
HD2 DTY S 4 22.98 -10.11 0.24
HE1 DTY S 4 21.99 -10.41 -4.28
HE2 DTY S 4 24.53 -9.40 -1.33
HH DTY S 4 24.26 -9.89 -4.64
N M3L S 5 20.04 -10.11 3.27
CA M3L S 5 20.76 -9.88 4.50
CB M3L S 5 19.94 -9.18 5.59
CG M3L S 5 20.74 -8.13 6.39
CD M3L S 5 21.98 -8.77 7.19
CE M3L S 5 23.32 -8.09 6.75
NZ M3L S 5 24.65 -8.82 7.13
C M3L S 5 21.00 -11.25 5.05
O M3L S 5 19.99 -11.99 5.15
OXT M3L S 5 22.16 -11.63 5.40
CM1 M3L S 5 24.70 -9.07 8.59
CM2 M3L S 5 25.78 -7.96 6.83
CM3 M3L S 5 24.79 -10.05 6.34
H M3L S 5 19.29 -10.51 3.32
HA M3L S 5 21.59 -9.40 4.34
HB2 M3L S 5 19.15 -8.77 5.21
HB3 M3L S 5 19.65 -9.85 6.23
HG2 M3L S 5 21.07 -7.47 5.77
HG3 M3L S 5 20.15 -7.71 7.01
HD2 M3L S 5 22.03 -9.72 7.04
HD3 M3L S 5 21.86 -8.62 8.13
HE2 M3L S 5 23.34 -7.22 7.16
HE3 M3L S 5 23.30 -7.99 5.79
HM11 M3L S 5 24.70 -8.23 9.05
HM12 M3L S 5 23.94 -9.58 8.87
HM13 M3L S 5 25.52 -9.54 8.79
HM21 M3L S 5 25.72 -7.15 7.35
HM22 M3L S 5 25.76 -7.73 5.89
HM23 M3L S 5 26.59 -8.43 7.05
HM31 M3L S 5 24.77 -9.83 5.39
HM32 M3L S 5 24.07 -10.65 6.54
HM33 M3L S 5 25.63 -10.48 6.55
C02 UQ4 T 1 4.84 -14.85 -8.39
C50 UQ4 T 1 4.26 -13.48 -8.28
C51 UQ4 T 1 3.05 -13.47 -7.35
C53 UQ4 T 1 3.62 -14.03 -4.87
C54 UQ4 T 1 2.96 -12.99 -4.26
C55 UQ4 T 1 3.33 -12.56 -2.97
C56 UQ4 T 1 4.37 -13.21 -2.31
C60 UQ4 T 1 5.02 -14.26 -2.91
C64 UQ4 T 1 4.64 -14.69 -4.20
N52 UQ4 T 1 3.22 -14.47 -6.27
N57 UQ4 T 1 4.75 -12.77 -0.95
N61 UQ4 T 1 6.04 -15.07 -2.54
N63 UQ4 T 1 5.47 -15.71 -4.52
O01 UQ4 T 1 4.64 -15.62 -7.51
O58 UQ4 T 1 5.50 -13.64 -0.15
O59 UQ4 T 1 4.40 -11.72 -0.54
O62 UQ4 T 1 6.27 -15.91 -3.51
H501 UQ4 T 1 3.97 -13.28 -9.17
H502 UQ4 T 1 4.95 -12.90 -7.96
H512 UQ4 T 1 2.26 -13.68 -7.86
H511 UQ4 T 1 2.95 -12.58 -6.98
H541 UQ4 T 1 2.28 -12.55 -4.72
H551 UQ4 T 1 2.90 -11.86 -2.57
H521 UQ4 T 1 3.08 -15.29 -6.42
N DPN T 2 5.64 -15.25 -9.55
CA DPN T 2 6.02 -14.43 -10.70
C DPN T 2 7.53 -14.20 -10.58
O DPN T 2 8.04 -13.29 -11.08
CB DPN T 2 5.73 -15.20 -11.96
CG DPN T 2 4.44 -14.73 -12.62
CD1 DPN T 2 3.22 -14.89 -11.97
CD2 DPN T 2 4.48 -14.14 -13.87
CE1 DPN T 2 2.04 -14.45 -12.59
CE2 DPN T 2 3.31 -13.70 -14.48
CZ DPN T 2 2.09 -13.86 -13.83
H DPN T 2 5.96 -16.05 -9.55
HA DPN T 2 5.57 -13.59 -10.73
HB2 DPN T 2 5.62 -16.12 -11.71
HB3 DPN T 2 6.48 -15.11 -12.57
HD1 DPN T 2 3.21 -15.29 -11.14
HD2 DPN T 2 5.30 -14.03 -14.29
HE1 DPN T 2 1.22 -14.56 -12.16
HE2 DPN T 2 3.34 -13.30 -15.32
HZ DPN T 2 1.31 -13.57 -14.25
N DPN T 3 8.30 -15.18 -9.75
CA DPN T 3 9.71 -15.04 -9.48
C DPN T 3 10.57 -15.08 -10.76
O DPN T 3 11.32 -15.98 -10.94
CB DPN T 3 9.90 -13.75 -8.69
CG DPN T 3 9.07 -13.63 -7.35
CD1 DPN T 3 9.74 -13.58 -6.14
CD2 DPN T 3 7.68 -13.54 -7.34
CE1 DPN T 3 9.02 -13.48 -4.95
CE2 DPN T 3 6.97 -13.46 -6.17
CZ DPN T 3 7.65 -13.42 -4.96
H DPN T 3 7.91 -15.83 -9.36
HA DPN T 3 9.96 -15.77 -8.91
HB2 DPN T 3 10.84 -13.67 -8.47
HB3 DPN T 3 9.67 -13.01 -9.25
HD1 DPN T 3 10.67 -13.63 -6.13
HD2 DPN T 3 7.20 -13.59 -8.14
HE1 DPN T 3 9.48 -13.45 -4.13
HE2 DPN T 3 6.04 -13.42 -6.19
HZ DPN T 3 7.16 -13.34 -4.17
N DTY T 4 10.52 -13.96 -11.74
CA DTY T 4 11.32 -13.96 -12.96
C DTY T 4 12.84 -13.91 -12.72
O DTY T 4 13.52 -13.56 -13.63
CB DTY T 4 11.09 -15.26 -13.72
CG DTY T 4 11.01 -14.99 -15.25
CD1 DTY T 4 9.78 -14.96 -15.86
CD2 DTY T 4 12.17 -14.80 -15.96
CE1 DTY T 4 9.70 -14.73 -17.23
CE2 DTY T 4 12.10 -14.57 -17.33
CZ DTY T 4 10.85 -14.52 -17.96
OH DTY T 4 10.75 -14.29 -19.35
H DTY T 4 9.98 -13.31 -11.60
HA DTY T 4 11.07 -13.22 -13.52
HB2 DTY T 4 11.83 -15.84 -13.54
HB3 DTY T 4 10.27 -15.66 -13.43
HD1 DTY T 4 9.01 -15.09 -15.37
HD2 DTY T 4 12.99 -14.82 -15.54
HE1 DTY T 4 8.87 -14.70 -17.66
HE2 DTY T 4 12.87 -14.43 -17.83
HH DTY T 4 10.18 -14.82 -19.69
N M3L T 5 13.49 -14.20 -11.42
CA M3L T 5 14.93 -14.14 -11.23
CB M3L T 5 15.37 -13.31 -10.02
CG M3L T 5 16.65 -12.48 -10.29
CD M3L T 5 17.94 -13.39 -10.61
CE M3L T 5 18.53 -12.99 -12.00
NZ M3L T 5 19.57 -13.98 -12.64
C M3L T 5 15.30 -15.55 -10.87
O M3L T 5 14.66 -16.05 -9.92
OXT M3L T 5 16.24 -16.16 -11.47
CM1 M3L T 5 20.66 -14.27 -11.70
CM2 M3L T 5 20.18 -13.36 -13.79
CM3 M3L T 5 18.87 -15.21 -13.09
H M3L T 5 13.01 -14.45 -10.76
HA M3L T 5 15.38 -13.86 -12.04
HB2 M3L T 5 14.66 -12.74 -9.71
HB3 M3L T 5 15.60 -13.93 -9.31
HG2 M3L T 5 16.48 -11.89 -11.04
HG3 M3L T 5 16.83 -11.95 -9.52
HD2 M3L T 5 17.70 -14.33 -10.61
HD3 M3L T 5 18.60 -13.24 -9.93
HE2 M3L T 5 18.99 -12.16 -11.86
HE3 M3L T 5 17.81 -12.88 -12.62
HM11 M3L T 5 21.12 -13.45 -11.47
HM12 M3L T 5 20.31 -14.66 -10.90
HM13 M3L T 5 21.29 -14.87 -12.12
HM21 M3L T 5 20.70 -12.59 -13.52
HM22 M3L T 5 19.49 -13.09 -14.41
HM23 M3L T 5 20.77 -14.00 -14.22
HM31 M3L T 5 18.20 -14.97 -13.73
HM32 M3L T 5 18.46 -15.66 -12.33
HM33 M3L T 5 19.51 -15.81 -13.50
C02 UQ4 U 1 -5.70 -15.44 -6.87
C50 UQ4 U 1 -5.75 -13.98 -6.56
C51 UQ4 U 1 -5.65 -13.70 -5.08
C53 UQ4 U 1 -3.48 -14.43 -3.82
C54 UQ4 U 1 -3.30 -13.29 -3.06
C55 UQ4 U 1 -2.03 -12.98 -2.54
C56 UQ4 U 1 -0.96 -13.84 -2.75
C60 UQ4 U 1 -1.14 -14.99 -3.49
C64 UQ4 U 1 -2.42 -15.30 -4.02
N52 UQ4 U 1 -4.83 -14.75 -4.39
N57 UQ4 U 1 0.35 -13.52 -2.17
N61 UQ4 U 1 -0.33 -16.01 -3.86
N63 UQ4 U 1 -2.28 -16.46 -4.70
O01 UQ4 U 1 -5.28 -16.18 -6.05
O58 UQ4 U 1 1.32 -14.54 -2.10
O59 UQ4 U 1 0.58 -12.45 -1.75
O62 UQ4 U 1 -1.04 -16.86 -4.56
H501 UQ4 U 1 -6.61 -13.70 -6.87
H502 UQ4 U 1 -5.03 -13.57 -7.04
H512 UQ4 U 1 -6.53 -13.70 -4.69
H511 UQ4 U 1 -5.24 -12.83 -4.94
H541 UQ4 U 1 -4.02 -12.71 -2.94
H551 UQ4 U 1 -1.92 -12.21 -2.03
H521 UQ4 U 1 -5.14 -15.55 -4.32
N DPN U 2 -6.15 -15.96 -8.17
CA DPN U 2 -6.66 -15.18 -9.30
C DPN U 2 -5.59 -15.27 -10.38
O DPN U 2 -5.52 -14.47 -11.23
CB DPN U 2 -7.93 -15.81 -9.79
CG DPN U 2 -9.16 -15.06 -9.27
CD1 DPN U 2 -9.40 -14.96 -7.91
CD2 DPN U 2 -10.05 -14.48 -10.17
CE1 DPN U 2 -10.53 -14.28 -7.45
CE2 DPN U 2 -11.17 -13.80 -9.71
CZ DPN U 2 -11.41 -13.69 -8.35
H DPN U 2 -6.08 -16.79 -8.28
HA DPN U 2 -6.82 -14.26 -9.07
HB2 DPN U 2 -7.94 -16.70 -9.43
HB3 DPN U 2 -7.93 -15.82 -10.75
HD1 DPN U 2 -8.80 -15.35 -7.31
HD2 DPN U 2 -9.88 -14.55 -11.09
HE1 DPN U 2 -10.69 -14.21 -6.54
HE2 DPN U 2 -11.76 -13.41 -10.32
HZ DPN U 2 -12.17 -13.24 -8.04
N DPN U 3 -4.61 -16.40 -10.29
CA DPN U 3 -3.51 -16.56 -11.19
C DPN U 3 -3.92 -16.74 -12.67
O DPN U 3 -3.74 -17.79 -13.20
CB DPN U 3 -2.59 -15.35 -11.01
CG DPN U 3 -2.07 -15.10 -9.56
CD1 DPN U 3 -0.71 -15.22 -9.31
CD2 DPN U 3 -2.92 -14.73 -8.50
CE1 DPN U 3 -0.22 -15.00 -8.02
CE2 DPN U 3 -2.43 -14.52 -7.23
CZ DPN U 3 -1.08 -14.65 -6.98
H DPN U 3 -4.65 -16.96 -9.65
HA DPN U 3 -3.01 -17.34 -10.91
HB2 DPN U 3 -1.82 -15.47 -11.60
HB3 DPN U 3 -3.05 -14.57 -11.32
HD1 DPN U 3 -0.14 -15.45 -10.00
HD2 DPN U 3 -3.83 -14.65 -8.64
HE1 DPN U 3 0.69 -15.08 -7.85
HE2 DPN U 3 -3.01 -14.28 -6.54
HZ DPN U 3 -0.75 -14.50 -6.12
N DTY U 4 -4.53 -15.63 -13.44
CA DTY U 4 -4.94 -15.78 -14.82
C DTY U 4 -3.79 -16.06 -15.80
O DTY U 4 -3.99 -15.88 -16.95
CB DTY U 4 -5.88 -16.98 -14.95
CG DTY U 4 -7.04 -16.66 -15.91
CD1 DTY U 4 -8.29 -16.36 -15.39
CD2 DTY U 4 -6.84 -16.68 -17.27
CE1 DTY U 4 -9.35 -16.08 -16.24
CE2 DTY U 4 -7.89 -16.39 -18.13
CZ DTY U 4 -9.15 -16.10 -17.61
OH DTY U 4 -10.24 -15.80 -18.48
H DTY U 4 -4.67 -14.89 -13.04
HA DTY U 4 -5.39 -14.98 -15.12
HB2 DTY U 4 -5.36 -17.72 -15.29
HB3 DTY U 4 -6.23 -17.19 -14.08
HD1 DTY U 4 -8.42 -16.35 -14.47
HD2 DTY U 4 -5.99 -16.88 -17.61
HE1 DTY U 4 -10.19 -15.88 -15.90
HE2 DTY U 4 -7.75 -16.41 -19.05
HH DTY U 4 -10.95 -16.09 -18.12
N M3L U 5 -2.43 -16.51 -15.38
CA M3L U 5 -1.37 -16.77 -16.34
CB M3L U 5 -0.04 -16.07 -16.01
CG M3L U 5 0.68 -15.52 -17.25
CD M3L U 5 1.10 -16.66 -18.31
CE M3L U 5 0.48 -16.37 -19.70
NZ M3L U 5 0.43 -17.55 -20.73
C M3L U 5 -1.07 -18.23 -16.16
O M3L U 5 -0.83 -18.59 -14.97
OXT M3L U 5 -1.03 -19.02 -17.14
CM1 M3L U 5 1.77 -18.11 -20.92
CM2 M3L U 5 0.01 -17.05 -22.02
CM3 M3L U 5 -0.54 -18.56 -20.29
H M3L U 5 -2.27 -16.63 -14.56
HA M3L U 5 -1.64 -16.58 -17.24
HB2 M3L U 5 -0.17 -15.38 -15.35
HB3 M3L U 5 0.56 -16.73 -15.63
HG2 M3L U 5 0.12 -14.87 -17.69
HG3 M3L U 5 1.48 -15.06 -16.96
HD2 M3L U 5 0.80 -17.53 -17.99
HD3 M3L U 5 2.06 -16.68 -18.38
HE2 M3L U 5 1.01 -15.67 -20.09
HE3 M3L U 5 -0.42 -16.05 -19.57
HM11 M3L U 5 2.39 -17.41 -21.19
HM12 M3L U 5 2.08 -18.48 -20.10
HM13 M3L U 5 1.74 -18.78 -21.62
HM21 M3L U 5 0.68 -16.45 -22.38
HM22 M3L U 5 -0.83 -16.57 -21.92
HM23 M3L U 5 -0.11 -17.78 -22.64
HM31 M3L U 5 -1.41 -18.15 -20.16
HM32 M3L U 5 -0.23 -18.97 -19.46
HM33 M3L U 5 -0.62 -19.26 -20.97
C02 UQ4 V 1 -11.49 -8.81 1.45
C50 UQ4 V 1 -11.08 -7.36 1.49
C51 UQ4 V 1 -9.92 -7.13 2.44
C53 UQ4 V 1 -7.76 -8.33 1.63
C54 UQ4 V 1 -6.89 -7.27 1.74
C55 UQ4 V 1 -5.70 -7.26 0.97
C56 UQ4 V 1 -5.42 -8.34 0.14
C60 UQ4 V 1 -6.29 -9.40 0.05
C64 UQ4 V 1 -7.47 -9.41 0.82
N52 UQ4 V 1 -9.03 -8.32 2.46
N57 UQ4 V 1 -4.18 -8.35 -0.65
N61 UQ4 V 1 -6.30 -10.56 -0.65
N63 UQ4 V 1 -8.13 -10.56 0.51
O01 UQ4 V 1 -10.67 -9.62 1.74
O58 UQ4 V 1 -3.68 -9.57 -1.13
O59 UQ4 V 1 -3.60 -7.33 -0.85
O62 UQ4 V 1 -7.38 -11.22 -0.34
H501 UQ4 V 1 -11.83 -6.86 1.81
H502 UQ4 V 1 -10.83 -7.09 0.60
H512 UQ4 V 1 -10.27 -6.98 3.32
H511 UQ4 V 1 -9.43 -6.35 2.16
H541 UQ4 V 1 -7.09 -6.56 2.29
H551 UQ4 V 1 -5.11 -6.56 1.02
H521 UQ4 V 1 -9.24 -9.01 2.93
N DPN V 2 -12.84 -9.21 1.09
CA DPN V 2 -13.96 -8.35 0.69
C DPN V 2 -14.21 -8.66 -0.78
O DPN V 2 -14.71 -7.88 -1.49
CB DPN V 2 -15.16 -8.72 1.50
CG DPN V 2 -15.41 -7.71 2.64
CD1 DPN V 2 -14.51 -7.61 3.67
CD2 DPN V 2 -16.55 -6.92 2.61
CE1 DPN V 2 -14.73 -6.69 4.70
CE2 DPN V 2 -16.77 -6.00 3.64
CZ DPN V 2 -15.86 -5.89 4.68
H DPN V 2 -13.00 -10.04 1.10
HA DPN V 2 -13.76 -7.41 0.80
HB2 DPN V 2 -15.01 -9.59 1.89
HB3 DPN V 2 -15.94 -8.75 0.92
HD1 DPN V 2 -13.75 -8.15 3.69
HD2 DPN V 2 -17.14 -6.99 1.91
HE1 DPN V 2 -14.13 -6.62 5.41
HE2 DPN V 2 -17.53 -5.46 3.61
HZ DPN V 2 -16.02 -5.28 5.36
N DPN V 3 -13.74 -9.99 -1.29
CA DPN V 3 -13.82 -10.37 -2.68
C DPN V 3 -15.27 -10.42 -3.21
O DPN V 3 -15.73 -11.46 -3.52
CB DPN V 3 -12.95 -9.40 -3.48
CG DPN V 3 -11.44 -9.28 -3.03
CD1 DPN V 3 -10.45 -9.71 -3.90
CD2 DPN V 3 -11.06 -8.75 -1.80
CE1 DPN V 3 -9.10 -9.61 -3.52
CE2 DPN V 3 -9.75 -8.67 -1.43
CZ DPN V 3 -8.76 -9.09 -2.29
H DPN V 3 -13.33 -10.52 -0.77
HA DPN V 3 -13.42 -11.24 -2.75
HB2 DPN V 3 -12.97 -9.67 -4.41
HB3 DPN V 3 -13.34 -8.52 -3.42
HD1 DPN V 3 -10.68 -10.05 -4.73
HD2 DPN V 3 -11.72 -8.47 -1.20
HE1 DPN V 3 -8.44 -9.89 -4.11
HE2 DPN V 3 -9.53 -8.32 -0.59
HZ DPN V 3 -7.87 -9.02 -2.03
N DTY V 4 -16.05 -9.18 -3.39
CA DTY V 4 -17.42 -9.21 -3.90
C DTY V 4 -17.56 -9.72 -5.34
O DTY V 4 -18.56 -9.48 -5.90
CB DTY V 4 -18.26 -10.15 -3.04
CG DTY V 4 -19.66 -9.56 -2.77
CD1 DTY V 4 -19.94 -9.01 -1.53
CD2 DTY V 4 -20.62 -9.59 -3.76
CE1 DTY V 4 -21.20 -8.48 -1.27
CE2 DTY V 4 -21.88 -9.06 -3.50
CZ DTY V 4 -22.17 -8.51 -2.26
OH DTY V 4 -23.46 -7.96 -1.99
H DTY V 4 -15.71 -8.42 -3.16
HA DTY V 4 -17.80 -8.32 -3.84
HB2 DTY V 4 -18.34 -10.99 -3.51
HB3 DTY V 4 -17.81 -10.29 -2.19
HD1 DTY V 4 -19.29 -8.99 -0.87
HD2 DTY V 4 -20.42 -9.96 -4.58
HE1 DTY V 4 -21.40 -8.11 -0.44
HE2 DTY V 4 -22.53 -9.08 -4.17
HH DTY V 4 -23.64 -8.09 -1.17
N M3L V 5 -16.49 -10.45 -6.06
CA M3L V 5 -16.66 -10.92 -7.43
CB M3L V 5 -15.51 -10.55 -8.38
CG M3L V 5 -16.01 -10.15 -9.78
CD M3L V 5 -16.76 -11.34 -10.56
CE M3L V 5 -18.17 -10.87 -11.03
NZ M3L V 5 -19.18 -11.99 -11.46
C M3L V 5 -16.58 -12.42 -7.32
O M3L V 5 -15.56 -12.86 -6.72
OXT M3L V 5 -17.47 -13.18 -7.81
CM1 M3L V 5 -18.59 -12.83 -12.51
CM2 M3L V 5 -20.36 -11.37 -12.04
CM3 M3L V 5 -19.59 -12.79 -10.29
H M3L V 5 -15.76 -10.62 -5.66
HA M3L V 5 -17.52 -10.64 -7.78
HB2 M3L V 5 -15.00 -9.83 -7.99
HB3 M3L V 5 -14.94 -11.32 -8.48
HG2 M3L V 5 -16.61 -9.40 -9.67
HG3 M3L V 5 -15.25 -9.86 -10.30
HD2 M3L V 5 -16.85 -12.11 -9.99
HD3 M3L V 5 -16.23 -11.59 -11.33
HE2 M3L V 5 -18.01 -10.32 -11.81
HE3 M3L V 5 -18.58 -10.34 -10.34
HM11 M3L V 5 -18.38 -12.28 -13.29
HM12 M3L V 5 -17.77 -13.24 -12.21
HM13 M3L V 5 -19.22 -13.51 -12.77
HM21 M3L V 5 -20.10 -10.85 -12.81
HM22 M3L V 5 -20.79 -10.81 -11.39
HM23 M3L V 5 -20.98 -12.06 -12.33
HM31 M3L V 5 -19.96 -12.19 -9.62
HM32 M3L V 5 -18.84 -13.26 -9.92
HM33 M3L V 5 -20.27 -13.42 -10.57
C02 UQ4 W 1 -7.43 -6.26 10.95
C50 UQ4 W 1 -6.92 -4.96 10.42
C51 UQ4 W 1 -5.48 -5.04 9.94
C53 UQ4 W 1 -4.95 -6.68 7.98
C54 UQ4 W 1 -4.13 -5.85 7.25
C55 UQ4 W 1 -3.92 -6.09 5.88
C56 UQ4 W 1 -4.51 -7.19 5.28
C60 UQ4 W 1 -5.31 -8.04 6.00
C64 UQ4 W 1 -5.53 -7.79 7.38
N52 UQ4 W 1 -5.18 -6.42 9.45
N57 UQ4 W 1 -4.26 -7.46 3.84
N61 UQ4 W 1 -6.01 -9.17 5.72
N63 UQ4 W 1 -6.35 -8.78 7.83
O01 UQ4 W 1 -6.83 -7.24 10.67
O58 UQ4 W 1 -4.62 -8.70 3.31
O59 UQ4 W 1 -3.73 -6.65 3.17
O62 UQ4 W 1 -6.59 -9.57 6.82
H501 UQ4 W 1 -6.98 -4.34 11.15
H502 UQ4 W 1 -7.50 -4.68 9.69
H512 UQ4 W 1 -4.90 -4.84 10.67
H511 UQ4 W 1 -5.34 -4.39 9.25
H541 UQ4 W 1 -3.76 -5.11 7.66
H551 UQ4 W 1 -3.38 -5.52 5.38
H521 UQ4 W 1 -5.13 -7.07 10.00
N DPN W 2 -8.60 -6.32 11.82
CA DPN W 2 -9.46 -5.20 12.24
C DPN W 2 -10.78 -5.40 11.51
O DPN W 2 -11.51 -4.51 11.32
CB DPN W 2 -9.65 -5.28 13.71
CG DPN W 2 -8.78 -4.28 14.48
CD1 DPN W 2 -7.40 -4.39 14.44
CD2 DPN W 2 -9.39 -3.27 15.20
CE1 DPN W 2 -6.62 -3.46 15.14
CE2 DPN W 2 -8.60 -2.34 15.90
CZ DPN W 2 -7.22 -2.45 15.87
H DPN W 2 -8.85 -7.09 12.09
HA DPN W 2 -9.09 -4.34 12.00
HB2 DPN W 2 -9.42 -6.17 14.00
HB3 DPN W 2 -10.59 -5.12 13.91
HD1 DPN W 2 -7.01 -5.07 13.95
HD2 DPN W 2 -10.31 -3.20 15.21
HE1 DPN W 2 -5.69 -3.53 15.13
HE2 DPN W 2 -9.01 -1.66 16.38
HZ DPN W 2 -6.71 -1.83 16.34
N DPN W 3 -11.11 -6.78 11.03
CA DPN W 3 -12.28 -7.11 10.26
C DPN W 3 -13.61 -6.86 11.01
O DPN W 3 -14.27 -7.77 11.34
CB DPN W 3 -12.20 -6.32 8.95
CG DPN W 3 -10.91 -6.57 8.09
CD1 DPN W 3 -11.04 -7.18 6.86
CD2 DPN W 3 -9.63 -6.18 8.51
CE1 DPN W 3 -9.90 -7.42 6.07
CE2 DPN W 3 -8.51 -6.42 7.74
CZ DPN W 3 -8.65 -7.03 6.51
H DPN W 3 -10.55 -7.41 11.14
HA DPN W 3 -12.22 -8.05 10.04
HB2 DPN W 3 -12.97 -6.56 8.42
HB3 DPN W 3 -12.26 -5.38 9.15
HD1 DPN W 3 -11.87 -7.44 6.56
HD2 DPN W 3 -9.51 -5.78 9.34
HE1 DPN W 3 -9.99 -7.82 5.24
HE2 DPN W 3 -7.66 -6.16 8.04
HZ DPN W 3 -7.89 -7.18 5.99
N DTY W 4 -14.09 -5.47 11.26
CA DTY W 4 -15.35 -5.20 11.95
C DTY W 4 -16.60 -5.66 11.19
O DTY W 4 -17.63 -5.20 11.54
CB DTY W 4 -15.37 -5.95 13.28
CG DTY W 4 -15.96 -5.07 14.41
CD1 DTY W 4 -15.10 -4.51 15.34
CD2 DTY W 4 -17.32 -4.86 14.47
CE1 DTY W 4 -15.62 -3.72 16.36
CE2 DTY W 4 -17.84 -4.07 15.49
CZ DTY W 4 -16.98 -3.50 16.43
OH DTY W 4 -17.50 -2.68 17.48
H DTY W 4 -13.60 -4.81 11.01
HA DTY W 4 -15.41 -4.25 12.14
HB2 DTY W 4 -15.92 -6.74 13.17
HB3 DTY W 4 -14.47 -6.21 13.53
HD1 DTY W 4 -14.20 -4.66 15.29
HD2 DTY W 4 -17.89 -5.24 13.85
HE1 DTY W 4 -15.05 -3.33 17.00
HE2 DTY W 4 -18.76 -3.92 15.54
HH DTY W 4 -17.04 -2.82 18.18
N M3L W 5 -16.56 -6.58 10.04
CA M3L W 5 -17.78 -6.99 9.34
CB M3L W 5 -17.71 -6.85 7.81
CG M3L W 5 -19.03 -6.32 7.20
CD M3L W 5 -20.28 -7.29 7.44
CE M3L W 5 -21.45 -6.52 8.12
NZ M3L W 5 -22.56 -7.38 8.82
C M3L W 5 -17.86 -8.47 9.56
O M3L W 5 -16.83 -9.13 9.26
OXT M3L W 5 -18.91 -9.01 10.01
CM1 M3L W 5 -23.15 -8.32 7.86
CM2 M3L W 5 -23.64 -6.51 9.25
CM3 M3L W 5 -22.01 -8.09 10.00
H M3L W 5 -15.82 -6.90 9.77
HA M3L W 5 -18.56 -6.52 9.70
HB2 M3L W 5 -16.98 -6.27 7.57
HB3 M3L W 5 -17.55 -7.71 7.43
HG2 M3L W 5 -19.20 -5.45 7.60
HG3 M3L W 5 -18.89 -6.20 6.25
HD2 M3L W 5 -20.02 -8.04 7.98
HD3 M3L W 5 -20.58 -7.63 6.60
HE2 M3L W 5 -21.89 -6.04 7.41
HE3 M3L W 5 -21.09 -5.91 8.78
HM11 M3L W 5 -23.53 -7.83 7.11
HM12 M3L W 5 -22.47 -8.91 7.53
HM13 M3L W 5 -23.85 -8.83 8.30
HM21 M3L W 5 -24.03 -6.08 8.49
HM22 M3L W 5 -23.28 -5.84 9.85
HM23 M3L W 5 -24.31 -7.03 9.71
HM31 M3L W 5 -21.62 -7.44 10.61
HM32 M3L W 5 -21.35 -8.72 9.72
HM33 M3L W 5 -22.73 -8.54 10.46
C02 UQ4 X 1 2.75 -4.68 13.56
C50 UQ4 X 1 2.87 -3.50 12.65
C51 UQ4 X 1 3.56 -3.84 11.35
C53 UQ4 X 1 2.16 -5.52 9.93
C54 UQ4 X 1 2.20 -4.85 8.73
C55 UQ4 X 1 1.20 -5.07 7.75
C56 UQ4 X 1 0.20 -6.00 8.01
C60 UQ4 X 1 0.16 -6.68 9.20
C64 UQ4 X 1 1.15 -6.44 10.19
N52 UQ4 X 1 3.23 -5.25 10.96
N57 UQ4 X 1 -0.83 -6.26 6.99
N61 UQ4 X 1 -0.68 -7.61 9.73
N63 UQ4 X 1 0.85 -7.24 11.24
O01 UQ4 X 1 2.74 -5.75 13.05
O58 UQ4 X 1 -1.56 -7.45 7.05
O59 UQ4 X 1 -1.01 -5.48 6.12
O62 UQ4 X 1 -0.22 -7.92 10.93
H501 UQ4 X 1 3.41 -2.85 13.12
H502 UQ4 X 1 1.99 -3.15 12.48
H512 UQ4 X 1 4.51 -3.77 11.48
H511 UQ4 X 1 3.28 -3.22 10.67
H541 UQ4 X 1 2.87 -4.23 8.58
H551 UQ4 X 1 1.22 -4.62 6.95
H521 UQ4 X 1 3.64 -5.90 11.32
N DPN X 2 2.65 -4.54 15.01
CA DPN X 2 2.62 -3.29 15.78
C DPN X 2 1.20 -3.21 16.36
O DPN X 2 0.73 -2.18 16.65
CB DPN X 2 3.61 -3.40 16.89
CG DPN X 2 4.89 -2.63 16.58
CD1 DPN X 2 5.71 -3.03 15.53
CD2 DPN X 2 5.23 -1.52 17.33
CE1 DPN X 2 6.88 -2.31 15.24
CE2 DPN X 2 6.39 -0.80 17.04
CZ DPN X 2 7.20 -1.20 15.99
H DPN X 2 2.57 -5.26 15.46
HA DPN X 2 2.80 -2.51 15.25
HB2 DPN X 2 3.83 -4.34 17.01
HB3 DPN X 2 3.22 -3.04 17.71
HD1 DPN X 2 5.47 -3.77 15.03
HD2 DPN X 2 4.67 -1.25 18.02
HE1 DPN X 2 7.42 -2.58 14.54
HE2 DPN X 2 6.61 -0.05 17.54
HZ DPN X 2 7.98 -0.72 15.80
N DPN X 3 0.43 -4.48 16.49
CA DPN X 3 -0.93 -4.55 16.93
C DPN X 3 -1.15 -4.02 18.37
O DPN X 3 -1.45 -4.78 19.22
CB DPN X 3 -1.78 -3.77 15.92
CG DPN X 3 -1.67 -4.25 14.42
CD1 DPN X 3 -2.79 -4.78 13.79
CD2 DPN X 3 -0.49 -4.13 13.68
CE1 DPN X 3 -2.71 -5.20 12.46
CE2 DPN X 3 -0.41 -4.56 12.38
CZ DPN X 3 -1.53 -5.10 11.76
H DPN X 3 0.78 -5.22 16.24
HA DPN X 3 -1.20 -5.47 16.89
HB2 DPN X 3 -2.71 -3.83 16.19
HB3 DPN X 3 -1.52 -2.84 15.96
HD1 DPN X 3 -3.58 -4.85 14.26
HD2 DPN X 3 0.28 -3.80 14.07
HE1 DPN X 3 -3.46 -5.56 12.05
HE2 DPN X 3 0.40 -4.49 11.90
HZ DPN X 3 -1.47 -5.38 10.88
N DTY X 4 -1.03 -2.57 18.67
CA DTY X 4 -1.23 -2.05 20.02
C DTY X 4 -2.67 -2.22 20.54
O DTY X 4 -2.98 -1.58 21.47
CB DTY X 4 -0.35 -2.81 21.00
CG DTY X 4 0.29 -1.86 22.03
CD1 DTY X 4 1.62 -1.51 21.91
CD2 DTY X 4 -0.48 -1.37 23.07
CE1 DTY X 4 2.21 -0.66 22.85
CE2 DTY X 4 0.11 -0.51 24.00
CZ DTY X 4 1.45 -0.16 23.88
OH DTY X 4 2.06 0.71 24.83
H DTY X 4 -0.82 -2.03 18.05
HA DTY X 4 -0.99 -1.12 20.05
HB2 DTY X 4 -0.89 -3.46 21.46
HB3 DTY X 4 0.36 -3.25 20.52
HD1 DTY X 4 2.13 -1.85 21.21
HD2 DTY X 4 -1.37 -1.60 23.15
HE1 DTY X 4 3.10 -0.42 22.77
HE2 DTY X 4 -0.41 -0.18 24.70
HH DTY X 4 2.82 0.41 25.02
N M3L X 5 -3.69 -3.09 19.89
CA M3L X 5 -5.04 -3.21 20.42
CB M3L X 5 -6.13 -3.07 19.35
CG M3L X 5 -7.35 -2.27 19.86
CD M3L X 5 -8.09 -2.96 21.10
CE M3L X 5 -8.19 -1.96 22.31
NZ M3L X 5 -8.50 -2.58 23.71
C M3L X 5 -5.13 -4.65 20.84
O M3L X 5 -4.82 -5.51 19.97
OXT M3L X 5 -5.53 -4.97 22.00
CM1 M3L X 5 -9.76 -3.34 23.66
CM2 M3L X 5 -8.72 -1.51 24.66
CM3 M3L X 5 -7.38 -3.41 24.18
H M3L X 5 -3.47 -3.54 19.22
HA M3L X 5 -5.18 -2.61 21.15
HB2 M3L X 5 -5.76 -2.64 18.57
HB3 M3L X 5 -6.45 -3.95 19.11
HG2 M3L X 5 -7.03 -1.39 20.13
HG3 M3L X 5 -7.98 -2.16 19.14
HD2 M3L X 5 -7.63 -3.76 21.37
HD3 M3L X 5 -8.98 -3.21 20.83
HE2 M3L X 5 -8.92 -1.38 22.10
HE3 M3L X 5 -7.37 -1.47 22.38
HM11 M3L X 5 -10.49 -2.77 23.37
HM12 M3L X 5 -9.67 -4.07 23.04
HM13 M3L X 5 -9.96 -3.69 24.55
HM21 M3L X 5 -9.49 -0.99 24.40
HM22 M3L X 5 -7.94 -0.94 24.68
HM23 M3L X 5 -8.88 -1.89 25.54
HM31 M3L X 5 -6.56 -2.89 24.15
HM32 M3L X 5 -7.29 -4.18 23.61
HM33 M3L X 5 -7.54 -3.70 25.09
C02 UQ4 Y 1 11.36 -5.48 7.38
C50 UQ4 Y 1 10.90 -4.34 6.53
C51 UQ4 Y 1 10.19 -4.81 5.28
C53 UQ4 Y 1 7.97 -6.12 5.68
C54 UQ4 Y 1 7.18 -5.46 4.75
C55 UQ4 Y 1 5.78 -5.48 4.87
C56 UQ4 Y 1 5.19 -6.17 5.92
C60 UQ4 Y 1 5.97 -6.85 6.83
C64 UQ4 Y 1 7.38 -6.83 6.70
N52 UQ4 Y 1 9.48 -6.09 5.54
N57 UQ4 Y 1 3.72 -6.20 6.03
N61 UQ4 Y 1 5.71 -7.60 7.92
N63 UQ4 Y 1 7.87 -7.56 7.74
O01 UQ4 Y 1 10.83 -6.53 7.23
O58 UQ4 Y 1 3.13 -7.14 6.88
O59 UQ4 Y 1 3.06 -5.47 5.38
O62 UQ4 Y 1 6.84 -8.01 8.43
H501 UQ4 Y 1 11.70 -3.86 6.29
H502 UQ4 Y 1 10.32 -3.78 7.06
H512 UQ4 Y 1 10.84 -4.94 4.59
H511 UQ4 Y 1 9.57 -4.12 5.00
H541 UQ4 Y 1 7.59 -4.98 4.07
H551 UQ4 Y 1 5.25 -5.02 4.26
H521 UQ4 Y 1 9.93 -6.82 5.59
N DPN Y 2 12.44 -5.33 8.36
CA DPN Y 2 13.18 -4.11 8.70
C DPN Y 2 12.72 -3.73 10.11
O DPN Y 2 12.79 -2.63 10.50
CB DPN Y 2 14.64 -4.43 8.71
CG DPN Y 2 15.32 -3.93 7.43
CD1 DPN Y 2 15.02 -4.49 6.20
CD2 DPN Y 2 16.28 -2.93 7.53
CE1 DPN Y 2 15.66 -4.03 5.05
CE2 DPN Y 2 16.91 -2.46 6.37
CZ DPN Y 2 16.60 -3.02 5.14
H DPN Y 2 12.64 -6.02 8.82
HA DPN Y 2 13.00 -3.38 8.09
HB2 DPN Y 2 14.72 -5.39 8.76
HB3 DPN Y 2 15.04 -4.01 9.48
HD1 DPN Y 2 14.38 -5.16 6.16
HD2 DPN Y 2 16.47 -2.56 8.35
HE1 DPN Y 2 15.46 -4.39 4.22
HE2 DPN Y 2 17.54 -1.78 6.43
HZ DPN Y 2 17.04 -2.70 4.37
N DPN Y 3 12.15 -4.82 10.97
CA DPN Y 3 11.61 -4.59 12.28
C DPN Y 3 12.66 -4.05 13.29
O DPN Y 3 12.98 -4.74 14.19
CB DPN Y 3 10.42 -3.64 12.13
CG DPN Y 3 9.29 -4.13 11.16
CD1 DPN Y 3 8.03 -4.42 11.67
CD2 DPN Y 3 9.48 -4.25 9.78
CE1 DPN Y 3 7.00 -4.85 10.83
CE2 DPN Y 3 8.46 -4.68 8.94
CZ DPN Y 3 7.22 -4.97 9.46
H DPN Y 3 12.07 -5.60 10.66
HA DPN Y 3 11.28 -5.43 12.59
HB2 DPN Y 3 10.02 -3.52 13.01
HB3 DPN Y 3 10.74 -2.78 11.82
HD1 DPN Y 3 7.88 -4.33 12.58
HD2 DPN Y 3 10.31 -4.07 9.40
HE1 DPN Y 3 6.16 -5.04 11.17
HE2 DPN Y 3 8.62 -4.76 8.02
HZ DPN Y 3 6.54 -5.25 8.90
N DTY Y 4 13.22 -2.68 13.16
CA DTY Y 4 14.19 -2.16 14.10
C DTY Y 4 13.67 -1.99 15.54
O DTY Y 4 14.28 -1.27 16.25
CB DTY Y 4 15.37 -3.12 14.22
CG DTY Y 4 16.71 -2.35 14.27
CD1 DTY Y 4 17.50 -2.29 13.14
CD2 DTY Y 4 17.11 -1.75 15.45
CE1 DTY Y 4 18.71 -1.60 13.19
CE2 DTY Y 4 18.30 -1.06 15.50
CZ DTY Y 4 19.10 -0.98 14.35
OH DTY Y 4 20.35 -0.29 14.39
H DTY Y 4 12.97 -2.19 12.49
HA DTY Y 4 14.52 -1.30 13.79
HB2 DTY Y 4 15.25 -3.63 15.03
HB3 DTY Y 4 15.38 -3.72 13.46
HD1 DTY Y 4 17.23 -2.70 12.36
HD2 DTY Y 4 16.56 -1.79 16.20
HE1 DTY Y 4 19.25 -1.56 12.43
HE2 DTY Y 4 18.56 -0.64 16.28
HH DTY Y 4 20.86 -0.61 13.79
N M3L Y 5 12.43 -2.63 16.04
CA M3L Y 5 11.98 -2.45 17.42
CB M3L Y 5 10.50 -2.05 17.54
CG M3L Y 5 10.26 -1.01 18.66
CD M3L Y 5 10.61 -1.57 20.12
CE M3L Y 5 11.63 -0.63 20.83
NZ M3L Y 5 12.38 -1.21 22.08
C M3L Y 5 12.03 -3.83 17.99
O M3L Y 5 11.43 -4.72 17.34
OXT M3L Y 5 12.62 -4.07 19.08
CM1 M3L Y 5 11.43 -1.68 23.08
CM2 M3L Y 5 13.15 -0.16 22.71
CM3 M3L Y 5 13.33 -2.26 21.66
H M3L Y 5 11.99 -3.14 15.53
HA M3L Y 5 12.55 -1.84 17.90
HB2 M3L Y 5 10.20 -1.69 16.70
HB3 M3L Y 5 9.99 -2.84 17.76
HG2 M3L Y 5 10.81 -0.24 18.47
HG3 M3L Y 5 9.33 -0.75 18.64
HD2 M3L Y 5 10.96 -2.46 20.07
HD3 M3L Y 5 9.80 -1.60 20.65
HE2 M3L Y 5 11.13 0.12 21.16
HE3 M3L Y 5 12.29 -0.33 20.19
HM11 M3L Y 5 10.86 -0.95 23.36
HM12 M3L Y 5 10.88 -2.38 22.72
HM13 M3L Y 5 11.91 -2.01 23.85
HM21 M3L Y 5 12.55 0.54 23.02
HM22 M3L Y 5 13.76 0.23 22.07
HM23 M3L Y 5 13.64 -0.51 23.46
HM31 M3L Y 5 13.91 -1.91 20.98
HM32 M3L Y 5 12.83 -3.02 21.31
HM33 M3L Y 5 13.86 -2.56 22.42
C02 UQ4 Z 1 11.97 -7.91 -2.96
C50 UQ4 Z 1 11.22 -6.68 -3.33
C51 UQ4 Z 1 9.75 -6.96 -3.58
C53 UQ4 Z 1 8.45 -7.78 -1.46
C54 UQ4 Z 1 7.35 -6.96 -1.56
C55 UQ4 Z 1 6.57 -6.67 -0.42
C56 UQ4 Z 1 6.89 -7.24 0.80
C60 UQ4 Z 1 7.98 -8.09 0.90
C64 UQ4 Z 1 8.76 -8.37 -0.24
N52 UQ4 Z 1 9.28 -8.07 -2.69
N57 UQ4 Z 1 6.06 -6.97 1.99
N61 UQ4 Z 1 8.54 -8.79 1.91
N63 UQ4 Z 1 9.75 -9.20 0.18
O01 UQ4 Z 1 11.35 -8.82 -2.51
O58 UQ4 Z 1 6.17 -7.81 3.10
O59 UQ4 Z 1 5.30 -6.07 1.98
O62 UQ4 Z 1 9.57 -9.43 1.44
H501 UQ4 Z 1 11.60 -6.35 -4.15
H502 UQ4 Z 1 11.31 -6.02 -2.63
H512 UQ4 Z 1 9.62 -7.21 -4.49
H511 UQ4 Z 1 9.24 -6.15 -3.39
H541 UQ4 Z 1 7.16 -6.56 -2.38
H551 UQ4 Z 1 5.84 -6.10 -0.50
H521 UQ4 Z 1 9.48 -8.87 -2.89
N DPN Z 2 13.41 -8.02 -3.16
CA DPN Z 2 14.32 -7.00 -3.68
C DPN Z 2 15.17 -6.57 -2.49
O DPN Z 2 15.68 -5.52 -2.47
CB DPN Z 2 15.19 -7.62 -4.73
CG DPN Z 2 14.70 -7.26 -6.14
CD1 DPN Z 2 13.45 -7.67 -6.57
CD2 DPN Z 2 15.51 -6.52 -6.98
CE1 DPN Z 2 13.01 -7.34 -7.85
CE2 DPN Z 2 15.07 -6.19 -8.26
CZ DPN Z 2 13.82 -6.59 -8.70
H DPN Z 2 13.78 -8.75 -2.92
HA DPN Z 2 13.85 -6.24 -4.05
HB2 DPN Z 2 15.16 -8.57 -4.62
HB3 DPN Z 2 16.09 -7.30 -4.61
HD1 DPN Z 2 12.92 -8.17 -5.99
HD2 DPN Z 2 16.35 -6.23 -6.69
HE1 DPN Z 2 12.17 -7.61 -8.15
HE2 DPN Z 2 15.61 -5.69 -8.83
HZ DPN Z 2 13.53 -6.38 -9.54
N DPN Z 3 15.31 -7.52 -1.35
CA DPN Z 3 16.00 -7.21 -0.14
C DPN Z 3 17.50 -6.93 -0.34
O DPN Z 3 18.30 -7.69 0.09
CB DPN Z 3 15.29 -6.02 0.53
CG DPN Z 3 13.76 -6.22 0.82
CD1 DPN Z 3 13.34 -6.23 2.15
CD2 DPN Z 3 12.81 -6.37 -0.18
CE1 DPN Z 3 11.98 -6.40 2.43
CE2 DPN Z 3 11.47 -6.55 0.10
CZ DPN Z 3 11.06 -6.56 1.42
H DPN Z 3 14.90 -8.26 -1.37
HA DPN Z 3 15.90 -7.96 0.45
HB2 DPN Z 3 15.75 -5.83 1.37
HB3 DPN Z 3 15.39 -5.25 -0.05
HD1 DPN Z 3 13.95 -6.11 2.83
HD2 DPN Z 3 13.08 -6.37 -1.07
HE1 DPN Z 3 11.69 -6.40 3.31
HE2 DPN Z 3 10.86 -6.66 -0.60
HZ DPN Z 3 10.14 -6.66 1.60
N DTY Z 4 17.97 -5.70 -1.05
CA DTY Z 4 19.39 -5.42 -1.24
C DTY Z 4 20.18 -5.18 0.04
O DTY Z 4 21.22 -4.64 -0.06
CB DTY Z 4 20.06 -6.61 -1.92
CG DTY Z 4 21.05 -6.15 -3.01
CD1 DTY Z 4 20.69 -6.24 -4.34
CD2 DTY Z 4 22.28 -5.64 -2.65
CE1 DTY Z 4 21.57 -5.82 -5.33
CE2 DTY Z 4 23.16 -5.23 -3.63
CZ DTY Z 4 22.81 -5.32 -4.97
OH DTY Z 4 23.70 -4.90 -5.98
H DTY Z 4 17.38 -5.17 -1.36
HA DTY Z 4 19.48 -4.65 -1.82
HB2 DTY Z 4 20.53 -7.11 -1.24
HB3 DTY Z 4 19.39 -7.17 -2.33
HD1 DTY Z 4 19.86 -6.57 -4.58
HD2 DTY Z 4 22.51 -5.58 -1.74
HE1 DTY Z 4 21.35 -5.88 -6.22
HE2 DTY Z 4 24.00 -4.88 -3.39
HH DTY Z 4 23.51 -5.30 -6.71
N M3L Z 5 19.68 -5.55 1.39
CA M3L Z 5 20.46 -5.30 2.59
CB M3L Z 5 19.68 -4.60 3.71
CG M3L Z 5 20.52 -3.56 4.48
CD M3L Z 5 21.79 -4.20 5.22
CE M3L Z 5 23.11 -3.53 4.74
NZ M3L Z 5 24.45 -4.27 5.07
C M3L Z 5 20.70 -6.68 3.14
O M3L Z 5 19.69 -7.40 3.28
OXT M3L Z 5 21.87 -7.06 3.45
CM1 M3L Z 5 24.56 -4.52 6.52
CM2 M3L Z 5 25.57 -3.43 4.72
CM3 M3L Z 5 24.55 -5.51 4.28
H M3L Z 5 18.93 -5.92 1.47
HA M3L Z 5 21.29 -4.84 2.40
HB2 M3L Z 5 18.90 -4.18 3.34
HB3 M3L Z 5 19.40 -5.26 4.36
HG2 M3L Z 5 20.83 -2.89 3.84
HG3 M3L Z 5 19.96 -3.12 5.12
HD2 M3L Z 5 21.82 -5.15 5.09
HD3 M3L Z 5 21.70 -4.04 6.18
HE2 M3L Z 5 23.16 -2.67 5.16
HE3 M3L Z 5 23.07 -3.41 3.77
HM11 M3L Z 5 24.53 -3.67 6.99
HM12 M3L Z 5 23.83 -5.08 6.82
HM13 M3L Z 5 25.41 -4.96 6.70
HM21 M3L Z 5 25.53 -2.60 5.24
HM22 M3L Z 5 25.52 -3.21 3.78
HM23 M3L Z 5 26.41 -3.88 4.91
HM31 M3L Z 5 24.42 -5.29 3.35
HM32 M3L Z 5 23.87 -6.14 4.55
HM33 M3L Z 5 25.42 -5.92 4.39
C02 UQ4 AA 1 4.01 -10.19 -9.66
C50 UQ4 AA 1 3.44 -8.83 -9.53
C51 UQ4 AA 1 2.27 -8.79 -8.55
C53 UQ4 AA 1 2.93 -9.35 -6.09
C54 UQ4 AA 1 2.29 -8.30 -5.46
C55 UQ4 AA 1 2.73 -7.86 -4.18
C56 UQ4 AA 1 3.78 -8.52 -3.56
C60 UQ4 AA 1 4.41 -9.59 -4.18
C64 UQ4 AA 1 3.98 -10.00 -5.46
N52 UQ4 AA 1 2.47 -9.79 -7.46
N57 UQ4 AA 1 4.22 -8.09 -2.22
N61 UQ4 AA 1 5.43 -10.40 -3.84
N63 UQ4 AA 1 4.77 -11.04 -5.81
O01 UQ4 AA 1 3.83 -10.95 -8.76
O58 UQ4 AA 1 5.00 -8.95 -1.45
O59 UQ4 AA 1 3.89 -7.04 -1.80
O62 UQ4 AA 1 5.61 -11.25 -4.82
H501 UQ4 AA 1 3.10 -8.57 -10.39
H502 UQ4 AA 1 4.12 -8.22 -9.22
H512 UQ4 AA 1 1.46 -8.99 -9.02
H511 UQ4 AA 1 2.20 -7.90 -8.17
H541 UQ4 AA 1 1.61 -7.86 -5.89
H551 UQ4 AA 1 2.31 -7.16 -3.77
H521 UQ4 AA 1 2.31 -10.62 -7.62
N DPN AA 2 4.76 -10.61 -10.84
CA DPN AA 2 5.10 -9.80 -12.01
C DPN AA 2 6.61 -9.58 -11.94
O DPN AA 2 7.11 -8.66 -12.46
CB DPN AA 2 4.75 -10.57 -13.24
CG DPN AA 2 3.43 -10.09 -13.86
CD1 DPN AA 2 2.25 -10.24 -13.16
CD2 DPN AA 2 3.44 -9.50 -15.12
CE1 DPN AA 2 1.05 -9.79 -13.74
CE2 DPN AA 2 2.25 -9.06 -15.68
CZ DPN AA 2 1.05 -9.20 -14.99
H DPN AA 2 5.07 -11.40 -10.83
HA DPN AA 2 4.65 -8.94 -12.01
HB2 DPN AA 2 4.66 -11.50 -12.99
HB3 DPN AA 2 5.48 -10.46 -13.89
HD1 DPN AA 2 2.26 -10.62 -12.32
HD2 DPN AA 2 4.24 -9.41 -15.57
HE1 DPN AA 2 0.24 -9.88 -13.28
HE2 DPN AA 2 2.25 -8.67 -16.52
HZ DPN AA 2 0.26 -8.90 -15.37
N DPN AA 3 7.40 -10.56 -11.15
CA DPN AA 3 8.82 -10.44 -10.92
C DPN AA 3 9.64 -10.48 -12.24
O DPN AA 3 10.36 -11.38 -12.44
CB DPN AA 3 9.06 -9.14 -10.15
CG DPN AA 3 8.28 -9.01 -8.78
CD1 DPN AA 3 9.00 -8.96 -7.59
CD2 DPN AA 3 6.89 -8.92 -8.72
CE1 DPN AA 3 8.33 -8.85 -6.38
CE2 DPN AA 3 6.23 -8.81 -7.51
CZ DPN AA 3 6.95 -8.77 -6.34
H DPN AA 3 7.02 -11.20 -10.74
HA DPN AA 3 9.09 -11.17 -10.36
HB2 DPN AA 3 10.01 -9.06 -9.96
HB3 DPN AA 3 8.80 -8.39 -10.70
HD1 DPN AA 3 9.93 -9.01 -7.62
HD2 DPN AA 3 6.38 -8.95 -9.49
HE1 DPN AA 3 8.81 -8.82 -5.58
HE2 DPN AA 3 5.30 -8.76 -7.50
HZ DPN AA 3 6.50 -8.69 -5.53
N DTY AA 4 9.55 -9.37 -13.23
CA DTY AA 4 10.32 -9.38 -14.47
C DTY AA 4 11.83 -9.35 -14.28
O DTY AA 4 12.48 -9.01 -15.22
CB DTY AA 4 10.04 -10.68 -15.22
CG DTY AA 4 9.91 -10.43 -16.74
CD1 DTY AA 4 8.64 -10.38 -17.31
CD2 DTY AA 4 11.03 -10.24 -17.50
CE1 DTY AA 4 8.51 -10.15 -18.67
CE2 DTY AA 4 10.91 -10.01 -18.86
CZ DTY AA 4 9.65 -9.97 -19.44
OH DTY AA 4 9.50 -9.74 -20.84
H DTY AA 4 9.02 -8.71 -13.07
HA DTY AA 4 10.04 -8.64 -15.02
HB2 DTY AA 4 10.77 -11.28 -15.05
HB3 DTY AA 4 9.21 -11.07 -14.89
HD1 DTY AA 4 7.90 -10.50 -16.78
HD2 DTY AA 4 11.88 -10.28 -17.11
HE1 DTY AA 4 7.67 -10.12 -19.07
HE2 DTY AA 4 11.67 -9.88 -19.38
HH DTY AA 4 8.77 -10.08 -21.11
N M3L AA 5 12.53 -9.64 -13.00
CA M3L AA 5 13.97 -9.59 -12.88
CB M3L AA 5 14.48 -8.76 -11.69
CG M3L AA 5 15.75 -7.95 -12.02
CD M3L AA 5 17.01 -8.87 -12.38
CE M3L AA 5 17.56 -8.48 -13.79
NZ M3L AA 5 18.56 -9.48 -14.46
C M3L AA 5 14.36 -11.00 -12.53
O M3L AA 5 13.73 -11.50 -11.54
OXT M3L AA 5 15.25 -11.62 -13.16
CM1 M3L AA 5 19.69 -9.78 -13.56
CM2 M3L AA 5 19.14 -8.87 -15.65
CM3 M3L AA 5 17.84 -10.70 -14.88
H M3L AA 5 12.07 -9.87 -12.34
HA M3L AA 5 14.40 -9.31 -13.70
HB2 M3L AA 5 13.78 -8.17 -11.40
HB3 M3L AA 5 14.70 -9.37 -10.97
HG2 M3L AA 5 15.54 -7.36 -12.76
HG3 M3L AA 5 15.97 -7.40 -11.25
HD2 M3L AA 5 16.77 -9.79 -12.37
HD3 M3L AA 5 17.70 -8.71 -11.72
HE2 M3L AA 5 18.04 -7.65 -13.67
HE3 M3L AA 5 16.83 -8.34 -14.39
HM11 M3L AA 5 20.16 -8.95 -13.38
HM12 M3L AA 5 19.39 -10.16 -12.74
HM13 M3L AA 5 20.29 -10.38 -14.01
HM21 M3L AA 5 19.60 -8.06 -15.40
HM22 M3L AA 5 18.43 -8.66 -16.27
HM23 M3L AA 5 19.77 -9.48 -16.06
HM31 M3L AA 5 17.10 -10.44 -15.44
HM32 M3L AA 5 17.51 -11.18 -14.11
HM33 M3L AA 5 18.44 -11.27 -15.38
C02 UQ4 BA 1 -6.47 -10.68 -7.73
C50 UQ4 BA 1 -6.50 -9.22 -7.41
C51 UQ4 BA 1 -6.34 -8.93 -5.93
C53 UQ4 BA 1 -4.12 -9.67 -4.76
C54 UQ4 BA 1 -3.91 -8.53 -4.02
C55 UQ4 BA 1 -2.62 -8.23 -3.54
C56 UQ4 BA 1 -1.57 -9.10 -3.78
C60 UQ4 BA 1 -1.78 -10.26 -4.52
C64 UQ4 BA 1 -3.08 -10.56 -5.00
N52 UQ4 BA 1 -5.51 -9.99 -5.28
N57 UQ4 BA 1 -0.23 -8.80 -3.26
N61 UQ4 BA 1 -0.99 -11.29 -4.91
N63 UQ4 BA 1 -2.98 -11.73 -5.67
O01 UQ4 BA 1 -6.03 -11.41 -6.91
O58 UQ4 BA 1 0.74 -9.82 -3.22
O59 UQ4 BA 1 0.03 -7.73 -2.86
O62 UQ4 BA 1 -1.74 -12.13 -5.58
H501 UQ4 BA 1 -7.37 -8.90 -7.69
H502 UQ4 BA 1 -5.80 -8.77 -7.91
H512 UQ4 BA 1 -7.20 -8.92 -5.52
H511 UQ4 BA 1 -5.93 -8.06 -5.82
H541 UQ4 BA 1 -4.62 -7.95 -3.87
H551 UQ4 BA 1 -2.48 -7.46 -3.05
H521 UQ4 BA 1 -5.82 -10.78 -5.19
N DPN BA 2 -6.98 -11.19 -8.99
CA DPN BA 2 -7.53 -10.42 -10.11
C DPN BA 2 -6.50 -10.53 -11.23
O DPN BA 2 -6.45 -9.73 -12.08
CB DPN BA 2 -8.82 -11.04 -10.54
CG DPN BA 2 -10.02 -10.27 -9.98
CD1 DPN BA 2 -10.21 -10.17 -8.62
CD2 DPN BA 2 -10.94 -9.70 -10.86
CE1 DPN BA 2 -11.32 -9.47 -8.11
CE2 DPN BA 2 -12.03 -9.00 -10.36
CZ DPN BA 2 -12.22 -8.89 -8.98
H DPN BA 2 -6.93 -12.04 -9.11
HA DPN BA 2 -7.67 -9.50 -9.87
HB2 DPN BA 2 -8.84 -11.94 -10.21
HB3 DPN BA 2 -8.85 -11.05 -11.51
HD1 DPN BA 2 -9.59 -10.57 -8.05
HD2 DPN BA 2 -10.80 -9.77 -11.77
HE1 DPN BA 2 -11.45 -9.40 -7.20
HE2 DPN BA 2 -12.65 -8.61 -10.94
HZ DPN BA 2 -12.96 -8.43 -8.65
N DPN BA 3 -5.53 -11.67 -11.18
CA DPN BA 3 -4.45 -11.84 -12.11
C DPN BA 3 -4.94 -12.03 -13.57
O DPN BA 3 -4.77 -13.07 -14.11
CB DPN BA 3 -3.53 -10.63 -11.99
CG DPN BA 3 -2.95 -10.38 -10.54
CD1 DPN BA 3 -1.59 -10.52 -10.35
CD2 DPN BA 3 -3.74 -10.00 -9.46
CE1 DPN BA 3 -1.04 -10.29 -9.08
CE2 DPN BA 3 -3.21 -9.79 -8.21
CZ DPN BA 3 -1.85 -9.93 -8.02
H DPN BA 3 -5.55 -12.22 -10.52
HA DPN BA 3 -3.96 -12.62 -11.85
HB2 DPN BA 3 -2.78 -10.76 -12.59
HB3 DPN BA 3 -4.00 -9.84 -12.26
HD1 DPN BA 3 -1.04 -10.75 -11.05
HD2 DPN BA 3 -4.67 -9.91 -9.57
HE1 DPN BA 3 -0.12 -10.39 -8.95
HE2 DPN BA 3 -3.77 -9.55 -7.49
HZ DPN BA 3 -1.49 -9.78 -7.17
N DTY BA 4 -5.56 -10.90 -14.32
CA DTY BA 4 -6.02 -11.07 -15.69
C DTY BA 4 -4.91 -11.36 -16.72
O DTY BA 4 -5.16 -11.18 -17.85
CB DTY BA 4 -6.98 -12.25 -15.77
CG DTY BA 4 -8.18 -11.93 -16.70
CD1 DTY BA 4 -9.40 -11.62 -16.13
CD2 DTY BA 4 -8.02 -11.95 -18.06
CE1 DTY BA 4 -10.49 -11.33 -16.94
CE2 DTY BA 4 -9.10 -11.66 -18.88
CZ DTY BA 4 -10.34 -11.35 -18.31
OH DTY BA 4 -11.46 -11.06 -19.14
H DTY BA 4 -5.68 -10.16 -13.92
HA DTY BA 4 -6.49 -10.26 -15.96
HB2 DTY BA 4 -6.49 -13.01 -16.13
HB3 DTY BA 4 -7.31 -12.45 -14.89
HD1 DTY BA 4 -9.49 -11.60 -15.20
HD2 DTY BA 4 -7.20 -12.17 -18.44
HE1 DTY BA 4 -11.32 -11.11 -16.57
HE2 DTY BA 4 -9.01 -11.68 -19.80
HH DTY BA 4 -12.17 -11.30 -18.74
N M3L BA 5 -3.55 -11.82 -16.34
CA M3L BA 5 -2.53 -12.09 -17.33
CB M3L BA 5 -1.18 -11.40 -17.06
CG M3L BA 5 -0.50 -10.86 -18.34
CD M3L BA 5 -0.14 -12.01 -19.39
CE M3L BA 5 -0.81 -11.72 -20.77
NZ M3L BA 5 -0.91 -12.90 -21.79
C M3L BA 5 -2.23 -13.55 -17.16
O M3L BA 5 -1.96 -13.92 -15.99
OXT M3L BA 5 -2.23 -14.35 -18.14
CM1 M3L BA 5 0.43 -13.48 -22.04
CM2 M3L BA 5 -1.38 -12.40 -23.07
CM3 M3L BA 5 -1.86 -13.92 -21.31
H M3L BA 5 -3.36 -11.94 -15.52
HA M3L BA 5 -2.84 -11.89 -18.24
HB2 M3L BA 5 -1.32 -10.69 -16.44
HB3 M3L BA 5 -0.58 -12.05 -16.67
HG2 M3L BA 5 -1.10 -10.22 -18.74
HG3 M3L BA 5 0.30 -10.41 -18.08
HD2 M3L BA 5 -0.42 -12.88 -19.08
HD3 M3L BA 5 0.82 -12.03 -19.52
HE2 M3L BA 5 -0.27 -11.03 -21.19
HE3 M3L BA 5 -1.70 -11.38 -20.62
HM11 M3L BA 5 1.00 -12.80 -22.43
HM12 M3L BA 5 0.83 -13.78 -21.22
HM13 M3L BA 5 0.35 -14.21 -22.66
HM21 M3L BA 5 -0.77 -11.71 -23.38
HM22 M3L BA 5 -2.25 -12.03 -22.96
HM23 M3L BA 5 -1.40 -13.13 -23.71
HM31 M3L BA 5 -2.71 -13.47 -21.13
HM32 M3L BA 5 -1.53 -14.34 -20.51
HM33 M3L BA 5 -2.00 -14.58 -22.00
C02 UQ4 CA 1 -11.90 -3.87 0.84
C50 UQ4 CA 1 -11.48 -2.44 0.85
C51 UQ4 CA 1 -10.27 -2.20 1.75
C53 UQ4 CA 1 -8.16 -3.43 0.87
C54 UQ4 CA 1 -7.28 -2.38 0.92
C55 UQ4 CA 1 -6.13 -2.38 0.10
C56 UQ4 CA 1 -5.89 -3.46 -0.73
C60 UQ4 CA 1 -6.77 -4.52 -0.78
C64 UQ4 CA 1 -7.92 -4.51 0.03
N52 UQ4 CA 1 -9.40 -3.41 1.74
N57 UQ4 CA 1 -4.68 -3.47 -1.58
N61 UQ4 CA 1 -6.82 -5.68 -1.48
N63 UQ4 CA 1 -8.59 -5.65 -0.23
O01 UQ4 CA 1 -11.08 -4.69 1.09
O58 UQ4 CA 1 -4.22 -4.70 -2.07
O59 UQ4 CA 1 -4.11 -2.48 -1.80
O62 UQ4 CA 1 -7.90 -6.32 -1.12
H501 UQ4 CA 1 -12.24 -1.97 1.22
H502 UQ4 CA 1 -11.28 -2.22 -0.07
H512 UQ4 CA 1 -10.58 -2.05 2.65
H511 UQ4 CA 1 -9.79 -1.44 1.44
H541 UQ4 CA 1 -7.46 -1.67 1.48
H551 UQ4 CA 1 -5.53 -1.67 0.14
H521 UQ4 CA 1 -9.59 -4.10 2.22
N DPN CA 2 -13.27 -4.27 0.54
CA DPN CA 2 -14.40 -3.40 0.18
C DPN CA 2 -14.71 -3.71 -1.28
O DPN CA 2 -15.25 -2.93 -1.96
CB DPN CA 2 -15.57 -3.76 1.04
CG DPN CA 2 -15.75 -2.75 2.18
CD1 DPN CA 2 -14.81 -2.65 3.18
CD2 DPN CA 2 -16.88 -1.95 2.20
CE1 DPN CA 2 -14.99 -1.73 4.22
CE2 DPN CA 2 -17.06 -1.02 3.24
CZ DPN CA 2 -16.11 -0.92 4.25
H DPN CA 2 -13.43 -5.10 0.55
HA DPN CA 2 -14.20 -2.47 0.27
HB2 DPN CA 2 -15.42 -4.63 1.41
HB3 DPN CA 2 -16.37 -3.77 0.49
HD1 DPN CA 2 -14.06 -3.20 3.16
HD2 DPN CA 2 -17.51 -2.02 1.52
HE1 DPN CA 2 -14.36 -1.65 4.90
HE2 DPN CA 2 -17.82 -0.48 3.25
HZ DPN CA 2 -16.24 -0.31 4.93
N DPN CA 3 -14.28 -5.04 -1.80
CA DPN CA 3 -14.42 -5.44 -3.18
C DPN CA 3 -15.89 -5.47 -3.65
O DPN CA 3 -16.37 -6.51 -3.95
CB DPN CA 3 -13.58 -4.47 -4.03
CG DPN CA 3 -12.06 -4.37 -3.65
CD1 DPN CA 3 -11.10 -4.80 -4.55
CD2 DPN CA 3 -11.62 -3.83 -2.43
CE1 DPN CA 3 -9.74 -4.71 -4.24
CE2 DPN CA 3 -10.29 -3.76 -2.12
CZ DPN CA 3 -9.33 -4.19 -3.02
H DPN CA 3 -13.85 -5.59 -1.31
HA DPN CA 3 -14.03 -6.31 -3.28
HB2 DPN CA 3 -13.63 -4.76 -4.96
HB3 DPN CA 3 -13.97 -3.60 -3.97
HD1 DPN CA 3 -11.36 -5.14 -5.37
HD2 DPN CA 3 -12.23 -3.55 -1.80
HE1 DPN CA 3 -9.10 -5.00 -4.84
HE2 DPN CA 3 -10.02 -3.42 -1.28
HZ DPN CA 3 -8.44 -4.13 -2.80
N DTY CA 4 -16.67 -4.22 -3.81
CA DTY CA 4 -18.06 -4.24 -4.26
C DTY CA 4 -18.27 -4.76 -5.68
O DTY CA 4 -19.30 -4.50 -6.20
CB DTY CA 4 -18.87 -5.17 -3.36
CG DTY CA 4 -20.25 -4.57 -3.03
CD1 DTY CA 4 -20.47 -4.02 -1.78
CD2 DTY CA 4 -21.25 -4.60 -3.98
CE1 DTY CA 4 -21.72 -3.48 -1.47
CE2 DTY CA 4 -22.49 -4.05 -3.67
CZ DTY CA 4 -22.72 -3.50 -2.41
OH DTY CA 4 -24.00 -2.95 -2.08
H DTY CA 4 -16.31 -3.47 -3.60
HA DTY CA 4 -18.43 -3.35 -4.19
HB2 DTY CA 4 -18.99 -6.00 -3.83
HB3 DTY CA 4 -18.39 -5.34 -2.53
HD1 DTY CA 4 -19.80 -4.00 -1.15
HD2 DTY CA 4 -21.08 -4.97 -4.81
HE1 DTY CA 4 -21.88 -3.11 -0.64
HE2 DTY CA 4 -23.17 -4.07 -4.31
HH DTY CA 4 -24.24 -3.25 -1.34
N M3L CA 5 -17.23 -5.50 -6.46
CA M3L CA 5 -17.46 -5.97 -7.80
CB M3L CA 5 -16.36 -5.61 -8.81
CG M3L CA 5 -16.91 -5.21 -10.19
CD M3L CA 5 -17.70 -6.39 -10.93
CE M3L CA 5 -19.13 -5.92 -11.35
NZ M3L CA 5 -20.16 -7.03 -11.72
C M3L CA 5 -17.39 -7.47 -7.70
O M3L CA 5 -16.35 -7.93 -7.16
OXT M3L CA 5 -18.30 -8.21 -8.16
CM1 M3L CA 5 -19.62 -7.87 -12.81
CM2 M3L CA 5 -21.36 -6.40 -12.26
CM3 M3L CA 5 -20.53 -7.82 -10.54
H M3L CA 5 -16.48 -5.68 -6.08
HA M3L CA 5 -18.33 -5.70 -8.14
HB2 M3L CA 5 -15.74 -4.95 -8.46
HB3 M3L CA 5 -15.84 -6.41 -8.96
HG2 M3L CA 5 -17.48 -4.45 -10.13
HG3 M3L CA 5 -16.16 -4.96 -10.74
HD2 M3L CA 5 -17.76 -7.17 -10.36
HD3 M3L CA 5 -17.22 -6.64 -11.73
HE2 M3L CA 5 -19.00 -5.36 -12.11
HE3 M3L CA 5 -19.49 -5.42 -10.61
HM11 M3L CA 5 -19.32 -7.32 -13.54
HM12 M3L CA 5 -18.87 -8.38 -12.46
HM13 M3L CA 5 -20.32 -8.48 -13.11
HM21 M3L CA 5 -21.14 -6.00 -13.11
HM22 M3L CA 5 -21.69 -5.75 -11.64
HM23 M3L CA 5 -22.04 -7.09 -12.41
HM31 M3L CA 5 -20.87 -7.23 -9.85
HM32 M3L CA 5 -19.76 -8.29 -10.21
HM33 M3L CA 5 -21.21 -8.47 -10.78
C02 UQ4 DA 1 -7.41 -1.34 10.15
C50 UQ4 DA 1 -6.93 -0.04 9.58
C51 UQ4 DA 1 -5.51 -0.13 9.05
C53 UQ4 DA 1 -5.07 -1.79 7.08
C54 UQ4 DA 1 -4.28 -0.96 6.31
C55 UQ4 DA 1 -4.13 -1.20 4.93
C56 UQ4 DA 1 -4.75 -2.30 4.35
C60 UQ4 DA 1 -5.52 -3.15 5.12
C64 UQ4 DA 1 -5.69 -2.90 6.50
N52 UQ4 DA 1 -5.25 -1.52 8.55
N57 UQ4 DA 1 -4.56 -2.58 2.91
N61 UQ4 DA 1 -6.24 -4.28 4.87
N63 UQ4 DA 1 -6.49 -3.87 6.99
O01 UQ4 DA 1 -6.85 -2.33 9.84
O58 UQ4 DA 1 -4.95 -3.82 2.40
O59 UQ4 DA 1 -4.06 -1.77 2.22
O62 UQ4 DA 1 -6.78 -4.67 5.99
H501 UQ4 DA 1 -6.96 0.55 10.35
H502 UQ4 DA 1 -7.56 0.17 8.89
H512 UQ4 DA 1 -4.88 0.07 9.75
H511 UQ4 DA 1 -5.41 0.50 8.33
H541 UQ4 DA 1 -3.89 -0.22 6.70
H551 UQ4 DA 1 -3.61 -0.64 4.41
H521 UQ4 DA 1 -5.18 -2.17 9.11
N DPN DA 2 -8.56 -1.39 11.06
CA DPN DA 2 -9.39 -0.26 11.52
C DPN DA 2 -10.75 -0.46 10.85
O DPN DA 2 -11.47 0.44 10.69
CB DPN DA 2 -9.52 -0.34 13.00
CG DPN DA 2 -8.61 0.65 13.72
CD1 DPN DA 2 -7.23 0.54 13.63
CD2 DPN DA 2 -9.17 1.67 14.48
CE1 DPN DA 2 -6.41 1.45 14.30
CE2 DPN DA 2 -8.36 2.59 15.13
CZ DPN DA 2 -6.97 2.48 15.04
H DPN DA 2 -8.79 -2.16 11.34
HA DPN DA 2 -9.02 0.59 11.26
HB2 DPN DA 2 -9.28 -1.24 13.27
HB3 DPN DA 2 -10.43 -0.17 13.23
HD1 DPN DA 2 -6.87 -0.15 13.13
HD2 DPN DA 2 -10.09 1.74 14.52
HE1 DPN DA 2 -5.48 1.39 14.24
HE2 DPN DA 2 -8.74 3.28 15.63
HZ DPN DA 2 -6.43 3.09 15.49
N DPN DA 3 -11.10 -1.84 10.39
CA DPN DA 3 -12.30 -2.16 9.67
C DPN DA 3 -13.59 -1.89 10.47
O DPN DA 3 -14.25 -2.79 10.84
CB DPN DA 3 -12.27 -1.37 8.35
CG DPN DA 3 -11.01 -1.63 7.44
CD1 DPN DA 3 -11.20 -2.25 6.22
CD2 DPN DA 3 -9.72 -1.26 7.80
CE1 DPN DA 3 -10.11 -2.49 5.38
CE2 DPN DA 3 -8.64 -1.51 6.99
CZ DPN DA 3 -8.83 -2.11 5.77
H DPN DA 3 -10.54 -2.47 10.48
HA DPN DA 3 -12.27 -3.09 9.45
HB2 DPN DA 3 -13.06 -1.61 7.85
HB3 DPN DA 3 -12.33 -0.45 8.56
HD1 DPN DA 3 -12.06 -2.49 5.96
HD2 DPN DA 3 -9.57 -0.85 8.63
HE1 DPN DA 3 -10.24 -2.90 4.56
HE2 DPN DA 3 -7.78 -1.24 7.26
HZ DPN DA 3 -8.11 -2.27 5.22
N DTY DA 4 -14.06 -0.50 10.74
CA DTY DA 4 -15.27 -0.22 11.49
C DTY DA 4 -16.57 -0.66 10.79
O DTY DA 4 -17.58 -0.20 11.17
CB DTY DA 4 -15.26 -0.97 12.82
CG DTY DA 4 -15.79 -0.08 13.97
CD1 DTY DA 4 -14.89 0.48 14.86
CD2 DTY DA 4 -17.14 0.15 14.09
CE1 DTY DA 4 -15.35 1.28 15.90
CE2 DTY DA 4 -17.61 0.94 15.12
CZ DTY DA 4 -16.71 1.51 16.03
OH DTY DA 4 -17.17 2.33 17.09
H DTY DA 4 -13.58 0.15 10.46
HA DTY DA 4 -15.33 0.73 11.67
HB2 DTY DA 4 -15.83 -1.74 12.73
HB3 DTY DA 4 -14.36 -1.25 13.02
HD1 DTY DA 4 -13.99 0.32 14.76
HD2 DTY DA 4 -17.73 -0.24 13.48
HE1 DTY DA 4 -14.76 1.66 16.51
HE2 DTY DA 4 -18.52 1.10 15.21
HH DTY DA 4 -16.83 2.05 17.82
N M3L DA 5 -16.59 -1.59 9.62
CA M3L DA 5 -17.83 -1.99 8.98
CB M3L DA 5 -17.83 -1.85 7.45
CG M3L DA 5 -19.16 -1.31 6.89
CD M3L DA 5 -20.41 -2.28 7.20
CE M3L DA 5 -21.56 -1.50 7.92
NZ M3L DA 5 -22.64 -2.35 8.68
C M3L DA 5 -17.91 -3.47 9.22
O M3L DA 5 -16.91 -4.15 8.87
OXT M3L DA 5 -18.95 -4.01 9.70
CM1 M3L DA 5 -23.27 -3.28 7.73
CM2 M3L DA 5 -23.69 -1.47 9.15
CM3 M3L DA 5 -22.05 -3.05 9.83
H M3L DA 5 -15.86 -1.92 9.33
HA M3L DA 5 -18.60 -1.54 9.37
HB2 M3L DA 5 -17.07 -1.36 7.12
HB3 M3L DA 5 -17.75 -2.75 7.09
HG2 M3L DA 5 -19.37 -0.44 7.22
HG3 M3L DA 5 -19.07 -1.25 5.93
HD2 M3L DA 5 -20.14 -3.05 7.72
HD3 M3L DA 5 -20.77 -2.60 6.35
HE2 M3L DA 5 -22.01 -1.00 7.24
HE3 M3L DA 5 -21.14 -0.92 8.56
HM11 M3L DA 5 -23.61 -2.80 6.97
HM12 M3L DA 5 -22.61 -3.92 7.45
HM13 M3L DA 5 -24.01 -3.73 8.18
HM21 M3L DA 5 -24.14 -1.08 8.39
HM22 M3L DA 5 -23.29 -0.78 9.69
HM23 M3L DA 5 -24.32 -1.98 9.67
HM31 M3L DA 5 -21.61 -2.40 10.41
HM32 M3L DA 5 -21.40 -3.70 9.52
HM33 M3L DA 5 -22.75 -3.51 10.32
C02 UQ4 EA 1 2.87 0.16 12.31
C50 UQ4 EA 1 2.96 1.34 11.41
C51 UQ4 EA 1 3.59 0.98 10.07
C53 UQ4 EA 1 2.11 -0.68 8.72
C54 UQ4 EA 1 2.12 -0.01 7.51
C55 UQ4 EA 1 1.08 -0.24 6.58
C56 UQ4 EA 1 0.07 -1.14 6.89
C60 UQ4 EA 1 0.08 -1.83 8.08
C64 UQ4 EA 1 1.12 -1.60 9.02
N52 UQ4 EA 1 3.23 -0.42 9.70
N57 UQ4 EA 1 -0.99 -1.40 5.90
N61 UQ4 EA 1 -0.73 -2.75 8.65
N63 UQ4 EA 1 0.86 -2.38 10.09
O01 UQ4 EA 1 2.83 -0.91 11.81
O58 UQ4 EA 1 -1.73 -2.59 6.00
O59 UQ4 EA 1 -1.20 -0.61 5.05
O62 UQ4 EA 1 -0.23 -3.06 9.82
H501 UQ4 EA 1 3.54 1.96 11.86
H502 UQ4 EA 1 2.06 1.65 11.30
H512 UQ4 EA 1 4.55 1.06 10.15
H511 UQ4 EA 1 3.27 1.60 9.39
H541 UQ4 EA 1 2.78 0.61 7.33
H551 UQ4 EA 1 1.06 0.22 5.78
H521 UQ4 EA 1 3.64 -1.07 10.06
N DPN EA 2 2.83 0.31 13.76
CA DPN EA 2 2.84 1.55 14.54
C DPN EA 2 1.46 1.65 15.17
O DPN EA 2 1.00 2.68 15.49
CB DPN EA 2 3.89 1.44 15.61
CG DPN EA 2 5.17 2.20 15.23
CD1 DPN EA 2 5.93 1.79 14.16
CD2 DPN EA 2 5.53 3.32 15.97
CE1 DPN EA 2 7.09 2.50 13.82
CE2 DPN EA 2 6.69 4.03 15.63
CZ DPN EA 2 7.46 3.62 14.55
H DPN EA 2 2.78 -0.41 14.22
HA DPN EA 2 3.01 2.33 14.00
HB2 DPN EA 2 4.11 0.51 15.72
HB3 DPN EA 2 3.54 1.79 16.44
HD1 DPN EA 2 5.67 1.05 13.67
HD2 DPN EA 2 5.01 3.59 16.68
HE1 DPN EA 2 7.61 2.23 13.10
HE2 DPN EA 2 6.94 4.77 16.13
HZ DPN EA 2 8.23 4.09 14.33
N DPN EA 3 0.69 0.38 15.34
CA DPN EA 3 -0.66 0.33 15.84
C DPN EA 3 -0.81 0.85 17.28
O DPN EA 3 -1.08 0.10 18.15
CB DPN EA 3 -1.54 1.11 14.87
CG DPN EA 3 -1.50 0.63 13.36
CD1 DPN EA 3 -2.65 0.11 12.78
CD2 DPN EA 3 -0.35 0.73 12.57
CE1 DPN EA 3 -2.63 -0.32 11.46
CE2 DPN EA 3 -0.34 0.30 11.27
CZ DPN EA 3 -1.47 -0.23 10.70
H DPN EA 3 1.02 -0.36 15.08
HA DPN EA 3 -0.94 -0.59 15.81
HB2 DPN EA 3 -2.46 1.04 15.18
HB3 DPN EA 3 -1.29 2.02 14.90
HD1 DPN EA 3 -3.42 0.04 13.29
HD2 DPN EA 3 0.43 1.07 12.94
HE1 DPN EA 3 -3.40 -0.67 11.07
HE2 DPN EA 3 0.45 0.36 10.76
HZ DPN EA 3 -1.46 -0.50 9.81
N DTY EA 4 -0.67 2.31 17.58
CA DTY EA 4 -0.82 2.83 18.93
C DTY EA 4 -2.22 2.68 19.52
O DTY EA 4 -2.50 3.33 20.46
CB DTY EA 4 0.11 2.07 19.88
CG DTY EA 4 0.80 3.02 20.89
CD1 DTY EA 4 2.13 3.36 20.70
CD2 DTY EA 4 0.09 3.52 21.95
CE1 DTY EA 4 2.76 4.21 21.61
CE2 DTY EA 4 0.71 4.38 22.86
CZ DTY EA 4 2.04 4.72 22.67
OH DTY EA 4 2.69 5.59 23.59
H DTY EA 4 -0.48 2.85 16.95
HA DTY EA 4 -0.57 3.77 18.95
HB2 DTY EA 4 -0.42 1.43 20.36
HB3 DTY EA 4 0.80 1.61 19.37
HD1 DTY EA 4 2.60 3.01 19.99
HD2 DTY EA 4 -0.81 3.29 22.06
HE1 DTY EA 4 3.65 4.44 21.50
HE2 DTY EA 4 0.23 4.71 23.57
HH DTY EA 4 3.41 5.21 23.85
N M3L EA 5 -3.27 1.82 18.92
CA M3L EA 5 -4.60 1.70 19.50
CB M3L EA 5 -5.74 1.85 18.48
CG M3L EA 5 -6.93 2.67 19.03
CD M3L EA 5 -7.62 1.98 20.32
CE M3L EA 5 -7.67 2.98 21.51
NZ M3L EA 5 -7.92 2.37 22.93
C M3L EA 5 -4.69 0.27 19.93
O M3L EA 5 -4.42 -0.60 19.06
OXT M3L EA 5 -5.05 -0.04 21.11
CM1 M3L EA 5 -9.19 1.62 22.94
CM2 M3L EA 5 -8.09 3.45 23.89
CM3 M3L EA 5 -6.79 1.53 23.36
H M3L EA 5 -3.09 1.36 18.23
HA M3L EA 5 -4.71 2.30 20.25
HB2 M3L EA 5 -5.44 2.19 17.63
HB3 M3L EA 5 -6.10 0.97 18.33
HG2 M3L EA 5 -6.68 3.57 19.26
HG3 M3L EA 5 -7.60 2.73 18.34
HD2 M3L EA 5 -7.16 1.17 20.56
HD3 M3L EA 5 -8.53 1.75 20.07
HE2 M3L EA 5 -8.39 3.58 21.33
HE3 M3L EA 5 -6.82 3.44 21.53
HM11 M3L EA 5 -9.91 2.18 22.62
HM12 M3L EA 5 -9.10 0.85 22.36
HM13 M3L EA 5 -9.37 1.33 23.84
HM21 M3L EA 5 -8.88 3.95 23.65
HM22 M3L EA 5 -7.31 4.02 23.87
HM23 M3L EA 5 -8.20 3.07 24.77
HM31 M3L EA 5 -5.97 2.06 23.30
HM32 M3L EA 5 -6.71 0.76 22.78
HM33 M3L EA 5 -6.92 1.24 24.27
C02 UQ4 FA 1 11.21 -0.72 5.78
C50 UQ4 FA 1 10.72 0.43 4.96
C51 UQ4 FA 1 9.95 -0.04 3.73
C53 UQ4 FA 1 7.75 -1.33 4.22
C54 UQ4 FA 1 6.93 -0.67 3.33
C55 UQ4 FA 1 5.53 -0.67 3.51
C56 UQ4 FA 1 4.97 -1.36 4.58
C60 UQ4 FA 1 5.78 -2.04 5.46
C64 UQ4 FA 1 7.19 -2.04 5.28
N52 UQ4 FA 1 9.24 -1.32 4.02
N57 UQ4 FA 1 3.50 -1.39 4.75
N61 UQ4 FA 1 5.57 -2.80 6.57
N63 UQ4 FA 1 7.71 -2.76 6.30
O01 UQ4 FA 1 10.66 -1.76 5.66
O58 UQ4 FA 1 2.94 -2.32 5.63
O59 UQ4 FA 1 2.83 -0.64 4.13
O62 UQ4 FA 1 6.72 -3.21 7.02
H501 UQ4 FA 1 11.54 0.86 4.69
H502 UQ4 FA 1 10.17 0.94 5.54
H512 UQ4 FA 1 10.57 -0.17 3.00
H511 UQ4 FA 1 9.32 0.64 3.48
H541 UQ4 FA 1 7.31 -0.20 2.63
H551 UQ4 FA 1 4.97 -0.21 2.92
H521 UQ4 FA 1 9.69 -2.04 4.07
N DPN FA 2 12.32 -0.57 6.71
CA DPN FA 2 13.08 0.65 7.02
C DPN FA 2 12.70 1.03 8.44
O DPN FA 2 12.79 2.13 8.82
CB DPN FA 2 14.54 0.31 6.97
CG DPN FA 2 15.19 0.80 5.66
CD1 DPN FA 2 14.81 0.24 4.45
CD2 DPN FA 2 16.15 1.79 5.70
CE1 DPN FA 2 15.41 0.70 3.27
CE2 DPN FA 2 16.73 2.25 4.53
CZ DPN FA 2 16.37 1.70 3.31
H DPN FA 2 12.54 -1.26 7.16
HA DPN FA 2 12.88 1.36 6.41
HB2 DPN FA 2 14.64 -0.64 7.01
HB3 DPN FA 2 14.98 0.72 7.72
HD1 DPN FA 2 14.18 -0.43 4.43
HD2 DPN FA 2 16.38 2.16 6.52
HE1 DPN FA 2 15.17 0.33 2.44
HE2 DPN FA 2 17.37 2.92 4.56
HZ DPN FA 2 16.77 2.00 2.52
N DPN FA 3 12.16 -0.05 9.33
CA DPN FA 3 11.66 0.18 10.66
C DPN FA 3 12.76 0.71 11.62
O DPN FA 3 13.12 0.03 12.52
CB DPN FA 3 10.48 1.13 10.56
CG DPN FA 3 9.30 0.65 9.63
CD1 DPN FA 3 8.07 0.38 10.21
CD2 DPN FA 3 9.43 0.53 8.25
CE1 DPN FA 3 7.01 -0.04 9.40
CE2 DPN FA 3 8.38 0.10 7.46
CZ DPN FA 3 7.16 -0.17 8.03
H DPN FA 3 12.05 -0.84 9.02
HA DPN FA 3 11.35 -0.66 10.99
HB2 DPN FA 3 10.12 1.26 11.45
HB3 DPN FA 3 10.80 1.97 10.25
HD1 DPN FA 3 7.96 0.46 11.12
HD2 DPN FA 3 10.25 0.71 7.84
HE1 DPN FA 3 6.18 -0.24 9.79
HE2 DPN FA 3 8.50 0.02 6.53
HZ DPN FA 3 6.46 -0.45 7.50
N DTY FA 4 13.32 2.08 11.47
CA DTY FA 4 14.34 2.60 12.36
C DTY FA 4 13.89 2.77 13.81
O DTY FA 4 14.54 3.48 14.50
CB DTY FA 4 15.52 1.62 12.43
CG DTY FA 4 16.86 2.39 12.43
CD1 DTY FA 4 17.61 2.44 11.27
CD2 DTY FA 4 17.32 2.99 13.58
CE1 DTY FA 4 18.82 3.12 11.25
CE2 DTY FA 4 18.52 3.67 13.58
CZ DTY FA 4 19.27 3.72 12.41
OH DTY FA 4 20.53 4.41 12.38
H DTY FA 4 13.05 2.57 10.81
HA DTY FA 4 14.66 3.44 12.03
HB2 DTY FA 4 15.43 1.12 13.24
HB3 DTY FA 4 15.48 1.02 11.68
HD1 DTY FA 4 17.31 2.02 10.50
HD2 DTY FA 4 16.81 2.94 14.36
HE1 DTY FA 4 19.33 3.15 10.48
HE2 DTY FA 4 18.83 4.08 14.35
HH DTY FA 4 21.09 3.92 11.99
N M3L FA 5 12.67 2.15 14.38
CA M3L FA 5 12.27 2.33 15.76
CB M3L FA 5 10.81 2.74 15.96
CG M3L FA 5 10.62 3.79 17.08
CD M3L FA 5 11.03 3.23 18.53
CE M3L FA 5 12.09 4.15 19.20
NZ M3L FA 5 12.89 3.57 20.41
C M3L FA 5 12.34 0.95 16.34
O M3L FA 5 11.71 0.06 15.72
OXT M3L FA 5 12.98 0.71 17.41
CM1 M3L FA 5 11.97 3.12 21.46
CM2 M3L FA 5 13.70 4.63 21.01
CM3 M3L FA 5 13.81 2.51 19.96
H M3L FA 5 12.20 1.64 13.88
HA M3L FA 5 12.88 2.92 16.24
HB2 M3L FA 5 10.39 3.01 15.13
HB3 M3L FA 5 10.34 1.97 16.26
HG2 M3L FA 5 11.11 4.59 16.90
HG3 M3L FA 5 9.68 4.01 17.11
HD2 M3L FA 5 11.36 2.33 18.47
HD3 M3L FA 5 10.24 3.21 19.09
HE2 M3L FA 5 11.61 4.93 19.51
HE3 M3L FA 5 12.72 4.37 18.51
HM11 M3L FA 5 11.34 3.82 21.68
HM12 M3L FA 5 11.49 2.35 21.13
HM13 M3L FA 5 12.49 2.87 22.24
HM21 M3L FA 5 13.10 5.26 21.44
HM22 M3L FA 5 14.22 5.06 20.34
HM23 M3L FA 5 14.27 4.24 21.68
HM31 M3L FA 5 14.40 2.86 19.27
HM32 M3L FA 5 13.29 1.78 19.60
HM33 M3L FA 5 14.33 2.19 20.70
C02 UQ4 GA 1 11.36 -3.18 -4.57
C50 UQ4 GA 1 10.59 -1.94 -4.92
C51 UQ4 GA 1 9.12 -2.21 -5.09
C53 UQ4 GA 1 7.90 -3.02 -2.93
C54 UQ4 GA 1 6.81 -2.18 -2.98
C55 UQ4 GA 1 6.08 -1.89 -1.81
C56 UQ4 GA 1 6.45 -2.45 -0.61
C60 UQ4 GA 1 7.53 -3.32 -0.55
C64 UQ4 GA 1 8.27 -3.60 -1.72
N52 UQ4 GA 1 8.69 -3.32 -4.19
N57 UQ4 GA 1 5.67 -2.17 0.62
N61 UQ4 GA 1 8.13 -4.01 0.45
N63 UQ4 GA 1 9.26 -4.44 -1.35
O01 UQ4 GA 1 10.75 -4.08 -4.09
O58 UQ4 GA 1 5.82 -3.02 1.73
O59 UQ4 GA 1 4.92 -1.27 0.64
O62 UQ4 GA 1 9.14 -4.67 -0.06
H501 UQ4 GA 1 10.99 -1.69 -5.76
H502 UQ4 GA 1 10.77 -1.33 -4.20
H512 UQ4 GA 1 8.95 -2.46 -6.00
H511 UQ4 GA 1 8.62 -1.41 -4.89
H541 UQ4 GA 1 6.58 -1.79 -3.79
H551 UQ4 GA 1 5.35 -1.31 -1.86
H521 UQ4 GA 1 8.89 -4.12 -4.38
N DPN GA 2 12.79 -3.30 -4.84
CA DPN GA 2 13.68 -2.28 -5.40
C DPN GA 2 14.58 -1.85 -4.25
O DPN GA 2 15.10 -0.80 -4.25
CB DPN GA 2 14.50 -2.91 -6.49
CG DPN GA 2 13.96 -2.56 -7.87
CD1 DPN GA 2 12.68 -2.96 -8.24
CD2 DPN GA 2 14.73 -1.82 -8.75
CE1 DPN GA 2 12.19 -2.62 -9.50
CE2 DPN GA 2 14.24 -1.49 -10.01
CZ DPN GA 2 12.96 -1.89 -10.39
H DPN GA 2 13.15 -4.03 -4.61
HA DPN GA 2 13.21 -1.52 -5.75
HB2 DPN GA 2 14.47 -3.87 -6.38
HB3 DPN GA 2 15.42 -2.60 -6.40
HD1 DPN GA 2 12.17 -3.45 -7.64
HD2 DPN GA 2 15.58 -1.55 -8.49
HE1 DPN GA 2 11.34 -2.89 -9.76
HE2 DPN GA 2 14.76 -0.99 -10.59
HZ DPN GA 2 12.64 -1.67 -11.23
N DPN GA 3 14.75 -2.81 -3.11
CA DPN GA 3 15.51 -2.50 -1.92
C DPN GA 3 17.01 -2.23 -2.20
O DPN GA 3 17.81 -2.99 -1.79
CB DPN GA 3 14.84 -1.30 -1.24
CG DPN GA 3 13.32 -1.50 -0.87
CD1 DPN GA 3 12.94 -1.49 0.46
CD2 DPN GA 3 12.32 -1.63 -1.84
CE1 DPN GA 3 11.61 -1.65 0.81
CE2 DPN GA 3 11.00 -1.80 -1.50
CZ DPN GA 3 10.63 -1.80 -0.17
H DPN GA 3 14.34 -3.55 -3.11
HA DPN GA 3 15.43 -3.25 -1.33
HB2 DPN GA 3 15.32 -1.12 -0.42
HB3 DPN GA 3 14.93 -0.55 -1.81
HD1 DPN GA 3 13.59 -1.39 1.12
HD2 DPN GA 3 12.56 -1.65 -2.73
HE1 DPN GA 3 11.36 -1.65 1.71
HE2 DPN GA 3 10.36 -1.90 -2.16
HZ DPN GA 3 9.73 -1.91 0.06
N DTY GA 4 17.45 -1.01 -2.92
CA DTY GA 4 18.85 -0.74 -3.18
C DTY GA 4 19.70 -0.50 -1.93
O DTY GA 4 20.75 0.03 -2.07
CB DTY GA 4 19.49 -1.94 -3.88
CG DTY GA 4 20.43 -1.48 -5.01
CD1 DTY GA 4 20.02 -1.57 -6.33
CD2 DTY GA 4 21.69 -0.99 -4.70
CE1 DTY GA 4 20.86 -1.17 -7.35
CE2 DTY GA 4 22.53 -0.58 -5.72
CZ DTY GA 4 22.12 -0.68 -7.05
OH DTY GA 4 22.97 -0.26 -8.11
H DTY GA 4 16.85 -0.46 -3.21
HA DTY GA 4 18.92 0.03 -3.76
HB2 DTY GA 4 19.99 -2.44 -3.22
HB3 DTY GA 4 18.79 -2.50 -4.25
HD1 DTY GA 4 19.18 -1.91 -6.52
HD2 DTY GA 4 21.95 -0.94 -3.82
HE1 DTY GA 4 20.59 -1.23 -8.24
HE2 DTY GA 4 23.37 -0.25 -5.52
HH DTY GA 4 22.94 -0.84 -8.73
N M3L GA 5 19.26 -0.86 -0.56
CA M3L GA 5 20.09 -0.62 0.61
CB M3L GA 5 19.37 0.09 1.76
CG M3L GA 5 20.25 1.13 2.48
CD M3L GA 5 21.54 0.48 3.18
CE M3L GA 5 22.85 1.13 2.63
NZ M3L GA 5 24.20 0.39 2.91
C M3L GA 5 20.36 -2.00 1.14
O M3L GA 5 19.33 -2.72 1.33
OXT M3L GA 5 21.52 -2.39 1.40
CM1 M3L GA 5 24.37 0.14 4.35
CM2 M3L GA 5 25.31 1.22 2.50
CM3 M3L GA 5 24.25 -0.86 2.12
H M3L GA 5 18.51 -1.24 -0.45
HA M3L GA 5 20.93 -0.20 0.38
HB2 M3L GA 5 18.51 0.46 1.49
HB3 M3L GA 5 19.18 -0.57 2.43
HG2 M3L GA 5 20.54 1.82 1.88
HG3 M3L GA 5 19.72 1.54 3.16
HD2 M3L GA 5 21.56 -0.48 3.04
HD3 M3L GA 5 21.49 0.63 4.13
HE2 M3L GA 5 22.91 2.00 3.01
HE3 M3L GA 5 22.73 1.16 1.68
HM11 M3L GA 5 24.20 0.95 4.85
HM12 M3L GA 5 23.73 -0.54 4.62
HM13 M3L GA 5 25.26 -0.18 4.51
HM21 M3L GA 5 25.39 1.94 3.14
HM22 M3L GA 5 25.17 1.55 1.62
HM23 M3L GA 5 26.12 0.70 2.53
HM31 M3L GA 5 24.13 -0.67 1.18
HM32 M3L GA 5 23.55 -1.45 2.41
HM33 M3L GA 5 25.10 -1.30 2.26
C02 UQ4 HA 1 3.10 -5.41 -10.91
C50 UQ4 HA 1 2.54 -4.03 -10.77
C51 UQ4 HA 1 1.42 -3.98 -9.74
C53 UQ4 HA 1 2.18 -4.54 -7.31
C54 UQ4 HA 1 1.58 -3.49 -6.65
C55 UQ4 HA 1 2.07 -3.06 -5.40
C56 UQ4 HA 1 3.14 -3.72 -4.82
C60 UQ4 HA 1 3.73 -4.79 -5.46
C64 UQ4 HA 1 3.24 -5.21 -6.72
N52 UQ4 HA 1 1.66 -4.99 -8.66
N57 UQ4 HA 1 3.63 -3.29 -3.50
N61 UQ4 HA 1 4.76 -5.61 -5.16
N63 UQ4 HA 1 4.02 -6.25 -7.10
O01 UQ4 HA 1 2.95 -6.17 -10.01
O58 UQ4 HA 1 4.44 -4.16 -2.76
O59 UQ4 HA 1 3.34 -2.23 -3.07
O62 UQ4 HA 1 4.89 -6.47 -6.15
H501 UQ4 HA 1 2.19 -3.87 -11.65
H502 UQ4 HA 1 3.28 -3.47 -10.51
H512 UQ4 HA 1 0.60 -4.19 -10.19
H511 UQ4 HA 1 1.37 -3.10 -9.36
H541 UQ4 HA 1 0.87 -3.05 -7.06
H551 UQ4 HA 1 1.67 -2.34 -4.97
H521 UQ4 HA 1 1.50 -5.82 -8.80
N DPN HA 2 3.79 -5.83 -12.13
CA DPN HA 2 4.09 -5.02 -13.32
C DPN HA 2 5.60 -4.81 -13.31
O DPN HA 2 6.09 -3.91 -13.85
CB DPN HA 2 3.69 -5.80 -14.53
CG DPN HA 2 2.34 -5.31 -15.09
CD1 DPN HA 2 1.19 -5.44 -14.35
CD2 DPN HA 2 2.30 -4.72 -16.35
CE1 DPN HA 2 -0.03 -4.99 -14.87
CE2 DPN HA 2 1.09 -4.27 -16.87
CZ DPN HA 2 -0.07 -4.41 -16.12
H DPN HA 2 4.10 -6.62 -12.14
HA DPN HA 2 3.64 -4.18 -13.31
HB2 DPN HA 2 3.61 -6.73 -14.30
HB3 DPN HA 2 4.38 -5.70 -15.21
HD1 DPN HA 2 1.23 -5.83 -13.51
HD2 DPN HA 2 3.08 -4.64 -16.84
HE1 DPN HA 2 -0.81 -5.08 -14.37
HE2 DPN HA 2 1.06 -3.88 -17.71
HZ DPN HA 2 -0.89 -4.11 -16.47
N DPN HA 3 6.43 -5.81 -12.55
CA DPN HA 3 7.85 -5.69 -12.39
C DPN HA 3 8.61 -5.74 -13.74
O DPN HA 3 9.32 -6.66 -13.96
CB DPN HA 3 8.13 -4.39 -11.62
CG DPN HA 3 7.41 -4.26 -10.23
CD1 DPN HA 3 8.18 -4.22 -9.07
CD2 DPN HA 3 6.02 -4.15 -10.10
CE1 DPN HA 3 7.57 -4.09 -7.83
CE2 DPN HA 3 5.42 -4.04 -8.88
CZ DPN HA 3 6.18 -4.00 -7.73
H DPN HA 3 6.05 -6.44 -12.12
HA DPN HA 3 8.14 -6.42 -11.84
HB2 DPN HA 3 9.08 -4.34 -11.48
HB3 DPN HA 3 7.87 -3.67 -12.17
HD1 DPN HA 3 9.10 -4.28 -9.14
HD2 DPN HA 3 5.49 -4.18 -10.86
HE1 DPN HA 3 8.08 -4.06 -7.05
HE2 DPN HA 3 4.49 -3.98 -8.81
HZ DPN HA 3 5.77 -3.91 -6.91
N DTY HA 4 8.49 -4.63 -14.72
CA DTY HA 4 9.20 -4.66 -15.99
C DTY HA 4 10.73 -4.63 -15.89
O DTY HA 4 11.33 -4.31 -16.84
CB DTY HA 4 8.88 -5.96 -16.74
CG DTY HA 4 8.68 -5.70 -18.24
CD1 DTY HA 4 7.40 -5.64 -18.77
CD2 DTY HA 4 9.79 -5.53 -19.06
CE1 DTY HA 4 7.22 -5.42 -20.12
CE2 DTY HA 4 9.60 -5.30 -20.42
CZ DTY HA 4 8.31 -5.25 -20.94
OH DTY HA 4 8.11 -5.01 -22.33
H DTY HA 4 7.97 -3.97 -14.55
HA DTY HA 4 8.91 -3.91 -16.53
HB2 DTY HA 4 9.62 -6.56 -16.60
HB3 DTY HA 4 8.08 -6.35 -16.36
HD1 DTY HA 4 6.67 -5.76 -18.20
HD2 DTY HA 4 10.64 -5.57 -18.69
HE1 DTY HA 4 6.36 -5.39 -20.47
HE2 DTY HA 4 10.34 -5.19 -20.96
HH DTY HA 4 7.53 -5.56 -22.61
N M3L HA 5 11.47 -4.93 -14.63
CA M3L HA 5 12.92 -4.89 -14.57
CB M3L HA 5 13.48 -4.07 -13.40
CG M3L HA 5 14.75 -3.26 -13.78
CD M3L HA 5 15.99 -4.18 -14.21
CE M3L HA 5 16.49 -3.81 -15.63
NZ M3L HA 5 17.44 -4.82 -16.34
C M3L HA 5 13.30 -6.31 -14.22
O M3L HA 5 12.72 -6.78 -13.22
OXT M3L HA 5 14.17 -6.93 -14.89
CM1 M3L HA 5 18.60 -5.12 -15.49
CM2 M3L HA 5 17.96 -4.22 -17.55
CM3 M3L HA 5 16.69 -6.04 -16.72
H M3L HA 5 11.04 -5.16 -13.94
HA M3L HA 5 13.32 -4.65 -15.41
HB2 M3L HA 5 12.82 -3.50 -12.99
HB3 M3L HA 5 13.79 -4.69 -12.73
HG2 M3L HA 5 14.55 -2.65 -14.51
HG3 M3L HA 5 15.00 -2.73 -13.01
HD2 M3L HA 5 15.73 -5.11 -14.17
HD3 M3L HA 5 16.70 -4.05 -13.57
HE2 M3L HA 5 16.94 -2.98 -15.55
HE3 M3L HA 5 15.68 -3.74 -16.17
HM11 M3L HA 5 19.00 -4.30 -15.16
HM12 M3L HA 5 18.30 -5.65 -14.75
HM13 M3L HA 5 19.24 -5.62 -16.01
HM21 M3L HA 5 18.61 -3.55 -17.30
HM22 M3L HA 5 17.26 -3.85 -18.07
HM23 M3L HA 5 18.42 -4.90 -18.07
HM31 M3L HA 5 15.94 -5.80 -17.28
HM32 M3L HA 5 16.37 -6.47 -15.93
HM33 M3L HA 5 17.27 -6.65 -17.20
C02 UQ4 IA 1 -7.29 -5.81 -8.54
C50 UQ4 IA 1 -7.30 -4.35 -8.24
C51 UQ4 IA 1 -7.07 -4.06 -6.76
C53 UQ4 IA 1 -4.82 -4.81 -5.68
C54 UQ4 IA 1 -4.57 -3.67 -4.95
C55 UQ4 IA 1 -3.25 -3.38 -4.53
C56 UQ4 IA 1 -2.22 -4.26 -4.82
C60 UQ4 IA 1 -2.47 -5.42 -5.53
C64 UQ4 IA 1 -3.79 -5.71 -5.96
N52 UQ4 IA 1 -6.23 -5.12 -6.14
N57 UQ4 IA 1 -0.85 -3.97 -4.35
N61 UQ4 IA 1 -1.71 -6.45 -5.97
N63 UQ4 IA 1 -3.73 -6.88 -6.64
O01 UQ4 IA 1 -6.83 -6.54 -7.74
O58 UQ4 IA 1 0.10 -5.00 -4.35
O59 UQ4 IA 1 -0.58 -2.90 -3.95
O62 UQ4 IA 1 -2.48 -7.29 -6.60
H501 UQ4 IA 1 -8.20 -4.10 -8.48
H502 UQ4 IA 1 -6.60 -3.98 -8.78
H512 UQ4 IA 1 -7.93 -4.04 -6.31
H511 UQ4 IA 1 -6.64 -3.20 -6.67
H541 UQ4 IA 1 -5.25 -3.08 -4.78
H551 UQ4 IA 1 -3.07 -2.61 -4.05
H521 UQ4 IA 1 -6.53 -5.91 -6.04
N DPN IA 2 -7.87 -6.32 -9.78
CA DPN IA 2 -8.45 -5.55 -10.87
C DPN IA 2 -7.46 -5.66 -12.03
O DPN IA 2 -7.45 -4.86 -12.90
CB DPN IA 2 -9.76 -6.15 -11.25
CG DPN IA 2 -10.94 -5.38 -10.65
CD1 DPN IA 2 -11.07 -5.27 -9.28
CD2 DPN IA 2 -11.88 -4.80 -11.48
CE1 DPN IA 2 -12.14 -4.56 -8.73
CE2 DPN IA 2 -12.96 -4.09 -10.94
CZ DPN IA 2 -13.08 -3.97 -9.56
H DPN IA 2 -7.82 -7.17 -9.90
HA DPN IA 2 -8.58 -4.62 -10.65
HB2 DPN IA 2 -9.78 -7.07 -10.94
HB3 DPN IA 2 -9.83 -6.15 -12.22
HD1 DPN IA 2 -10.43 -5.67 -8.73
HD2 DPN IA 2 -11.79 -4.88 -12.40
HE1 DPN IA 2 -12.23 -4.49 -7.81
HE2 DPN IA 2 -13.59 -3.70 -11.50
HZ DPN IA 2 -13.80 -3.50 -9.20
N DPN IA 3 -6.51 -6.81 -12.02
CA DPN IA 3 -5.47 -6.99 -13.02
C DPN IA 3 -6.02 -7.19 -14.45
O DPN IA 3 -5.89 -8.22 -14.98
CB DPN IA 3 -4.54 -5.80 -12.92
CG DPN IA 3 -3.89 -5.54 -11.51
CD1 DPN IA 3 -2.52 -5.68 -11.36
CD2 DPN IA 3 -4.64 -5.16 -10.39
CE1 DPN IA 3 -1.92 -5.47 -10.13
CE2 DPN IA 3 -4.06 -4.95 -9.16
CZ DPN IA 3 -2.68 -5.09 -9.03
H DPN IA 3 -6.51 -7.36 -11.37
HA DPN IA 3 -4.98 -7.78 -12.77
HB2 DPN IA 3 -3.81 -5.94 -13.56
HB3 DPN IA 3 -5.01 -5.02 -13.19
HD1 DPN IA 3 -2.01 -5.93 -12.10
HD2 DPN IA 3 -5.56 -5.06 -10.45
HE1 DPN IA 3 -1.01 -5.56 -10.03
HE2 DPN IA 3 -4.57 -4.71 -8.43
HZ DPN IA 3 -2.29 -4.94 -8.21
N DTY IA 4 -6.67 -6.05 -15.17
CA DTY IA 4 -7.18 -6.22 -16.52
C DTY IA 4 -6.13 -6.53 -17.58
O DTY IA 4 -6.43 -6.34 -18.72
CB DTY IA 4 -8.16 -7.39 -16.56
CG DTY IA 4 -9.39 -7.06 -17.43
CD1 DTY IA 4 -10.59 -6.73 -16.81
CD2 DTY IA 4 -9.30 -7.09 -18.81
CE1 DTY IA 4 -11.71 -6.44 -17.58
CE2 DTY IA 4 -10.41 -6.79 -19.57
CZ DTY IA 4 -11.62 -6.47 -18.95
OH DTY IA 4 -12.78 -6.17 -19.73
H DTY IA 4 -6.76 -5.30 -14.76
HA DTY IA 4 -7.66 -5.41 -16.78
HB2 DTY IA 4 -7.69 -8.15 -16.94
HB3 DTY IA 4 -8.44 -7.60 -15.66
HD1 DTY IA 4 -10.64 -6.72 -15.88
HD2 DTY IA 4 -8.49 -7.31 -19.20
HE1 DTY IA 4 -12.51 -6.23 -17.17
HE2 DTY IA 4 -10.35 -6.82 -20.49
HH DTY IA 4 -13.42 -6.62 -19.44
N M3L IA 5 -4.75 -6.98 -17.27
CA M3L IA 5 -3.77 -7.27 -18.31
CB M3L IA 5 -2.41 -6.60 -18.09
CG M3L IA 5 -1.78 -6.06 -19.40
CD M3L IA 5 -1.48 -7.22 -20.47
CE M3L IA 5 -2.21 -6.92 -21.82
NZ M3L IA 5 -2.35 -8.10 -22.83
C M3L IA 5 -3.48 -8.73 -18.14
O M3L IA 5 -3.15 -9.10 -16.98
OXT M3L IA 5 -3.54 -9.53 -19.12
CM1 M3L IA 5 -1.03 -8.69 -23.12
CM2 M3L IA 5 -2.86 -7.60 -24.09
CM3 M3L IA 5 -3.29 -9.11 -22.30
H M3L IA 5 -4.53 -7.11 -16.46
HA M3L IA 5 -4.12 -7.10 -19.19
HB2 M3L IA 5 -2.44 -5.92 -17.40
HB3 M3L IA 5 -1.80 -7.28 -17.79
HG2 M3L IA 5 -2.35 -5.41 -19.81
HG3 M3L IA 5 -0.95 -5.63 -19.17
HD2 M3L IA 5 -1.74 -8.08 -20.12
HD3 M3L IA 5 -0.53 -7.25 -20.63
HE2 M3L IA 5 -1.69 -6.24 -22.25
HE3 M3L IA 5 -3.08 -6.62 -21.59
HM11 M3L IA 5 -0.40 -7.99 -23.37
HM12 M3L IA 5 -0.72 -9.15 -22.34
HM13 M3L IA 5 -1.14 -9.32 -23.86
HM21 M3L IA 5 -2.17 -7.09 -24.53
HM22 M3L IA 5 -3.65 -7.07 -23.93
HM23 M3L IA 5 -3.10 -8.35 -24.65
HM31 M3L IA 5 -4.14 -8.68 -22.10
HM32 M3L IA 5 -2.92 -9.49 -21.50
HM33 M3L IA 5 -3.43 -9.81 -22.95
C02 UQ4 JA 1 -12.67 5.74 -0.53
C50 UQ4 JA 1 -12.22 7.17 -0.55
C51 UQ4 JA 1 -10.95 7.39 0.24
C53 UQ4 JA 1 -8.93 6.12 -0.78
C54 UQ4 JA 1 -8.02 7.15 -0.80
C55 UQ4 JA 1 -6.94 7.12 -1.70
C56 UQ4 JA 1 -6.79 6.04 -2.54
C60 UQ4 JA 1 -7.69 4.99 -2.52
C64 UQ4 JA 1 -8.78 5.02 -1.62
N52 UQ4 JA 1 -10.10 6.17 0.18
N57 UQ4 JA 1 -5.64 5.99 -3.47
N61 UQ4 JA 1 -7.80 3.84 -3.20
N63 UQ4 JA 1 -9.49 3.89 -1.83
O01 UQ4 JA 1 -11.85 4.91 -0.33
O58 UQ4 JA 1 -5.24 4.75 -3.99
O59 UQ4 JA 1 -5.06 6.97 -3.74
O62 UQ4 JA 1 -8.86 3.21 -2.77
H501 UQ4 JA 1 -12.94 7.66 -0.14
H502 UQ4 JA 1 -12.09 7.41 -1.48
H512 UQ4 JA 1 -11.19 7.55 1.16
H511 UQ4 JA 1 -10.48 8.15 -0.10
H541 UQ4 JA 1 -8.16 7.87 -0.24
H551 UQ4 JA 1 -6.32 7.82 -1.72
H521 UQ4 JA 1 -10.27 5.49 0.68
N DPN JA 2 -14.07 5.38 -0.72
CA DPN JA 2 -15.20 6.26 -1.00
C DPN JA 2 -15.62 5.95 -2.44
O DPN JA 2 -16.19 6.74 -3.09
CB DPN JA 2 -16.32 5.93 -0.06
CG DPN JA 2 -16.40 6.95 1.09
CD1 DPN JA 2 -15.38 7.04 2.01
CD2 DPN JA 2 -17.51 7.78 1.19
CE1 DPN JA 2 -15.46 7.97 3.06
CE2 DPN JA 2 -17.59 8.71 2.22
CZ DPN JA 2 -16.56 8.80 3.15
H DPN JA 2 -14.24 4.55 -0.70
HA DPN JA 2 -14.97 7.19 -0.94
HB2 DPN JA 2 -16.14 5.06 0.31
HB3 DPN JA 2 -17.15 5.93 -0.55
HD1 DPN JA 2 -14.64 6.48 1.94
HD2 DPN JA 2 -18.17 7.71 0.56
HE1 DPN JA 2 -14.78 8.04 3.69
HE2 DPN JA 2 -18.33 9.27 2.29
HZ DPN JA 2 -16.62 9.42 3.85
N DPN JA 3 -15.26 4.60 -2.98
CA DPN JA 3 -15.50 4.22 -4.34
C DPN JA 3 -17.00 4.19 -4.71
O DPN JA 3 -17.54 3.17 -4.95
CB DPN JA 3 -14.71 5.15 -5.26
CG DPN JA 3 -13.17 5.23 -4.99
CD1 DPN JA 3 -12.28 4.77 -5.96
CD2 DPN JA 3 -12.63 5.76 -3.81
CE1 DPN JA 3 -10.91 4.84 -5.75
CE2 DPN JA 3 -11.28 5.81 -3.59
CZ DPN JA 3 -10.40 5.35 -4.56
H DPN JA 3 -14.81 4.06 -2.51
HA DPN JA 3 -15.16 3.32 -4.45
HB2 DPN JA 3 -14.86 4.87 -6.17
HB3 DPN JA 3 -15.08 6.04 -5.16
HD1 DPN JA 3 -12.62 4.43 -6.75
HD2 DPN JA 3 -13.19 6.06 -3.14
HE1 DPN JA 3 -10.32 4.54 -6.39
HE2 DPN JA 3 -10.94 6.16 -2.80
HZ DPN JA 3 -9.49 5.40 -4.41
N DTY JA 4 -17.78 5.47 -4.80
CA DTY JA 4 -19.19 5.47 -5.15
C DTY JA 4 -19.51 4.95 -6.56
O DTY JA 4 -20.57 5.22 -7.01
CB DTY JA 4 -19.95 4.56 -4.19
CG DTY JA 4 -21.29 5.19 -3.76
CD1 DTY JA 4 -21.42 5.75 -2.50
CD2 DTY JA 4 -22.37 5.17 -4.64
CE1 DTY JA 4 -22.63 6.32 -2.11
CE2 DTY JA 4 -23.57 5.74 -4.25
CZ DTY JA 4 -23.69 6.31 -2.98
OH DTY JA 4 -24.93 6.89 -2.57
H DTY JA 4 -17.39 6.20 -4.62
HA DTY JA 4 -19.55 6.37 -5.07
HB2 DTY JA 4 -20.12 3.73 -4.65
HB3 DTY JA 4 -19.41 4.39 -3.41
HD1 DTY JA 4 -20.69 5.75 -1.93
HD2 DTY JA 4 -22.27 4.79 -5.47
HE1 DTY JA 4 -22.71 6.70 -1.27
HE2 DTY JA 4 -24.29 5.73 -4.83
HH DTY JA 4 -25.08 6.66 -1.76
N M3L JA 5 -18.55 4.18 -7.39
CA M3L JA 5 -18.90 3.71 -8.73
CB M3L JA 5 -17.86 4.03 -9.81
CG M3L JA 5 -18.50 4.44 -11.15
CD M3L JA 5 -19.37 3.26 -11.82
CE M3L JA 5 -20.81 3.77 -12.14
NZ M3L JA 5 -21.89 2.67 -12.43
C M3L JA 5 -18.84 2.20 -8.61
O M3L JA 5 -17.77 1.73 -8.14
OXT M3L JA 5 -19.80 1.47 -8.99
CM1 M3L JA 5 -21.45 1.82 -13.53
CM2 M3L JA 5 -23.11 3.32 -12.87
CM3 M3L JA 5 -22.19 1.90 -11.22
H M3L JA 5 -17.78 3.99 -7.08
HA M3L JA 5 -19.78 4.00 -8.99
HB2 M3L JA 5 -17.26 4.72 -9.50
HB3 M3L JA 5 -17.33 3.24 -9.97
HG2 M3L JA 5 -19.07 5.20 -10.99
HG3 M3L JA 5 -17.80 4.70 -11.77
HD2 M3L JA 5 -19.41 2.50 -11.23
HD3 M3L JA 5 -18.94 2.99 -12.64
HE2 M3L JA 5 -20.72 4.27 -12.95
HE3 M3L JA 5 -21.13 4.33 -11.41
HM11 M3L JA 5 -21.28 2.36 -14.31
HM12 M3L JA 5 -20.64 1.36 -13.29
HM13 M3L JA 5 -22.14 1.17 -13.74
HM21 M3L JA 5 -22.92 3.83 -13.68
HM22 M3L JA 5 -23.45 3.89 -12.18
HM23 M3L JA 5 -23.77 2.64 -13.09
HM31 M3L JA 5 -22.47 2.50 -10.51
HM32 M3L JA 5 -21.40 1.41 -10.93
HM33 M3L JA 5 -22.90 1.27 -11.40
C02 UQ4 KA 1 -7.46 8.25 8.41
C50 UQ4 KA 1 -6.99 9.53 7.80
C51 UQ4 KA 1 -5.62 9.41 7.16
C53 UQ4 KA 1 -5.36 7.74 5.17
C54 UQ4 KA 1 -4.62 8.54 4.34
C55 UQ4 KA 1 -4.57 8.29 2.95
C56 UQ4 KA 1 -5.25 7.19 2.43
C60 UQ4 KA 1 -5.99 6.37 3.27
C64 UQ4 KA 1 -6.03 6.64 4.66
N52 UQ4 KA 1 -5.42 8.02 6.66
N57 UQ4 KA 1 -5.17 6.92 0.99
N61 UQ4 KA 1 -6.74 5.26 3.08
N63 UQ4 KA 1 -6.82 5.68 5.20
O01 UQ4 KA 1 -6.93 7.25 8.07
O58 UQ4 KA 1 -5.63 5.67 0.51
O59 UQ4 KA 1 -4.72 7.71 0.26
O62 UQ4 KA 1 -7.20 4.88 4.24
H501 UQ4 KA 1 -6.94 10.15 8.54
H502 UQ4 KA 1 -7.65 9.78 7.15
H512 UQ4 KA 1 -4.94 9.60 7.81
H511 UQ4 KA 1 -5.56 10.04 6.43
H541 UQ4 KA 1 -4.18 9.29 4.70
H551 UQ4 KA 1 -4.08 8.83 2.40
H521 UQ4 KA 1 -5.31 7.38 7.20
N DPN KA 2 -8.54 8.24 9.40
CA DPN KA 2 -9.30 9.37 9.90
C DPN KA 2 -10.72 9.20 9.34
O DPN KA 2 -11.44 10.11 9.22
CB DPN KA 2 -9.33 9.31 11.39
CG DPN KA 2 -8.35 10.29 12.04
CD1 DPN KA 2 -6.98 10.15 11.85
CD2 DPN KA 2 -8.83 11.33 12.83
CE1 DPN KA 2 -6.10 11.05 12.44
CE2 DPN KA 2 -7.95 12.23 13.41
CZ DPN KA 2 -6.59 12.09 13.22
H DPN KA 2 -8.76 7.47 9.70
HA DPN KA 2 -8.94 10.22 9.61
HB2 DPN KA 2 -9.08 8.41 11.65
HB3 DPN KA 2 -10.22 9.50 11.69
HD1 DPN KA 2 -6.67 9.45 11.33
HD2 DPN KA 2 -9.75 11.41 12.94
HE1 DPN KA 2 -5.18 10.97 12.32
HE2 DPN KA 2 -8.29 12.93 13.94
HZ DPN KA 2 -6.00 12.70 13.62
N DPN KA 3 -11.12 7.83 8.92
CA DPN KA 3 -12.39 7.53 8.29
C DPN KA 3 -13.61 7.82 9.18
O DPN KA 3 -14.26 6.93 9.61
CB DPN KA 3 -12.44 8.30 6.98
CG DPN KA 3 -11.26 8.01 5.98
CD1 DPN KA 3 -11.55 7.39 4.77
CD2 DPN KA 3 -9.93 8.37 6.24
CE1 DPN KA 3 -10.53 7.13 3.86
CE2 DPN KA 3 -8.92 8.10 5.35
CZ DPN KA 3 -9.22 7.47 4.15
H DPN KA 3 -10.58 7.18 8.97
HA DPN KA 3 -12.39 6.59 8.08
HB2 DPN KA 3 -13.28 8.08 6.53
HB3 DPN KA 3 -12.45 9.24 7.18
HD1 DPN KA 3 -12.42 7.17 4.57
HD2 DPN KA 3 -9.71 8.78 7.04
HE1 DPN KA 3 -10.72 6.71 3.05
HE2 DPN KA 3 -8.04 8.33 5.54
HZ DPN KA 3 -8.53 7.30 3.54
N DTY KA 4 -14.02 9.23 9.47
CA DTY KA 4 -15.17 9.53 10.31
C DTY KA 4 -16.53 9.11 9.70
O DTY KA 4 -17.50 9.59 10.16
CB DTY KA 4 -15.08 8.80 11.65
CG DTY KA 4 -15.51 9.70 12.82
CD1 DTY KA 4 -14.54 10.25 13.64
CD2 DTY KA 4 -16.85 9.95 13.04
CE1 DTY KA 4 -14.91 11.06 14.71
CE2 DTY KA 4 -17.22 10.77 14.10
CZ DTY KA 4 -16.24 11.32 14.92
OH DTY KA 4 -16.60 12.15 16.02
H DTY KA 4 -13.55 9.87 9.16
HA DTY KA 4 -15.21 10.49 10.49
HB2 DTY KA 4 -15.67 8.03 11.59
HB3 DTY KA 4 -14.17 8.50 11.78
HD1 DTY KA 4 -13.65 10.07 13.48
HD2 DTY KA 4 -17.49 9.58 12.48
HE1 DTY KA 4 -14.27 11.43 15.26
HE2 DTY KA 4 -18.11 10.94 14.26
HH DTY KA 4 -16.01 12.12 16.61
N M3L KA 5 -16.65 8.18 8.55
CA M3L KA 5 -17.94 7.80 8.02
CB M3L KA 5 -18.06 7.92 6.49
CG M3L KA 5 -19.42 8.49 6.02
CD M3L KA 5 -20.66 7.55 6.42
CE M3L KA 5 -21.73 8.35 7.23
NZ M3L KA 5 -22.76 7.53 8.06
C M3L KA 5 -18.04 6.33 8.26
O M3L KA 5 -17.08 5.63 7.85
OXT M3L KA 5 -19.05 5.81 8.83
CM1 M3L KA 5 -23.49 6.60 7.18
CM2 M3L KA 5 -23.76 8.44 8.60
CM3 M3L KA 5 -22.11 6.83 9.18
H M3L KA 5 -15.95 7.84 8.22
HA M3L KA 5 -18.67 8.28 8.45
HB2 M3L KA 5 -17.34 8.45 6.13
HB3 M3L KA 5 -17.99 7.04 6.10
HG2 M3L KA 5 -19.54 9.36 6.41
HG3 M3L KA 5 -19.40 8.58 5.06
HD2 M3L KA 5 -20.36 6.79 6.93
HD3 M3L KA 5 -21.08 7.21 5.61
HE2 M3L KA 5 -22.24 8.82 6.55
HE3 M3L KA 5 -21.29 8.98 7.81
HM11 M3L KA 5 -23.94 7.10 6.48
HM12 M3L KA 5 -22.87 5.99 6.78
HM13 M3L KA 5 -24.14 6.11 7.71
HM21 M3L KA 5 -24.20 8.89 7.88
HM22 M3L KA 5 -23.32 9.07 9.19
HM23 M3L KA 5 -24.41 7.92 9.11
HM31 M3L KA 5 -21.61 7.46 9.70
HM32 M3L KA 5 -21.50 6.15 8.82
HM33 M3L KA 5 -22.78 6.39 9.73
C02 UQ4 LA 1 2.98 9.56 9.79
C50 UQ4 LA 1 3.03 10.74 8.87
C51 UQ4 LA 1 3.55 10.36 7.50
C53 UQ4 LA 1 1.94 8.72 6.27
C54 UQ4 LA 1 1.87 9.37 5.06
C55 UQ4 LA 1 0.76 9.17 4.22
C56 UQ4 LA 1 -0.24 8.29 4.60
C60 UQ4 LA 1 -0.15 7.60 5.80
C64 UQ4 LA 1 0.96 7.82 6.65
N52 UQ4 LA 1 3.13 8.97 7.18
N57 UQ4 LA 1 -1.38 8.05 3.70
N61 UQ4 LA 1 -0.93 6.71 6.43
N63 UQ4 LA 1 0.76 7.04 7.74
O01 UQ4 LA 1 2.88 8.49 9.31
O58 UQ4 LA 1 -2.13 6.87 3.86
O59 UQ4 LA 1 -1.63 8.82 2.86
O62 UQ4 LA 1 -0.36 6.39 7.56
H501 UQ4 LA 1 3.65 11.35 9.27
H502 UQ4 LA 1 2.14 11.09 8.82
H512 UQ4 LA 1 4.51 10.42 7.51
H511 UQ4 LA 1 3.21 10.98 6.85
H541 UQ4 LA 1 2.53 9.98 4.83
H551 UQ4 LA 1 0.70 9.62 3.40
H521 UQ4 LA 1 3.58 8.31 7.49
N DPN LA 2 3.06 9.72 11.25
CA DPN LA 2 3.15 10.98 12.01
C DPN LA 2 1.82 11.10 12.74
O DPN LA 2 1.41 12.15 13.07
CB DPN LA 2 4.26 10.85 12.99
CG DPN LA 2 5.52 11.58 12.52
CD1 DPN LA 2 6.19 11.15 11.39
CD2 DPN LA 2 5.97 12.70 13.22
CE1 DPN LA 2 7.34 11.84 10.97
CE2 DPN LA 2 7.10 13.38 12.79
CZ DPN LA 2 7.79 12.94 11.66
H DPN LA 2 3.01 9.02 11.71
HA DPN LA 2 3.29 11.74 11.45
HB2 DPN LA 2 4.47 9.91 13.08
HB3 DPN LA 2 3.97 11.20 13.85
HD1 DPN LA 2 5.89 10.41 10.94
HD2 DPN LA 2 5.50 12.98 13.97
HE1 DPN LA 2 7.80 11.54 10.21
HE2 DPN LA 2 7.40 14.12 13.26
HZ DPN LA 2 8.55 13.40 11.37
N DPN LA 3 1.03 9.85 12.98
CA DPN LA 3 -0.27 9.83 13.57
C DPN LA 3 -0.31 10.36 15.02
O DPN LA 3 -0.53 9.62 15.91
CB DPN LA 3 -1.22 10.61 12.65
CG DPN LA 3 -1.29 10.13 11.16
CD1 DPN LA 3 -2.49 9.62 10.67
CD2 DPN LA 3 -0.21 10.20 10.28
CE1 DPN LA 3 -2.58 9.19 9.35
CE2 DPN LA 3 -0.29 9.76 8.99
CZ DPN LA 3 -1.48 9.26 8.51
H DPN LA 3 1.32 9.11 12.69
HA DPN LA 3 -0.57 8.91 13.58
HB2 DPN LA 3 -2.10 10.58 13.03
HB3 DPN LA 3 -0.93 11.54 12.65
HD1 DPN LA 3 -3.22 9.58 11.24
HD2 DPN LA 3 0.61 10.52 10.59
HE1 DPN LA 3 -3.38 8.85 9.03
HE2 DPN LA 3 0.46 9.81 8.42
HZ DPN LA 3 -1.53 8.97 7.62
N DTY LA 4 -0.12 11.82 15.29
CA DTY LA 4 -0.16 12.35 16.65
C DTY LA 4 -1.52 12.23 17.34
O DTY LA 4 -1.71 12.90 18.29
CB DTY LA 4 0.83 11.58 17.53
CG DTY LA 4 1.60 12.52 18.47
CD1 DTY LA 4 2.93 12.83 18.20
CD2 DTY LA 4 0.98 13.05 19.59
CE1 DTY LA 4 3.63 13.68 19.04
CE2 DTY LA 4 1.68 13.89 20.43
CZ DTY LA 4 3.01 14.20 20.15
OH DTY LA 4 3.75 15.06 21.02
H DTY LA 4 0.03 12.35 14.64
HA DTY LA 4 0.11 13.29 16.64
HB2 DTY LA 4 0.31 10.94 18.05
HB3 DTY LA 4 1.46 11.11 16.97
HD1 DTY LA 4 3.33 12.47 17.44
HD2 DTY LA 4 0.08 12.83 19.76
HE1 DTY LA 4 4.52 13.89 18.86
HE2 DTY LA 4 1.27 14.24 21.18
HH DTY LA 4 4.54 14.77 21.10
N M3L LA 5 -2.62 11.38 16.81
CA M3L LA 5 -3.91 11.30 17.49
CB M3L LA 5 -5.13 11.47 16.57
CG M3L LA 5 -6.25 12.31 17.20
CD M3L LA 5 -6.86 11.65 18.53
CE M3L LA 5 -6.80 12.64 19.73
NZ M3L LA 5 -6.96 12.06 21.16
C M3L LA 5 -3.99 9.86 17.95
O M3L LA 5 -3.81 9.00 17.06
OXT M3L LA 5 -4.27 9.57 19.15
CM1 M3L LA 5 -8.23 11.32 21.27
CM2 M3L LA 5 -7.03 13.14 22.12
CM3 M3L LA 5 -5.81 11.20 21.51
H M3L LA 5 -2.50 10.92 16.12
HA M3L LA 5 -3.96 11.91 18.24
HB2 M3L LA 5 -4.85 11.85 15.72
HB3 M3L LA 5 -5.50 10.59 16.39
HG2 M3L LA 5 -5.91 13.19 17.41
HG3 M3L LA 5 -6.96 12.40 16.56
HD2 M3L LA 5 -6.39 10.83 18.75
HD3 M3L LA 5 -7.78 11.42 18.38
HE2 M3L LA 5 -7.56 13.22 19.59
HE3 M3L LA 5 -5.97 13.15 19.68
HM11 M3L LA 5 -8.96 11.92 21.04
HM12 M3L LA 5 -8.22 10.58 20.66
HM13 M3L LA 5 -8.34 11.01 22.17
HM21 M3L LA 5 -7.79 13.70 21.91
HM22 M3L LA 5 -6.21 13.65 22.08
HM23 M3L LA 5 -7.14 12.78 23.01
HM31 M3L LA 5 -4.99 11.70 21.36
HM32 M3L LA 5 -5.80 10.41 20.95
HM33 M3L LA 5 -5.86 10.94 22.44
C02 UQ4 MA 1 10.79 8.48 2.68
C50 UQ4 MA 1 10.28 9.64 1.88
C51 UQ4 MA 1 9.41 9.18 0.72
C53 UQ4 MA 1 7.21 7.92 1.37
C54 UQ4 MA 1 6.35 8.60 0.54
C55 UQ4 MA 1 4.96 8.62 0.83
C56 UQ4 MA 1 4.48 7.95 1.94
C60 UQ4 MA 1 5.34 7.26 2.76
C64 UQ4 MA 1 6.73 7.24 2.48
N52 UQ4 MA 1 8.70 7.91 1.07
N57 UQ4 MA 1 3.02 7.96 2.22
N61 UQ4 MA 1 5.19 6.53 3.89
N63 UQ4 MA 1 7.31 6.51 3.46
O01 UQ4 MA 1 10.22 7.45 2.60
O58 UQ4 MA 1 2.51 7.05 3.15
O59 UQ4 MA 1 2.32 8.71 1.65
O62 UQ4 MA 1 6.36 6.09 4.27
H501 UQ4 MA 1 11.07 10.05 1.53
H502 UQ4 MA 1 9.78 10.20 2.47
H512 UQ4 MA 1 9.97 9.01 -0.05
H511 UQ4 MA 1 8.77 9.87 0.50
H541 UQ4 MA 1 6.68 9.06 -0.19
H551 UQ4 MA 1 4.38 9.09 0.28
H521 UQ4 MA 1 9.13 7.18 1.08
N DPN MA 2 11.98 8.62 3.52
CA DPN MA 2 12.78 9.82 3.76
C DPN MA 2 12.50 10.22 5.20
O DPN MA 2 12.66 11.32 5.57
CB DPN MA 2 14.22 9.46 3.60
CG DPN MA 2 14.78 9.91 2.24
CD1 DPN MA 2 14.31 9.36 1.07
CD2 DPN MA 2 15.76 10.90 2.21
CE1 DPN MA 2 14.83 9.81 -0.16
CE2 DPN MA 2 16.27 11.34 1.00
CZ DPN MA 2 15.81 10.79 -0.19
H DPN MA 2 12.21 7.93 3.96
HA DPN MA 2 12.54 10.54 3.16
HB2 DPN MA 2 14.28 8.50 3.65
HB3 DPN MA 2 14.73 9.86 4.32
HD1 DPN MA 2 13.66 8.71 1.11
HD2 DPN MA 2 16.06 11.27 3.01
HE1 DPN MA 2 14.53 9.43 -0.95
HE2 DPN MA 2 16.92 12.00 0.97
HZ DPN MA 2 16.15 11.08 -1.00
N DPN MA 3 12.02 9.16 6.13
CA DPN MA 3 11.63 9.40 7.50
C DPN MA 3 12.80 9.92 8.37
O DPN MA 3 13.21 9.23 9.24
CB DPN MA 3 10.46 10.38 7.48
CG DPN MA 3 9.21 9.92 6.65
CD1 DPN MA 3 8.02 9.66 7.30
CD2 DPN MA 3 9.23 9.78 5.25
CE1 DPN MA 3 6.89 9.26 6.59
CE2 DPN MA 3 8.13 9.37 4.55
CZ DPN MA 3 6.95 9.12 5.22
H DPN MA 3 11.88 8.37 5.85
HA DPN MA 3 11.31 8.58 7.87
HB2 DPN MA 3 10.17 10.54 8.40
HB3 DPN MA 3 10.76 11.22 7.12
HD1 DPN MA 3 7.97 9.77 8.23
HD2 DPN MA 3 10.02 9.95 4.79
HE1 DPN MA 3 6.08 9.10 7.04
HE2 DPN MA 3 8.17 9.28 3.62
HZ DPN MA 3 6.20 8.86 4.73
N DTY MA 4 13.38 11.28 8.17
CA DTY MA 4 14.48 11.78 8.99
C DTY MA 4 14.13 11.97 10.47
O DTY MA 4 14.83 12.68 11.09
CB DTY MA 4 15.63 10.79 8.97
CG DTY MA 4 16.98 11.52 8.86
CD1 DTY MA 4 17.65 11.55 7.65
CD2 DTY MA 4 17.53 12.12 9.98
CE1 DTY MA 4 18.87 12.21 7.54
CE2 DTY MA 4 18.75 12.78 9.87
CZ DTY MA 4 19.41 12.81 8.65
OH DTY MA 4 20.67 13.48 8.53
H DTY MA 4 13.07 11.76 7.53
HA DTY MA 4 14.77 12.62 8.62
HB2 DTY MA 4 15.60 10.28 9.79
HB3 DTY MA 4 15.54 10.19 8.22
HD1 DTY MA 4 17.28 11.14 6.91
HD2 DTY MA 4 17.08 12.09 10.79
HE1 DTY MA 4 19.32 12.23 6.74
HE2 DTY MA 4 19.12 13.19 10.62
HH DTY MA 4 21.12 13.10 7.92
N M3L MA 5 12.95 11.37 11.12
CA M3L MA 5 12.66 11.58 12.53
CB M3L MA 5 11.21 12.02 12.82
CG M3L MA 5 11.13 13.07 13.95
CD M3L MA 5 11.64 12.51 15.37
CE M3L MA 5 12.76 13.43 15.95
NZ M3L MA 5 13.63 12.84 17.10
C M3L MA 5 12.73 10.20 13.12
O M3L MA 5 12.04 9.32 12.54
OXT M3L MA 5 13.44 9.95 14.13
CM1 M3L MA 5 12.79 12.40 18.22
CM2 M3L MA 5 14.50 13.88 17.63
CM3 M3L MA 5 14.50 11.75 16.59
H M3L MA 5 12.43 10.87 10.67
HA M3L MA 5 13.29 12.16 12.95
HB2 M3L MA 5 10.80 12.35 12.02
HB3 M3L MA 5 10.71 11.24 13.12
HG2 M3L MA 5 11.66 13.83 13.68
HG3 M3L MA 5 10.20 13.35 14.03
HD2 M3L MA 5 11.95 11.60 15.29
HD3 M3L MA 5 10.88 12.51 15.98
HE2 M3L MA 5 12.28 14.16 16.34
HE3 M3L MA 5 13.33 13.73 15.24
HM11 M3L MA 5 12.25 13.15 18.53
HM12 M3L MA 5 12.20 11.70 17.93
HM13 M3L MA 5 13.35 12.09 18.94
HM21 M3L MA 5 13.95 14.60 17.99
HM22 M3L MA 5 15.06 14.21 16.92
HM23 M3L MA 5 15.05 13.52 18.34
HM31 M3L MA 5 14.99 12.08 15.83
HM32 M3L MA 5 13.95 11.00 16.32
HM33 M3L MA 5 15.11 11.47 17.28
C02 UQ4 NA 1 10.13 5.95 -7.65
C50 UQ4 NA 1 9.37 7.21 -7.94
C51 UQ4 NA 1 7.88 6.97 -8.00
C53 UQ4 NA 1 6.81 6.20 -5.75
C54 UQ4 NA 1 5.74 7.05 -5.73
C55 UQ4 NA 1 5.10 7.37 -4.51
C56 UQ4 NA 1 5.54 6.79 -3.33
C60 UQ4 NA 1 6.61 5.92 -3.34
C64 UQ4 NA 1 7.26 5.61 -4.57
N52 UQ4 NA 1 7.49 5.88 -7.07
N57 UQ4 NA 1 4.87 7.10 -2.06
N61 UQ4 NA 1 7.27 5.22 -2.39
N63 UQ4 NA 1 8.26 4.76 -4.26
O01 UQ4 NA 1 9.55 5.07 -7.11
O58 UQ4 NA 1 5.08 6.26 -0.95
O59 UQ4 NA 1 4.13 8.02 -1.98
O62 UQ4 NA 1 8.23 4.54 -2.97
H501 UQ4 NA 1 9.68 7.46 -8.81
H502 UQ4 NA 1 9.59 7.87 -7.26
H512 UQ4 NA 1 7.66 6.69 -8.90
H511 UQ4 NA 1 7.39 7.78 -7.80
H541 UQ4 NA 1 5.45 7.45 -6.51
H551 UQ4 NA 1 4.37 7.95 -4.50
H521 UQ4 NA 1 7.66 5.07 -7.27
N DPN NA 2 11.53 5.81 -8.02
CA DPN NA 2 12.40 6.80 -8.65
C DPN NA 2 13.40 7.22 -7.56
O DPN NA 2 13.93 8.26 -7.61
CB DPN NA 2 13.13 6.15 -9.79
CG DPN NA 2 12.48 6.52 -11.13
CD1 DPN NA 2 11.19 6.12 -11.40
CD2 DPN NA 2 13.22 7.22 -12.07
CE1 DPN NA 2 10.61 6.46 -12.63
CE2 DPN NA 2 12.64 7.56 -13.28
CZ DPN NA 2 11.34 7.17 -13.57
H DPN NA 2 11.91 5.07 -7.81
HA DPN NA 2 11.91 7.57 -8.96
HB2 DPN NA 2 13.08 5.20 -9.66
HB3 DPN NA 2 14.05 6.44 -9.77
HD1 DPN NA 2 10.71 5.65 -10.76
HD2 DPN NA 2 14.09 7.48 -11.86
HE1 DPN NA 2 9.73 6.20 -12.82
HE2 DPN NA 2 13.13 8.04 -13.92
HZ DPN NA 2 10.96 7.40 -14.39
N DPN NA 3 13.64 6.28 -6.44
CA DPN NA 3 14.48 6.58 -5.31
C DPN NA 3 15.96 6.81 -5.70
O DPN NA 3 16.78 6.03 -5.35
CB DPN NA 3 13.89 7.78 -4.59
CG DPN NA 3 12.39 7.63 -4.11
CD1 DPN NA 3 12.12 7.64 -2.75
CD2 DPN NA 3 11.33 7.50 -5.00
CE1 DPN NA 3 10.81 7.51 -2.31
CE2 DPN NA 3 10.04 7.36 -4.57
CZ DPN NA 3 9.77 7.37 -3.21
H DPN NA 3 13.21 5.54 -6.40
HA DPN NA 3 14.43 5.82 -4.71
HB2 DPN NA 3 14.44 7.98 -3.82
HB3 DPN NA 3 13.93 8.54 -5.18
HD1 DPN NA 3 12.82 7.74 -2.14
HD2 DPN NA 3 11.49 7.48 -5.92
HE1 DPN NA 3 10.63 7.53 -1.40
HE2 DPN NA 3 9.34 7.26 -5.18
HZ DPN NA 3 8.88 7.28 -2.92
N DTY NA 4 16.37 8.02 -6.46
CA DTY NA 4 17.76 8.26 -6.83
C DTY NA 4 18.70 8.49 -5.64
O DTY NA 4 19.74 9.00 -5.87
CB DTY NA 4 18.31 7.04 -7.57
CG DTY NA 4 19.18 7.47 -8.76
CD1 DTY NA 4 18.68 7.38 -10.04
CD2 DTY NA 4 20.47 7.94 -8.54
CE1 DTY NA 4 19.44 7.76 -11.13
CE2 DTY NA 4 21.24 8.33 -9.63
CZ DTY NA 4 20.72 8.24 -10.93
OH DTY NA 4 21.51 8.63 -12.04
H DTY NA 4 15.77 8.57 -6.71
HA DTY NA 4 17.80 9.03 -7.42
HB2 DTY NA 4 18.85 6.53 -6.93
HB3 DTY NA 4 17.58 6.51 -7.89
HD1 DTY NA 4 17.81 7.07 -10.18
HD2 DTY NA 4 20.80 8.00 -7.68
HE1 DTY NA 4 19.11 7.70 -12.00
HE2 DTY NA 4 22.10 8.65 -9.50
HH DTY NA 4 21.27 8.17 -12.73
N M3L NA 5 18.35 8.15 -4.24
CA M3L NA 5 19.27 8.38 -3.14
CB M3L NA 5 18.65 9.11 -1.94
CG M3L NA 5 19.61 10.14 -1.30
CD M3L NA 5 20.93 9.46 -0.68
CE M3L NA 5 22.21 10.08 -1.34
NZ M3L NA 5 23.55 9.31 -1.16
C M3L NA 5 19.55 7.00 -2.61
O M3L NA 5 18.53 6.30 -2.35
OXT M3L NA 5 20.73 6.59 -2.43
CM1 M3L NA 5 23.82 9.07 0.27
CM2 M3L NA 5 24.65 10.12 -1.64
CM3 M3L NA 5 23.53 8.07 -1.94
H M3L NA 5 17.61 7.78 -4.07
HA M3L NA 5 20.09 8.81 -3.43
HB2 M3L NA 5 17.84 9.55 -2.22
HB3 M3L NA 5 18.43 8.46 -1.26
HG2 M3L NA 5 19.85 10.78 -1.98
HG3 M3L NA 5 19.13 10.59 -0.59
HD2 M3L NA 5 20.92 8.51 -0.83
HD3 M3L NA 5 20.95 9.64 0.26
HE2 M3L NA 5 22.31 10.92 -0.89
HE3 M3L NA 5 22.05 10.21 -2.29
HM11 M3L NA 5 23.83 9.91 0.74
HM12 M3L NA 5 23.14 8.51 0.65
HM13 M3L NA 5 24.69 8.65 0.36
HM21 M3L NA 5 24.68 10.95 -1.14
HM22 M3L NA 5 24.51 10.32 -2.58
HM23 M3L NA 5 25.49 9.65 -1.54
HM31 M3L NA 5 23.29 8.27 -2.86
HM32 M3L NA 5 22.87 7.45 -1.56
HM33 M3L NA 5 24.40 7.65 -1.92
C02 UQ4 OA 1 1.39 3.84 -13.34
C50 UQ4 OA 1 0.87 5.23 -13.16
C51 UQ4 OA 1 -0.17 5.31 -12.06
C53 UQ4 OA 1 0.76 4.75 -9.68
C54 UQ4 OA 1 0.22 5.82 -9.00
C55 UQ4 OA 1 0.82 6.25 -7.79
C56 UQ4 OA 1 1.91 5.57 -7.29
C60 UQ4 OA 1 2.44 4.49 -7.96
C64 UQ4 OA 1 1.84 4.06 -9.18
N52 UQ4 OA 1 0.13 4.31 -10.99
N57 UQ4 OA 1 2.51 6.01 -6.01
N61 UQ4 OA 1 3.47 3.65 -7.74
N63 UQ4 OA 1 2.57 3.01 -9.61
O01 UQ4 OA 1 1.30 3.10 -12.42
O58 UQ4 OA 1 3.35 5.12 -5.32
O59 UQ4 OA 1 2.26 7.07 -5.57
O62 UQ4 OA 1 3.51 2.78 -8.72
H501 UQ4 OA 1 0.45 5.42 -14.01
H502 UQ4 OA 1 1.61 5.81 -12.97
H512 UQ4 OA 1 -1.03 5.09 -12.45
H511 UQ4 OA 1 -0.21 6.20 -11.69
H541 UQ4 OA 1 -0.50 6.28 -9.35
H551 UQ4 OA 1 0.47 6.98 -7.33
H521 UQ4 OA 1 -0.06 3.48 -11.12
N DPN OA 2 1.98 3.41 -14.60
CA DPN OA 2 2.21 4.20 -15.81
C DPN OA 2 3.72 4.38 -15.92
O DPN OA 2 4.18 5.26 -16.51
CB DPN OA 2 1.70 3.43 -16.99
CG DPN OA 2 0.34 3.94 -17.45
CD1 DPN OA 2 -0.77 3.83 -16.62
CD2 DPN OA 2 0.21 4.51 -18.71
CE1 DPN OA 2 -2.02 4.30 -17.05
CE2 DPN OA 2 -1.03 4.98 -19.14
CZ DPN OA 2 -2.14 4.88 -18.31
H DPN OA 2 2.26 2.60 -14.63
HA DPN OA 2 1.78 5.06 -15.77
HB2 DPN OA 2 1.62 2.50 -16.73
HB3 DPN OA 2 2.33 3.51 -17.72
HD1 DPN OA 2 -0.67 3.44 -15.79
HD2 DPN OA 2 0.95 4.59 -19.26
HE1 DPN OA 2 -2.76 4.23 -16.51
HE2 DPN OA 2 -1.12 5.37 -19.98
HZ DPN OA 2 -2.97 5.19 -18.61
N DPN OA 3 4.58 3.37 -15.21
CA DPN OA 3 6.01 3.46 -15.16
C DPN OA 3 6.67 3.39 -16.56
O DPN OA 3 7.34 2.46 -16.84
CB DPN OA 3 6.37 4.77 -14.43
CG DPN OA 3 5.76 4.92 -12.98
CD1 DPN OA 3 6.61 4.95 -11.90
CD2 DPN OA 3 4.39 5.06 -12.76
CE1 DPN OA 3 6.10 5.09 -10.60
CE2 DPN OA 3 3.89 5.19 -11.49
CZ DPN OA 3 4.73 5.21 -10.40
H DPN OA 3 4.23 2.75 -14.76
HA DPN OA 3 6.33 2.73 -14.63
HB2 DPN OA 3 7.33 4.82 -14.37
HB3 DPN OA 3 6.06 5.50 -14.95
HD1 DPN OA 3 7.53 4.88 -12.02
HD2 DPN OA 3 3.80 5.02 -13.47
HE1 DPN OA 3 6.67 5.12 -9.88
HE2 DPN OA 3 2.96 5.26 -11.37
HZ DPN OA 3 4.38 5.31 -9.55
N DTY OA 4 6.50 4.49 -17.54
CA DTY OA 4 7.11 4.45 -18.86
C DTY OA 4 8.65 4.44 -18.87
O DTY OA 4 9.19 4.75 -19.87
CB DTY OA 4 6.71 3.15 -19.56
CG DTY OA 4 6.41 3.40 -21.06
CD1 DTY OA 4 5.10 3.48 -21.49
CD2 DTY OA 4 7.46 3.55 -21.95
CE1 DTY OA 4 4.82 3.70 -22.83
CE2 DTY OA 4 7.17 3.77 -23.30
CZ DTY OA 4 5.85 3.84 -23.72
OH DTY OA 4 5.54 4.07 -25.10
H DTY OA 4 6.01 5.16 -17.33
HA DTY OA 4 6.79 5.19 -19.39
HB2 DTY OA 4 7.45 2.52 -19.48
HB3 DTY OA 4 5.92 2.79 -19.14
HD1 DTY OA 4 4.41 3.37 -20.86
HD2 DTY OA 4 8.33 3.50 -21.66
HE1 DTY OA 4 3.93 3.75 -23.12
HE2 DTY OA 4 7.87 3.87 -23.90
HH DTY OA 4 4.85 3.62 -25.31
N M3L OA 5 9.47 4.14 -17.67
CA M3L OA 5 10.92 4.15 -17.71
CB M3L OA 5 11.58 4.97 -16.60
CG M3L OA 5 12.83 5.76 -17.07
CD M3L OA 5 14.02 4.80 -17.58
CE M3L OA 5 14.41 5.16 -19.04
NZ M3L OA 5 15.29 4.12 -19.82
C M3L OA 5 11.31 2.73 -17.39
O M3L OA 5 10.79 2.27 -16.34
OXT M3L OA 5 12.11 2.08 -18.12
CM1 M3L OA 5 16.52 3.80 -19.05
CM2 M3L OA 5 15.74 4.71 -21.06
CM3 M3L OA 5 14.49 2.92 -20.13
H M3L OA 5 9.09 3.93 -16.94
HA M3L OA 5 11.26 4.41 -18.59
HB2 M3L OA 5 10.94 5.58 -16.22
HB3 M3L OA 5 11.87 4.38 -15.90
HG2 M3L OA 5 12.55 6.33 -17.81
HG3 M3L OA 5 13.14 6.31 -16.35
HD2 M3L OA 5 13.75 3.87 -17.53
HD3 M3L OA 5 14.78 4.93 -17.00
HE2 M3L OA 5 14.94 5.95 -18.95
HE3 M3L OA 5 13.61 5.33 -19.56
HM11 M3L OA 5 16.99 4.63 -18.87
HM12 M3L OA 5 16.28 3.39 -18.22
HM13 M3L OA 5 17.08 3.21 -19.57
HM21 M3L OA 5 16.26 5.50 -20.87
HM22 M3L OA 5 14.99 4.94 -21.61
HM23 M3L OA 5 16.30 4.07 -21.54
HM31 M3L OA 5 13.70 3.19 -20.61
HM32 M3L OA 5 14.26 2.46 -19.31
HM33 M3L OA 5 15.03 2.32 -20.69
C02 UQ4 PA 1 -8.80 3.67 -10.20
C50 UQ4 PA 1 -8.76 5.12 -9.91
C51 UQ4 PA 1 -8.42 5.42 -8.46
C53 UQ4 PA 1 -6.10 4.63 -7.55
C54 UQ4 PA 1 -5.78 5.77 -6.84
C55 UQ4 PA 1 -4.43 6.04 -6.52
C56 UQ4 PA 1 -3.44 5.13 -6.88
C60 UQ4 PA 1 -3.76 3.98 -7.57
C64 UQ4 PA 1 -5.12 3.71 -7.89
N52 UQ4 PA 1 -7.55 4.34 -7.90
N57 UQ4 PA 1 -2.03 5.40 -6.52
N61 UQ4 PA 1 -3.06 2.93 -8.04
N63 UQ4 PA 1 -5.13 2.54 -8.56
O01 UQ4 PA 1 -8.29 2.93 -9.43
O58 UQ4 PA 1 -1.10 4.35 -6.58
O59 UQ4 PA 1 -1.71 6.48 -6.16
O62 UQ4 PA 1 -3.90 2.10 -8.61
H501 UQ4 PA 1 -9.66 5.42 -10.10
H502 UQ4 PA 1 -8.12 5.52 -10.51
H512 UQ4 PA 1 -9.23 5.44 -7.96
H511 UQ4 PA 1 -7.99 6.28 -8.39
H541 UQ4 PA 1 -6.44 6.37 -6.62
H551 UQ4 PA 1 -4.20 6.81 -6.06
H521 UQ4 PA 1 -7.87 3.57 -7.77
N DPN PA 2 -9.47 3.16 -11.41
CA DPN PA 2 -10.12 3.93 -12.45
C DPN PA 2 -9.23 3.80 -13.69
O DPN PA 2 -9.26 4.58 -14.54
CB DPN PA 2 -11.47 3.35 -12.73
CG DPN PA 2 -12.59 4.14 -12.04
CD1 DPN PA 2 -12.61 4.26 -10.67
CD2 DPN PA 2 -13.58 4.74 -12.81
CE1 DPN PA 2 -13.63 5.00 -10.04
CE2 DPN PA 2 -14.59 5.47 -12.19
CZ DPN PA 2 -14.62 5.60 -10.82
H DPN PA 2 -9.46 2.31 -11.52
HA DPN PA 2 -10.21 4.87 -12.22
HB2 DPN PA 2 -11.49 2.44 -12.40
HB3 DPN PA 2 -11.62 3.34 -13.68
HD1 DPN PA 2 -11.94 3.86 -10.17
HD2 DPN PA 2 -13.55 4.66 -13.73
HE1 DPN PA 2 -13.64 5.08 -9.12
HE2 DPN PA 2 -15.25 5.88 -12.71
HZ DPN PA 2 -15.29 6.09 -10.40
N DPN PA 3 -8.30 2.63 -13.73
CA DPN PA 3 -7.34 2.41 -14.79
C DPN PA 3 -8.00 2.23 -16.18
O DPN PA 3 -7.93 1.18 -16.72
CB DPN PA 3 -6.37 3.59 -14.78
CG DPN PA 3 -5.63 3.85 -13.42
CD1 DPN PA 3 -4.25 3.68 -13.37
CD2 DPN PA 3 -6.28 4.26 -12.25
CE1 DPN PA 3 -3.56 3.89 -12.19
CE2 DPN PA 3 -5.60 4.46 -11.07
CZ DPN PA 3 -4.24 4.28 -11.04
H DPN PA 3 -8.26 2.08 -13.08
HA DPN PA 3 -6.85 1.63 -14.58
HB2 DPN PA 3 -5.72 3.45 -15.47
HB3 DPN PA 3 -6.86 4.39 -15.01
HD1 DPN PA 3 -3.81 3.42 -14.14
HD2 DPN PA 3 -7.20 4.36 -12.26
HE1 DPN PA 3 -2.64 3.78 -12.16
HE2 DPN PA 3 -6.07 4.72 -10.30
HZ DPN PA 3 -3.77 4.43 -10.25
N DTY PA 4 -8.68 3.36 -16.86
CA DTY PA 4 -9.29 3.21 -18.17
C DTY PA 4 -8.33 2.87 -19.31
O DTY PA 4 -8.70 3.05 -20.41
CB DTY PA 4 -10.29 2.05 -18.12
CG DTY PA 4 -11.58 2.39 -18.90
CD1 DTY PA 4 -12.72 2.74 -18.21
CD2 DTY PA 4 -11.58 2.35 -20.28
CE1 DTY PA 4 -13.88 3.05 -18.89
CE2 DTY PA 4 -12.75 2.66 -20.97
CZ DTY PA 4 -13.90 3.02 -20.27
OH DTY PA 4 -15.09 3.34 -20.96
H DTY PA 4 -8.72 4.12 -16.46
HA DTY PA 4 -9.77 4.01 -18.40
HB2 DTY PA 4 -9.86 1.28 -18.53
HB3 DTY PA 4 -10.51 1.86 -17.20
HD1 DTY PA 4 -12.70 2.77 -17.27
HD2 DTY PA 4 -10.81 2.12 -20.74
HE1 DTY PA 4 -14.65 3.30 -18.42
HE2 DTY PA 4 -12.75 2.63 -21.90
HH DTY PA 4 -15.76 3.09 -20.49
N M3L PA 5 -6.93 2.38 -19.09
CA M3L PA 5 -6.04 2.07 -20.20
CB M3L PA 5 -4.66 2.72 -20.09
CG M3L PA 5 -4.12 3.24 -21.44
CD M3L PA 5 -3.91 2.07 -22.52
CE M3L PA 5 -4.72 2.37 -23.82
NZ M3L PA 5 -4.97 1.18 -24.80
C M3L PA 5 -5.77 0.60 -20.05
O M3L PA 5 -5.36 0.24 -18.90
OXT M3L PA 5 -5.91 -0.20 -21.00
CM1 M3L PA 5 -3.69 0.56 -25.19
CM2 M3L PA 5 -5.57 1.68 -26.02
CM3 M3L PA 5 -5.89 0.20 -24.20
H M3L PA 5 -6.66 2.26 -18.29
HA M3L PA 5 -6.46 2.26 -21.05
HB2 M3L PA 5 -4.69 3.44 -19.45
HB3 M3L PA 5 -4.03 2.06 -19.77
HG2 M3L PA 5 -4.75 3.89 -21.78
HG3 M3L PA 5 -3.28 3.68 -21.29
HD2 M3L PA 5 -4.17 1.21 -22.15
HD3 M3L PA 5 -2.97 2.01 -22.75
HE2 M3L PA 5 -4.20 3.01 -24.29
HE3 M3L PA 5 -5.58 2.74 -23.57
HM11 M3L PA 5 -3.13 1.25 -25.58
HM12 M3L PA 5 -3.26 0.20 -24.42
HM13 M3L PA 5 -3.85 -0.13 -25.84
HM21 M3L PA 5 -4.97 2.33 -26.42
HM22 M3L PA 5 -6.42 2.11 -25.82
HM23 M3L PA 5 -5.71 0.95 -26.64
HM31 M3L PA 5 -6.72 0.65 -23.94
HM32 M3L PA 5 -5.49 -0.20 -23.42
HM33 M3L PA 5 -6.09 -0.50 -24.85
C02 UQ4 QA 1 -13.07 10.56 -1.21
C50 UQ4 QA 1 -12.61 11.98 -1.26
C51 UQ4 QA 1 -11.30 12.18 -0.51
C53 UQ4 QA 1 -9.34 10.89 -1.61
C54 UQ4 QA 1 -8.43 11.91 -1.66
C55 UQ4 QA 1 -7.38 11.88 -2.62
C56 UQ4 QA 1 -7.27 10.79 -3.46
C60 UQ4 QA 1 -8.18 9.74 -3.39
C64 UQ4 QA 1 -9.23 9.80 -2.45
N52 UQ4 QA 1 -10.47 10.95 -0.60
N57 UQ4 QA 1 -6.17 10.72 -4.43
N61 UQ4 QA 1 -8.34 8.59 -4.07
N63 UQ4 QA 1 -9.97 8.67 -2.63
O01 UQ4 QA 1 -12.25 9.72 -1.03
O58 UQ4 QA 1 -5.80 9.48 -4.96
O59 UQ4 QA 1 -5.60 11.71 -4.73
O62 UQ4 QA 1 -9.39 7.97 -3.59
H501 UQ4 QA 1 -13.30 12.49 -0.83
H502 UQ4 QA 1 -12.50 12.23 -2.17
H512 UQ4 QA 1 -11.51 12.37 0.41
H511 UQ4 QA 1 -10.84 12.94 -0.88
H541 UQ4 QA 1 -8.53 12.65 -1.11
H551 UQ4 QA 1 -6.77 12.57 -2.67
H521 UQ4 QA 1 -10.63 10.28 -0.10
N DPN QA 2 -14.48 10.20 -1.34
CA DPN QA 2 -15.61 11.10 -1.58
C DPN QA 2 -16.09 10.78 -3.00
O DPN QA 2 -16.68 11.57 -3.62
CB DPN QA 2 -16.69 10.79 -0.58
CG DPN QA 2 -16.72 11.81 0.56
CD1 DPN QA 2 -15.66 11.89 1.45
CD2 DPN QA 2 -17.81 12.65 0.70
CE1 DPN QA 2 -15.69 12.83 2.48
CE2 DPN QA 2 -17.84 13.59 1.73
CZ DPN QA 2 -16.78 13.67 2.63
H DPN QA 2 -14.67 9.37 -1.30
HA DPN QA 2 -15.38 12.03 -1.52
HB2 DPN QA 2 -16.51 9.91 -0.23
HB3 DPN QA 2 -17.54 10.78 -1.04
HD1 DPN QA 2 -14.94 11.32 1.34
HD2 DPN QA 2 -18.51 12.58 0.10
HE1 DPN QA 2 -14.99 12.89 3.09
HE2 DPN QA 2 -18.57 14.14 1.83
HZ DPN QA 2 -16.81 14.29 3.32
N DPN QA 3 -15.76 9.44 -3.55
CA DPN QA 3 -16.08 9.04 -4.89
C DPN QA 3 -17.59 9.04 -5.19
O DPN QA 3 -18.14 8.03 -5.41
CB DPN QA 3 -15.31 9.97 -5.84
CG DPN QA 3 -13.75 10.03 -5.63
CD1 DPN QA 3 -12.91 9.57 -6.64
CD2 DPN QA 3 -13.17 10.56 -4.48
CE1 DPN QA 3 -11.54 9.61 -6.48
CE2 DPN QA 3 -11.80 10.59 -4.32
CZ DPN QA 3 -10.98 10.14 -5.32
H DPN QA 3 -15.29 8.89 -3.09
HA DPN QA 3 -15.73 8.16 -5.02
HB2 DPN QA 3 -15.49 9.69 -6.74
HB3 DPN QA 3 -15.65 10.87 -5.73
HD1 DPN QA 3 -13.29 9.22 -7.42
HD2 DPN QA 3 -13.70 10.87 -3.80
HE1 DPN QA 3 -10.97 9.30 -7.15
HE2 DPN QA 3 -11.43 10.95 -3.54
HZ DPN QA 3 -10.06 10.17 -5.21
N DTY QA 4 -18.35 10.32 -5.27
CA DTY QA 4 -19.79 10.34 -5.56
C DTY QA 4 -20.16 9.82 -6.94
O DTY QA 4 -21.24 10.09 -7.35
CB DTY QA 4 -20.51 9.44 -4.56
CG DTY QA 4 -21.83 10.07 -4.08
CD1 DTY QA 4 -21.89 10.65 -2.82
CD2 DTY QA 4 -22.93 10.08 -4.90
CE1 DTY QA 4 -23.07 11.23 -2.38
CE2 DTY QA 4 -24.11 10.65 -4.47
CZ DTY QA 4 -24.18 11.23 -3.20
OH DTY QA 4 -25.39 11.82 -2.74
H DTY QA 4 -17.94 11.06 -5.11
HA DTY QA 4 -20.11 11.24 -5.45
HB2 DTY QA 4 -20.68 8.60 -5.00
HB3 DTY QA 4 -19.93 9.28 -3.79
HD1 DTY QA 4 -21.15 10.64 -2.28
HD2 DTY QA 4 -22.87 9.68 -5.75
HE1 DTY QA 4 -23.12 11.61 -1.54
HE2 DTY QA 4 -24.86 10.64 -5.02
HH DTY QA 4 -25.49 11.62 -1.93
N M3L QA 5 -19.24 9.03 -7.82
CA M3L QA 5 -19.65 8.56 -9.13
CB M3L QA 5 -18.65 8.87 -10.26
CG M3L QA 5 -19.35 9.28 -11.58
CD M3L QA 5 -20.25 8.11 -12.20
CE M3L QA 5 -21.70 8.63 -12.46
NZ M3L QA 5 -22.80 7.55 -12.70
C M3L QA 5 -19.60 7.06 -9.01
O M3L QA 5 -18.52 6.57 -8.59
OXT M3L QA 5 -20.58 6.33 -9.35
CM1 M3L QA 5 -22.41 6.68 -13.83
CM2 M3L QA 5 -24.04 8.20 -13.11
CM3 M3L QA 5 -23.06 6.78 -11.48
H M3L QA 5 -18.47 8.84 -7.54
HA M3L QA 5 -20.54 8.87 -9.36
HB2 M3L QA 5 -18.05 9.58 -9.98
HB3 M3L QA 5 -18.14 8.08 -10.45
HG2 M3L QA 5 -19.91 10.04 -11.38
HG3 M3L QA 5 -18.67 9.53 -12.22
HD2 M3L QA 5 -20.26 7.34 -11.62
HD3 M3L QA 5 -19.86 7.84 -13.04
HE2 M3L QA 5 -21.66 9.17 -13.25
HE3 M3L QA 5 -21.98 9.16 -11.70
HM11 M3L QA 5 -22.16 7.21 -14.60
HM12 M3L QA 5 -21.67 6.14 -13.55
HM13 M3L QA 5 -23.17 6.11 -14.04
HM21 M3L QA 5 -23.95 8.51 -14.02
HM22 M3L QA 5 -24.22 8.94 -12.52
HM23 M3L QA 5 -24.75 7.55 -13.06
HM31 M3L QA 5 -23.37 7.36 -10.77
HM32 M3L QA 5 -22.24 6.35 -11.19
HM33 M3L QA 5 -23.73 6.10 -11.65
C02 UQ4 RA 1 -7.48 13.04 7.50
C50 UQ4 RA 1 -7.02 14.31 6.87
C51 UQ4 RA 1 -5.68 14.18 6.18
C53 UQ4 RA 1 -5.52 12.49 4.18
C54 UQ4 RA 1 -4.80 13.29 3.33
C55 UQ4 RA 1 -4.81 13.03 1.94
C56 UQ4 RA 1 -5.53 11.94 1.45
C60 UQ4 RA 1 -6.23 11.13 2.32
C64 UQ4 RA 1 -6.22 11.40 3.71
N52 UQ4 RA 1 -5.51 12.78 5.67
N57 UQ4 RA 1 -5.51 11.66 0.01
N61 UQ4 RA 1 -7.00 10.02 2.16
N63 UQ4 RA 1 -7.00 10.45 4.29
O01 UQ4 RA 1 -6.97 12.03 7.15
O58 UQ4 RA 1 -5.99 10.42 -0.45
O59 UQ4 RA 1 -5.07 12.44 -0.76
O62 UQ4 RA 1 -7.42 9.65 3.35
H501 UQ4 RA 1 -6.94 14.93 7.60
H502 UQ4 RA 1 -7.70 14.58 6.24
H512 UQ4 RA 1 -4.97 14.38 6.79
H511 UQ4 RA 1 -5.64 14.80 5.45
H541 UQ4 RA 1 -4.35 14.03 3.66
H551 UQ4 RA 1 -4.34 13.58 1.35
H521 UQ4 RA 1 -5.39 12.15 6.22
N DPN RA 2 -8.50 13.04 8.54
CA DPN RA 2 -9.24 14.18 9.06
C DPN RA 2 -10.68 14.02 8.56
O DPN RA 2 -11.40 14.94 8.49
CB DPN RA 2 -9.21 14.13 10.57
CG DPN RA 2 -8.19 15.10 11.16
CD1 DPN RA 2 -6.84 14.94 10.92
CD2 DPN RA 2 -8.64 16.14 11.96
CE1 DPN RA 2 -5.92 15.84 11.47
CE2 DPN RA 2 -7.73 17.04 12.51
CZ DPN RA 2 -6.37 16.88 12.27
H DPN RA 2 -8.74 12.28 8.86
HA DPN RA 2 -8.88 15.02 8.77
HB2 DPN RA 2 -8.97 13.23 10.82
HB3 DPN RA 2 -10.09 14.33 10.90
HD1 DPN RA 2 -6.55 14.24 10.39
HD2 DPN RA 2 -9.54 16.24 12.12
HE1 DPN RA 2 -5.01 15.74 11.31
HE2 DPN RA 2 -8.03 17.73 13.05
HZ DPN RA 2 -5.76 17.49 12.64
N DPN RA 3 -11.12 12.65 8.17
CA DPN RA 3 -12.41 12.36 7.60
C DPN RA 3 -13.59 12.68 8.53
O DPN RA 3 -14.23 11.79 8.98
CB DPN RA 3 -12.51 13.13 6.27
CG DPN RA 3 -11.38 12.82 5.23
CD1 DPN RA 3 -11.72 12.21 4.04
CD2 DPN RA 3 -10.03 13.17 5.43
CE1 DPN RA 3 -10.74 11.93 3.09
CE2 DPN RA 3 -9.06 12.89 4.50
CZ DPN RA 3 -9.42 12.27 3.32
H DPN RA 3 -10.57 12.00 8.20
HA DPN RA 3 -12.42 11.43 7.38
HB2 DPN RA 3 -13.37 12.93 5.86
HB3 DPN RA 3 -12.49 14.07 6.47
HD1 DPN RA 3 -12.60 11.98 3.88
HD2 DPN RA 3 -9.77 13.57 6.23
HE1 DPN RA 3 -10.96 11.51 2.29
HE2 DPN RA 3 -8.17 13.12 4.67
HZ DPN RA 3 -8.75 12.09 2.69
N DTY RA 4 -13.98 14.09 8.84
CA DTY RA 4 -15.09 14.41 9.71
C DTY RA 4 -16.47 13.99 9.17
O DTY RA 4 -17.41 14.48 9.66
CB DTY RA 4 -14.94 13.67 11.05
CG DTY RA 4 -15.32 14.58 12.23
CD1 DTY RA 4 -14.31 15.12 13.02
CD2 DTY RA 4 -16.65 14.85 12.51
CE1 DTY RA 4 -14.63 15.94 14.09
CE2 DTY RA 4 -16.96 15.67 13.58
CZ DTY RA 4 -15.95 16.22 14.36
OH DTY RA 4 -16.26 17.05 15.47
H DTY RA 4 -13.51 14.71 8.49
HA DTY RA 4 -15.10 15.36 9.88
HB2 DTY RA 4 -15.53 12.90 11.02
HB3 DTY RA 4 -14.04 13.38 11.14
HD1 DTY RA 4 -13.43 14.92 12.82
HD2 DTY RA 4 -17.31 14.48 11.99
HE1 DTY RA 4 -13.96 16.30 14.62
HE2 DTY RA 4 -17.86 15.85 13.78
HH DTY RA 4 -15.71 16.90 16.10
N M3L RA 5 -16.65 13.05 8.03
CA M3L RA 5 -17.97 12.69 7.54
CB M3L RA 5 -18.14 12.81 6.01
CG M3L RA 5 -19.52 13.38 5.61
CD M3L RA 5 -20.75 12.46 6.07
CE M3L RA 5 -21.78 13.29 6.91
NZ M3L RA 5 -22.79 12.47 7.79
C M3L RA 5 -18.08 11.21 7.79
O M3L RA 5 -17.13 10.51 7.34
OXT M3L RA 5 -19.06 10.72 8.41
CM1 M3L RA 5 -23.56 11.55 6.94
CM2 M3L RA 5 -23.75 13.39 8.37
CM3 M3L RA 5 -22.09 11.76 8.88
H M3L RA 5 -15.97 12.70 7.66
HA M3L RA 5 -18.67 13.19 8.00
HB2 M3L RA 5 -17.44 13.35 5.64
HB3 M3L RA 5 -18.09 11.93 5.63
HG2 M3L RA 5 -19.61 14.26 6.02
HG3 M3L RA 5 -19.53 13.48 4.65
HD2 M3L RA 5 -20.43 11.69 6.55
HD3 M3L RA 5 -21.20 12.13 5.27
HE2 M3L RA 5 -22.29 13.81 6.29
HE3 M3L RA 5 -21.28 13.86 7.50
HM11 M3L RA 5 -23.96 12.02 6.19
HM12 M3L RA 5 -22.96 10.87 6.61
HM13 M3L RA 5 -24.25 11.16 7.48
HM21 M3L RA 5 -24.38 13.67 7.69
HM22 M3L RA 5 -23.29 14.15 8.74
HM23 M3L RA 5 -24.24 12.92 9.06
HM31 M3L RA 5 -21.65 12.40 9.45
HM32 M3L RA 5 -21.45 11.17 8.50
HM33 M3L RA 5 -22.73 11.25 9.40
C02 UQ4 SA 1 3.02 14.25 8.45
C50 UQ4 SA 1 3.05 15.42 7.53
C51 UQ4 SA 1 3.51 15.04 6.14
C53 UQ4 SA 1 1.84 13.41 4.98
C54 UQ4 SA 1 1.73 14.06 3.78
C55 UQ4 SA 1 0.58 13.86 2.98
C56 UQ4 SA 1 -0.41 12.99 3.40
C60 UQ4 SA 1 -0.28 12.31 4.60
C64 UQ4 SA 1 0.87 12.52 5.40
N52 UQ4 SA 1 3.07 13.64 5.84
N57 UQ4 SA 1 -1.59 12.76 2.56
N61 UQ4 SA 1 -1.05 11.42 5.27
N63 UQ4 SA 1 0.70 11.75 6.51
O01 UQ4 SA 1 2.90 13.17 7.98
O58 UQ4 SA 1 -2.35 11.58 2.75
O59 UQ4 SA 1 -1.88 13.54 1.72
O62 UQ4 SA 1 -0.43 11.10 6.38
H501 UQ4 SA 1 3.68 16.03 7.91
H502 UQ4 SA 1 2.15 15.78 7.50
H512 UQ4 SA 1 4.47 15.09 6.10
H511 UQ4 SA 1 3.12 15.66 5.51
H541 UQ4 SA 1 2.38 14.66 3.52
H551 UQ4 SA 1 0.48 14.31 2.17
H521 UQ4 SA 1 3.50 12.97 6.14
N DPN SA 2 3.17 14.42 9.90
CA DPN SA 2 3.30 15.66 10.66
C DPN SA 2 1.99 15.81 11.44
O DPN SA 2 1.62 16.85 11.80
CB DPN SA 2 4.46 15.52 11.60
CG DPN SA 2 5.70 16.25 11.06
CD1 DPN SA 2 6.32 15.80 9.92
CD2 DPN SA 2 6.18 17.36 11.74
CE1 DPN SA 2 7.45 16.48 9.44
CE2 DPN SA 2 7.31 18.03 11.27
CZ DPN SA 2 7.94 17.58 10.11
H DPN SA 2 3.14 13.70 10.37
HA DPN SA 2 3.42 16.44 10.10
HB2 DPN SA 2 4.65 14.59 11.70
HB3 DPN SA 2 4.20 15.90 12.45
HD1 DPN SA 2 5.99 15.06 9.48
HD2 DPN SA 2 5.75 17.65 12.51
HE1 DPN SA 2 7.88 16.18 8.68
HE2 DPN SA 2 7.63 18.77 11.72
HZ DPN SA 2 8.70 18.03 9.79
N DPN SA 3 1.22 14.56 11.72
CA DPN SA 3 -0.07 14.55 12.36
C DPN SA 3 -0.04 15.10 13.80
O DPN SA 3 -0.23 14.36 14.71
CB DPN SA 3 -1.03 15.35 11.48
CG DPN SA 3 -1.18 14.85 9.99
CD1 DPN SA 3 -2.40 14.36 9.56
CD2 DPN SA 3 -0.13 14.92 9.08
CE1 DPN SA 3 -2.55 13.93 8.24
CE2 DPN SA 3 -0.27 14.47 7.79
CZ DPN SA 3 -1.49 13.98 7.35
H DPN SA 3 1.49 13.82 11.42
HA DPN SA 3 -0.37 13.66 12.38
HB2 DPN SA 3 -1.91 15.33 11.90
HB3 DPN SA 3 -0.73 16.26 11.47
HD1 DPN SA 3 -3.11 14.33 10.14
HD2 DPN SA 3 0.70 15.23 9.34
HE1 DPN SA 3 -3.36 13.59 7.95
HE2 DPN SA 3 0.46 14.51 7.19
HZ DPN SA 3 -1.58 13.69 6.48
N DTY SA 4 0.18 16.56 14.07
CA DTY SA 4 0.21 17.09 15.42
C DTY SA 4 -1.13 16.99 16.17
O DTY SA 4 -1.27 17.65 17.13
CB DTY SA 4 1.22 16.30 16.27
CG DTY SA 4 2.03 17.24 17.17
CD1 DTY SA 4 3.34 17.54 16.84
CD2 DTY SA 4 1.46 17.78 18.32
CE1 DTY SA 4 4.09 18.38 17.65
CE2 DTY SA 4 2.21 18.61 19.12
CZ DTY SA 4 3.52 18.92 18.79
OH DTY SA 4 4.31 19.78 19.61
H DTY SA 4 0.31 17.08 13.40
HA DTY SA 4 0.48 18.02 15.40
HB2 DTY SA 4 0.73 15.68 16.80
HB3 DTY SA 4 1.81 15.82 15.68
HD1 DTY SA 4 3.71 17.17 16.09
HD2 DTY SA 4 0.58 17.57 18.53
HE1 DTY SA 4 4.97 18.58 17.43
HE2 DTY SA 4 1.82 18.97 19.89
HH DTY SA 4 5.10 19.47 19.65
N M3L SA 5 -2.26 16.15 15.70
CA M3L SA 5 -3.52 16.08 16.43
CB M3L SA 5 -4.77 16.25 15.55
CG M3L SA 5 -5.87 17.11 16.23
CD M3L SA 5 -6.42 16.45 17.58
CE M3L SA 5 -6.30 17.46 18.77
NZ M3L SA 5 -6.41 16.87 20.21
C M3L SA 5 -3.60 14.65 16.88
O M3L SA 5 -3.45 13.78 15.99
OXT M3L SA 5 -3.83 14.36 18.09
CM1 M3L SA 5 -7.68 16.16 20.37
CM2 M3L SA 5 -6.44 17.96 21.16
CM3 M3L SA 5 -5.25 16.01 20.51
H M3L SA 5 -2.17 15.68 14.99
HA M3L SA 5 -3.53 16.69 17.17
HB2 M3L SA 5 -4.54 16.63 14.69
HB3 M3L SA 5 -5.17 15.39 15.40
HG2 M3L SA 5 -5.49 17.98 16.43
HG3 M3L SA 5 -6.60 17.22 15.61
HD2 M3L SA 5 -5.96 15.63 17.77
HD3 M3L SA 5 -7.36 16.24 17.45
HE2 M3L SA 5 -7.01 18.11 18.66
HE3 M3L SA 5 -5.45 17.89 18.70
HM11 M3L SA 5 -8.43 16.72 20.11
HM12 M3L SA 5 -7.66 15.39 19.82
HM13 M3L SA 5 -7.78 15.91 21.31
HM21 M3L SA 5 -7.30 18.39 21.15
HM22 M3L SA 5 -5.74 18.60 20.95
HM23 M3L SA 5 -6.28 17.60 22.05
HM31 M3L SA 5 -4.43 16.53 20.48
HM32 M3L SA 5 -5.21 15.31 19.86
HM33 M3L SA 5 -5.35 15.63 21.40
C02 UQ4 TA 1 10.53 13.07 1.03
C50 UQ4 TA 1 9.99 14.22 0.24
C51 UQ4 TA 1 9.07 13.76 -0.88
C53 UQ4 TA 1 6.89 12.54 -0.13
C54 UQ4 TA 1 6.00 13.22 -0.92
C55 UQ4 TA 1 4.63 13.26 -0.57
C56 UQ4 TA 1 4.18 12.60 0.55
C60 UQ4 TA 1 5.07 11.90 1.34
C64 UQ4 TA 1 6.45 11.87 1.00
N52 UQ4 TA 1 8.36 12.52 -0.50
N57 UQ4 TA 1 2.75 12.62 0.90
N61 UQ4 TA 1 4.96 11.17 2.48
N63 UQ4 TA 1 7.07 11.13 1.96
O01 UQ4 TA 1 9.94 12.04 0.98
O58 UQ4 TA 1 2.26 11.72 1.84
O59 UQ4 TA 1 2.02 13.37 0.35
O62 UQ4 TA 1 6.15 10.72 2.80
H501 UQ4 TA 1 10.77 14.66 -0.12
H502 UQ4 TA 1 9.51 14.78 0.86
H512 UQ4 TA 1 9.59 13.62 -1.67
H511 UQ4 TA 1 8.43 14.46 -1.04
H541 UQ4 TA 1 6.31 13.68 -1.66
H551 UQ4 TA 1 4.02 13.73 -1.10
H521 UQ4 TA 1 8.79 11.77 -0.49
N DPN TA 2 11.75 13.19 1.82
CA DPN TA 2 12.57 14.38 2.03
C DPN TA 2 12.36 14.79 3.47
O DPN TA 2 12.54 15.90 3.83
CB DPN TA 2 14.01 14.01 1.80
CG DPN TA 2 14.51 14.46 0.43
CD1 DPN TA 2 13.99 13.90 -0.72
CD2 DPN TA 2 15.50 15.42 0.35
CE1 DPN TA 2 14.45 14.33 -1.97
CE2 DPN TA 2 15.95 15.86 -0.89
CZ DPN TA 2 15.44 15.31 -2.04
H DPN TA 2 12.00 12.50 2.25
HA DPN TA 2 12.33 15.11 1.44
HB2 DPN TA 2 14.08 13.06 1.88
HB3 DPN TA 2 14.54 14.42 2.49
HD1 DPN TA 2 13.34 13.25 -0.66
HD2 DPN TA 2 15.83 15.79 1.14
HE1 DPN TA 2 14.12 13.96 -2.75
HE2 DPN TA 2 16.63 16.51 -0.93
HZ DPN TA 2 15.75 15.59 -2.88
N DPN TA 3 11.90 13.73 4.43
CA DPN TA 3 11.57 14.00 5.81
C DPN TA 3 12.79 14.49 6.63
O DPN TA 3 13.22 13.82 7.49
CB DPN TA 3 10.41 14.99 5.84
CG DPN TA 3 9.12 14.53 5.05
CD1 DPN TA 3 7.95 14.28 5.76
CD2 DPN TA 3 9.09 14.39 3.66
CE1 DPN TA 3 6.80 13.90 5.10
CE2 DPN TA 3 7.94 13.99 3.01
CZ DPN TA 3 6.79 13.76 3.72
H DPN TA 3 11.74 12.95 4.14
HA DPN TA 3 11.26 13.17 6.18
HB2 DPN TA 3 10.16 15.13 6.76
HB3 DPN TA 3 10.71 15.81 5.47
HD1 DPN TA 3 7.96 14.39 6.69
HD2 DPN TA 3 9.85 14.54 3.17
HE1 DPN TA 3 6.01 13.73 5.57
HE2 DPN TA 3 7.96 13.89 2.08
HZ DPN TA 3 6.02 13.49 3.27
N DTY TA 4 13.36 15.85 6.40
CA DTY TA 4 14.50 16.34 7.17
C DTY TA 4 14.22 16.54 8.66
O DTY TA 4 14.96 17.24 9.26
CB DTY TA 4 15.64 15.34 7.10
CG DTY TA 4 17.00 16.05 6.94
CD1 DTY TA 4 17.62 16.08 5.70
CD2 DTY TA 4 17.59 16.66 8.04
CE1 DTY TA 4 18.84 16.72 5.54
CE2 DTY TA 4 18.81 17.30 7.88
CZ DTY TA 4 19.44 17.32 6.63
OH DTY TA 4 20.68 17.97 6.45
H DTY TA 4 13.03 16.33 5.78
HA DTY TA 4 14.80 17.18 6.79
HB2 DTY TA 4 15.64 14.83 7.93
HB3 DTY TA 4 15.50 14.73 6.37
HD1 DTY TA 4 17.21 15.67 4.99
HD2 DTY TA 4 17.18 16.62 8.86
HE1 DTY TA 4 19.25 16.73 4.72
HE2 DTY TA 4 19.22 17.70 8.61
HH DTY TA 4 21.17 17.50 5.94
N M3L TA 5 13.05 15.96 9.37
CA M3L TA 5 12.82 16.17 10.79
CB M3L TA 5 11.40 16.63 11.14
CG M3L TA 5 11.38 17.68 12.26
CD M3L TA 5 11.93 17.12 13.67
CE M3L TA 5 13.08 18.03 14.19
NZ M3L TA 5 14.00 17.44 15.31
C M3L TA 5 12.92 14.79 11.37
O M3L TA 5 12.18 13.91 10.83
OXT M3L TA 5 13.66 14.54 12.36
CM1 M3L TA 5 13.19 17.01 16.47
CM2 M3L TA 5 14.90 18.47 15.80
CM3 M3L TA 5 14.83 16.34 14.78
H M3L TA 5 12.51 15.46 8.95
HA M3L TA 5 13.48 16.76 11.18
HB2 M3L TA 5 10.93 16.95 10.36
HB3 M3L TA 5 10.91 15.87 11.48
HG2 M3L TA 5 11.91 18.43 12.00
HG3 M3L TA 5 10.46 17.97 12.38
HD2 M3L TA 5 12.21 16.21 13.57
HD3 M3L TA 5 11.21 17.13 14.31
HE2 M3L TA 5 12.68 18.82 14.55
HE3 M3L TA 5 13.65 18.24 13.45
HM11 M3L TA 5 12.63 17.73 16.78
HM12 M3L TA 5 12.64 16.29 16.18
HM13 M3L TA 5 13.79 16.73 17.17
HM21 M3L TA 5 14.42 19.05 16.42
HM22 M3L TA 5 15.24 18.98 15.06
HM23 M3L TA 5 15.63 18.04 16.27
HM31 M3L TA 5 15.41 16.67 14.07
HM32 M3L TA 5 14.24 15.67 14.41
HM33 M3L TA 5 15.37 15.95 15.47
C02 UQ4 UA 1 9.42 10.51 -9.25
C50 UQ4 UA 1 8.66 11.78 -9.52
C51 UQ4 UA 1 7.16 11.55 -9.51
C53 UQ4 UA 1 6.19 10.80 -7.21
C54 UQ4 UA 1 5.12 11.66 -7.15
C55 UQ4 UA 1 4.54 11.99 -5.91
C56 UQ4 UA 1 5.02 11.41 -4.75
C60 UQ4 UA 1 6.08 10.53 -4.81
C64 UQ4 UA 1 6.67 10.21 -6.05
N52 UQ4 UA 1 6.81 10.47 -8.56
N57 UQ4 UA 1 4.40 11.74 -3.45
N61 UQ4 UA 1 6.77 9.82 -3.88
N63 UQ4 UA 1 7.68 9.34 -5.79
O01 UQ4 UA 1 8.86 9.64 -8.69
O58 UQ4 UA 1 4.65 10.89 -2.36
O59 UQ4 UA 1 3.68 12.66 -3.35
O62 UQ4 UA 1 7.69 9.12 -4.49
H501 UQ4 UA 1 8.95 12.06 -10.39
H502 UQ4 UA 1 8.90 12.41 -8.84
H512 UQ4 UA 1 6.89 11.31 -10.41
H511 UQ4 UA 1 6.73 12.37 -9.25
H541 UQ4 UA 1 4.81 12.05 -7.94
H551 UQ4 UA 1 3.82 12.59 -5.88
H521 UQ4 UA 1 6.95 9.65 -8.77
N DPN UA 2 10.81 10.35 -9.68
CA DPN UA 2 11.66 11.33 -10.34
C DPN UA 2 12.70 11.75 -9.31
O DPN UA 2 13.25 12.78 -9.38
CB DPN UA 2 12.33 10.67 -11.51
CG DPN UA 2 11.64 11.03 -12.83
CD1 DPN UA 2 10.32 10.66 -13.04
CD2 DPN UA 2 12.33 11.73 -13.80
CE1 DPN UA 2 9.70 11.00 -14.24
CE2 DPN UA 2 11.71 12.07 -14.99
CZ DPN UA 2 10.39 11.70 -15.22
H DPN UA 2 11.18 9.61 -9.47
HA DPN UA 2 11.18 12.10 -10.64
HB2 DPN UA 2 12.30 9.72 -11.37
HB3 DPN UA 2 13.25 10.96 -11.54
HD1 DPN UA 2 9.87 10.19 -12.39
HD2 DPN UA 2 13.22 11.98 -13.64
HE1 DPN UA 2 8.82 10.75 -14.41
HE2 DPN UA 2 12.18 12.54 -15.65
HZ DPN UA 2 9.98 11.93 -16.03
N DPN UA 3 12.97 10.79 -8.18
CA DPN UA 3 13.87 11.09 -7.09
C DPN UA 3 15.33 11.30 -7.55
O DPN UA 3 16.15 10.52 -7.22
CB DPN UA 3 13.32 12.32 -6.36
CG DPN UA 3 11.85 12.18 -5.82
CD1 DPN UA 3 11.62 12.20 -4.44
CD2 DPN UA 3 10.74 12.05 -6.67
CE1 DPN UA 3 10.33 12.08 -3.95
CE2 DPN UA 3 9.47 11.93 -6.17
CZ DPN UA 3 9.25 11.95 -4.80
H DPN UA 3 12.54 10.07 -8.13
HA DPN UA 3 13.83 10.35 -6.49
HB2 DPN UA 3 13.90 12.48 -5.59
HB3 DPN UA 3 13.36 13.07 -6.95
HD1 DPN UA 3 12.34 12.28 -3.86
HD2 DPN UA 3 10.86 12.02 -7.58
HE1 DPN UA 3 10.18 12.09 -3.03
HE2 DPN UA 3 8.74 11.83 -6.75
HZ DPN UA 3 8.38 11.87 -4.48
N DTY UA 4 15.72 12.51 -8.33
CA DTY UA 4 17.10 12.73 -8.75
C DTY UA 4 18.09 12.96 -7.60
O DTY UA 4 19.12 13.46 -7.87
CB DTY UA 4 17.60 11.51 -9.51
CG DTY UA 4 18.44 11.94 -10.74
CD1 DTY UA 4 17.87 11.84 -12.00
CD2 DTY UA 4 19.73 12.40 -10.58
CE1 DTY UA 4 18.60 12.22 -13.12
CE2 DTY UA 4 20.47 12.77 -11.70
CZ DTY UA 4 19.89 12.67 -12.97
OH DTY UA 4 20.63 13.05 -14.12
H DTY UA 4 15.11 13.08 -8.55
HA DTY UA 4 17.13 13.50 -9.34
HB2 DTY UA 4 18.16 11.02 -8.89
HB3 DTY UA 4 16.86 10.97 -9.77
HD1 DTY UA 4 17.01 11.53 -12.09
HD2 DTY UA 4 20.10 12.44 -9.74
HE1 DTY UA 4 18.23 12.15 -13.97
HE2 DTY UA 4 21.34 13.06 -11.59
HH DTY UA 4 20.49 12.48 -14.72
N M3L UA 5 17.80 12.63 -6.19
CA M3L UA 5 18.77 12.85 -5.13
CB M3L UA 5 18.20 13.60 -3.92
CG M3L UA 5 19.19 14.61 -3.31
CD M3L UA 5 20.53 13.93 -2.75
CE M3L UA 5 21.79 14.53 -3.46
NZ M3L UA 5 23.13 13.75 -3.32
C M3L UA 5 19.05 11.47 -4.61
O M3L UA 5 18.03 10.79 -4.30
OXT M3L UA 5 20.23 11.05 -4.48
CM1 M3L UA 5 23.46 13.51 -1.91
CM2 M3L UA 5 24.21 14.55 -3.86
CM3 M3L UA 5 23.06 12.50 -4.10
H M3L UA 5 17.05 12.28 -5.99
HA M3L UA 5 19.57 13.28 -5.46
HB2 M3L UA 5 17.37 14.03 -4.13
HB3 M3L UA 5 18.02 12.96 -3.22
HG2 M3L UA 5 19.42 15.25 -3.99
HG3 M3L UA 5 18.74 15.07 -2.58
HD2 M3L UA 5 20.49 12.97 -2.86
HD3 M3L UA 5 20.60 14.10 -1.81
HE2 M3L UA 5 21.93 15.41 -3.09
HE3 M3L UA 5 21.58 14.61 -4.40
HM11 M3L UA 5 23.45 14.35 -1.41
HM12 M3L UA 5 22.79 12.93 -1.55
HM13 M3L UA 5 24.33 13.10 -1.86
HM21 M3L UA 5 24.45 15.25 -3.23
HM22 M3L UA 5 23.95 14.93 -4.70
HM23 M3L UA 5 24.98 13.97 -4.00
HM31 M3L UA 5 22.89 12.70 -5.05
HM32 M3L UA 5 22.33 11.98 -3.76
HM33 M3L UA 5 23.88 12.01 -4.02
C02 UQ4 VA 1 0.43 8.47 -14.57
C50 UQ4 VA 1 -0.06 9.87 -14.38
C51 UQ4 VA 1 -1.06 9.96 -13.23
C53 UQ4 VA 1 -0.05 9.40 -10.90
C54 UQ4 VA 1 -0.53 10.48 -10.19
C55 UQ4 VA 1 0.11 10.91 -9.02
C56 UQ4 VA 1 1.21 10.22 -8.55
C60 UQ4 VA 1 1.70 9.12 -9.24
C64 UQ4 VA 1 1.06 8.70 -10.44
N52 UQ4 VA 1 -0.73 8.96 -12.18
N57 UQ4 VA 1 1.88 10.65 -7.30
N61 UQ4 VA 1 2.74 8.27 -9.06
N63 UQ4 VA 1 1.76 7.64 -10.89
O01 UQ4 VA 1 0.37 7.73 -13.65
O58 UQ4 VA 1 2.74 9.75 -6.64
O59 UQ4 VA 1 1.66 11.72 -6.85
O62 UQ4 VA 1 2.73 7.40 -10.04
H501 UQ4 VA 1 -0.51 10.10 -15.20
H502 UQ4 VA 1 0.68 10.44 -14.20
H512 UQ4 VA 1 -1.95 9.79 -13.58
H511 UQ4 VA 1 -1.04 10.85 -12.86
H541 UQ4 VA 1 -1.26 10.94 -10.52
H551 UQ4 VA 1 -0.20 11.63 -8.55
H521 UQ4 VA 1 -0.93 8.14 -12.29
N DPN VA 2 0.96 8.03 -15.86
CA DPN VA 2 1.15 8.81 -17.08
C DPN VA 2 2.66 8.97 -17.25
O DPN VA 2 3.10 9.85 -17.86
CB DPN VA 2 0.59 8.04 -18.24
CG DPN VA 2 -0.79 8.57 -18.65
CD1 DPN VA 2 -1.86 8.47 -17.76
CD2 DPN VA 2 -0.97 9.13 -19.90
CE1 DPN VA 2 -3.12 8.95 -18.15
CE2 DPN VA 2 -2.21 9.62 -20.27
CZ DPN VA 2 -3.28 9.53 -19.40
H DPN VA 2 1.25 7.22 -15.89
HA DPN VA 2 0.74 9.68 -17.03
HB2 DPN VA 2 0.53 7.13 -17.97
HB3 DPN VA 2 1.20 8.12 -18.98
HD1 DPN VA 2 -1.73 8.08 -16.94
HD2 DPN VA 2 -0.24 9.19 -20.46
HE1 DPN VA 2 -3.84 8.89 -17.56
HE2 DPN VA 2 -2.34 10.00 -21.11
HZ DPN VA 2 -4.13 9.85 -19.65
N DPN VA 3 3.54 7.96 -16.58
CA DPN VA 3 4.97 8.04 -16.57
C DPN VA 3 5.57 7.95 -18.01
O DPN VA 3 6.22 7.02 -18.30
CB DPN VA 3 5.38 9.34 -15.86
CG DPN VA 3 4.82 9.50 -14.40
CD1 DPN VA 3 5.73 9.53 -13.35
CD2 DPN VA 3 3.47 9.66 -14.12
CE1 DPN VA 3 5.26 9.68 -12.04
CE2 DPN VA 3 3.01 9.79 -12.84
CZ DPN VA 3 3.91 9.81 -11.78
H DPN VA 3 3.19 7.34 -16.10
HA DPN VA 3 5.30 7.31 -16.06
HB2 DPN VA 3 6.34 9.37 -15.82
HB3 DPN VA 3 5.06 10.08 -16.38
HD1 DPN VA 3 6.64 9.45 -13.51
HD2 DPN VA 3 2.84 9.63 -14.81
HE1 DPN VA 3 5.86 9.71 -11.34
HE2 DPN VA 3 2.09 9.88 -12.67
HZ DPN VA 3 3.59 9.92 -10.92
N DTY VA 4 5.37 9.06 -18.98
CA DTY VA 4 5.92 9.00 -20.33
C DTY VA 4 7.46 8.98 -20.39
O DTY VA 4 7.97 9.28 -21.42
CB DTY VA 4 5.48 7.70 -21.01
CG DTY VA 4 5.13 7.96 -22.48
CD1 DTY VA 4 3.80 8.04 -22.86
CD2 DTY VA 4 6.13 8.08 -23.42
CE1 DTY VA 4 3.47 8.26 -24.19
CE2 DTY VA 4 5.80 8.31 -24.75
CZ DTY VA 4 4.46 8.40 -25.13
OH DTY VA 4 4.10 8.62 -26.49
H DTY VA 4 4.90 9.73 -18.75
HA DTY VA 4 5.60 9.75 -20.84
HB2 DTY VA 4 6.23 7.09 -20.95
HB3 DTY VA 4 4.73 7.35 -20.54
HD1 DTY VA 4 3.14 7.94 -22.22
HD2 DTY VA 4 7.02 8.02 -23.16
HE1 DTY VA 4 2.57 8.32 -24.44
HE2 DTY VA 4 6.48 8.39 -25.39
HH DTY VA 4 3.42 8.16 -26.67
N M3L VA 5 8.33 8.67 -19.23
CA M3L VA 5 9.79 8.67 -19.33
CB M3L VA 5 10.49 9.48 -18.25
CG M3L VA 5 11.72 10.26 -18.78
CD M3L VA 5 12.88 9.28 -19.33
CE M3L VA 5 13.22 9.63 -20.81
NZ M3L VA 5 14.06 8.59 -21.62
C M3L VA 5 10.16 7.25 -19.02
O M3L VA 5 9.69 6.78 -17.95
OXT M3L VA 5 10.93 6.58 -19.78
CM1 M3L VA 5 15.31 8.26 -20.90
CM2 M3L VA 5 14.47 9.17 -22.88
CM3 M3L VA 5 13.25 7.39 -21.89
H M3L VA 5 7.98 8.47 -18.49
HA M3L VA 5 10.08 8.93 -20.22
HB2 M3L VA 5 9.89 10.11 -17.84
HB3 M3L VA 5 10.82 8.89 -17.57
HG2 M3L VA 5 11.43 10.83 -19.50
HG3 M3L VA 5 12.09 10.79 -18.06
HD2 M3L VA 5 12.63 8.36 -19.23
HD3 M3L VA 5 13.68 9.42 -18.79
HE2 M3L VA 5 13.74 10.44 -20.79
HE3 M3L VA 5 12.39 9.78 -21.29
HM11 M3L VA 5 15.80 9.07 -20.67
HM12 M3L VA 5 15.07 7.78 -20.11
HM13 M3L VA 5 15.85 7.70 -21.48
HM21 M3L VA 5 15.18 9.81 -22.74
HM22 M3L VA 5 13.71 9.59 -23.31
HM23 M3L VA 5 14.80 8.45 -23.44
HM31 M3L VA 5 12.46 7.64 -22.41
HM32 M3L VA 5 12.96 7.02 -21.04
HM33 M3L VA 5 13.76 6.74 -22.38
C02 UQ4 WA 1 -9.63 8.41 -11.02
C50 UQ4 WA 1 -9.56 9.87 -10.74
C51 UQ4 WA 1 -9.15 10.17 -9.30
C53 UQ4 WA 1 -6.81 9.35 -8.48
C54 UQ4 WA 1 -6.45 10.49 -7.80
C55 UQ4 WA 1 -5.08 10.75 -7.53
C56 UQ4 WA 1 -4.12 9.84 -7.93
C60 UQ4 WA 1 -4.48 8.68 -8.59
C64 UQ4 WA 1 -5.85 8.43 -8.87
N52 UQ4 WA 1 -8.27 9.08 -8.77
N57 UQ4 WA 1 -2.69 10.09 -7.62
N61 UQ4 WA 1 -3.80 7.62 -9.10
N63 UQ4 WA 1 -5.89 7.25 -9.52
O01 UQ4 WA 1 -9.09 7.66 -10.27
O58 UQ4 WA 1 -1.77 9.04 -7.72
O59 UQ4 WA 1 -2.34 11.16 -7.27
O62 UQ4 WA 1 -4.67 6.80 -9.63
H501 UQ4 WA 1 -10.44 10.19 -10.89
H502 UQ4 WA 1 -8.92 10.27 -11.34
H512 UQ4 WA 1 -9.95 10.22 -8.76
H511 UQ4 WA 1 -8.70 11.01 -9.27
H541 UQ4 WA 1 -7.09 11.11 -7.55
H551 UQ4 WA 1 -4.83 11.53 -7.09
H521 UQ4 WA 1 -8.60 8.31 -8.62
N DPN WA 2 -10.35 7.90 -12.19
CA DPN WA 2 -11.03 8.69 -13.22
C DPN WA 2 -10.19 8.53 -14.48
O DPN WA 2 -10.25 9.32 -15.34
CB DPN WA 2 -12.40 8.11 -13.44
CG DPN WA 2 -13.48 8.92 -12.70
CD1 DPN WA 2 -13.44 9.05 -11.34
CD2 DPN WA 2 -14.48 9.53 -13.43
CE1 DPN WA 2 -14.43 9.79 -10.67
CE2 DPN WA 2 -15.47 10.27 -12.77
CZ DPN WA 2 -15.43 10.40 -11.39
H DPN WA 2 -10.34 7.06 -12.30
HA DPN WA 2 -11.11 9.61 -12.99
HB2 DPN WA 2 -12.40 7.21 -13.11
HB3 DPN WA 2 -12.58 8.11 -14.39
HD1 DPN WA 2 -12.76 8.63 -10.86
HD2 DPN WA 2 -14.51 9.44 -14.35
HE1 DPN WA 2 -14.41 9.88 -9.74
HE2 DPN WA 2 -16.15 10.67 -13.27
HZ DPN WA 2 -16.09 10.89 -10.96
N DPN WA 3 -9.28 7.35 -14.56
CA DPN WA 3 -8.37 7.13 -15.66
C DPN WA 3 -9.08 6.94 -17.01
O DPN WA 3 -9.04 5.90 -17.55
CB DPN WA 3 -7.38 8.30 -15.69
CG DPN WA 3 -6.58 8.54 -14.36
CD1 DPN WA 3 -5.21 8.36 -14.37
CD2 DPN WA 3 -7.19 8.96 -13.17
CE1 DPN WA 3 -4.46 8.58 -13.22
CE2 DPN WA 3 -6.45 9.16 -12.02
CZ DPN WA 3 -5.08 8.97 -12.05
H DPN WA 3 -9.22 6.81 -13.91
HA DPN WA 3 -7.87 6.34 -15.45
HB2 DPN WA 3 -6.75 8.14 -16.39
HB3 DPN WA 3 -7.87 9.10 -15.90
HD1 DPN WA 3 -4.80 8.09 -15.16
HD2 DPN WA 3 -8.11 9.08 -13.13
HE1 DPN WA 3 -3.54 8.45 -13.22
HE2 DPN WA 3 -6.88 9.43 -11.24
HZ DPN WA 3 -4.60 9.12 -11.27
N DTY WA 4 -9.78 8.08 -17.68
CA DTY WA 4 -10.45 7.93 -18.96
C DTY WA 4 -9.53 7.58 -20.14
O DTY WA 4 -9.94 7.76 -21.22
CB DTY WA 4 -11.45 6.79 -18.87
CG DTY WA 4 -12.76 7.14 -19.60
CD1 DTY WA 4 -13.88 7.50 -18.84
CD2 DTY WA 4 -12.83 7.09 -20.97
CE1 DTY WA 4 -15.06 7.83 -19.48
CE2 DTY WA 4 -14.01 7.42 -21.61
CZ DTY WA 4 -15.13 7.79 -20.87
OH DTY WA 4 -16.36 8.12 -21.51
H DTY WA 4 -9.79 8.84 -17.27
HA DTY WA 4 -10.92 8.75 -19.17
HB2 DTY WA 4 -11.05 6.01 -19.28
HB3 DTY WA 4 -11.62 6.59 -17.94
HD1 DTY WA 4 -13.82 7.52 -17.93
HD2 DTY WA 4 -12.08 6.84 -21.46
HE1 DTY WA 4 -15.81 8.07 -18.99
HE2 DTY WA 4 -14.06 7.37 -22.54
HH DTY WA 4 -17.00 7.78 -21.06
N M3L WA 5 -8.14 7.08 -19.98
CA M3L WA 5 -7.30 6.76 -21.12
CB M3L WA 5 -5.90 7.40 -21.06
CG M3L WA 5 -5.41 7.90 -22.45
CD M3L WA 5 -5.25 6.73 -23.52
CE M3L WA 5 -6.13 7.03 -24.78
NZ M3L WA 5 -6.42 5.84 -25.75
C M3L WA 5 -7.02 5.29 -20.97
O M3L WA 5 -6.58 4.93 -19.85
OXT M3L WA 5 -7.21 4.48 -21.92
CM1 M3L WA 5 -5.16 5.21 -26.19
CM2 M3L WA 5 -7.07 6.35 -26.95
CM3 M3L WA 5 -7.33 4.87 -25.11
H M3L WA 5 -7.82 6.96 -19.20
HA M3L WA 5 -7.73 6.96 -21.96
HB2 M3L WA 5 -5.89 8.12 -20.44
HB3 M3L WA 5 -5.26 6.74 -20.77
HG2 M3L WA 5 -6.05 8.54 -22.76
HG3 M3L WA 5 -4.55 8.32 -22.31
HD2 M3L WA 5 -5.49 5.87 -23.14
HD3 M3L WA 5 -4.33 6.67 -23.79
HE2 M3L WA 5 -5.64 7.69 -25.29
HE3 M3L WA 5 -6.97 7.40 -24.49
HM11 M3L WA 5 -4.54 5.88 -26.53
HM12 M3L WA 5 -4.79 4.77 -25.44
HM13 M3L WA 5 -5.38 4.57 -26.89
HM21 M3L WA 5 -6.41 6.81 -27.50
HM22 M3L WA 5 -7.78 6.95 -26.71
HM23 M3L WA 5 -7.43 5.60 -27.44
HM31 M3L WA 5 -8.16 5.31 -24.86
HM32 M3L WA 5 -6.89 4.53 -24.32
HM33 M3L WA 5 -7.52 4.15 -25.72
C02 UQ4 XA 1 -13.46 15.43 -1.84
C50 UQ4 XA 1 -12.99 16.85 -1.92
C51 UQ4 XA 1 -11.66 17.05 -1.22
C53 UQ4 XA 1 -9.76 15.73 -2.39
C54 UQ4 XA 1 -8.82 16.74 -2.48
C55 UQ4 XA 1 -7.81 16.69 -3.47
C56 UQ4 XA 1 -7.76 15.59 -4.32
C60 UQ4 XA 1 -8.67 14.57 -4.22
C64 UQ4 XA 1 -9.69 14.63 -3.23
N52 UQ4 XA 1 -10.83 15.80 -1.35
N57 UQ4 XA 1 -6.68 15.53 -5.33
N61 UQ4 XA 1 -8.86 13.40 -4.88
N63 UQ4 XA 1 -10.42 13.51 -3.38
O01 UQ4 XA 1 -12.65 14.59 -1.71
O58 UQ4 XA 1 -6.36 14.27 -5.87
O59 UQ4 XA 1 -6.12 16.50 -5.66
O62 UQ4 XA 1 -9.90 12.81 -4.35
H501 UQ4 XA 1 -13.65 17.40 -1.47
H502 UQ4 XA 1 -12.91 17.11 -2.85
H512 UQ4 XA 1 -11.82 17.21 -0.29
H511 UQ4 XA 1 -11.20 17.80 -1.59
H541 UQ4 XA 1 -8.89 17.47 -1.92
H551 UQ4 XA 1 -7.20 17.37 -3.54
H521 UQ4 XA 1 -10.98 15.14 -0.82
N DPN XA 2 -14.88 15.10 -1.93
CA DPN XA 2 -16.01 16.00 -2.13
C DPN XA 2 -16.55 15.69 -3.52
O DPN XA 2 -17.15 16.48 -4.13
CB DPN XA 2 -17.06 15.70 -1.09
CG DPN XA 2 -17.03 16.72 0.05
CD1 DPN XA 2 -15.94 16.79 0.89
CD2 DPN XA 2 -18.11 17.57 0.23
CE1 DPN XA 2 -15.92 17.73 1.93
CE2 DPN XA 2 -18.09 18.51 1.25
CZ DPN XA 2 -17.00 18.59 2.11
H DPN XA 2 -15.07 14.26 -1.89
HA DPN XA 2 -15.76 16.92 -2.08
HB2 DPN XA 2 -16.83 14.84 -0.73
HB3 DPN XA 2 -17.92 15.67 -1.51
HD1 DPN XA 2 -15.22 16.22 0.76
HD2 DPN XA 2 -18.83 17.52 -0.35
HE1 DPN XA 2 -15.19 17.80 2.50
HE2 DPN XA 2 -18.80 19.08 1.38
HZ DPN XA 2 -16.99 19.21 2.79
N DPN XA 3 -16.25 14.34 -4.09
CA DPN XA 3 -16.62 13.93 -5.42
C DPN XA 3 -18.15 13.95 -5.66
O DPN XA 3 -18.71 12.94 -5.85
CB DPN XA 3 -15.88 14.85 -6.40
CG DPN XA 3 -14.31 14.90 -6.25
CD1 DPN XA 3 -13.52 14.43 -7.29
CD2 DPN XA 3 -13.68 15.43 -5.12
CE1 DPN XA 3 -12.14 14.46 -7.18
CE2 DPN XA 3 -12.31 15.45 -5.01
CZ DPN XA 3 -11.53 14.98 -6.04
H DPN XA 3 -15.78 13.78 -3.65
HA DPN XA 3 -16.29 13.04 -5.55
HB2 DPN XA 3 -16.09 14.56 -7.30
HB3 DPN XA 3 -16.23 15.75 -6.29
HD1 DPN XA 3 -13.92 14.09 -8.05
HD2 DPN XA 3 -14.18 15.75 -4.41
HE1 DPN XA 3 -11.61 14.14 -7.87
HE2 DPN XA 3 -11.91 15.80 -4.24
HZ DPN XA 3 -10.61 15.01 -5.96
N DTY XA 4 -18.89 15.24 -5.71
CA DTY XA 4 -20.33 15.27 -5.94
C DTY XA 4 -20.78 14.74 -7.32
O DTY XA 4 -21.86 15.03 -7.68
CB DTY XA 4 -21.03 14.38 -4.92
CG DTY XA 4 -22.33 15.03 -4.40
CD1 DTY XA 4 -22.33 15.60 -3.13
CD2 DTY XA 4 -23.46 15.04 -5.18
CE1 DTY XA 4 -23.50 16.20 -2.65
CE2 DTY XA 4 -24.62 15.62 -4.70
CZ DTY XA 4 -24.64 16.20 -3.43
OH DTY XA 4 -25.81 16.81 -2.92
H DTY XA 4 -18.48 15.97 -5.57
HA DTY XA 4 -20.66 16.17 -5.83
HB2 DTY XA 4 -21.24 13.54 -5.36
HB3 DTY XA 4 -20.44 14.21 -4.18
HD1 DTY XA 4 -21.57 15.60 -2.61
HD2 DTY XA 4 -23.43 14.65 -6.03
HE1 DTY XA 4 -23.51 16.58 -1.81
HE2 DTY XA 4 -25.39 15.64 -5.22
HH DTY XA 4 -25.79 16.80 -2.08
N M3L XA 5 -19.89 13.95 -8.22
CA M3L XA 5 -20.35 13.47 -9.52
CB M3L XA 5 -19.40 13.78 -10.68
CG M3L XA 5 -20.13 14.19 -11.97
CD M3L XA 5 -21.08 13.03 -12.56
CE M3L XA 5 -22.53 13.56 -12.76
NZ M3L XA 5 -23.65 12.49 -12.97
C M3L XA 5 -20.32 11.98 -9.40
O M3L XA 5 -19.23 11.48 -9.01
OXT M3L XA 5 -21.31 11.26 -9.70
CM1 M3L XA 5 -23.31 11.61 -14.10
CM2 M3L XA 5 -24.88 13.15 -13.32
CM3 M3L XA 5 -23.87 11.72 -11.73
H M3L XA 5 -19.11 13.75 -7.96
HA M3L XA 5 -21.24 13.79 -9.72
HB2 M3L XA 5 -18.78 14.48 -10.41
HB3 M3L XA 5 -18.89 12.98 -10.88
HG2 M3L XA 5 -20.67 14.97 -11.77
HG3 M3L XA 5 -19.48 14.43 -12.63
HD2 M3L XA 5 -21.09 12.28 -11.97
HD3 M3L XA 5 -20.73 12.74 -13.41
HE2 M3L XA 5 -22.51 14.12 -13.55
HE3 M3L XA 5 -22.78 14.10 -12.01
HM11 M3L XA 5 -23.22 12.14 -14.90
HM12 M3L XA 5 -22.49 11.16 -13.93
HM13 M3L XA 5 -24.02 10.96 -14.22
HM21 M3L XA 5 -24.74 13.70 -14.11
HM22 M3L XA 5 -25.16 13.72 -12.59
HM23 M3L XA 5 -25.58 12.50 -13.52
HM31 M3L XA 5 -24.01 12.34 -11.01
HM32 M3L XA 5 -23.09 11.17 -11.54
HM33 M3L XA 5 -24.65 11.15 -11.83
C02 UQ4 YA 1 -7.52 17.88 6.63
C50 UQ4 YA 1 -7.08 19.15 5.98
C51 UQ4 YA 1 -5.76 18.99 5.24
C53 UQ4 YA 1 -5.70 17.31 3.24
C54 UQ4 YA 1 -5.00 18.10 2.35
C55 UQ4 YA 1 -5.07 17.83 0.98
C56 UQ4 YA 1 -5.81 16.75 0.52
C60 UQ4 YA 1 -6.49 15.95 1.41
C64 UQ4 YA 1 -6.43 16.22 2.80
N52 UQ4 YA 1 -5.62 17.60 4.73
N57 UQ4 YA 1 -5.85 16.46 -0.93
N61 UQ4 YA 1 -7.28 14.85 1.29
N63 UQ4 YA 1 -7.19 15.28 3.41
O01 UQ4 YA 1 -7.04 16.87 6.26
O58 UQ4 YA 1 -6.36 15.23 -1.36
O59 UQ4 YA 1 -5.43 17.24 -1.70
O62 UQ4 YA 1 -7.66 14.48 2.48
H501 UQ4 YA 1 -6.95 19.79 6.69
H502 UQ4 YA 1 -7.77 19.43 5.39
H512 UQ4 YA 1 -5.04 19.17 5.84
H511 UQ4 YA 1 -5.73 19.64 4.52
H541 UQ4 YA 1 -4.52 18.82 2.68
H551 UQ4 YA 1 -4.60 18.37 0.38
H521 UQ4 YA 1 -5.49 16.96 5.27
N DPN YA 2 -8.52 17.89 7.72
CA DPN YA 2 -9.22 19.05 8.27
C DPN YA 2 -10.67 18.90 7.81
O DPN YA 2 -11.38 19.83 7.75
CB DPN YA 2 -9.13 18.98 9.76
CG DPN YA 2 -8.08 19.95 10.32
CD1 DPN YA 2 -6.74 19.78 10.01
CD2 DPN YA 2 -8.48 21.00 11.13
CE1 DPN YA 2 -5.79 20.68 10.54
CE2 DPN YA 2 -7.55 21.89 11.64
CZ DPN YA 2 -6.20 21.72 11.35
H DPN YA 2 -8.74 17.13 8.04
HA DPN YA 2 -8.86 19.88 7.93
HB2 DPN YA 2 -8.85 18.09 9.97
HB3 DPN YA 2 -10.00 19.16 10.14
HD1 DPN YA 2 -6.47 19.08 9.47
HD2 DPN YA 2 -9.38 21.11 11.32
HE1 DPN YA 2 -4.89 20.57 10.34
HE2 DPN YA 2 -7.81 22.59 12.18
HZ DPN YA 2 -5.58 22.32 11.69
N DPN YA 3 -11.14 17.53 7.43
CA DPN YA 3 -12.45 17.25 6.91
C DPN YA 3 -13.60 17.58 7.90
O DPN YA 3 -14.23 16.70 8.37
CB DPN YA 3 -12.60 18.02 5.59
CG DPN YA 3 -11.51 17.70 4.52
CD1 DPN YA 3 -11.90 17.08 3.34
CD2 DPN YA 3 -10.15 18.04 4.67
CE1 DPN YA 3 -10.96 16.79 2.35
CE2 DPN YA 3 -9.22 17.74 3.70
CZ DPN YA 3 -9.63 17.11 2.53
H DPN YA 3 -10.60 16.87 7.45
HA DPN YA 3 -12.49 16.31 6.70
HB2 DPN YA 3 -13.46 17.80 5.22
HB3 DPN YA 3 -12.58 18.97 5.78
HD1 DPN YA 3 -12.79 16.87 3.21
HD2 DPN YA 3 -9.86 18.44 5.45
HE1 DPN YA 3 -11.22 16.38 1.56
HE2 DPN YA 3 -8.32 17.96 3.83
HZ DPN YA 3 -8.99 16.93 1.87
N DTY YA 4 -13.97 18.99 8.21
CA DTY YA 4 -15.04 19.32 9.13
C DTY YA 4 -16.44 18.92 8.63
O DTY YA 4 -17.36 19.43 9.16
CB DTY YA 4 -14.85 18.59 10.45
CG DTY YA 4 -15.17 19.51 11.65
CD1 DTY YA 4 -14.13 20.04 12.39
CD2 DTY YA 4 -16.48 19.79 11.98
CE1 DTY YA 4 -14.39 20.86 13.47
CE2 DTY YA 4 -16.75 20.61 13.06
CZ DTY YA 4 -15.70 21.15 13.80
OH DTY YA 4 -15.97 22.00 14.91
H DTY YA 4 -13.50 19.62 7.86
HA DTY YA 4 -15.03 20.27 9.29
HB2 DTY YA 4 -15.45 17.83 10.45
HB3 DTY YA 4 -13.93 18.29 10.52
HD1 DTY YA 4 -13.25 19.85 12.16
HD2 DTY YA 4 -17.17 19.43 11.47
HE1 DTY YA 4 -13.70 21.23 13.98
HE2 DTY YA 4 -17.63 20.82 13.27
HH DTY YA 4 -15.26 22.07 15.39
N M3L YA 5 -16.66 17.98 7.51
CA M3L YA 5 -18.02 17.64 7.07
CB M3L YA 5 -18.23 17.75 5.55
CG M3L YA 5 -19.62 18.34 5.20
CD M3L YA 5 -20.85 17.43 5.70
CE M3L YA 5 -21.84 18.26 6.58
NZ M3L YA 5 -22.82 17.47 7.50
C M3L YA 5 -18.12 16.16 7.33
O M3L YA 5 -17.20 15.44 6.85
OXT M3L YA 5 -19.09 15.67 7.98
CM1 M3L YA 5 -23.63 16.54 6.68
CM2 M3L YA 5 -23.74 18.39 8.11
CM3 M3L YA 5 -22.09 16.75 8.56
H M3L YA 5 -16.01 17.63 7.13
HA M3L YA 5 -18.69 18.13 7.55
HB2 M3L YA 5 -17.54 18.30 5.17
HB3 M3L YA 5 -18.20 16.87 5.16
HG2 M3L YA 5 -19.68 19.22 5.60
HG3 M3L YA 5 -19.68 18.44 4.23
HD2 M3L YA 5 -20.52 16.68 6.20
HD3 M3L YA 5 -21.33 17.09 4.92
HE2 M3L YA 5 -22.36 18.79 5.97
HE3 M3L YA 5 -21.32 18.85 7.14
HM11 M3L YA 5 -24.15 17.05 6.04
HM12 M3L YA 5 -23.06 15.92 6.21
HM13 M3L YA 5 -24.23 16.05 7.27
HM21 M3L YA 5 -24.20 18.89 7.42
HM22 M3L YA 5 -23.26 18.99 8.68
HM23 M3L YA 5 -24.41 17.90 8.63
HM31 M3L YA 5 -21.51 17.38 9.02
HM32 M3L YA 5 -21.56 16.03 8.18
HM33 M3L YA 5 -22.71 16.38 9.20
C02 UQ4 ZA 1 3.02 18.99 7.19
C50 UQ4 ZA 1 3.02 20.16 6.26
C51 UQ4 ZA 1 3.42 19.77 4.86
C53 UQ4 ZA 1 1.69 18.15 3.77
C54 UQ4 ZA 1 1.54 18.80 2.56
C55 UQ4 ZA 1 0.36 18.62 1.81
C56 UQ4 ZA 1 -0.62 17.75 2.27
C60 UQ4 ZA 1 -0.45 17.08 3.46
C64 UQ4 ZA 1 0.73 17.27 4.22
N52 UQ4 ZA 1 2.96 18.37 4.57
N57 UQ4 ZA 1 -1.83 17.52 1.47
N61 UQ4 ZA 1 -1.20 16.19 4.17
N63 UQ4 ZA 1 0.60 16.50 5.33
O01 UQ4 ZA 1 2.86 17.91 6.72
O58 UQ4 ZA 1 -2.59 16.37 1.69
O59 UQ4 ZA 1 -2.14 18.30 0.65
O62 UQ4 ZA 1 -0.55 15.87 5.25
H501 UQ4 ZA 1 3.67 20.78 6.59
H502 UQ4 ZA 1 2.14 20.55 6.25
H512 UQ4 ZA 1 4.38 19.78 4.79
H511 UQ4 ZA 1 3.06 20.40 4.21
H541 UQ4 ZA 1 2.19 19.38 2.28
H551 UQ4 ZA 1 0.25 19.05 1.00
H521 UQ4 ZA 1 3.40 17.70 4.87
N DPN ZA 2 3.21 19.16 8.63
CA DPN ZA 2 3.38 20.41 9.38
C DPN ZA 2 2.12 20.57 10.21
O DPN ZA 2 1.76 21.62 10.58
CB DPN ZA 2 4.58 20.26 10.27
CG DPN ZA 2 5.80 20.97 9.69
CD1 DPN ZA 2 6.38 20.52 8.53
CD2 DPN ZA 2 6.32 22.07 10.35
CE1 DPN ZA 2 7.50 21.17 8.01
CE2 DPN ZA 2 7.44 22.73 9.83
CZ DPN ZA 2 8.03 22.28 8.65
H DPN ZA 2 3.19 18.45 9.10
HA DPN ZA 2 3.50 21.17 8.80
HB2 DPN ZA 2 4.77 19.32 10.31
HB3 DPN ZA 2 4.37 20.59 11.16
HD1 DPN ZA 2 6.02 19.78 8.10
HD2 DPN ZA 2 5.93 22.38 11.13
HE1 DPN ZA 2 7.90 20.88 7.22
HE2 DPN ZA 2 7.79 23.47 10.27
HZ DPN ZA 2 8.77 22.72 8.31
N DPN ZA 3 1.33 19.33 10.52
CA DPN ZA 3 0.08 19.34 11.21
C DPN ZA 3 0.17 19.89 12.65
O DPN ZA 3 0.00 19.15 13.55
CB DPN ZA 3 -0.92 20.14 10.36
CG DPN ZA 3 -1.12 19.65 8.89
CD1 DPN ZA 3 -2.36 19.16 8.49
CD2 DPN ZA 3 -0.10 19.69 7.93
CE1 DPN ZA 3 -2.56 18.72 7.19
CE2 DPN ZA 3 -0.30 19.25 6.64
CZ DPN ZA 3 -1.53 18.76 6.26
H DPN ZA 3 1.59 18.58 10.21
HA DPN ZA 3 -0.24 18.43 11.24
HB2 DPN ZA 3 -1.78 20.11 10.81
HB3 DPN ZA 3 -0.63 21.06 10.33
HD1 DPN ZA 3 -3.05 19.14 9.11
HD2 DPN ZA 3 0.74 20.00 8.16
HE1 DPN ZA 3 -3.40 18.39 6.93
HE2 DPN ZA 3 0.40 19.29 6.03
HZ DPN ZA 3 -1.66 18.48 5.39
N DTY ZA 4 0.41 21.33 12.90
CA DTY ZA 4 0.50 21.87 14.25
C DTY ZA 4 -0.82 21.79 15.04
O DTY ZA 4 -0.92 22.45 16.01
CB DTY ZA 4 1.52 21.09 15.05
CG DTY ZA 4 2.38 22.02 15.93
CD1 DTY ZA 4 3.68 22.30 15.55
CD2 DTY ZA 4 1.86 22.55 17.09
CE1 DTY ZA 4 4.48 23.13 16.33
CE2 DTY ZA 4 2.64 23.40 17.87
CZ DTY ZA 4 3.95 23.67 17.48
OH DTY ZA 4 4.77 24.53 18.27
H DTY ZA 4 0.52 21.86 12.24
HA DTY ZA 4 0.77 22.79 14.21
HB2 DTY ZA 4 1.04 20.46 15.62
HB3 DTY ZA 4 2.10 20.61 14.45
HD1 DTY ZA 4 4.03 21.93 14.77
HD2 DTY ZA 4 0.98 22.36 17.33
HE1 DTY ZA 4 5.35 23.33 16.08
HE2 DTY ZA 4 2.30 23.76 18.64
HH DTY ZA 4 5.58 24.44 18.04
N M3L ZA 5 -1.98 20.96 14.62
CA M3L ZA 5 -3.21 20.90 15.39
CB M3L ZA 5 -4.48 21.08 14.57
CG M3L ZA 5 -5.55 21.96 15.28
CD M3L ZA 5 -6.06 21.31 16.66
CE M3L ZA 5 -5.88 22.32 17.84
NZ M3L ZA 5 -5.94 21.73 19.29
C M3L ZA 5 -3.29 19.48 15.87
O M3L ZA 5 -3.18 18.59 14.97
OXT M3L ZA 5 -3.47 19.19 17.08
CM1 M3L ZA 5 -7.21 21.04 19.50
CM2 M3L ZA 5 -5.92 22.82 20.24
CM3 M3L ZA 5 -4.79 20.86 19.55
H M3L ZA 5 -1.92 20.48 13.93
HA M3L ZA 5 -3.19 21.52 16.14
HB2 M3L ZA 5 -4.25 21.49 13.72
HB3 M3L ZA 5 -4.88 20.22 14.41
HG2 M3L ZA 5 -5.15 22.82 15.45
HG3 M3L ZA 5 -6.29 22.07 14.68
HD2 M3L ZA 5 -5.58 20.50 16.86
HD3 M3L ZA 5 -7.00 21.09 16.57
HE2 M3L ZA 5 -6.59 22.96 17.76
HE3 M3L ZA 5 -5.03 22.76 17.73
HM11 M3L ZA 5 -7.95 21.65 19.40
HM12 M3L ZA 5 -7.32 20.32 18.86
HM13 M3L ZA 5 -7.22 20.66 20.39
HM21 M3L ZA 5 -6.66 23.43 20.06
HM22 M3L ZA 5 -5.09 23.30 20.15
HM23 M3L ZA 5 -6.02 22.48 21.15
HM31 M3L ZA 5 -3.98 21.32 19.28
HM32 M3L ZA 5 -4.87 20.04 19.04
HM33 M3L ZA 5 -4.74 20.65 20.50
C02 UQ4 AB 1 10.23 17.72 -0.52
C50 UQ4 AB 1 9.67 18.87 -1.28
C51 UQ4 AB 1 8.71 18.43 -2.37
C53 UQ4 AB 1 6.55 17.22 -1.52
C54 UQ4 AB 1 5.62 17.91 -2.28
C55 UQ4 AB 1 4.27 17.97 -1.90
C56 UQ4 AB 1 3.86 17.31 -0.75
C60 UQ4 AB 1 4.78 16.60 0.02
C64 UQ4 AB 1 6.13 16.55 -0.38
N52 UQ4 AB 1 8.00 17.18 -1.95
N57 UQ4 AB 1 2.44 17.35 -0.36
N61 UQ4 AB 1 4.70 15.88 1.15
N63 UQ4 AB 1 6.78 15.81 0.55
O01 UQ4 AB 1 9.63 16.69 -0.54
O58 UQ4 AB 1 1.98 16.45 0.62
O59 UQ4 AB 1 1.71 18.11 -0.87
O62 UQ4 AB 1 5.90 15.42 1.44
H501 UQ4 AB 1 10.42 19.30 -1.69
H502 UQ4 AB 1 9.22 19.46 -0.67
H512 UQ4 AB 1 9.21 18.24 -3.17
H511 UQ4 AB 1 8.08 19.14 -2.55
H541 UQ4 AB 1 5.91 18.35 -3.05
H551 UQ4 AB 1 3.66 18.43 -2.40
H521 UQ4 AB 1 8.42 16.43 -1.95
N DPN AB 2 11.48 17.83 0.24
CA DPN AB 2 12.32 19.01 0.40
C DPN AB 2 12.16 19.43 1.87
O DPN AB 2 12.37 20.53 2.21
CB DPN AB 2 13.74 18.63 0.13
CG DPN AB 2 14.19 19.07 -1.27
CD1 DPN AB 2 13.63 18.52 -2.40
CD2 DPN AB 2 15.19 20.03 -1.38
CE1 DPN AB 2 14.05 18.94 -3.66
CE2 DPN AB 2 15.61 20.46 -2.63
CZ DPN AB 2 15.04 19.91 -3.77
H DPN AB 2 11.73 17.14 0.66
HA DPN AB 2 12.06 19.73 -0.18
HB2 DPN AB 2 13.77 17.66 0.16
HB3 DPN AB 2 14.32 18.99 0.82
HD1 DPN AB 2 12.96 17.88 -2.31
HD2 DPN AB 2 15.56 20.40 -0.61
HE1 DPN AB 2 13.67 18.58 -4.43
HE2 DPN AB 2 16.26 21.10 -2.71
HZ DPN AB 2 15.33 20.18 -4.61
N DPN AB 3 11.73 18.38 2.84
CA DPN AB 3 11.46 18.64 4.22
C DPN AB 3 12.71 19.14 5.00
O DPN AB 3 13.17 18.45 5.84
CB DPN AB 3 10.31 19.64 4.30
CG DPN AB 3 8.98 19.21 3.56
CD1 DPN AB 3 7.84 18.98 4.32
CD2 DPN AB 3 8.90 19.07 2.17
CE1 DPN AB 3 6.66 18.59 3.70
CE2 DPN AB 3 7.73 18.67 1.55
CZ DPN AB 3 6.60 18.45 2.32
H DPN AB 3 11.55 17.59 2.57
HA DPN AB 3 11.16 17.82 4.61
HB2 DPN AB 3 10.10 19.80 5.23
HB3 DPN AB 3 10.59 20.49 3.91
HD1 DPN AB 3 7.88 19.09 5.24
HD2 DPN AB 3 9.65 19.21 1.65
HE1 DPN AB 3 5.89 18.44 4.20
HE2 DPN AB 3 7.71 18.57 0.63
HZ DPN AB 3 5.81 18.19 1.90
N DTY AB 4 13.29 20.48 4.74
CA DTY AB 4 14.45 20.96 5.46
C DTY AB 4 14.23 21.18 6.96
O DTY AB 4 15.00 21.87 7.54
CB DTY AB 4 15.59 19.95 5.37
CG DTY AB 4 16.95 20.66 5.15
CD1 DTY AB 4 17.51 20.67 3.89
CD2 DTY AB 4 17.59 21.25 6.21
CE1 DTY AB 4 18.73 21.30 3.68
CE2 DTY AB 4 18.80 21.89 6.02
CZ DTY AB 4 19.38 21.90 4.74
OH DTY AB 4 20.62 22.54 4.51
H DTY AB 4 12.94 20.98 4.13
HA DTY AB 4 14.75 21.80 5.07
HB2 DTY AB 4 15.62 19.45 6.20
HB3 DTY AB 4 15.42 19.37 4.62
HD1 DTY AB 4 17.06 20.26 3.18
HD2 DTY AB 4 17.20 21.25 7.06
HE1 DTY AB 4 19.11 21.32 2.84
HE2 DTY AB 4 19.23 22.29 6.73
HH DTY AB 4 20.95 22.28 3.77
N M3L AB 5 13.09 20.60 7.72
CA M3L AB 5 12.91 20.82 9.15
CB M3L AB 5 11.51 21.29 9.55
CG M3L AB 5 11.53 22.36 10.68
CD M3L AB 5 12.14 21.79 12.05
CE M3L AB 5 13.33 22.69 12.54
NZ M3L AB 5 14.28 22.08 13.62
C M3L AB 5 13.02 19.44 9.73
O M3L AB 5 12.26 18.57 9.22
OXT M3L AB 5 13.80 19.19 10.69
CM1 M3L AB 5 13.51 21.67 14.81
CM2 M3L AB 5 15.19 23.11 14.08
CM3 M3L AB 5 15.07 20.98 13.05
H M3L AB 5 12.53 20.10 7.31
HA M3L AB 5 13.59 21.40 9.51
HB2 M3L AB 5 11.07 21.64 8.77
HB3 M3L AB 5 11.02 20.53 9.89
HG2 M3L AB 5 12.06 23.09 10.36
HG3 M3L AB 5 10.63 22.66 10.82
HD2 M3L AB 5 12.45 20.89 11.95
HD3 M3L AB 5 11.44 21.80 12.72
HE2 M3L AB 5 12.93 23.48 12.90
HE3 M3L AB 5 13.86 22.92 11.77
HM11 M3L AB 5 13.12 22.44 15.23
HM12 M3L AB 5 12.81 21.06 14.56
HM13 M3L AB 5 14.11 21.23 15.43
HM21 M3L AB 5 14.69 23.87 14.39
HM22 M3L AB 5 15.76 23.39 13.34
HM23 M3L AB 5 15.75 22.77 14.80
HM31 M3L AB 5 15.48 21.28 12.22
HM32 M3L AB 5 14.50 20.23 12.87
HM33 M3L AB 5 15.77 20.72 13.67
C02 UQ4 BB 1 8.70 15.15 -10.73
C50 UQ4 BB 1 7.95 16.41 -10.97
C51 UQ4 BB 1 6.46 16.20 -10.92
C53 UQ4 BB 1 5.55 15.47 -8.58
C54 UQ4 BB 1 4.49 16.34 -8.48
C55 UQ4 BB 1 3.96 16.68 -7.22
C56 UQ4 BB 1 4.49 16.11 -6.07
C60 UQ4 BB 1 5.54 15.21 -6.16
C64 UQ4 BB 1 6.08 14.88 -7.43
N52 UQ4 BB 1 6.13 15.13 -9.95
N57 UQ4 BB 1 3.92 16.43 -4.75
N61 UQ4 BB 1 6.25 14.50 -5.27
N63 UQ4 BB 1 7.08 14.00 -7.20
O01 UQ4 BB 1 8.15 14.29 -10.14
O58 UQ4 BB 1 4.20 15.60 -3.67
O59 UQ4 BB 1 3.21 17.37 -4.64
O62 UQ4 BB 1 7.15 13.79 -5.91
H501 UQ4 BB 1 8.19 16.69 -11.86
H502 UQ4 BB 1 8.22 17.08 -10.33
H512 UQ4 BB 1 6.15 15.94 -11.79
H511 UQ4 BB 1 6.01 17.03 -10.67
H541 UQ4 BB 1 4.16 16.73 -9.24
H551 UQ4 BB 1 3.26 17.28 -7.16
H521 UQ4 BB 1 6.26 14.31 -10.15
N DPN BB 2 10.08 14.97 -11.20
CA DPN BB 2 10.92 15.95 -11.91
C DPN BB 2 11.99 16.35 -10.91
O DPN BB 2 12.55 17.37 -11.01
CB DPN BB 2 11.53 15.28 -13.10
CG DPN BB 2 10.80 15.64 -14.39
CD1 DPN BB 2 9.48 15.28 -14.56
CD2 DPN BB 2 11.46 16.33 -15.38
CE1 DPN BB 2 8.81 15.63 -15.75
CE2 DPN BB 2 10.80 16.67 -16.57
CZ DPN BB 2 9.46 16.32 -16.74
H DPN BB 2 10.45 14.23 -11.02
HA DPN BB 2 10.42 16.72 -12.20
HB2 DPN BB 2 11.45 14.32 -12.97
HB3 DPN BB 2 12.47 15.52 -13.16
HD1 DPN BB 2 9.04 14.82 -13.87
HD2 DPN BB 2 12.35 16.57 -15.26
HE1 DPN BB 2 7.91 15.39 -15.87
HE2 DPN BB 2 11.25 17.14 -17.23
HZ DPN BB 2 9.03 16.54 -17.52
N DPN BB 3 12.31 15.40 -9.81
CA DPN BB 3 13.24 15.70 -8.75
C DPN BB 3 14.69 15.90 -9.25
O DPN BB 3 15.51 15.10 -8.96
CB DPN BB 3 12.73 16.92 -7.99
CG DPN BB 3 11.27 16.79 -7.39
CD1 DPN BB 3 11.11 16.82 -6.01
CD2 DPN BB 3 10.14 16.69 -8.20
CE1 DPN BB 3 9.83 16.72 -5.47
CE2 DPN BB 3 8.88 16.57 -7.66
CZ DPN BB 3 8.72 16.59 -6.29
H DPN BB 3 11.86 14.68 -9.74
HA DPN BB 3 13.21 14.95 -8.14
HB2 DPN BB 3 13.35 17.11 -7.26
HB3 DPN BB 3 12.75 17.68 -8.59
HD1 DPN BB 3 11.84 16.91 -5.47
HD2 DPN BB 3 10.23 16.66 -9.12
HE1 DPN BB 3 9.72 16.75 -4.55
HE2 DPN BB 3 8.14 16.49 -8.22
HZ DPN BB 3 7.86 16.54 -5.92
N DTY BB 4 15.06 17.09 -10.05
CA DTY BB 4 16.42 17.30 -10.53
C DTY BB 4 17.46 17.52 -9.43
O DTY BB 4 18.49 18.00 -9.73
CB DTY BB 4 16.89 16.08 -11.30
CG DTY BB 4 17.67 16.48 -12.57
CD1 DTY BB 4 17.07 16.39 -13.80
CD2 DTY BB 4 18.98 16.93 -12.45
CE1 DTY BB 4 17.75 16.75 -14.95
CE2 DTY BB 4 19.67 17.29 -13.60
CZ DTY BB 4 19.05 17.21 -14.84
OH DTY BB 4 19.75 17.57 -16.03
H DTY BB 4 14.46 17.66 -10.26
HA DTY BB 4 16.44 18.06 -11.13
HB2 DTY BB 4 17.47 15.56 -10.71
HB3 DTY BB 4 16.12 15.56 -11.57
HD1 DTY BB 4 16.18 16.09 -13.86
HD2 DTY BB 4 19.37 16.99 -11.62
HE1 DTY BB 4 17.35 16.70 -15.78
HE2 DTY BB 4 20.55 17.60 -13.53
HH DTY BB 4 19.32 17.31 -16.70
N M3L BB 5 17.21 17.20 -8.00
CA M3L BB 5 18.23 17.41 -6.97
CB M3L BB 5 17.71 18.15 -5.74
CG M3L BB 5 18.73 19.17 -5.18
CD M3L BB 5 20.09 18.47 -4.67
CE M3L BB 5 21.32 19.07 -5.42
NZ M3L BB 5 22.66 18.27 -5.33
C M3L BB 5 18.51 16.03 -6.46
O M3L BB 5 17.51 15.36 -6.11
OXT M3L BB 5 19.69 15.59 -6.37
CM1 M3L BB 5 23.04 18.03 -3.94
CM2 M3L BB 5 23.73 19.06 -5.92
CM3 M3L BB 5 22.55 17.02 -6.11
H M3L BB 5 16.47 16.85 -7.78
HA M3L BB 5 19.01 17.83 -7.33
HB2 M3L BB 5 16.89 18.61 -5.97
HB3 M3L BB 5 17.52 17.51 -5.04
HG2 M3L BB 5 18.94 19.80 -5.87
HG3 M3L BB 5 18.32 19.65 -4.45
HD2 M3L BB 5 20.06 17.52 -4.82
HD3 M3L BB 5 20.19 18.64 -3.72
HE2 M3L BB 5 21.47 19.94 -5.06
HE3 M3L BB 5 21.08 19.16 -6.35
HM11 M3L BB 5 23.23 18.88 -3.50
HM12 M3L BB 5 22.34 17.58 -3.45
HM13 M3L BB 5 23.83 17.48 -3.92
HM21 M3L BB 5 23.77 19.91 -5.46
HM22 M3L BB 5 23.55 19.20 -6.85
HM23 M3L BB 5 24.58 18.60 -5.81
HM31 M3L BB 5 22.20 17.23 -7.00
HM32 M3L BB 5 21.94 16.42 -5.66
HM33 M3L BB 5 23.42 16.60 -6.20
C02 UQ4 CB 1 -0.50 13.19 -15.71
C50 UQ4 CB 1 -0.97 14.58 -15.50
C51 UQ4 CB 1 -1.92 14.69 -14.32
C53 UQ4 CB 1 -0.82 14.13 -12.03
C54 UQ4 CB 1 -1.28 15.21 -11.30
C55 UQ4 CB 1 -0.59 15.63 -10.14
C56 UQ4 CB 1 0.53 14.93 -9.72
C60 UQ4 CB 1 0.99 13.84 -10.43
C64 UQ4 CB 1 0.29 13.42 -11.60
N52 UQ4 CB 1 -1.56 13.69 -13.27
N57 UQ4 CB 1 1.24 15.36 -8.50
N61 UQ4 CB 1 2.01 12.98 -10.28
N63 UQ4 CB 1 0.97 12.34 -12.07
O01 UQ4 CB 1 -0.53 12.45 -14.79
O58 UQ4 CB 1 2.12 14.46 -7.88
O59 UQ4 CB 1 1.05 16.43 -8.05
O62 UQ4 CB 1 1.96 12.11 -11.26
H501 UQ4 CB 1 -1.45 14.84 -16.30
H502 UQ4 CB 1 -0.21 15.16 -15.36
H512 UQ4 CB 1 -2.81 14.50 -14.62
H511 UQ4 CB 1 -1.90 15.59 -13.96
H541 UQ4 CB 1 -2.01 15.68 -11.60
H551 UQ4 CB 1 -0.88 16.36 -9.67
H521 UQ4 CB 1 -1.76 12.87 -13.38
N DPN CB 2 -0.01 12.73 -17.01
CA DPN CB 2 0.13 13.51 -18.24
C DPN CB 2 1.64 13.66 -18.47
O DPN CB 2 2.07 14.54 -19.10
CB DPN CB 2 -0.48 12.74 -19.37
CG DPN CB 2 -1.87 13.28 -19.72
CD1 DPN CB 2 -2.90 13.20 -18.81
CD2 DPN CB 2 -2.09 13.85 -20.98
CE1 DPN CB 2 -4.17 13.70 -19.15
CE2 DPN CB 2 -3.35 14.35 -21.31
CZ DPN CB 2 -4.39 14.27 -20.39
H DPN CB 2 0.26 11.92 -17.05
HA DPN CB 2 -0.27 14.38 -18.17
HB2 DPN CB 2 -0.58 11.83 -19.08
HB3 DPN CB 2 0.10 12.78 -20.15
HD1 DPN CB 2 -2.75 12.82 -17.99
HD2 DPN CB 2 -1.38 13.91 -21.57
HE1 DPN CB 2 -4.86 13.64 -18.54
HE2 DPN CB 2 -3.49 14.73 -22.14
HZ DPN CB 2 -5.22 14.60 -20.62
N DPN CB 3 2.53 12.64 -17.82
CA DPN CB 3 3.96 12.71 -17.88
C DPN CB 3 4.50 12.60 -19.33
O DPN CB 3 5.14 11.66 -19.65
CB DPN CB 3 4.40 14.00 -17.19
CG DPN CB 3 3.91 14.18 -15.71
CD1 DPN CB 3 4.85 14.19 -14.68
CD2 DPN CB 3 2.57 14.34 -15.38
CE1 DPN CB 3 4.44 14.36 -13.36
CE2 DPN CB 3 2.16 14.48 -14.07
CZ DPN CB 3 3.10 14.51 -13.06
H DPN CB 3 2.19 12.03 -17.34
HA DPN CB 3 4.31 11.97 -17.38
HB2 DPN CB 3 5.38 14.02 -17.20
HB3 DPN CB 3 4.09 14.75 -17.71
HD1 DPN CB 3 5.75 14.11 -14.88
HD2 DPN CB 3 1.92 14.32 -16.04
HE1 DPN CB 3 5.06 14.37 -12.68
HE2 DPN CB 3 1.25 14.59 -13.87
HZ DPN CB 3 2.82 14.61 -12.18
N DTY CB 4 4.28 13.71 -20.31
CA DTY CB 4 4.79 13.64 -21.67
C DTY CB 4 6.32 13.61 -21.79
O DTY CB 4 6.79 13.91 -22.84
CB DTY CB 4 4.32 12.35 -22.32
CG DTY CB 4 3.90 12.60 -23.80
CD1 DTY CB 4 2.56 12.70 -24.12
CD2 DTY CB 4 4.86 12.72 -24.77
CE1 DTY CB 4 2.17 12.93 -25.43
CE2 DTY CB 4 4.49 12.95 -26.08
CZ DTY CB 4 3.14 13.04 -26.41
OH DTY CB 4 2.73 13.27 -27.75
H DTY CB 4 3.82 14.39 -20.07
HA DTY CB 4 4.45 14.39 -22.18
HB2 DTY CB 4 5.04 11.72 -22.30
HB3 DTY CB 4 3.55 12.01 -21.84
HD1 DTY CB 4 1.92 12.63 -23.45
HD2 DTY CB 4 5.77 12.66 -24.54
HE1 DTY CB 4 1.27 13.00 -25.65
HE2 DTY CB 4 5.14 13.03 -26.75
HH DTY CB 4 1.90 13.07 -27.84
N M3L CB 5 7.23 13.30 -20.66
CA M3L CB 5 8.67 13.28 -20.82
CB M3L CB 5 9.44 14.10 -19.76
CG M3L CB 5 10.65 14.84 -20.35
CD M3L CB 5 11.78 13.86 -20.93
CE M3L CB 5 12.07 14.21 -22.43
NZ M3L CB 5 12.86 13.15 -23.25
C M3L CB 5 9.05 11.86 -20.52
O M3L CB 5 8.61 11.40 -19.43
OXT M3L CB 5 9.78 11.19 -21.30
CM1 M3L CB 5 14.13 12.82 -22.59
CM2 M3L CB 5 13.22 13.72 -24.54
CM3 M3L CB 5 12.02 11.97 -23.50
H M3L CB 5 6.90 13.09 -19.91
HA M3L CB 5 8.93 13.53 -21.71
HB2 M3L CB 5 8.83 14.72 -19.36
HB3 M3L CB 5 9.77 13.49 -19.09
HG2 M3L CB 5 10.33 15.42 -21.06
HG3 M3L CB 5 11.04 15.40 -19.66
HD2 M3L CB 5 11.49 12.94 -20.87
HD3 M3L CB 5 12.59 13.97 -20.42
HE2 M3L CB 5 12.57 15.03 -22.43
HE3 M3L CB 5 11.22 14.36 -22.87
HM11 M3L CB 5 14.69 13.60 -22.54
HM12 M3L CB 5 13.97 12.48 -21.70
HM13 M3L CB 5 14.59 12.12 -23.11
HM21 M3L CB 5 13.72 14.54 -24.39
HM22 M3L CB 5 12.43 13.92 -25.04
HM23 M3L CB 5 13.79 13.10 -25.04
HM31 M3L CB 5 11.16 12.25 -23.85
HM32 M3L CB 5 11.88 11.49 -22.67
HM33 M3L CB 5 12.46 11.38 -24.13
C02 UQ4 DB 1 -10.41 13.22 -11.78
C50 UQ4 DB 1 -10.32 14.69 -11.51
C51 UQ4 DB 1 -9.85 14.99 -10.08
C53 UQ4 DB 1 -7.49 14.15 -9.35
C54 UQ4 DB 1 -7.09 15.28 -8.68
C55 UQ4 DB 1 -5.72 15.53 -8.47
C56 UQ4 DB 1 -4.78 14.61 -8.90
C60 UQ4 DB 1 -5.18 13.45 -9.55
C64 UQ4 DB 1 -6.56 13.21 -9.77
N52 UQ4 DB 1 -8.96 13.90 -9.59
N57 UQ4 DB 1 -3.34 14.85 -8.65
N61 UQ4 DB 1 -4.53 12.39 -10.07
N63 UQ4 DB 1 -6.64 12.04 -10.42
O01 UQ4 DB 1 -9.86 12.49 -11.05
O58 UQ4 DB 1 -2.44 13.78 -8.78
O59 UQ4 DB 1 -2.97 15.91 -8.32
O62 UQ4 DB 1 -5.42 11.57 -10.57
H501 UQ4 DB 1 -11.20 15.04 -11.62
H502 UQ4 DB 1 -9.71 15.08 -12.14
H512 UQ4 DB 1 -10.62 15.04 -9.51
H511 UQ4 DB 1 -9.40 15.84 -10.07
H541 UQ4 DB 1 -7.72 15.90 -8.42
H551 UQ4 DB 1 -5.44 16.29 -8.03
H521 UQ4 DB 1 -9.29 13.12 -9.42
N DPN DB 2 -11.18 12.73 -12.92
CA DPN DB 2 -11.90 13.51 -13.92
C DPN DB 2 -11.10 13.35 -15.22
O DPN DB 2 -11.19 14.13 -16.08
CB DPN DB 2 -13.28 12.95 -14.09
CG DPN DB 2 -14.32 13.78 -13.32
CD1 DPN DB 2 -14.22 13.90 -11.95
CD2 DPN DB 2 -15.36 14.39 -14.01
CE1 DPN DB 2 -15.18 14.66 -11.25
CE2 DPN DB 2 -16.30 15.14 -13.33
CZ DPN DB 2 -16.21 15.28 -11.94
H DPN DB 2 -11.19 11.88 -13.03
HA DPN DB 2 -11.95 14.45 -13.70
HB2 DPN DB 2 -13.26 12.06 -13.72
HB3 DPN DB 2 -13.49 12.91 -15.03
HD1 DPN DB 2 -13.52 13.49 -11.50
HD2 DPN DB 2 -15.40 14.30 -14.93
HE1 DPN DB 2 -15.13 14.75 -10.33
HE2 DPN DB 2 -16.99 15.56 -13.78
HZ DPN DB 2 -16.85 15.78 -11.49
N DPN DB 3 -10.20 12.16 -15.33
CA DPN DB 3 -9.34 11.92 -16.46
C DPN DB 3 -10.11 11.74 -17.79
O DPN DB 3 -10.10 10.70 -18.33
CB DPN DB 3 -8.35 13.08 -16.53
CG DPN DB 3 -7.49 13.32 -15.24
CD1 DPN DB 3 -6.12 13.13 -15.30
CD2 DPN DB 3 -8.05 13.75 -14.03
CE1 DPN DB 3 -5.34 13.34 -14.17
CE2 DPN DB 3 -7.27 13.94 -12.90
CZ DPN DB 3 -5.91 13.74 -12.98
H DPN DB 3 -10.13 11.61 -14.68
HA DPN DB 3 -8.84 11.12 -16.28
HB2 DPN DB 3 -7.75 12.91 -17.27
HB3 DPN DB 3 -8.83 13.89 -16.75
HD1 DPN DB 3 -5.74 12.86 -16.10
HD2 DPN DB 3 -8.96 13.89 -13.95
HE1 DPN DB 3 -4.42 13.20 -14.21
HE2 DPN DB 3 -7.67 14.23 -12.10
HZ DPN DB 3 -5.39 13.89 -12.22
N DTY DB 4 -10.81 12.89 -18.43
CA DTY DB 4 -11.53 12.74 -19.68
C DTY DB 4 -10.66 12.37 -20.90
O DTY DB 4 -11.12 12.56 -21.97
CB DTY DB 4 -12.54 11.61 -19.56
CG DTY DB 4 -13.88 11.97 -20.23
CD1 DTY DB 4 -14.96 12.34 -19.45
CD2 DTY DB 4 -14.00 11.92 -21.60
CE1 DTY DB 4 -16.17 12.68 -20.04
CE2 DTY DB 4 -15.20 12.25 -22.19
CZ DTY DB 4 -16.29 12.64 -21.41
OH DTY DB 4 -17.53 12.97 -22.01
H DTY DB 4 -10.82 13.65 -18.03
HA DTY DB 4 -12.01 13.55 -19.89
HB2 DTY DB 4 -12.17 10.82 -20.00
HB3 DTY DB 4 -12.70 11.42 -18.61
HD1 DTY DB 4 -14.87 12.38 -18.52
HD2 DTY DB 4 -13.26 11.67 -22.12
HE1 DTY DB 4 -16.89 12.94 -19.51
HE2 DTY DB 4 -15.28 12.23 -23.12
HH DTY DB 4 -18.15 12.89 -21.43
N M3L DB 5 -9.28 11.86 -20.78
CA M3L DB 5 -8.47 11.53 -21.96
CB M3L DB 5 -7.07 12.15 -21.95
CG M3L DB 5 -6.63 12.64 -23.35
CD M3L DB 5 -6.53 11.46 -24.43
CE M3L DB 5 -7.45 11.78 -25.66
NZ M3L DB 5 -7.79 10.60 -26.61
C M3L DB 5 -8.21 10.05 -21.81
O M3L DB 5 -7.74 9.69 -20.70
OXT M3L DB 5 -8.45 9.25 -22.76
CM1 M3L DB 5 -6.55 9.95 -27.10
CM2 M3L DB 5 -8.47 11.10 -27.79
CM3 M3L DB 5 -8.68 9.64 -25.94
H M3L DB 5 -8.94 11.73 -20.01
HA M3L DB 5 -8.95 11.73 -22.78
HB2 M3L DB 5 -7.05 12.88 -21.32
HB3 M3L DB 5 -6.44 11.47 -21.68
HG2 M3L DB 5 -7.27 13.30 -23.65
HG3 M3L DB 5 -5.78 13.08 -23.27
HD2 M3L DB 5 -6.79 10.63 -24.04
HD3 M3L DB 5 -5.62 11.40 -24.74
HE2 M3L DB 5 -6.99 12.45 -26.18
HE3 M3L DB 5 -8.28 12.15 -25.34
HM11 M3L DB 5 -6.03 10.60 -27.60
HM12 M3L DB 5 -6.04 9.64 -26.37
HM13 M3L DB 5 -6.79 9.21 -27.68
HM21 M3L DB 5 -7.91 11.77 -28.21
HM22 M3L DB 5 -9.30 11.51 -27.52
HM23 M3L DB 5 -8.63 10.39 -28.43
HM31 M3L DB 5 -9.44 10.11 -25.58
HM32 M3L DB 5 -8.20 9.20 -25.22
HM33 M3L DB 5 -8.99 8.96 -26.57
C02 UQ4 EB 1 -13.76 20.39 -2.51
C50 UQ4 EB 1 -13.28 21.80 -2.61
C51 UQ4 EB 1 -11.92 21.98 -1.96
C53 UQ4 EB 1 -10.08 20.64 -3.21
C54 UQ4 EB 1 -9.14 21.64 -3.36
C55 UQ4 EB 1 -8.19 21.57 -4.38
C56 UQ4 EB 1 -8.17 20.48 -5.23
C60 UQ4 EB 1 -9.08 19.46 -5.08
C64 UQ4 EB 1 -10.06 19.54 -4.05
N52 UQ4 EB 1 -11.12 20.73 -2.12
N57 UQ4 EB 1 -7.15 20.39 -6.28
N61 UQ4 EB 1 -9.32 18.30 -5.73
N63 UQ4 EB 1 -10.82 18.42 -4.17
O01 UQ4 EB 1 -12.95 19.53 -2.40
O58 UQ4 EB 1 -6.85 19.14 -6.83
O59 UQ4 EB 1 -6.58 21.35 -6.63
O62 UQ4 EB 1 -10.34 17.71 -5.16
H501 UQ4 EB 1 -13.92 22.37 -2.15
H502 UQ4 EB 1 -13.22 22.04 -3.53
H512 UQ4 EB 1 -12.05 22.15 -1.03
H511 UQ4 EB 1 -11.48 22.73 -2.37
H541 UQ4 EB 1 -9.18 22.37 -2.79
H551 UQ4 EB 1 -7.56 22.25 -4.48
H521 UQ4 EB 1 -11.25 20.07 -1.59
N DPN EB 2 -15.19 20.07 -2.52
CA DPN EB 2 -16.32 20.98 -2.67
C DPN EB 2 -16.92 20.67 -4.04
O DPN EB 2 -17.54 21.46 -4.63
CB DPN EB 2 -17.32 20.69 -1.60
CG DPN EB 2 -17.23 21.72 -0.46
CD1 DPN EB 2 -16.10 21.78 0.33
CD2 DPN EB 2 -18.29 22.58 -0.24
CE1 DPN EB 2 -16.03 22.72 1.36
CE2 DPN EB 2 -18.22 23.52 0.78
CZ DPN EB 2 -17.09 23.59 1.59
H DPN EB 2 -15.39 19.24 -2.47
HA DPN EB 2 -16.06 21.90 -2.65
HB2 DPN EB 2 -17.14 19.81 -1.24
HB3 DPN EB 2 -18.21 20.71 -1.99
HD1 DPN EB 2 -15.40 21.19 0.18
HD2 DPN EB 2 -19.04 22.53 -0.78
HE1 DPN EB 2 -15.29 22.77 1.91
HE2 DPN EB 2 -18.92 24.11 0.93
HZ DPN EB 2 -17.05 24.22 2.27
N DPN EB 3 -16.67 19.31 -4.62
CA DPN EB 3 -17.09 18.91 -5.93
C DPN EB 3 -18.63 18.94 -6.10
O DPN EB 3 -19.21 17.93 -6.27
CB DPN EB 3 -16.38 19.82 -6.95
CG DPN EB 3 -14.81 19.85 -6.86
CD1 DPN EB 3 -14.07 19.37 -7.94
CD2 DPN EB 3 -14.13 20.38 -5.77
CE1 DPN EB 3 -12.68 19.38 -7.89
CE2 DPN EB 3 -12.75 20.38 -5.72
CZ DPN EB 3 -12.02 19.89 -6.78
H DPN EB 3 -16.18 18.75 -4.19
HA DPN EB 3 -16.78 18.01 -6.07
HB2 DPN EB 3 -16.63 19.52 -7.83
HB3 DPN EB 3 -16.72 20.72 -6.82
HD1 DPN EB 3 -14.52 19.02 -8.67
HD2 DPN EB 3 -14.59 20.70 -5.03
HE1 DPN EB 3 -12.19 19.06 -8.60
HE2 DPN EB 3 -12.32 20.73 -4.96
HZ DPN EB 3 -11.10 19.92 -6.74
N DTY EB 4 -19.37 20.24 -6.13
CA DTY EB 4 -20.81 20.28 -6.29
C DTY EB 4 -21.32 19.75 -7.65
O DTY EB 4 -22.41 20.06 -7.97
CB DTY EB 4 -21.48 19.40 -5.24
CG DTY EB 4 -22.73 20.07 -4.66
CD1 DTY EB 4 -22.69 20.65 -3.40
CD2 DTY EB 4 -23.90 20.09 -5.39
CE1 DTY EB 4 -23.82 21.25 -2.88
CE2 DTY EB 4 -25.04 20.69 -4.87
CZ DTY EB 4 -24.99 21.27 -3.60
OH DTY EB 4 -26.15 21.89 -3.05
H DTY EB 4 -18.93 20.96 -6.00
HA DTY EB 4 -21.13 21.19 -6.18
HB2 DTY EB 4 -21.72 18.57 -5.68
HB3 DTY EB 4 -20.85 19.21 -4.53
HD1 DTY EB 4 -21.89 20.63 -2.93
HD2 DTY EB 4 -23.92 19.69 -6.24
HE1 DTY EB 4 -23.79 21.65 -2.03
HE2 DTY EB 4 -25.82 20.70 -5.36
HH DTY EB 4 -26.30 21.54 -2.29
N M3L EB 5 -20.49 18.95 -8.59
CA M3L EB 5 -21.00 18.48 -9.86
CB M3L EB 5 -20.10 18.77 -11.06
CG M3L EB 5 -20.89 19.18 -12.32
CD M3L EB 5 -21.87 18.03 -12.87
CE M3L EB 5 -23.32 18.57 -13.02
NZ M3L EB 5 -24.46 17.51 -13.16
C M3L EB 5 -20.98 16.98 -9.74
O M3L EB 5 -19.88 16.48 -9.39
OXT M3L EB 5 -22.00 16.27 -9.99
CM1 M3L EB 5 -24.18 16.63 -14.31
CM2 M3L EB 5 -25.70 18.19 -13.46
CM3 M3L EB 5 -24.63 16.75 -11.91
H M3L EB 5 -19.70 18.74 -8.36
HA M3L EB 5 -21.90 18.80 -10.02
HB2 M3L EB 5 -19.48 19.48 -10.83
HB3 M3L EB 5 -19.60 17.97 -11.29
HG2 M3L EB 5 -21.40 19.97 -12.10
HG3 M3L EB 5 -20.25 19.41 -13.03
HD2 M3L EB 5 -21.85 17.26 -12.28
HD3 M3L EB 5 -21.55 17.75 -13.74
HE2 M3L EB 5 -23.34 19.13 -13.80
HE3 M3L EB 5 -23.52 19.12 -12.24
HM11 M3L EB 5 -24.11 17.16 -15.11
HM12 M3L EB 5 -23.37 16.15 -14.15
HM13 M3L EB 5 -24.91 16.01 -14.40
HM21 M3L EB 5 -25.59 18.74 -14.27
HM22 M3L EB 5 -25.94 18.76 -12.72
HM23 M3L EB 5 -26.41 17.55 -13.61
HM31 M3L EB 5 -24.71 17.38 -11.18
HM32 M3L EB 5 -23.86 16.17 -11.76
HM33 M3L EB 5 -25.44 16.22 -11.96
C02 UQ4 FB 1 -7.44 22.79 5.71
C50 UQ4 FB 1 -7.01 24.06 5.03
C51 UQ4 FB 1 -5.73 23.88 4.23
C53 UQ4 FB 1 -5.77 22.19 2.24
C54 UQ4 FB 1 -5.10 22.97 1.32
C55 UQ4 FB 1 -5.23 22.70 -0.05
C56 UQ4 FB 1 -6.00 21.62 -0.48
C60 UQ4 FB 1 -6.65 20.83 0.44
C64 UQ4 FB 1 -6.53 21.11 1.82
N52 UQ4 FB 1 -5.63 22.49 3.71
N57 UQ4 FB 1 -6.11 21.33 -1.93
N61 UQ4 FB 1 -7.45 19.74 0.37
N63 UQ4 FB 1 -7.27 20.18 2.48
O01 UQ4 FB 1 -6.98 21.77 5.31
O58 UQ4 FB 1 -6.66 20.10 -2.32
O59 UQ4 FB 1 -5.73 22.10 -2.72
O62 UQ4 FB 1 -7.79 19.38 1.58
H501 UQ4 FB 1 -6.86 24.73 5.71
H502 UQ4 FB 1 -7.71 24.34 4.43
H512 UQ4 FB 1 -4.98 24.06 4.79
H511 UQ4 FB 1 -5.73 24.52 3.49
H541 UQ4 FB 1 -4.60 23.69 1.62
H551 UQ4 FB 1 -4.80 23.22 -0.68
H521 UQ4 FB 1 -5.47 21.85 4.26
N DPN FB 2 -8.38 22.81 6.82
CA DPN FB 2 -9.05 23.99 7.40
C DPN FB 2 -10.53 23.85 7.02
O DPN FB 2 -11.23 24.78 6.98
CB DPN FB 2 -8.89 23.93 8.89
CG DPN FB 2 -7.81 24.88 9.39
CD1 DPN FB 2 -6.48 24.69 9.04
CD2 DPN FB 2 -8.17 25.94 10.22
CE1 DPN FB 2 -5.51 25.58 9.51
CE2 DPN FB 2 -7.20 26.81 10.69
CZ DPN FB 2 -5.87 26.64 10.34
H DPN FB 2 -8.59 22.06 7.15
HA DPN FB 2 -8.70 24.81 7.06
HB2 DPN FB 2 -8.65 23.02 9.12
HB3 DPN FB 2 -9.74 24.15 9.29
HD1 DPN FB 2 -6.26 23.98 8.50
HD2 DPN FB 2 -9.06 26.06 10.44
HE1 DPN FB 2 -4.62 25.46 9.28
HE2 DPN FB 2 -7.43 27.54 11.24
HZ DPN FB 2 -5.22 27.22 10.65
N DPN FB 3 -11.03 22.49 6.67
CA DPN FB 3 -12.36 22.22 6.19
C DPN FB 3 -13.46 22.57 7.23
O DPN FB 3 -14.07 21.69 7.73
CB DPN FB 3 -12.55 22.99 4.88
CG DPN FB 3 -11.51 22.65 3.76
CD1 DPN FB 3 -11.96 22.04 2.59
CD2 DPN FB 3 -10.14 22.97 3.85
CE1 DPN FB 3 -11.07 21.72 1.57
CE2 DPN FB 3 -9.26 22.66 2.84
CZ DPN FB 3 -9.72 22.04 1.70
H DPN FB 3 -10.49 21.83 6.65
HA DPN FB 3 -12.42 21.28 5.99
HB2 DPN FB 3 -13.44 22.77 4.54
HB3 DPN FB 3 -12.52 23.94 5.07
HD1 DPN FB 3 -12.86 21.83 2.51
HD2 DPN FB 3 -9.81 23.38 4.62
HE1 DPN FB 3 -11.37 21.31 0.80
HE2 DPN FB 3 -8.36 22.87 2.93
HZ DPN FB 3 -9.11 21.84 1.02
N DTY FB 4 -13.79 23.98 7.55
CA DTY FB 4 -14.82 24.33 8.51
C DTY FB 4 -16.24 23.94 8.08
O DTY FB 4 -17.14 24.46 8.65
CB DTY FB 4 -14.58 23.59 9.84
CG DTY FB 4 -14.84 24.52 11.04
CD1 DTY FB 4 -13.75 25.05 11.73
CD2 DTY FB 4 -16.13 24.82 11.42
CE1 DTY FB 4 -13.97 25.87 12.83
CE2 DTY FB 4 -16.34 25.65 12.50
CZ DTY FB 4 -15.26 26.18 13.20
OH DTY FB 4 -15.46 27.03 14.32
H DTY FB 4 -13.34 24.60 7.17
HA DTY FB 4 -14.80 25.28 8.68
HB2 DTY FB 4 -15.20 22.85 9.86
HB3 DTY FB 4 -13.68 23.27 9.87
HD1 DTY FB 4 -12.90 24.83 11.47
HD2 DTY FB 4 -16.84 24.46 10.95
HE1 DTY FB 4 -13.25 26.23 13.30
HE2 DTY FB 4 -17.22 25.86 12.77
HH DTY FB 4 -14.95 26.79 14.95
N M3L FB 5 -16.54 23.00 6.97
CA M3L FB 5 -17.90 22.66 6.59
CB M3L FB 5 -18.20 22.78 5.08
CG M3L FB 5 -19.58 23.38 4.79
CD M3L FB 5 -20.79 22.49 5.35
CE M3L FB 5 -21.73 23.33 6.26
NZ M3L FB 5 -22.68 22.54 7.23
C M3L FB 5 -18.01 21.19 6.86
O M3L FB 5 -17.13 20.46 6.35
OXT M3L FB 5 -18.96 20.71 7.56
CM1 M3L FB 5 -23.54 21.63 6.46
CM2 M3L FB 5 -23.58 23.48 7.88
CM3 M3L FB 5 -21.92 21.82 8.26
H M3L FB 5 -15.89 22.63 6.56
HA M3L FB 5 -18.55 23.17 7.10
HB2 M3L FB 5 -17.52 23.33 4.68
HB3 M3L FB 5 -18.17 21.91 4.69
HG2 M3L FB 5 -19.62 24.26 5.20
HG3 M3L FB 5 -19.68 23.48 3.83
HD2 M3L FB 5 -20.46 21.71 5.82
HD3 M3L FB 5 -21.32 22.17 4.59
HE2 M3L FB 5 -22.29 23.87 5.68
HE3 M3L FB 5 -21.18 23.92 6.81
HM11 M3L FB 5 -24.05 22.13 5.80
HM12 M3L FB 5 -22.99 20.98 6.01
HM13 M3L FB 5 -24.14 21.18 7.07
HM21 M3L FB 5 -24.07 23.99 7.22
HM22 M3L FB 5 -23.04 24.09 8.41
HM23 M3L FB 5 -24.20 23.01 8.45
HM31 M3L FB 5 -21.30 22.44 8.69
HM32 M3L FB 5 -21.42 21.10 7.85
HM33 M3L FB 5 -22.53 21.47 8.93
C02 UQ4 GB 1 3.13 23.79 5.80
C50 UQ4 GB 1 3.10 24.95 4.86
C51 UQ4 GB 1 3.44 24.55 3.45
C53 UQ4 GB 1 1.65 22.95 2.43
C54 UQ4 GB 1 1.45 23.60 1.24
C55 UQ4 GB 1 0.24 23.42 0.53
C56 UQ4 GB 1 -0.72 22.57 1.04
C60 UQ4 GB 1 -0.52 21.90 2.23
C64 UQ4 GB 1 0.69 22.09 2.94
N52 UQ4 GB 1 2.95 23.16 3.18
N57 UQ4 GB 1 -1.98 22.36 0.30
N61 UQ4 GB 1 -1.24 21.03 2.97
N63 UQ4 GB 1 0.60 21.33 4.06
O01 UQ4 GB 1 2.95 22.71 5.35
O58 UQ4 GB 1 -2.74 21.21 0.56
O59 UQ4 GB 1 -2.31 23.14 -0.52
O62 UQ4 GB 1 -0.55 20.70 4.02
H501 UQ4 GB 1 3.75 25.61 5.15
H502 UQ4 GB 1 2.22 25.33 4.87
H512 UQ4 GB 1 4.39 24.57 3.34
H511 UQ4 GB 1 3.04 25.18 2.83
H541 UQ4 GB 1 2.10 24.18 0.92
H551 UQ4 GB 1 0.09 23.87 -0.27
H521 UQ4 GB 1 3.41 22.49 3.45
N DPN GB 2 3.39 23.96 7.23
CA DPN GB 2 3.61 25.21 7.96
C DPN GB 2 2.38 25.38 8.84
O DPN GB 2 2.05 26.45 9.22
CB DPN GB 2 4.84 25.05 8.80
CG DPN GB 2 6.04 25.75 8.17
CD1 DPN GB 2 6.56 25.28 6.98
CD2 DPN GB 2 6.61 26.85 8.80
CE1 DPN GB 2 7.67 25.93 6.40
CE2 DPN GB 2 7.70 27.49 8.22
CZ DPN GB 2 8.23 27.03 7.03
H DPN GB 2 3.38 23.24 7.69
HA DPN GB 2 3.70 25.97 7.38
HB2 DPN GB 2 5.01 24.11 8.88
HB3 DPN GB 2 4.66 25.43 9.68
HD1 DPN GB 2 6.18 24.54 6.57
HD2 DPN GB 2 6.24 27.16 9.60
HE1 DPN GB 2 8.03 25.62 5.60
HE2 DPN GB 2 8.08 28.23 8.64
HZ DPN GB 2 8.96 27.45 6.65
N DPN GB 3 1.60 24.16 9.19
CA DPN GB 3 0.37 24.18 9.93
C DPN GB 3 0.53 24.73 11.37
O DPN GB 3 0.39 24.00 12.29
CB DPN GB 3 -0.65 24.99 9.13
CG DPN GB 3 -0.92 24.49 7.66
CD1 DPN GB 3 -2.19 24.02 7.33
CD2 DPN GB 3 0.06 24.53 6.67
CE1 DPN GB 3 -2.45 23.58 6.03
CE2 DPN GB 3 -0.20 24.08 5.39
CZ DPN GB 3 -1.46 23.61 5.06
H DPN GB 3 1.83 23.39 8.88
HA DPN GB 3 0.05 23.27 9.99
HB2 DPN GB 3 -1.49 24.97 9.61
HB3 DPN GB 3 -0.36 25.91 9.10
HD1 DPN GB 3 -2.85 24.01 7.98
HD2 DPN GB 3 0.91 24.82 6.86
HE1 DPN GB 3 -3.30 23.26 5.81
HE2 DPN GB 3 0.47 24.10 4.74
HZ DPN GB 3 -1.62 23.32 4.20
N DTY GB 4 0.79 26.18 11.61
CA DTY GB 4 0.94 26.72 12.95
C DTY GB 4 -0.33 26.65 13.80
O DTY GB 4 -0.38 27.33 14.77
CB DTY GB 4 1.99 25.92 13.71
CG DTY GB 4 2.91 26.85 14.55
CD1 DTY GB 4 4.20 27.11 14.10
CD2 DTY GB 4 2.44 27.39 15.72
CE1 DTY GB 4 5.03 27.94 14.84
CE2 DTY GB 4 3.27 28.23 16.46
CZ DTY GB 4 4.57 28.49 16.02
OH DTY GB 4 5.42 29.35 16.77
H DTY GB 4 0.88 26.70 10.93
HA DTY GB 4 1.22 27.64 12.90
HB2 DTY GB 4 1.53 25.32 14.30
HB3 DTY GB 4 2.54 25.42 13.09
HD1 DTY GB 4 4.50 26.73 13.32
HD2 DTY GB 4 1.57 27.21 16.00
HE1 DTY GB 4 5.89 28.12 14.56
HE2 DTY GB 4 2.96 28.60 17.26
HH DTY GB 4 6.19 29.00 16.79
N M3L GB 5 -1.52 25.83 13.42
CA M3L GB 5 -2.72 25.80 14.26
CB M3L GB 5 -4.03 25.99 13.48
CG M3L GB 5 -5.04 26.87 14.24
CD M3L GB 5 -5.50 26.24 15.64
CE M3L GB 5 -5.26 27.24 16.82
NZ M3L GB 5 -5.27 26.66 18.26
C M3L GB 5 -2.79 24.37 14.73
O M3L GB 5 -2.73 23.49 13.84
OXT M3L GB 5 -2.92 24.09 15.96
CM1 M3L GB 5 -6.54 25.98 18.53
CM2 M3L GB 5 -5.19 27.76 19.21
CM3 M3L GB 5 -4.11 25.78 18.47
H M3L GB 5 -1.49 25.36 12.73
HA M3L GB 5 -2.66 26.41 14.99
HB2 M3L GB 5 -3.83 26.40 12.63
HB3 M3L GB 5 -4.44 25.13 13.32
HG2 M3L GB 5 -4.63 27.73 14.40
HG3 M3L GB 5 -5.83 26.99 13.68
HD2 M3L GB 5 -5.04 25.40 15.81
HD3 M3L GB 5 -6.46 26.05 15.59
HE2 M3L GB 5 -5.98 27.90 16.76
HE3 M3L GB 5 -4.42 27.68 16.67
HM11 M3L GB 5 -7.28 26.60 18.39
HM12 M3L GB 5 -6.62 25.23 17.93
HM13 M3L GB 5 -6.54 25.67 19.44
HM21 M3L GB 5 -5.92 28.38 19.06
HM22 M3L GB 5 -4.35 28.22 19.07
HM23 M3L GB 5 -5.23 27.42 20.11
HM31 M3L GB 5 -3.31 26.24 18.18
HM32 M3L GB 5 -4.22 24.97 17.96
HM33 M3L GB 5 -4.03 25.56 19.41
C02 UQ4 HB 1 9.99 22.41 -2.21
C50 UQ4 HB 1 9.41 23.56 -2.95
C51 UQ4 HB 1 8.39 23.13 -3.99
C53 UQ4 HB 1 6.25 21.96 -3.05
C54 UQ4 HB 1 5.31 22.65 -3.79
C55 UQ4 HB 1 3.98 22.72 -3.33
C56 UQ4 HB 1 3.61 22.07 -2.16
C60 UQ4 HB 1 4.55 21.36 -1.45
C64 UQ4 HB 1 5.88 21.30 -1.89
N52 UQ4 HB 1 7.69 21.89 -3.55
N57 UQ4 HB 1 2.21 22.13 -1.71
N61 UQ4 HB 1 4.51 20.64 -0.29
N63 UQ4 HB 1 6.57 20.55 -0.99
O01 UQ4 HB 1 9.38 21.40 -2.21
O58 UQ4 HB 1 1.78 21.24 -0.72
O59 UQ4 HB 1 1.45 22.89 -2.19
O62 UQ4 HB 1 5.71 20.17 -0.07
H501 UQ4 HB 1 10.12 24.05 -3.38
H502 UQ4 HB 1 8.96 24.15 -2.33
H512 UQ4 HB 1 8.85 22.95 -4.82
H511 UQ4 HB 1 7.76 23.85 -4.15
H541 UQ4 HB 1 5.57 23.10 -4.56
H551 UQ4 HB 1 3.35 23.20 -3.81
H521 UQ4 HB 1 8.09 21.14 -3.57
N DPN HB 2 11.27 22.51 -1.51
CA DPN HB 2 12.13 23.69 -1.39
C DPN HB 2 12.04 24.10 0.07
O DPN HB 2 12.27 25.20 0.40
CB DPN HB 2 13.53 23.28 -1.72
CG DPN HB 2 13.93 23.72 -3.14
CD1 DPN HB 2 13.30 23.18 -4.23
CD2 DPN HB 2 14.92 24.66 -3.30
CE1 DPN HB 2 13.68 23.58 -5.52
CE2 DPN HB 2 15.29 25.08 -4.57
CZ DPN HB 2 14.67 24.53 -5.69
H DPN HB 2 11.53 21.82 -1.10
HA DPN HB 2 11.85 24.41 -1.95
HB2 DPN HB 2 13.57 22.32 -1.67
HB3 DPN HB 2 14.12 23.68 -1.07
HD1 DPN HB 2 12.64 22.53 -4.12
HD2 DPN HB 2 15.33 25.03 -2.55
HE1 DPN HB 2 13.27 23.22 -6.27
HE2 DPN HB 2 15.96 25.72 -4.68
HZ DPN HB 2 14.92 24.80 -6.54
N DPN HB 3 11.63 23.07 1.07
CA DPN HB 3 11.43 23.34 2.46
C DPN HB 3 12.72 23.83 3.19
O DPN HB 3 13.20 23.13 4.01
CB DPN HB 3 10.29 24.35 2.59
CG DPN HB 3 8.93 23.93 1.91
CD1 DPN HB 3 7.83 23.72 2.71
CD2 DPN HB 3 8.78 23.78 0.53
CE1 DPN HB 3 6.61 23.34 2.14
CE2 DPN HB 3 7.59 23.40 -0.03
CZ DPN HB 3 6.49 23.19 0.78
H DPN HB 3 11.44 22.28 0.81
HA DPN HB 3 11.13 22.52 2.87
HB2 DPN HB 3 10.11 24.50 3.52
HB3 DPN HB 3 10.57 25.19 2.19
HD1 DPN HB 3 7.90 23.82 3.64
HD2 DPN HB 3 9.52 23.90 -0.03
HE1 DPN HB 3 5.87 23.19 2.68
HE2 DPN HB 3 7.52 23.29 -0.96
HZ DPN HB 3 5.68 22.94 0.39
N DTY HB 4 13.30 25.16 2.89
CA DTY HB 4 14.50 25.64 3.57
C DTY HB 4 14.35 25.86 5.08
O DTY HB 4 15.15 26.54 5.62
CB DTY HB 4 15.62 24.60 3.42
CG DTY HB 4 16.97 25.29 3.14
CD1 DTY HB 4 17.48 25.30 1.87
CD2 DTY HB 4 17.67 25.89 4.18
CE1 DTY HB 4 18.70 25.91 1.60
CE2 DTY HB 4 18.88 26.50 3.93
CZ DTY HB 4 19.39 26.51 2.62
OH DTY HB 4 20.64 27.14 2.35
H DTY HB 4 12.93 25.65 2.30
HA DTY HB 4 14.79 26.46 3.16
HB2 DTY HB 4 15.67 24.12 4.26
HB3 DTY HB 4 15.41 24.00 2.71
HD1 DTY HB 4 17.01 24.90 1.18
HD2 DTY HB 4 17.31 25.88 5.04
HE1 DTY HB 4 19.04 25.92 0.74
HE2 DTY HB 4 19.35 26.91 4.62
HH DTY HB 4 21.08 26.65 1.82
N M3L HB 5 13.23 25.29 5.88
CA M3L HB 5 13.12 25.51 7.32
CB M3L HB 5 11.74 26.00 7.78
CG M3L HB 5 11.83 27.06 8.89
CD M3L HB 5 12.48 26.50 10.25
CE M3L HB 5 13.69 27.38 10.68
NZ M3L HB 5 14.70 26.78 11.72
C M3L HB 5 13.23 24.14 7.90
O M3L HB 5 12.45 23.27 7.42
OXT M3L HB 5 14.05 23.88 8.83
CM1 M3L HB 5 13.97 26.38 12.93
CM2 M3L HB 5 15.64 27.79 12.13
CM3 M3L HB 5 15.44 25.67 11.12
H M3L HB 5 12.65 24.80 5.51
HA M3L HB 5 13.82 26.10 7.65
HB2 M3L HB 5 11.28 26.38 7.02
HB3 M3L HB 5 11.24 25.26 8.13
HG2 M3L HB 5 12.34 27.81 8.57
HG3 M3L HB 5 10.93 27.37 9.09
HD2 M3L HB 5 12.75 25.58 10.14
HD3 M3L HB 5 11.82 26.54 10.95
HE2 M3L HB 5 13.33 28.20 11.06
HE3 M3L HB 5 14.20 27.62 9.89
HM11 M3L HB 5 13.51 27.15 13.30
HM12 M3L HB 5 13.34 25.69 12.72
HM13 M3L HB 5 14.61 26.04 13.59
HM21 M3L HB 5 15.18 28.56 12.49
HM22 M3L HB 5 16.15 28.06 11.35
HM23 M3L HB 5 16.24 27.44 12.80
HM31 M3L HB 5 15.83 25.96 10.29
HM32 M3L HB 5 14.86 24.92 10.95
HM33 M3L HB 5 16.15 25.39 11.72
C02 UQ4 IB 1 7.99 19.83 -12.34
C50 UQ4 IB 1 7.24 21.10 -12.55
C51 UQ4 IB 1 5.74 20.91 -12.44
C53 UQ4 IB 1 4.94 20.18 -10.05
C54 UQ4 IB 1 3.89 21.08 -9.91
C55 UQ4 IB 1 3.42 21.43 -8.64
C56 UQ4 IB 1 3.99 20.85 -7.51
C60 UQ4 IB 1 5.03 19.94 -7.65
C64 UQ4 IB 1 5.50 19.59 -8.93
N52 UQ4 IB 1 5.44 19.83 -11.44
N57 UQ4 IB 1 3.48 21.18 -6.17
N61 UQ4 IB 1 5.77 19.22 -6.77
N63 UQ4 IB 1 6.52 18.71 -8.75
O01 UQ4 IB 1 7.45 18.97 -11.73
O58 UQ4 IB 1 3.80 20.35 -5.09
O59 UQ4 IB 1 2.80 22.13 -6.02
O62 UQ4 IB 1 6.63 18.51 -7.46
H501 UQ4 IB 1 7.44 21.44 -13.44
H502 UQ4 IB 1 7.52 21.75 -11.90
H512 UQ4 IB 1 5.41 20.64 -13.29
H511 UQ4 IB 1 5.33 21.74 -12.17
H541 UQ4 IB 1 3.53 21.47 -10.67
H551 UQ4 IB 1 2.73 22.03 -8.55
H521 UQ4 IB 1 5.55 19.02 -11.66
N DPN IB 2 9.34 19.63 -12.88
CA DPN IB 2 10.16 20.60 -13.62
C DPN IB 2 11.28 20.99 -12.68
O DPN IB 2 11.84 22.01 -12.80
CB DPN IB 2 10.72 19.91 -14.84
CG DPN IB 2 9.93 20.28 -16.09
CD1 DPN IB 2 8.59 19.94 -16.20
CD2 DPN IB 2 10.55 20.97 -17.12
CE1 DPN IB 2 7.88 20.28 -17.36
CE2 DPN IB 2 9.84 21.31 -18.26
CZ DPN IB 2 8.50 20.97 -18.38
H DPN IB 2 9.71 18.88 -12.70
HA DPN IB 2 9.65 21.38 -13.89
HB2 DPN IB 2 10.64 18.96 -14.69
HB3 DPN IB 2 11.64 20.17 -14.93
HD1 DPN IB 2 8.18 19.48 -15.50
HD2 DPN IB 2 11.45 21.20 -17.03
HE1 DPN IB 2 6.98 20.06 -17.44
HE2 DPN IB 2 10.27 21.77 -18.96
HZ DPN IB 2 8.03 21.19 -19.15
N DPN IB 3 11.63 20.04 -11.58
CA DPN IB 3 12.61 20.33 -10.56
C DPN IB 3 14.03 20.51 -11.12
O DPN IB 3 14.87 19.71 -10.87
CB DPN IB 3 12.15 21.56 -9.78
CG DPN IB 3 10.72 21.46 -9.12
CD1 DPN IB 3 10.61 21.49 -7.75
CD2 DPN IB 3 9.55 21.35 -9.88
CE1 DPN IB 3 9.36 21.41 -7.14
CE2 DPN IB 3 8.31 21.26 -9.29
CZ DPN IB 3 8.22 21.29 -7.91
H DPN IB 3 11.19 19.32 -11.48
HA DPN IB 3 12.62 19.58 -9.95
HB2 DPN IB 3 12.79 21.73 -9.08
HB3 DPN IB 3 12.15 22.32 -10.38
HD1 DPN IB 3 11.38 21.57 -7.22
HD2 DPN IB 3 9.60 21.32 -10.80
HE1 DPN IB 3 9.29 21.43 -6.21
HE2 DPN IB 3 7.55 21.18 -9.82
HZ DPN IB 3 7.37 21.23 -7.51
N DTY IB 4 14.39 21.70 -11.94
CA DTY IB 4 15.73 21.90 -12.48
C DTY IB 4 16.82 22.11 -11.43
O DTY IB 4 17.83 22.59 -11.78
CB DTY IB 4 16.15 20.66 -13.27
CG DTY IB 4 16.89 21.06 -14.57
CD1 DTY IB 4 16.21 20.97 -15.78
CD2 DTY IB 4 18.20 21.48 -14.51
CE1 DTY IB 4 16.86 21.32 -16.96
CE2 DTY IB 4 18.85 21.84 -15.69
CZ DTY IB 4 18.17 21.75 -16.91
OH DTY IB 4 18.82 22.11 -18.12
H DTY IB 4 13.78 22.28 -12.13
HA DTY IB 4 15.72 22.66 -13.08
HB2 DTY IB 4 16.76 20.16 -12.69
HB3 DTY IB 4 15.37 20.13 -13.48
HD1 DTY IB 4 15.34 20.67 -15.80
HD2 DTY IB 4 18.64 21.54 -13.70
HE1 DTY IB 4 16.42 21.26 -17.77
HE2 DTY IB 4 19.73 22.14 -15.66
HH DTY IB 4 18.62 21.54 -18.72
N M3L IB 5 16.63 21.79 -9.98
CA M3L IB 5 17.69 21.99 -9.01
CB M3L IB 5 17.23 22.76 -7.76
CG M3L IB 5 18.29 23.76 -7.24
CD M3L IB 5 19.67 23.04 -6.79
CE M3L IB 5 20.86 23.62 -7.59
NZ M3L IB 5 22.20 22.81 -7.57
C M3L IB 5 17.99 20.61 -8.50
O M3L IB 5 16.99 19.95 -8.11
OXT M3L IB 5 19.16 20.16 -8.47
CM1 M3L IB 5 22.64 22.58 -6.18
CM2 M3L IB 5 23.25 23.59 -8.19
CM3 M3L IB 5 22.04 21.56 -8.33
H M3L IB 5 15.90 21.45 -9.73
HA M3L IB 5 18.47 22.41 -9.40
HB2 M3L IB 5 16.42 23.24 -7.96
HB3 M3L IB 5 17.06 22.12 -7.04
HG2 M3L IB 5 18.47 24.40 -7.94
HG3 M3L IB 5 17.92 24.23 -6.48
HD2 M3L IB 5 19.60 22.09 -6.90
HD3 M3L IB 5 19.81 23.24 -5.85
HE2 M3L IB 5 21.05 24.51 -7.24
HE3 M3L IB 5 20.59 23.72 -8.52
HM11 M3L IB 5 22.74 23.43 -5.73
HM12 M3L IB 5 21.98 22.04 -5.72
HM13 M3L IB 5 23.48 22.11 -6.20
HM21 M3L IB 5 23.35 24.44 -7.74
HM22 M3L IB 5 23.01 23.74 -9.12
HM23 M3L IB 5 24.10 23.10 -8.16
HM31 M3L IB 5 21.68 21.78 -9.20
HM32 M3L IB 5 21.44 20.95 -7.87
HM33 M3L IB 5 22.90 21.14 -8.44
C02 UQ4 JB 1 -1.43 17.95 -16.91
C50 UQ4 JB 1 -1.89 19.36 -16.68
C51 UQ4 JB 1 -2.79 19.47 -15.46
C53 UQ4 JB 1 -1.59 18.91 -13.22
C54 UQ4 JB 1 -2.00 20.00 -12.47
C55 UQ4 JB 1 -1.26 20.41 -11.36
C56 UQ4 JB 1 -0.13 19.70 -10.98
C60 UQ4 JB 1 0.27 18.60 -11.70
C64 UQ4 JB 1 -0.47 18.19 -12.83
N52 UQ4 JB 1 -2.40 18.47 -14.43
N57 UQ4 JB 1 0.63 20.13 -9.79
N61 UQ4 JB 1 1.30 17.73 -11.59
N63 UQ4 JB 1 0.17 17.10 -13.34
O01 UQ4 JB 1 -1.45 17.21 -15.98
O58 UQ4 JB 1 1.53 19.22 -9.21
O59 UQ4 JB 1 0.48 21.20 -9.34
O62 UQ4 JB 1 1.20 16.86 -12.56
H501 UQ4 JB 1 -2.39 19.66 -17.46
H502 UQ4 JB 1 -1.12 19.92 -16.55
H512 UQ4 JB 1 -3.69 19.30 -15.73
H511 UQ4 JB 1 -2.74 20.38 -15.10
H541 UQ4 JB 1 -2.75 20.47 -12.75
H551 UQ4 JB 1 -1.53 21.15 -10.86
H521 UQ4 JB 1 -2.62 17.65 -14.53
N DPN JB 2 -1.01 17.48 -18.23
CA DPN JB 2 -0.92 18.27 -19.47
C DPN JB 2 0.58 18.39 -19.76
O DPN JB 2 0.99 19.27 -20.41
CB DPN JB 2 -1.59 17.50 -20.57
CG DPN JB 2 -2.99 18.04 -20.86
CD1 DPN JB 2 -3.98 17.98 -19.91
CD2 DPN JB 2 -3.24 18.61 -22.10
CE1 DPN JB 2 -5.25 18.49 -20.18
CE2 DPN JB 2 -4.51 19.13 -22.38
CZ DPN JB 2 -5.52 19.05 -21.42
H DPN JB 2 -0.75 16.67 -18.27
HA DPN JB 2 -1.31 19.13 -19.39
HB2 DPN JB 2 -1.67 16.58 -20.28
HB3 DPN JB 2 -1.04 17.54 -21.36
HD1 DPN JB 2 -3.80 17.60 -19.08
HD2 DPN JB 2 -2.58 18.66 -22.74
HE1 DPN JB 2 -5.93 18.45 -19.55
HE2 DPN JB 2 -4.69 19.51 -23.21
HZ DPN JB 2 -6.36 19.39 -21.61
N DPN JB 3 1.48 17.36 -19.15
CA DPN JB 3 2.92 17.41 -19.27
C DPN JB 3 3.40 17.31 -20.74
O DPN JB 3 4.01 16.36 -21.09
CB DPN JB 3 3.40 18.70 -18.61
CG DPN JB 3 2.97 18.89 -17.10
CD1 DPN JB 3 3.95 18.91 -16.12
CD2 DPN JB 3 1.64 19.08 -16.71
CE1 DPN JB 3 3.61 19.08 -14.78
CE2 DPN JB 3 1.30 19.23 -15.39
CZ DPN JB 3 2.28 19.24 -14.42
H DPN JB 3 1.17 16.75 -18.65
HA DPN JB 3 3.27 16.67 -18.77
HB2 DPN JB 3 4.37 18.71 -18.64
HB3 DPN JB 3 3.07 19.46 -19.10
HD1 DPN JB 3 4.84 18.81 -16.36
HD2 DPN JB 3 0.97 19.05 -17.34
HE1 DPN JB 3 4.26 19.09 -14.12
HE2 DPN JB 3 0.40 19.33 -15.16
HZ DPN JB 3 2.03 19.36 -13.53
N DTY JB 4 3.14 18.41 -21.70
CA DTY JB 4 3.59 18.33 -23.09
C DTY JB 4 5.11 18.29 -23.28
O DTY JB 4 5.53 18.56 -24.35
CB DTY JB 4 3.07 17.05 -23.73
CG DTY JB 4 2.59 17.29 -25.17
CD1 DTY JB 4 1.24 17.41 -25.44
CD2 DTY JB 4 3.51 17.40 -26.20
CE1 DTY JB 4 0.80 17.63 -26.74
CE2 DTY JB 4 3.09 17.62 -27.49
CZ DTY JB 4 1.72 17.74 -27.76
OH DTY JB 4 1.26 17.96 -29.08
H DTY JB 4 2.70 19.10 -21.45
HA DTY JB 4 3.23 19.09 -23.58
HB2 DTY JB 4 3.80 16.42 -23.74
HB3 DTY JB 4 2.34 16.70 -23.20
HD1 DTY JB 4 0.63 17.34 -24.74
HD2 DTY JB 4 4.43 17.32 -26.00
HE1 DTY JB 4 -0.10 17.70 -26.92
HE2 DTY JB 4 3.70 17.70 -28.17
HH DTY JB 4 0.63 17.43 -29.25
N M3L JB 5 6.06 17.96 -22.19
CA M3L JB 5 7.50 17.93 -22.41
CB M3L JB 5 8.31 18.74 -21.39
CG M3L JB 5 9.52 19.47 -22.03
CD M3L JB 5 10.61 18.47 -22.66
CE M3L JB 5 10.83 18.81 -24.17
NZ M3L JB 5 11.58 17.74 -25.03
C M3L JB 5 7.88 16.50 -22.12
O M3L JB 5 7.48 16.06 -21.01
OXT M3L JB 5 8.56 15.82 -22.93
CM1 M3L JB 5 12.88 17.39 -24.41
CM2 M3L JB 5 11.89 18.30 -26.33
CM3 M3L JB 5 10.71 16.57 -25.23
H M3L JB 5 5.77 17.76 -21.42
HA M3L JB 5 7.73 18.18 -23.31
HB2 M3L JB 5 7.73 19.39 -20.98
HB3 M3L JB 5 8.67 18.15 -20.72
HG2 M3L JB 5 9.17 20.06 -22.72
HG3 M3L JB 5 9.94 20.01 -21.35
HD2 M3L JB 5 10.33 17.56 -22.56
HD3 M3L JB 5 11.44 18.61 -22.18
HE2 M3L JB 5 11.34 19.63 -24.20
HE3 M3L JB 5 9.96 18.97 -24.57
HM11 M3L JB 5 13.40 18.20 -24.32
HM12 M3L JB 5 12.73 17.00 -23.55
HM13 M3L JB 5 13.34 16.77 -25.00
HM21 M3L JB 5 12.43 19.11 -26.22
HM22 M3L JB 5 11.07 18.54 -26.77
HM23 M3L JB 5 12.38 17.67 -26.87
HM31 M3L JB 5 9.85 16.87 -25.55
HM32 M3L JB 5 10.60 16.08 -24.40
HM33 M3L JB 5 11.11 15.98 -25.89
C02 UQ4 KB 1 -11.17 18.11 -12.56
C50 UQ4 KB 1 -11.05 19.57 -12.29
C51 UQ4 KB 1 -10.52 19.87 -10.89
C53 UQ4 KB 1 -8.14 19.01 -10.25
C54 UQ4 KB 1 -7.70 20.15 -9.62
C55 UQ4 KB 1 -6.32 20.37 -9.46
C56 UQ4 KB 1 -5.40 19.43 -9.92
C60 UQ4 KB 1 -5.84 18.29 -10.55
C64 UQ4 KB 1 -7.24 18.07 -10.71
N52 UQ4 KB 1 -9.63 18.78 -10.43
N57 UQ4 KB 1 -3.95 19.66 -9.74
N61 UQ4 KB 1 -5.24 17.22 -11.10
N63 UQ4 KB 1 -7.36 16.88 -11.36
O01 UQ4 KB 1 -10.59 17.36 -11.84
O58 UQ4 KB 1 -3.07 18.59 -9.90
O59 UQ4 KB 1 -3.56 20.73 -9.42
O62 UQ4 KB 1 -6.16 16.41 -11.55
H501 UQ4 KB 1 -11.92 19.97 -12.38
H502 UQ4 KB 1 -10.45 19.96 -12.94
H512 UQ4 KB 1 -11.27 19.94 -10.29
H511 UQ4 KB 1 -10.05 20.72 -10.91
H541 UQ4 KB 1 -8.31 20.78 -9.32
H551 UQ4 KB 1 -6.02 21.14 -9.03
H521 UQ4 KB 1 -9.95 18.00 -10.24
N DPN KB 2 -12.00 17.61 -13.65
CA DPN KB 2 -12.75 18.41 -14.63
C DPN KB 2 -12.02 18.23 -15.96
O DPN KB 2 -12.13 19.01 -16.82
CB DPN KB 2 -14.14 17.86 -14.74
CG DPN KB 2 -15.14 18.70 -13.92
CD1 DPN KB 2 -14.99 18.83 -12.55
CD2 DPN KB 2 -16.19 19.32 -14.57
CE1 DPN KB 2 -15.90 19.60 -11.83
CE2 DPN KB 2 -17.10 20.09 -13.85
CZ DPN KB 2 -16.95 20.23 -12.47
H DPN KB 2 -12.02 16.77 -13.77
HA DPN KB 2 -12.78 19.34 -14.39
HB2 DPN KB 2 -14.14 16.96 -14.39
HB3 DPN KB 2 -14.40 17.85 -15.67
HD1 DPN KB 2 -14.28 18.41 -12.13
HD2 DPN KB 2 -16.28 19.23 -15.49
HE1 DPN KB 2 -15.80 19.69 -10.91
HE2 DPN KB 2 -17.81 20.50 -14.28
HZ DPN KB 2 -17.57 20.73 -11.99
N DPN KB 3 -11.14 17.04 -16.10
CA DPN KB 3 -10.32 16.78 -17.27
C DPN KB 3 -11.15 16.61 -18.56
O DPN KB 3 -11.17 15.56 -19.10
CB DPN KB 3 -9.32 17.93 -17.39
CG DPN KB 3 -8.41 18.17 -16.13
CD1 DPN KB 3 -7.05 17.96 -16.25
CD2 DPN KB 3 -8.91 18.61 -14.90
CE1 DPN KB 3 -6.20 18.16 -15.17
CE2 DPN KB 3 -8.08 18.80 -13.82
CZ DPN KB 3 -6.72 18.58 -13.95
H DPN KB 3 -11.03 16.49 -15.46
HA DPN KB 3 -9.82 15.98 -17.11
HB2 DPN KB 3 -8.75 17.75 -18.15
HB3 DPN KB 3 -9.80 18.75 -17.57
HD1 DPN KB 3 -6.70 17.68 -17.07
HD2 DPN KB 3 -9.81 18.74 -14.79
HE1 DPN KB 3 -5.29 18.02 -15.25
HE2 DPN KB 3 -8.44 19.07 -13.00
HZ DPN KB 3 -6.17 18.72 -13.21
N DTY KB 4 -11.86 17.76 -19.17
CA DTY KB 4 -12.64 17.61 -20.40
C DTY KB 4 -11.82 17.23 -21.64
O DTY KB 4 -12.33 17.42 -22.69
CB DTY KB 4 -13.66 16.49 -20.22
CG DTY KB 4 -15.02 16.87 -20.83
CD1 DTY KB 4 -16.06 17.26 -20.01
CD2 DTY KB 4 -15.19 16.81 -22.21
CE1 DTY KB 4 -17.29 17.60 -20.55
CE2 DTY KB 4 -16.43 17.16 -22.75
CZ DTY KB 4 -17.47 17.55 -21.92
OH DTY KB 4 -18.73 17.90 -22.46
H DTY KB 4 -11.84 18.52 -18.78
HA DTY KB 4 -13.12 18.43 -20.58
HB2 DTY KB 4 -13.31 15.71 -20.68
HB3 DTY KB 4 -13.77 16.29 -19.28
HD1 DTY KB 4 -15.93 17.29 -19.09
HD2 DTY KB 4 -14.50 16.55 -22.75
HE1 DTY KB 4 -17.99 17.87 -20.00
HE2 DTY KB 4 -16.55 17.13 -23.67
HH DTY KB 4 -19.34 17.47 -22.05
N M3L KB 5 -10.44 16.72 -21.59
CA M3L KB 5 -9.70 16.36 -22.80
CB M3L KB 5 -8.29 16.97 -22.85
CG M3L KB 5 -7.91 17.45 -24.27
CD M3L KB 5 -7.86 16.27 -25.36
CE M3L KB 5 -8.83 16.59 -26.54
NZ M3L KB 5 -9.22 15.40 -27.48
C M3L KB 5 -9.45 14.89 -22.65
O M3L KB 5 -8.92 14.52 -21.57
OXT M3L KB 5 -9.73 14.08 -23.58
CM1 M3L KB 5 -8.03 14.75 -28.02
CM2 M3L KB 5 -9.95 15.92 -28.62
CM3 M3L KB 5 -10.09 14.46 -26.77
H M3L KB 5 -10.08 16.58 -20.84
HA M3L KB 5 -10.20 16.56 -23.59
HB2 M3L KB 5 -8.25 17.72 -22.24
HB3 M3L KB 5 -7.65 16.30 -22.60
HG2 M3L KB 5 -8.55 18.13 -24.54
HG3 M3L KB 5 -7.03 17.87 -24.22
HD2 M3L KB 5 -8.10 15.43 -24.96
HD3 M3L KB 5 -6.97 16.20 -25.70
HE2 M3L KB 5 -8.40 17.26 -27.09
HE3 M3L KB 5 -9.64 16.97 -26.18
HM11 M3L KB 5 -7.49 15.40 -28.50
HM12 M3L KB 5 -7.50 14.37 -27.29
HM13 M3L KB 5 -8.30 14.05 -28.62
HM21 M3L KB 5 -9.41 16.57 -29.09
HM22 M3L KB 5 -10.76 16.34 -28.31
HM23 M3L KB 5 -10.18 15.20 -29.23
HM31 M3L KB 5 -10.82 14.95 -26.35
HM32 M3L KB 5 -9.59 13.99 -26.07
HM33 M3L KB 5 -10.47 13.81 -27.39
C02 UQ4 LB 1 -12.34 0.87 0.11
C50 UQ4 LB 1 -11.91 2.30 0.10
C51 UQ4 LB 1 -10.68 2.53 0.96
C53 UQ4 LB 1 -8.61 1.28 0.01
C54 UQ4 LB 1 -7.70 2.32 0.03
C55 UQ4 LB 1 -6.58 2.30 -0.82
C56 UQ4 LB 1 -6.38 1.22 -1.67
C60 UQ4 LB 1 -7.27 0.17 -1.68
C64 UQ4 LB 1 -8.40 0.19 -0.82
N52 UQ4 LB 1 -9.81 1.31 0.92
N57 UQ4 LB 1 -5.20 1.19 -2.54
N61 UQ4 LB 1 -7.36 -0.99 -2.37
N63 UQ4 LB 1 -9.09 -0.95 -1.07
O01 UQ4 LB 1 -11.52 0.05 0.34
O58 UQ4 LB 1 -4.77 -0.05 -3.05
O59 UQ4 LB 1 -4.63 2.18 -2.79
O62 UQ4 LB 1 -8.43 -1.63 -1.97
H501 UQ4 LB 1 -12.63 2.80 0.48
H502 UQ4 LB 1 -11.72 2.56 -0.81
H512 UQ4 LB 1 -10.95 2.68 1.86
H511 UQ4 LB 1 -10.19 3.30 0.64
H541 UQ4 LB 1 -7.86 3.04 0.59
H551 UQ4 LB 1 -5.97 3.01 -0.82
H521 UQ4 LB 1 -9.99 0.64 1.41
N DPN LB 2 -13.73 0.49 -0.14
CA DPN LB 2 -14.85 1.36 -0.46
C DPN LB 2 -15.22 1.05 -1.92
O DPN LB 2 -15.76 1.84 -2.59
CB DPN LB 2 -16.00 1.03 0.44
CG DPN LB 2 -16.14 2.03 1.58
CD1 DPN LB 2 -15.16 2.13 2.55
CD2 DPN LB 2 -17.25 2.85 1.64
CE1 DPN LB 2 -15.29 3.06 3.59
CE2 DPN LB 2 -17.39 3.79 2.66
CZ DPN LB 2 -16.41 3.88 3.64
H DPN LB 2 -13.90 -0.34 -0.13
HA DPN LB 2 -14.63 2.30 -0.38
HB2 DPN LB 2 -15.81 0.16 0.82
HB3 DPN LB 2 -16.82 0.98 -0.08
HD1 DPN LB 2 -14.42 1.57 2.49
HD2 DPN LB 2 -17.91 2.79 0.98
HE1 DPN LB 2 -14.64 3.13 4.24
HE2 DPN LB 2 -18.14 4.33 2.70
HZ DPN LB 2 -16.51 4.50 4.33
N DPN LB 3 -14.81 -0.29 -2.45
CA DPN LB 3 -15.01 -0.68 -3.82
C DPN LB 3 -16.49 -0.71 -4.24
O DPN LB 3 -17.00 -1.73 -4.51
CB DPN LB 3 -14.19 0.27 -4.69
CG DPN LB 3 -12.64 0.36 -4.36
CD1 DPN LB 3 -11.73 -0.08 -5.30
CD2 DPN LB 3 -12.16 0.89 -3.16
CE1 DPN LB 3 -10.36 -0.01 -5.03
CE2 DPN LB 3 -10.82 0.96 -2.89
CZ DPN LB 3 -9.91 0.51 -3.83
H DPN LB 3 -14.37 -0.83 -1.95
HA DPN LB 3 -14.64 -1.55 -3.92
HB2 DPN LB 3 -14.28 -0.01 -5.62
HB3 DPN LB 3 -14.56 1.15 -4.61
HD1 DPN LB 3 -12.02 -0.42 -6.11
HD2 DPN LB 3 -12.76 1.19 -2.51
HE1 DPN LB 3 -9.74 -0.31 -5.66
HE2 DPN LB 3 -10.53 1.30 -2.08
HZ DPN LB 3 -9.01 0.57 -3.64
N DTY LB 4 -17.27 0.56 -4.37
CA DTY LB 4 -18.67 0.55 -4.77
C DTY LB 4 -18.93 0.03 -6.19
O DTY LB 4 -19.97 0.29 -6.68
CB DTY LB 4 -19.46 -0.38 -3.84
CG DTY LB 4 -20.83 0.24 -3.47
CD1 DTY LB 4 -21.00 0.80 -2.22
CD2 DTY LB 4 -21.85 0.21 -4.38
CE1 DTY LB 4 -22.23 1.35 -1.87
CE2 DTY LB 4 -23.08 0.77 -4.04
CZ DTY LB 4 -23.26 1.34 -2.78
OH DTY LB 4 -24.52 1.90 -2.42
H DTY LB 4 -16.89 1.30 -4.17
HA DTY LB 4 -19.03 1.44 -4.69
HB2 DTY LB 4 -19.59 -1.21 -4.30
HB3 DTY LB 4 -18.95 -0.51 -3.03
HD1 DTY LB 4 -20.30 0.81 -1.62
HD2 DTY LB 4 -21.73 -0.16 -5.22
HE1 DTY LB 4 -22.35 1.73 -1.03
HE2 DTY LB 4 -23.77 0.76 -4.65
HH DTY LB 4 -24.60 1.86 -1.56
N M3L LB 5 -17.93 -0.73 -6.99
CA M3L LB 5 -18.22 -1.21 -8.34
CB M3L LB 5 -17.13 -0.87 -9.37
CG M3L LB 5 -17.73 -0.45 -10.74
CD M3L LB 5 -18.56 -1.64 -11.44
CE M3L LB 5 -19.99 -1.16 -11.82
NZ M3L LB 5 -21.04 -2.26 -12.16
C M3L LB 5 -18.15 -2.70 -8.22
O M3L LB 5 -17.09 -3.17 -7.71
OXT M3L LB 5 -19.08 -3.44 -8.64
CM1 M3L LB 5 -20.56 -3.11 -13.25
CM2 M3L LB 5 -22.25 -1.62 -12.66
CM3 M3L LB 5 -21.39 -3.04 -10.96
H M3L LB 5 -17.17 -0.92 -6.64
HA M3L LB 5 -19.09 -0.91 -8.63
HB2 M3L LB 5 -16.56 -0.16 -9.03
HB3 M3L LB 5 -16.59 -1.65 -9.52
HG2 M3L LB 5 -18.31 0.30 -10.60
HG3 M3L LB 5 -17.00 -0.18 -11.32
HD2 M3L LB 5 -18.63 -2.40 -10.85
HD3 M3L LB 5 -18.09 -1.92 -12.24
HE2 M3L LB 5 -19.89 -0.60 -12.60
HE3 M3L LB 5 -20.33 -0.63 -11.08
HM11 M3L LB 5 -20.40 -2.57 -14.04
HM12 M3L LB 5 -19.72 -3.51 -13.01
HM13 M3L LB 5 -21.22 -3.78 -13.46
HM21 M3L LB 5 -22.04 -1.10 -13.44
HM22 M3L LB 5 -22.63 -1.04 -11.97
HM23 M3L LB 5 -22.90 -2.30 -12.90
HM31 M3L LB 5 -21.59 -2.43 -10.23
HM32 M3L LB 5 -20.64 -3.58 -10.70
HM33 M3L LB 5 -22.16 -3.59 -11.14
C02 UQ4 MB 1 -7.52 3.40 9.26
C50 UQ4 MB 1 -7.04 4.68 8.68
C51 UQ4 MB 1 -5.65 4.58 8.09
C53 UQ4 MB 1 -5.29 2.91 6.10
C54 UQ4 MB 1 -4.52 3.74 5.30
C55 UQ4 MB 1 -4.41 3.48 3.92
C56 UQ4 MB 1 -5.07 2.38 3.38
C60 UQ4 MB 1 -5.82 1.55 4.18
C64 UQ4 MB 1 -5.93 1.81 5.57
N52 UQ4 MB 1 -5.40 3.19 7.59
N57 UQ4 MB 1 -4.93 2.11 1.93
N61 UQ4 MB 1 -6.55 0.43 3.95
N63 UQ4 MB 1 -6.73 0.84 6.08
O01 UQ4 MB 1 -6.97 2.41 8.93
O58 UQ4 MB 1 -5.35 0.86 1.44
O59 UQ4 MB 1 -4.45 2.91 1.22
O62 UQ4 MB 1 -7.07 0.04 5.10
H501 UQ4 MB 1 -7.02 5.30 9.41
H502 UQ4 MB 1 -7.67 4.96 7.99
H512 UQ4 MB 1 -5.00 4.76 8.78
H511 UQ4 MB 1 -5.54 5.22 7.38
H541 UQ4 MB 1 -4.10 4.47 5.69
H551 UQ4 MB 1 -3.91 4.03 3.39
H521 UQ4 MB 1 -5.32 2.56 8.14
N DPN MB 2 -8.63 3.37 10.21
CA DPN MB 2 -9.43 4.50 10.68
C DPN MB 2 -10.82 4.32 10.06
O DPN MB 2 -11.55 5.22 9.92
CB DPN MB 2 -9.52 4.43 12.17
CG DPN MB 2 -8.58 5.42 12.85
CD1 DPN MB 2 -7.20 5.29 12.72
CD2 DPN MB 2 -9.10 6.45 13.62
CE1 DPN MB 2 -6.35 6.21 13.35
CE2 DPN MB 2 -8.26 7.36 14.24
CZ DPN MB 2 -6.88 7.23 14.11
H DPN MB 2 -8.87 2.60 10.50
HA DPN MB 2 -9.07 5.35 10.41
HB2 DPN MB 2 -9.25 3.54 12.42
HB3 DPN MB 2 -10.43 4.59 12.45
HD1 DPN MB 2 -6.86 4.60 12.21
HD2 DPN MB 2 -10.02 6.52 13.70
HE1 DPN MB 2 -5.43 6.13 13.27
HE2 DPN MB 2 -8.62 8.05 14.75
HZ DPN MB 2 -6.32 7.85 14.54
N DPN MB 3 -11.20 2.94 9.62
CA DPN MB 3 -12.43 2.63 8.94
C DPN MB 3 -13.70 2.91 9.78
O DPN MB 3 -14.35 2.01 10.18
CB DPN MB 3 -12.44 3.41 7.62
CG DPN MB 3 -11.21 3.13 6.67
CD1 DPN MB 3 -11.44 2.51 5.45
CD2 DPN MB 3 -9.90 3.50 6.99
CE1 DPN MB 3 -10.39 2.26 4.59
CE2 DPN MB 3 -8.86 3.24 6.14
CZ DPN MB 3 -9.09 2.62 4.93
H DPN MB 3 -10.64 2.30 9.69
HA DPN MB 3 -12.42 1.70 8.72
HB2 DPN MB 3 -13.25 3.18 7.14
HB3 DPN MB 3 -12.47 4.34 7.82
HD1 DPN MB 3 -12.32 2.27 5.22
HD2 DPN MB 3 -9.71 3.90 7.80
HE1 DPN MB 3 -10.55 1.85 3.77
HE2 DPN MB 3 -7.98 3.48 6.38
HZ DPN MB 3 -8.39 2.45 4.35
N DTY MB 4 -14.13 4.30 10.06
CA DTY MB 4 -15.32 4.60 10.85
C DTY MB 4 -16.64 4.16 10.19
O DTY MB 4 -17.63 4.64 10.61
CB DTY MB 4 -15.27 3.86 12.18
CG DTY MB 4 -15.75 4.76 13.35
CD1 DTY MB 4 -14.82 5.31 14.20
CD2 DTY MB 4 -17.10 5.00 13.51
CE1 DTY MB 4 -15.24 6.12 15.26
CE2 DTY MB 4 -17.52 5.81 14.55
CZ DTY MB 4 -16.58 6.36 15.42
OH DTY MB 4 -17.00 7.20 16.50
H DTY MB 4 -13.65 4.96 9.77
HA DTY MB 4 -15.36 5.56 11.02
HB2 DTY MB 4 -15.83 3.08 12.12
HB3 DTY MB 4 -14.35 3.60 12.35
HD1 DTY MB 4 -13.92 5.14 14.08
HD2 DTY MB 4 -17.71 4.62 12.92
HE1 DTY MB 4 -14.62 6.50 15.84
HE2 DTY MB 4 -18.43 5.97 14.67
HH DTY MB 4 -16.42 7.17 17.12
N M3L MB 5 -16.71 3.24 9.04
CA M3L MB 5 -17.98 2.85 8.43
CB M3L MB 5 -18.02 2.98 6.91
CG M3L MB 5 -19.38 3.53 6.39
CD M3L MB 5 -20.62 2.58 6.74
CE M3L MB 5 -21.73 3.37 7.50
NZ M3L MB 5 -22.79 2.54 8.29
C M3L MB 5 -18.07 1.37 8.68
O M3L MB 5 -17.08 0.68 8.30
OXT M3L MB 5 -19.09 0.85 9.21
CM1 M3L MB 5 -23.47 1.60 7.38
CM2 M3L MB 5 -23.81 3.43 8.79
CM3 M3L MB 5 -22.17 1.83 9.43
H M3L MB 5 -15.99 2.90 8.73
HA M3L MB 5 -18.72 3.32 8.85
HB2 M3L MB 5 -17.31 3.53 6.61
HB3 M3L MB 5 -17.92 2.10 6.53
HG2 M3L MB 5 -19.51 4.39 6.80
HG3 M3L MB 5 -19.31 3.64 5.44
HD2 M3L MB 5 -20.34 1.84 7.28
HD3 M3L MB 5 -20.99 2.23 5.92
HE2 M3L MB 5 -22.20 3.87 6.84
HE3 M3L MB 5 -21.30 3.96 8.14
HM11 M3L MB 5 -23.89 2.10 6.67
HM12 M3L MB 5 -22.84 1.00 6.99
HM13 M3L MB 5 -24.15 1.11 7.87
HM21 M3L MB 5 -24.25 3.86 8.06
HM22 M3L MB 5 -23.41 4.10 9.36
HM23 M3L MB 5 -24.48 2.92 9.30
HM31 M3L MB 5 -21.68 2.48 9.96
HM32 M3L MB 5 -21.57 1.16 9.11
HM33 M3L MB 5 -22.86 1.43 9.98
C02 UQ4 NB 1 2.84 4.81 11.06
C50 UQ4 NB 1 2.92 5.99 10.15
C51 UQ4 NB 1 3.50 5.61 8.80
C53 UQ4 NB 1 1.96 3.96 7.51
C54 UQ4 NB 1 1.92 4.63 6.29
C55 UQ4 NB 1 0.86 4.41 5.40
C56 UQ4 NB 1 -0.15 3.51 5.74
C60 UQ4 NB 1 -0.10 2.84 6.94
C64 UQ4 NB 1 0.96 3.06 7.84
N52 UQ4 NB 1 3.11 4.22 8.45
N57 UQ4 NB 1 -1.25 3.27 4.80
N61 UQ4 NB 1 -0.90 1.92 7.54
N63 UQ4 NB 1 0.73 2.28 8.91
O01 UQ4 NB 1 2.78 3.73 10.58
O58 UQ4 NB 1 -2.00 2.09 4.92
O59 UQ4 NB 1 -1.48 4.04 3.95
O62 UQ4 NB 1 -0.38 1.61 8.69
H501 UQ4 NB 1 3.51 6.60 10.59
H502 UQ4 NB 1 2.03 6.35 10.05
H512 UQ4 NB 1 4.46 5.67 8.87
H511 UQ4 NB 1 3.19 6.24 8.13
H541 UQ4 NB 1 2.59 5.24 6.09
H551 UQ4 NB 1 0.82 4.86 4.59
H521 UQ4 NB 1 3.54 3.57 8.78
N DPN NB 2 2.86 4.97 12.52
CA DPN NB 2 2.91 6.21 13.29
C DPN NB 2 1.54 6.33 13.96
O DPN NB 2 1.11 7.37 14.29
CB DPN NB 2 3.98 6.09 14.32
CG DPN NB 2 5.25 6.84 13.90
CD1 DPN NB 2 5.97 6.41 12.80
CD2 DPN NB 2 5.66 7.95 14.61
CE1 DPN NB 2 7.13 7.11 12.42
CE2 DPN NB 2 6.81 8.65 14.23
CZ DPN NB 2 7.54 8.23 13.13
H DPN NB 2 2.81 4.25 12.98
HA DPN NB 2 3.06 6.98 12.75
HB2 DPN NB 2 4.20 5.16 14.39
HB3 DPN NB 2 3.67 6.42 15.16
HD1 DPN NB 2 5.69 5.68 12.32
HD2 DPN NB 2 5.16 8.24 15.35
HE1 DPN NB 2 7.63 6.83 11.68
HE2 DPN NB 2 7.08 9.40 14.72
HZ DPN NB 2 8.30 8.69 12.88
N DPN NB 3 0.76 5.06 14.17
CA DPN NB 3 -0.57 5.02 14.71
C DPN NB 3 -0.66 5.56 16.16
O DPN NB 3 -0.91 4.82 17.03
CB DPN NB 3 -1.48 5.81 13.76
CG DPN NB 3 -1.48 5.32 12.26
CD1 DPN NB 3 -2.66 4.81 11.73
CD2 DPN NB 3 -0.37 5.41 11.43
CE1 DPN NB 3 -2.69 4.37 10.40
CE2 DPN NB 3 -0.39 4.97 10.13
CZ DPN NB 3 -1.56 4.45 9.60
H DPN NB 3 1.08 4.33 13.90
HA DPN NB 3 -0.85 4.13 14.69
HB2 DPN NB 3 -2.38 5.77 14.11
HB3 DPN NB 3 -1.20 6.74 13.78
HD1 DPN NB 3 -3.42 4.76 12.25
HD2 DPN NB 3 0.44 5.75 11.77
HE1 DPN NB 3 -3.48 4.04 10.05
HE2 DPN NB 3 0.37 5.03 9.61
HZ DPN NB 3 -1.57 4.18 8.71
N DTY NB 4 -0.50 7.02 16.44
CA DTY NB 4 -0.59 7.54 17.80
C DTY NB 4 -1.98 7.42 18.43
O DTY NB 4 -2.21 8.07 19.38
CB DTY NB 4 0.36 6.78 18.72
CG DTY NB 4 1.09 7.72 19.69
CD1 DTY NB 4 2.42 8.05 19.47
CD2 DTY NB 4 0.41 8.24 20.77
CE1 DTY NB 4 3.08 8.90 20.34
CE2 DTY NB 4 1.08 9.08 21.66
CZ DTY NB 4 2.41 9.41 21.43
OH DTY NB 4 3.10 10.28 22.32
H DTY NB 4 -0.32 7.55 15.79
HA DTY NB 4 -0.33 8.48 17.79
HB2 DTY NB 4 -0.15 6.13 19.21
HB3 DTY NB 4 1.03 6.32 18.17
HD1 DTY NB 4 2.85 7.70 18.73
HD2 DTY NB 4 -0.47 8.02 20.91
HE1 DTY NB 4 3.98 9.12 20.20
HE2 DTY NB 4 0.62 9.44 22.38
HH DTY NB 4 3.91 10.04 22.36
N M3L NB 5 -3.06 6.56 17.87
CA M3L NB 5 -4.37 6.45 18.49
CB M3L NB 5 -5.55 6.61 17.51
CG M3L NB 5 -6.70 7.44 18.11
CD M3L NB 5 -7.36 6.77 19.40
CE M3L NB 5 -7.35 7.77 20.60
NZ M3L NB 5 -7.57 7.17 22.03
C M3L NB 5 -4.46 5.03 18.94
O M3L NB 5 -4.22 4.15 18.05
OXT M3L NB 5 -4.78 4.72 20.12
CM1 M3L NB 5 -8.83 6.43 22.09
CM2 M3L NB 5 -7.69 8.25 22.98
CM3 M3L NB 5 -6.42 6.33 22.42
H M3L NB 5 -2.90 6.09 17.18
HA M3L NB 5 -4.45 7.07 19.23
HB2 M3L NB 5 -5.23 7.02 16.69
HB3 M3L NB 5 -5.89 5.74 17.31
HG2 M3L NB 5 -6.35 8.31 18.34
HG3 M3L NB 5 -7.38 7.56 17.43
HD2 M3L NB 5 -6.87 5.97 19.65
HD3 M3L NB 5 -8.27 6.51 19.21
HE2 M3L NB 5 -8.07 8.38 20.44
HE3 M3L NB 5 -6.50 8.24 20.61
HM11 M3L NB 5 -9.57 7.02 21.85
HM12 M3L NB 5 -8.82 5.71 21.46
HM13 M3L NB 5 -8.98 6.10 22.98
HM21 M3L NB 5 -8.46 8.79 22.75
HM22 M3L NB 5 -6.89 8.80 22.96
HM23 M3L NB 5 -7.82 7.89 23.88
HM31 M3L NB 5 -5.61 6.84 22.31
HM32 M3L NB 5 -6.37 5.55 21.86
HM33 M3L NB 5 -6.51 6.07 23.35
C02 UQ4 OB 1 10.94 3.82 4.26
C50 UQ4 OB 1 10.45 4.96 3.45
C51 UQ4 OB 1 9.63 4.50 2.25
C53 UQ4 OB 1 7.43 3.23 2.82
C54 UQ4 OB 1 6.58 3.90 1.96
C55 UQ4 OB 1 5.19 3.91 2.19
C56 UQ4 OB 1 4.67 3.23 3.27
C60 UQ4 OB 1 5.51 2.55 4.13
C64 UQ4 OB 1 6.91 2.54 3.90
N52 UQ4 OB 1 8.92 3.24 2.57
N57 UQ4 OB 1 3.22 3.22 3.50
N61 UQ4 OB 1 5.32 1.81 5.25
N63 UQ4 OB 1 7.46 1.82 4.90
O01 UQ4 OB 1 10.39 2.78 4.15
O58 UQ4 OB 1 2.67 2.31 4.40
O59 UQ4 OB 1 2.52 3.97 2.90
O62 UQ4 OB 1 6.48 1.38 5.67
H501 UQ4 OB 1 11.25 5.40 3.14
H502 UQ4 OB 1 9.92 5.54 4.01
H512 UQ4 OB 1 10.23 4.36 1.51
H511 UQ4 OB 1 9.01 5.20 2.01
H541 UQ4 OB 1 6.94 4.37 1.24
H551 UQ4 OB 1 4.63 4.38 1.61
H521 UQ4 OB 1 9.36 2.51 2.59
N DPN OB 2 12.10 3.97 5.16
CA DPN OB 2 12.88 5.17 5.43
C DPN OB 2 12.54 5.56 6.87
O DPN OB 2 12.66 6.66 7.24
CB DPN OB 2 14.33 4.82 5.33
CG DPN OB 2 14.94 5.29 4.00
CD1 DPN OB 2 14.52 4.74 2.80
CD2 DPN OB 2 15.90 6.29 4.01
CE1 DPN OB 2 15.08 5.18 1.60
CE2 DPN OB 2 16.45 6.73 2.81
CZ DPN OB 2 16.05 6.18 1.61
H DPN OB 2 12.32 3.27 5.61
HA DPN OB 2 12.66 5.89 4.83
HB2 DPN OB 2 14.38 3.86 5.37
HB3 DPN OB 2 14.81 5.21 6.07
HD1 DPN OB 2 13.87 4.07 2.81
HD2 DPN OB 2 16.16 6.66 4.82
HE1 DPN OB 2 14.81 4.81 0.79
HE2 DPN OB 2 17.11 7.40 2.83
HZ DPN OB 2 16.43 6.47 0.81
N DPN OB 3 12.02 4.50 7.77
CA DPN OB 3 11.58 4.73 9.12
C DPN OB 3 12.72 5.26 10.04
O DPN OB 3 13.09 4.57 10.93
CB DPN OB 3 10.39 5.70 9.06
CG DPN OB 3 9.18 5.23 8.17
CD1 DPN OB 3 7.97 4.96 8.78
CD2 DPN OB 3 9.27 5.10 6.78
CE1 DPN OB 3 6.88 4.55 8.02
CE2 DPN OB 3 8.19 4.68 6.04
CZ DPN OB 3 6.99 4.42 6.65
H DPN OB 3 11.90 3.70 7.47
HA DPN OB 3 11.25 3.92 9.46
HB2 DPN OB 3 10.07 5.85 9.96
HB3 DPN OB 3 10.71 6.54 8.72
HD1 DPN OB 3 7.89 5.06 9.71
HD2 DPN OB 3 10.07 5.27 6.35
HE1 DPN OB 3 6.07 4.37 8.43
HE2 DPN OB 3 8.28 4.59 5.11
HZ DPN OB 3 6.26 4.15 6.13
N DTY OB 4 13.28 6.62 9.86
CA DTY OB 4 14.34 7.13 10.73
C DTY OB 4 13.94 7.32 12.19
O DTY OB 4 14.60 8.02 12.85
CB DTY OB 4 15.50 6.15 10.75
CG DTY OB 4 16.86 6.89 10.70
CD1 DTY OB 4 17.57 6.94 9.52
CD2 DTY OB 4 17.35 7.50 11.85
CE1 DTY OB 4 18.78 7.61 9.47
CE2 DTY OB 4 18.56 8.17 11.79
CZ DTY OB 4 19.28 8.21 10.59
OH DTY OB 4 20.53 8.89 10.52
H DTY OB 4 12.99 7.10 9.22
HA DTY OB 4 14.65 7.98 10.38
HB2 DTY OB 4 15.45 5.64 11.57
HB3 DTY OB 4 15.44 5.56 9.99
HD1 DTY OB 4 17.23 6.52 8.76
HD2 DTY OB 4 16.86 7.46 12.64
HE1 DTY OB 4 19.27 7.64 8.66
HE2 DTY OB 4 18.90 8.58 12.56
HH DTY OB 4 20.95 8.61 9.84
N M3L OB 5 12.73 6.70 12.80
CA M3L OB 5 12.38 6.90 14.20
CB M3L OB 5 10.92 7.32 14.43
CG M3L OB 5 10.78 8.38 15.56
CD M3L OB 5 11.23 7.82 17.00
CE M3L OB 5 12.33 8.75 17.62
NZ M3L OB 5 13.17 8.16 18.80
C M3L OB 5 12.45 5.52 14.78
O M3L OB 5 11.78 4.64 14.17
OXT M3L OB 5 13.12 5.28 15.83
CM1 M3L OB 5 12.27 7.71 19.89
CM2 M3L OB 5 13.99 9.21 19.38
CM3 M3L OB 5 14.05 7.08 18.33
H M3L OB 5 12.24 6.20 12.33
HA M3L OB 5 13.00 7.51 14.63
HB2 M3L OB 5 10.55 7.67 13.61
HB3 M3L OB 5 10.42 6.55 14.70
HG2 M3L OB 5 11.33 9.13 15.32
HG3 M3L OB 5 9.86 8.66 15.60
HD2 M3L OB 5 11.58 6.92 16.92
HD3 M3L OB 5 10.47 7.79 17.58
HE2 M3L OB 5 11.86 9.51 17.96
HE3 M3L OB 5 12.94 9.00 16.92
HM11 M3L OB 5 11.80 8.48 20.26
HM12 M3L OB 5 11.62 7.10 19.56
HM13 M3L OB 5 12.81 7.31 20.58
HM21 M3L OB 5 13.42 9.93 19.68
HM22 M3L OB 5 14.61 9.53 18.70
HM23 M3L OB 5 14.48 8.85 20.13
HM31 M3L OB 5 14.57 7.42 17.58
HM32 M3L OB 5 13.53 6.35 18.02
HM33 M3L OB 5 14.66 6.82 19.03
C02 UQ4 PB 1 10.73 1.31 -6.08
C50 UQ4 PB 1 9.97 2.57 -6.40
C51 UQ4 PB 1 8.48 2.30 -6.53
C53 UQ4 PB 1 7.33 1.52 -4.31
C54 UQ4 PB 1 6.24 2.36 -4.34
C55 UQ4 PB 1 5.56 2.67 -3.14
C56 UQ4 PB 1 5.96 2.10 -1.96
C60 UQ4 PB 1 7.04 1.23 -1.92
C64 UQ4 PB 1 7.73 0.93 -3.12
N52 UQ4 PB 1 8.06 1.21 -5.60
N57 UQ4 PB 1 5.23 2.39 -0.70
N61 UQ4 PB 1 7.66 0.54 -0.95
N63 UQ4 PB 1 8.73 0.09 -2.78
O01 UQ4 PB 1 10.13 0.43 -5.57
O58 UQ4 PB 1 5.40 1.56 0.41
O59 UQ4 PB 1 4.49 3.31 -0.66
O62 UQ4 PB 1 8.64 -0.13 -1.49
H501 UQ4 PB 1 10.30 2.84 -7.26
H502 UQ4 PB 1 10.14 3.21 -5.71
H512 UQ4 PB 1 8.29 2.05 -7.43
H511 UQ4 PB 1 7.99 3.12 -6.32
H541 UQ4 PB 1 5.99 2.76 -5.13
H551 UQ4 PB 1 4.83 3.25 -3.17
H521 UQ4 PB 1 8.24 0.40 -5.82
N DPN PB 2 12.15 1.18 -6.39
CA DPN PB 2 13.04 2.18 -6.98
C DPN PB 2 13.98 2.61 -5.86
O DPN PB 2 14.51 3.65 -5.89
CB DPN PB 2 13.81 1.55 -8.10
CG DPN PB 2 13.22 1.90 -9.46
CD1 DPN PB 2 11.94 1.51 -9.79
CD2 DPN PB 2 13.98 2.62 -10.37
CE1 DPN PB 2 11.40 1.84 -11.04
CE2 DPN PB 2 13.45 2.96 -11.62
CZ DPN PB 2 12.15 2.56 -11.95
H DPN PB 2 12.52 0.45 -6.16
HA DPN PB 2 12.55 2.95 -7.32
HB2 DPN PB 2 13.73 0.60 -7.96
HB3 DPN PB 2 14.73 1.82 -8.04
HD1 DPN PB 2 11.43 1.02 -9.17
HD2 DPN PB 2 14.83 2.89 -10.13
HE1 DPN PB 2 10.54 1.58 -11.27
HE2 DPN PB 2 13.95 3.45 -12.22
HZ DPN PB 2 11.80 2.79 -12.77
N DPN PB 3 14.17 1.67 -4.73
CA DPN PB 3 14.97 1.97 -3.57
C DPN PB 3 16.46 2.22 -3.90
O DPN PB 3 17.27 1.45 -3.52
CB DPN PB 3 14.34 3.17 -2.87
CG DPN PB 3 12.83 3.00 -2.45
CD1 DPN PB 3 12.50 3.01 -1.10
CD2 DPN PB 3 11.80 2.87 -3.39
CE1 DPN PB 3 11.17 2.87 -0.72
CE2 DPN PB 3 10.49 2.71 -3.00
CZ DPN PB 3 10.17 2.71 -1.66
H DPN PB 3 13.76 0.92 -4.71
HA DPN PB 3 14.90 1.24 -2.98
HB2 DPN PB 3 14.86 3.36 -2.08
HB3 DPN PB 3 14.39 3.93 -3.45
HD1 DPN PB 3 13.17 3.11 -0.47
HD2 DPN PB 3 12.01 2.84 -4.29
HE1 DPN PB 3 10.95 2.87 0.19
HE2 DPN PB 3 9.82 2.61 -3.65
HZ DPN PB 3 9.28 2.62 -1.40
N DTY PB 4 16.89 3.43 -4.63
CA DTY PB 4 18.29 3.69 -4.95
C DTY PB 4 19.19 3.92 -3.73
O DTY PB 4 20.23 4.44 -3.91
CB DTY PB 4 18.89 2.48 -5.67
CG DTY PB 4 19.81 2.92 -6.83
CD1 DTY PB 4 19.34 2.83 -8.13
CD2 DTY PB 4 21.06 3.40 -6.56
CE1 DTY PB 4 20.15 3.22 -9.18
CE2 DTY PB 4 21.88 3.80 -7.61
CZ DTY PB 4 21.42 3.70 -8.92
OH DTY PB 4 22.24 4.10 -10.01
H DTY PB 4 16.29 3.98 -4.91
HA DTY PB 4 18.35 4.45 -5.53
HB2 DTY PB 4 19.40 1.97 -5.02
HB3 DTY PB 4 18.17 1.93 -6.02
HD1 DTY PB 4 18.49 2.50 -8.29
HD2 DTY PB 4 21.37 3.47 -5.68
HE1 DTY PB 4 19.86 3.16 -10.06
HE2 DTY PB 4 22.74 4.12 -7.44
HH DTY PB 4 22.01 3.68 -10.70
N M3L PB 5 18.78 3.57 -2.34
CA M3L PB 5 19.66 3.81 -1.20
CB M3L PB 5 18.98 4.54 -0.03
CG M3L PB 5 19.90 5.57 0.66
CD M3L PB 5 21.20 4.91 1.32
CE M3L PB 5 22.49 5.54 0.72
NZ M3L PB 5 23.85 4.78 0.96
C M3L PB 5 19.92 2.43 -0.67
O M3L PB 5 18.90 1.73 -0.45
OXT M3L PB 5 21.10 2.03 -0.44
CM1 M3L PB 5 24.06 4.54 2.39
CM2 M3L PB 5 24.95 5.60 0.51
CM3 M3L PB 5 23.85 3.54 0.17
H M3L PB 5 18.03 3.20 -2.21
HA M3L PB 5 20.47 4.26 -1.47
HB2 M3L PB 5 18.17 4.96 -0.34
HB3 M3L PB 5 18.74 3.88 0.63
HG2 M3L PB 5 20.17 6.21 -0.01
HG3 M3L PB 5 19.39 6.02 1.34
HD2 M3L PB 5 21.21 3.95 1.17
HD3 M3L PB 5 21.18 5.06 2.27
HE2 M3L PB 5 22.58 6.41 1.12
HE3 M3L PB 5 22.37 5.63 -0.24
HM11 M3L PB 5 24.20 5.38 2.84
HM12 M3L PB 5 23.30 4.12 2.80
HM13 M3L PB 5 24.85 4.01 2.50
HM21 M3L PB 5 24.93 6.45 0.98
HM22 M3L PB 5 24.88 5.75 -0.44
HM23 M3L PB 5 25.78 5.15 0.72
HM31 M3L PB 5 23.60 3.74 -0.75
HM32 M3L PB 5 23.21 2.93 0.52
HM33 M3L PB 5 24.75 3.16 0.16
C02 UQ4 QB 1 2.24 -0.86 -12.12
C50 UQ4 QB 1 1.70 0.52 -11.97
C51 UQ4 QB 1 0.61 0.59 -10.91
C53 UQ4 QB 1 1.45 0.03 -8.50
C54 UQ4 QB 1 0.88 1.09 -7.83
C55 UQ4 QB 1 1.42 1.53 -6.60
C56 UQ4 QB 1 2.51 0.86 -6.05
C60 UQ4 QB 1 3.07 -0.23 -6.71
C64 UQ4 QB 1 2.53 -0.65 -7.94
N52 UQ4 QB 1 0.88 -0.42 -9.83
N57 UQ4 QB 1 3.05 1.29 -4.74
N61 UQ4 QB 1 4.09 -1.06 -6.45
N63 UQ4 QB 1 3.28 -1.69 -8.35
O01 UQ4 QB 1 2.12 -1.62 -11.22
O58 UQ4 QB 1 3.87 0.41 -4.03
O59 UQ4 QB 1 2.77 2.35 -4.32
O62 UQ4 QB 1 4.18 -1.91 -7.42
H501 UQ4 QB 1 1.32 0.75 -12.81
H502 UQ4 QB 1 2.43 1.10 -11.73
H512 UQ4 QB 1 -0.22 0.39 -11.32
H511 UQ4 QB 1 0.59 1.48 -10.53
H541 UQ4 QB 1 0.17 1.54 -8.21
H551 UQ4 QB 1 1.05 2.24 -6.15
H521 UQ4 QB 1 0.70 -1.23 -9.97
N DPN QB 2 2.89 -1.29 -13.36
CA DPN QB 2 3.16 -0.50 -14.57
C DPN QB 2 4.67 -0.30 -14.60
O DPN QB 2 5.15 0.60 -15.18
CB DPN QB 2 2.70 -1.27 -15.76
CG DPN QB 2 1.35 -0.76 -16.27
CD1 DPN QB 2 0.22 -0.89 -15.50
CD2 DPN QB 2 1.27 -0.20 -17.54
CE1 DPN QB 2 -1.02 -0.43 -15.97
CE2 DPN QB 2 0.04 0.28 -18.02
CZ DPN QB 2 -1.09 0.15 -17.23
H DPN QB 2 3.18 -2.09 -13.38
HA DPN QB 2 2.72 0.36 -14.54
HB2 DPN QB 2 2.61 -2.17 -15.47
HB3 DPN QB 2 3.37 -1.21 -16.46
HD1 DPN QB 2 0.28 -1.28 -14.66
HD2 DPN QB 2 2.04 -0.11 -18.05
HE1 DPN QB 2 -1.79 -0.50 -15.45
HE2 DPN QB 2 -0.01 0.66 -18.86
HZ DPN QB 2 -1.91 0.46 -17.56
N DPN QB 3 5.51 -1.30 -13.88
CA DPN QB 3 6.94 -1.19 -13.75
C DPN QB 3 7.65 -1.26 -15.14
O DPN QB 3 8.35 -2.18 -15.39
CB DPN QB 3 7.26 0.10 -13.01
CG DPN QB 3 6.59 0.26 -11.59
CD1 DPN QB 3 7.40 0.30 -10.47
CD2 DPN QB 3 5.21 0.37 -11.42
CE1 DPN QB 3 6.82 0.43 -9.20
CE2 DPN QB 3 4.64 0.49 -10.17
CZ DPN QB 3 5.45 0.53 -9.06
H DPN QB 3 5.14 -1.93 -13.43
HA DPN QB 3 7.24 -1.91 -13.22
HB2 DPN QB 3 8.22 0.17 -12.91
HB3 DPN QB 3 6.96 0.85 -13.55
HD1 DPN QB 3 8.31 0.23 -10.56
HD2 DPN QB 3 4.65 0.34 -12.16
HE1 DPN QB 3 7.36 0.46 -8.45
HE2 DPN QB 3 3.71 0.57 -10.09
HZ DPN QB 3 5.06 0.63 -8.22
N DTY QB 4 7.51 -0.16 -16.12
CA DTY QB 4 8.18 -0.19 -17.41
C DTY QB 4 9.71 -0.18 -17.35
O DTY QB 4 10.28 0.14 -18.34
CB DTY QB 4 7.82 -1.49 -18.14
CG DTY QB 4 7.57 -1.23 -19.64
CD1 DTY QB 4 6.28 -1.17 -20.11
CD2 DTY QB 4 8.65 -1.08 -20.49
CE1 DTY QB 4 6.05 -0.95 -21.46
CE2 DTY QB 4 8.43 -0.85 -21.84
CZ DTY QB 4 7.11 -0.79 -22.32
OH DTY QB 4 6.87 -0.57 -23.71
H DTY QB 4 7.01 0.51 -15.92
HA DTY QB 4 7.87 0.55 -17.95
HB2 DTY QB 4 8.55 -2.10 -18.02
HB3 DTY QB 4 7.01 -1.85 -17.75
HD1 DTY QB 4 5.57 -1.28 -19.53
HD2 DTY QB 4 9.51 -1.13 -20.16
HE1 DTY QB 4 5.18 -0.91 -21.80
HE2 DTY QB 4 9.15 -0.76 -22.42
HH DTY QB 4 6.09 -0.85 -23.90
N M3L QB 5 10.49 -0.48 -16.13
CA M3L QB 5 11.94 -0.45 -16.11
CB M3L QB 5 12.55 0.38 -14.97
CG M3L QB 5 13.80 1.16 -15.40
CD M3L QB 5 15.02 0.22 -15.86
CE M3L QB 5 15.48 0.58 -17.30
NZ M3L QB 5 16.39 -0.43 -18.03
C M3L QB 5 12.32 -1.87 -15.77
O M3L QB 5 11.77 -2.34 -14.75
OXT M3L QB 5 13.16 -2.51 -16.47
CM1 M3L QB 5 17.58 -0.75 -17.23
CM2 M3L QB 5 16.89 0.16 -19.26
CM3 M3L QB 5 15.62 -1.65 -18.38
H M3L QB 5 10.08 -0.70 -15.41
HA M3L QB 5 12.30 -0.18 -16.97
HB2 M3L QB 5 11.89 0.97 -14.61
HB3 M3L QB 5 12.83 -0.23 -14.27
HG2 M3L QB 5 13.56 1.74 -16.14
HG3 M3L QB 5 14.08 1.72 -14.66
HD2 M3L QB 5 14.77 -0.70 -15.82
HD3 M3L QB 5 15.76 0.35 -15.25
HE2 M3L QB 5 15.96 1.42 -17.23
HE3 M3L QB 5 14.68 0.73 -17.84
HM11 M3L QB 5 18.11 0.05 -17.14
HM12 M3L QB 5 17.35 -1.03 -16.34
HM13 M3L QB 5 18.10 -1.41 -17.68
HM21 M3L QB 5 17.35 0.98 -19.06
HM22 M3L QB 5 16.14 0.34 -19.86
HM23 M3L QB 5 17.51 -0.46 -19.69
HM31 M3L QB 5 14.79 -1.38 -18.81
HM32 M3L QB 5 15.41 -2.13 -17.60
HM33 M3L QB 5 16.12 -2.18 -19.01
C02 UQ4 RB 1 -8.07 -1.15 -9.41
C50 UQ4 RB 1 -8.04 0.31 -9.11
C51 UQ4 RB 1 -7.77 0.61 -7.65
C53 UQ4 RB 1 -5.48 -0.17 -6.64
C54 UQ4 RB 1 -5.20 0.98 -5.92
C55 UQ4 RB 1 -3.87 1.26 -5.55
C56 UQ4 RB 1 -2.86 0.37 -5.86
C60 UQ4 RB 1 -3.14 -0.79 -6.56
C64 UQ4 RB 1 -4.48 -1.07 -6.95
N52 UQ4 RB 1 -6.92 -0.46 -7.05
N57 UQ4 RB 1 -1.47 0.64 -5.45
N61 UQ4 RB 1 -2.41 -1.83 -7.02
N63 UQ4 RB 1 -4.45 -2.24 -7.62
O01 UQ4 RB 1 -7.58 -1.88 -8.62
O58 UQ4 RB 1 -0.53 -0.39 -5.47
O59 UQ4 RB 1 -1.17 1.72 -5.07
O62 UQ4 RB 1 -3.21 -2.67 -7.62
H501 UQ4 RB 1 -8.93 0.64 -9.33
H502 UQ4 RB 1 -7.38 0.72 -9.66
H512 UQ4 RB 1 -8.60 0.64 -7.17
H511 UQ4 RB 1 -7.33 1.46 -7.57
H541 UQ4 RB 1 -5.89 1.58 -5.73
H551 UQ4 RB 1 -3.67 2.03 -5.07
H521 UQ4 RB 1 -7.24 -1.23 -6.93
N DPN RB 2 -8.68 -1.66 -10.63
CA DPN RB 2 -9.30 -0.89 -11.71
C DPN RB 2 -8.36 -1.02 -12.89
O DPN RB 2 -8.36 -0.22 -13.76
CB DPN RB 2 -10.64 -1.48 -12.04
CG DPN RB 2 -11.78 -0.69 -11.40
CD1 DPN RB 2 -11.86 -0.57 -10.02
CD2 DPN RB 2 -12.74 -0.11 -12.20
CE1 DPN RB 2 -12.91 0.15 -9.44
CE2 DPN RB 2 -13.78 0.62 -11.62
CZ DPN RB 2 -13.87 0.74 -10.24
H DPN RB 2 -8.66 -2.50 -10.75
HA DPN RB 2 -9.41 0.05 -11.47
HB2 DPN RB 2 -10.63 -2.37 -11.67
HB3 DPN RB 2 -10.74 -1.51 -13.00
HD1 DPN RB 2 -11.20 -0.98 -9.49
HD2 DPN RB 2 -12.67 -0.19 -13.12
HE1 DPN RB 2 -12.96 0.23 -8.51
HE2 DPN RB 2 -14.43 1.01 -12.17
HZ DPN RB 2 -14.57 1.21 -9.86
N DPN RB 3 -7.41 -2.17 -12.91
CA DPN RB 3 -6.41 -2.37 -13.93
C DPN RB 3 -7.01 -2.56 -15.34
O DPN RB 3 -6.90 -3.60 -15.88
CB DPN RB 3 -5.46 -1.18 -13.88
CG DPN RB 3 -4.77 -0.93 -12.48
CD1 DPN RB 3 -3.39 -1.08 -12.39
CD2 DPN RB 3 -5.47 -0.53 -11.35
CE1 DPN RB 3 -2.75 -0.87 -11.17
CE2 DPN RB 3 -4.84 -0.32 -10.14
CZ DPN RB 3 -3.48 -0.48 -10.05
H DPN RB 3 -7.39 -2.72 -12.26
HA DPN RB 3 -5.92 -3.14 -13.70
HB2 DPN RB 3 -4.76 -1.32 -14.54
HB3 DPN RB 3 -5.94 -0.38 -14.12
HD1 DPN RB 3 -2.91 -1.33 -13.14
HD2 DPN RB 3 -6.40 -0.43 -11.39
HE1 DPN RB 3 -1.83 -0.97 -11.11
HE2 DPN RB 3 -5.33 -0.07 -9.39
HZ DPN RB 3 -3.05 -0.33 -9.24
N DTY RB 4 -7.67 -1.43 -16.05
CA DTY RB 4 -8.23 -1.59 -17.39
C DTY RB 4 -7.21 -1.91 -18.49
O DTY RB 4 -7.54 -1.73 -19.60
CB DTY RB 4 -9.22 -2.76 -17.39
CG DTY RB 4 -10.48 -2.41 -18.21
CD1 DTY RB 4 -11.65 -2.08 -17.55
CD2 DTY RB 4 -10.42 -2.45 -19.59
CE1 DTY RB 4 -12.79 -1.77 -18.28
CE2 DTY RB 4 -11.57 -2.15 -20.32
CZ DTY RB 4 -12.74 -1.81 -19.66
OH DTY RB 4 -13.92 -1.50 -20.41
H DTY RB 4 -7.74 -0.68 -15.65
HA DTY RB 4 -8.70 -0.78 -17.62
HB2 DTY RB 4 -8.77 -3.52 -17.76
HB3 DTY RB 4 -9.49 -2.93 -16.47
HD1 DTY RB 4 -11.67 -2.05 -16.63
HD2 DTY RB 4 -9.63 -2.68 -20.01
HE1 DTY RB 4 -13.58 -1.55 -17.86
HE2 DTY RB 4 -11.53 -2.18 -21.25
HH DTY RB 4 -14.60 -1.65 -19.92
N M3L RB 5 -5.83 -2.38 -18.22
CA M3L RB 5 -4.89 -2.68 -19.28
CB M3L RB 5 -3.51 -2.02 -19.11
CG M3L RB 5 -2.92 -1.50 -20.45
CD M3L RB 5 -2.67 -2.67 -21.52
CE M3L RB 5 -3.43 -2.37 -22.85
NZ M3L RB 5 -3.62 -3.55 -23.84
C M3L RB 5 -4.61 -4.15 -19.12
O M3L RB 5 -4.25 -4.52 -17.97
OXT M3L RB 5 -4.70 -4.95 -20.09
CM1 M3L RB 5 -2.33 -4.15 -24.18
CM2 M3L RB 5 -4.19 -3.05 -25.09
CM3 M3L RB 5 -4.56 -4.54 -23.28
H M3L RB 5 -5.59 -2.52 -17.41
HA M3L RB 5 -5.27 -2.49 -20.15
HB2 M3L RB 5 -3.57 -1.31 -18.47
HB3 M3L RB 5 -2.90 -2.69 -18.79
HG2 M3L RB 5 -3.55 -0.86 -20.82
HG3 M3L RB 5 -2.10 -1.05 -20.25
HD2 M3L RB 5 -2.95 -3.51 -21.17
HD3 M3L RB 5 -1.73 -2.71 -21.71
HE2 M3L RB 5 -2.92 -1.69 -23.30
HE3 M3L RB 5 -4.31 -2.02 -22.61
HM11 M3L RB 5 -1.79 -3.50 -24.65
HM12 M3L RB 5 -1.85 -4.42 -23.39
HM13 M3L RB 5 -2.48 -4.90 -24.78
HM21 M3L RB 5 -3.60 -2.38 -25.45
HM22 M3L RB 5 -5.06 -2.67 -24.93
HM23 M3L RB 5 -4.26 -3.78 -25.72
HM31 M3L RB 5 -5.35 -4.09 -22.96
HM32 M3L RB 5 -4.16 -5.00 -22.55
HM33 M3L RB 5 -4.84 -5.16 -23.97
#